data_9D90
#
_entry.id   9D90
#
_cell.length_a   1.00
_cell.length_b   1.00
_cell.length_c   1.00
_cell.angle_alpha   90.00
_cell.angle_beta   90.00
_cell.angle_gamma   90.00
#
_symmetry.space_group_name_H-M   'P 1'
#
loop_
_entity.id
_entity.type
_entity.pdbx_description
1 polymer 'Surface protein gp120'
2 polymer 'Transmembrane protein gp41'
3 polymer 'VRC34.01 heavy chain'
4 polymer 'VRC34.01 light chain'
5 polymer 'T-cell surface glycoprotein CD4'
6 polymer '17b Fab light chain'
7 polymer '17b Fab heavy chain'
8 branched alpha-D-mannopyranose-(1-3)-[alpha-D-mannopyranose-(1-6)]beta-D-mannopyranose-(1-4)-2-acetamido-2-deoxy-beta-D-glucopyranose-(1-4)-2-acetamido-2-deoxy-beta-D-glucopyranose
9 non-polymer 2-acetamido-2-deoxy-beta-D-glucopyranose
#
loop_
_entity_poly.entity_id
_entity_poly.type
_entity_poly.pdbx_seq_one_letter_code
_entity_poly.pdbx_strand_id
1 'polypeptide(L)'
;NLWVTVYYGVPVWKDAETTLFCASDAKAYETEKHNVWATHACVPTDPNPQEIHLENVTEEFNMWKNNMVEQMHTDIISLW
DQSLKPCVKLTPLCVTLQCTNVTNNITDDMRGELKNCSFNMTTELRDKKQKVYSLFYRLDVVQINENQGNRSNNSNKEYR
LINCNTSAITQACPKVSFEPIPIHYCAPAGFAILKCKDKKFNGTGPCPSVSTVQCTHGIKPVVSTQLLLNGSLAEEEVMI
RSENITNNAKNILVQFNTPVQINCTRPNNNTRKSIRIGPGQAFYATGDIIGDIRQAHCNVSKATWNETLGKVVKQLRKHF
GNNTIIRFANSSGGDLEVTTHSFNCGGEFFYCNTSGLFNSTWISNTSVQGSNSTGSNDSITLPCRIKQIINMWQRIGQAM
YAPPIQGVIRCVSNITGLILTRDGGSTNSTTETFRPGGGDMRDNWRSELYKYKVVKIEPLGVAPTRCKR
;
A,B,C
2 'polypeptide(L)'
;AVGIGAVFLGFLGAAGSTMGAASMTLTVQARNLLSGIVQQQSNLLRAPEAQQHLLKLTVWGIKQLQARVLAVERYLRDQQ
LLGIWGCSGKLICCTNVPWNSSWSNRNLSEIWDNMTWLQWDKEISNYTQIIYGLLEESQNQQEKNEQDL
;
D,E,F
3 'polypeptide(L)'
;QEVLVQSGAEVKKPGASVKVSCRAFGYTFTGNALHWVRQAPGQGLEWLGWINPHSGDTTTSQKFQGRVYMTRDKSINTAF
LDVTRLTSDDTGIYYCARDKYYGNEAVGMDVWGQGTSVTVSSASTKGPSVFPLAPSSKSTSGGTAALGCLVKDYFPEPVT
VSWNSGALTSGVHTFPAVLQSSGLYSLSSVVTVPSSSLGTQTYICNVNHKPSNTKVDKKVEPK
;
G,I,K
4 'polypeptide(L)'
;DIQLTQSPSFLSASVGDKVTITCRASQGVRNELAWYQQKPGKAPNLLIYYASTLQSGVPSRFSATGSGTHFTLTVSSLQP
EDFATYFCQHMSSYPLTFGGGTKVEIKRTVAAPSVFIFPPSDEQLKSGTASVVCLLNNFYPREAKVQWKVDNALQSGNSQ
ESVTEQDSKDSTYSLSSTLTLSKADYEKHKVYACEVTHQGLSSPVTKSFNRG
;
H,J,L
5 'polypeptide(L)'
;KKVVLGKKGDTVELTCTASQKKSIQFHWKNSNQIKILGNQGSFLTKGPSKLNDRADSRRSLWDQGNFPLIIKNLKIEDSD
TYICEVEDQKEEVQLLVFGLTANSDTHLLQGQSLTLTLESPPGSSPSVQCRSPRGKNIQGGKTLSVSQLELQDSGTWTCT
VLQNQKKVEFKIDIVVLAFQK
;
M,N,O
6 'polypeptide(L)'
;DIVMTQSPATLSVSPGERATLSCRASESVSSDLAWYQQKPGQAPRLLIYGASTRATGVPARFSGSGSGAEFTLTISSLQS
EDFAVYYCQQYNNWPPRYTFGQGTRLEIKRTVAAPSVFIFPPSDEQLKSGTASVVCLLNNFYPREAKVQWKVDNALQSGN
SQESVTEQDSKDSTYSLSSTLTLSKADYEKHKVYACEVTHQGLSSPVTKSFNRG
;
P,R,T
7 'polypeptide(L)'
;EVQLVESGAEVKKPGSSVKVSCKASGDTFIRYSFTWVRQAPGQGLEWMGRIITILDVAHYAPHLQGRVTITADKSTSTVY
LELRNLRSDDTAVYFCAGVYEGEADEGEYDNNGFLKHWGQGTLVTVSSASTKGPSVFPLAPSSKSTSGGTAALGCLVKDY
FPEPVTVSWNSGALTSGVHTFPAVLQSSGLYSLSSVVTVPSSSLGTQTYICNVNHKPSNTKVDKKVEPK
;
Q,S,U
#
# COMPACT_ATOMS: atom_id res chain seq x y z
N ASN A 1 -30.94 33.84 -34.32
CA ASN A 1 -31.85 34.35 -33.30
C ASN A 1 -31.71 33.57 -31.99
N LEU A 2 -31.53 32.26 -32.12
CA LEU A 2 -31.38 31.36 -30.98
C LEU A 2 -29.95 30.87 -30.91
N TRP A 3 -29.46 30.68 -29.68
CA TRP A 3 -28.04 30.46 -29.45
C TRP A 3 -27.81 29.21 -28.60
N VAL A 4 -26.62 28.65 -28.74
CA VAL A 4 -26.26 27.44 -28.02
C VAL A 4 -25.99 27.78 -26.56
N THR A 5 -26.37 26.88 -25.65
CA THR A 5 -25.98 26.93 -24.25
C THR A 5 -25.57 25.53 -23.82
N VAL A 6 -24.49 25.45 -23.05
CA VAL A 6 -24.03 24.17 -22.54
C VAL A 6 -24.62 23.93 -21.17
N TYR A 7 -24.74 22.67 -20.79
CA TYR A 7 -25.32 22.24 -19.53
C TYR A 7 -24.44 21.16 -18.93
N TYR A 8 -24.15 21.30 -17.64
CA TYR A 8 -23.31 20.37 -16.91
C TYR A 8 -24.15 19.61 -15.89
N GLY A 9 -24.10 18.29 -15.95
CA GLY A 9 -24.82 17.44 -15.03
C GLY A 9 -26.15 16.92 -15.52
N VAL A 10 -26.32 16.71 -16.82
CA VAL A 10 -27.59 16.25 -17.38
C VAL A 10 -27.66 14.72 -17.27
N PRO A 11 -28.86 14.14 -17.14
CA PRO A 11 -28.96 12.66 -17.10
C PRO A 11 -28.85 12.03 -18.49
N VAL A 12 -27.61 11.86 -18.94
CA VAL A 12 -27.30 11.30 -20.25
C VAL A 12 -26.32 10.16 -20.06
N TRP A 13 -26.65 8.98 -20.60
CA TRP A 13 -25.76 7.84 -20.55
C TRP A 13 -25.59 7.24 -21.94
N LYS A 14 -24.43 6.62 -22.15
CA LYS A 14 -24.11 5.89 -23.38
C LYS A 14 -23.53 4.54 -23.03
N ASP A 15 -23.85 3.54 -23.85
CA ASP A 15 -23.41 2.18 -23.61
C ASP A 15 -21.91 2.04 -23.88
N ALA A 16 -21.22 1.37 -22.96
CA ALA A 16 -19.78 1.24 -23.06
C ALA A 16 -19.34 -0.02 -22.34
N GLU A 17 -18.12 -0.47 -22.65
CA GLU A 17 -17.52 -1.65 -22.06
C GLU A 17 -16.28 -1.25 -21.28
N THR A 18 -16.21 -1.69 -20.03
CA THR A 18 -15.08 -1.37 -19.15
C THR A 18 -14.90 -2.51 -18.16
N THR A 19 -13.97 -2.34 -17.23
CA THR A 19 -13.69 -3.36 -16.22
C THR A 19 -14.31 -2.94 -14.89
N LEU A 20 -15.19 -3.79 -14.36
CA LEU A 20 -15.79 -3.59 -13.06
C LEU A 20 -14.92 -4.25 -11.99
N PHE A 21 -15.23 -3.97 -10.72
CA PHE A 21 -14.44 -4.54 -9.63
C PHE A 21 -15.32 -5.40 -8.74
N CYS A 22 -14.79 -6.56 -8.36
CA CYS A 22 -15.50 -7.49 -7.51
C CYS A 22 -15.51 -7.01 -6.06
N ALA A 23 -16.49 -7.49 -5.31
CA ALA A 23 -16.66 -7.11 -3.91
C ALA A 23 -17.47 -8.21 -3.24
N SER A 24 -16.87 -8.87 -2.25
CA SER A 24 -17.51 -10.00 -1.59
C SER A 24 -17.34 -9.87 -0.08
N ASP A 25 -18.25 -10.51 0.65
CA ASP A 25 -18.17 -10.57 2.11
C ASP A 25 -17.19 -11.66 2.50
N ALA A 26 -15.90 -11.35 2.38
CA ALA A 26 -14.85 -12.30 2.65
C ALA A 26 -14.61 -12.42 4.15
N LYS A 27 -13.72 -13.33 4.53
CA LYS A 27 -13.45 -13.62 5.94
C LYS A 27 -12.01 -13.35 6.35
N ALA A 28 -11.04 -13.68 5.48
CA ALA A 28 -9.61 -13.49 5.68
C ALA A 28 -9.06 -14.24 6.90
N TYR A 29 -9.69 -15.35 7.28
CA TYR A 29 -9.08 -16.22 8.27
C TYR A 29 -9.28 -17.72 7.98
N GLU A 30 -9.80 -18.08 6.81
CA GLU A 30 -10.08 -19.46 6.48
C GLU A 30 -9.20 -19.91 5.31
N THR A 31 -9.38 -21.18 4.93
CA THR A 31 -8.66 -21.82 3.84
C THR A 31 -9.61 -22.50 2.87
N GLU A 32 -10.79 -21.88 2.66
CA GLU A 32 -11.84 -22.43 1.80
C GLU A 32 -11.48 -22.32 0.32
N LYS A 33 -10.41 -21.60 -0.02
CA LYS A 33 -9.84 -21.33 -1.35
C LYS A 33 -10.72 -20.43 -2.21
N HIS A 34 -11.87 -19.99 -1.72
CA HIS A 34 -12.59 -18.86 -2.28
C HIS A 34 -12.35 -17.57 -1.51
N ASN A 35 -12.18 -17.67 -0.19
CA ASN A 35 -11.83 -16.50 0.60
C ASN A 35 -10.40 -16.03 0.32
N VAL A 36 -9.52 -16.95 -0.06
CA VAL A 36 -8.15 -16.58 -0.43
C VAL A 36 -8.16 -15.70 -1.68
N TRP A 37 -8.94 -16.12 -2.69
CA TRP A 37 -9.08 -15.31 -3.90
C TRP A 37 -9.86 -14.02 -3.63
N ALA A 38 -10.84 -14.07 -2.72
CA ALA A 38 -11.64 -12.88 -2.41
C ALA A 38 -10.80 -11.82 -1.71
N THR A 39 -9.96 -12.21 -0.76
CA THR A 39 -9.06 -11.25 -0.14
C THR A 39 -7.84 -10.95 -1.01
N HIS A 40 -7.59 -11.78 -2.03
CA HIS A 40 -6.51 -11.51 -2.95
C HIS A 40 -6.90 -10.49 -4.02
N ALA A 41 -8.18 -10.41 -4.38
CA ALA A 41 -8.58 -9.57 -5.51
C ALA A 41 -9.83 -8.73 -5.31
N CYS A 42 -10.54 -8.84 -4.19
CA CYS A 42 -11.81 -8.13 -4.04
C CYS A 42 -11.82 -7.29 -2.77
N VAL A 43 -12.60 -6.21 -2.82
CA VAL A 43 -12.78 -5.28 -1.69
C VAL A 43 -13.95 -5.77 -0.85
N PRO A 44 -14.12 -5.32 0.40
CA PRO A 44 -15.35 -5.63 1.14
C PRO A 44 -16.54 -4.88 0.57
N THR A 45 -17.72 -5.44 0.81
CA THR A 45 -18.95 -4.90 0.25
C THR A 45 -19.51 -3.80 1.15
N ASP A 46 -20.36 -2.96 0.55
CA ASP A 46 -21.02 -1.90 1.29
C ASP A 46 -22.14 -2.47 2.16
N PRO A 47 -22.40 -1.88 3.33
CA PRO A 47 -23.48 -2.41 4.18
C PRO A 47 -24.87 -2.10 3.66
N ASN A 48 -25.11 -0.87 3.19
CA ASN A 48 -26.42 -0.45 2.71
C ASN A 48 -26.34 0.03 1.27
N PRO A 49 -26.74 -0.79 0.30
CA PRO A 49 -26.70 -0.35 -1.10
C PRO A 49 -27.82 0.63 -1.40
N GLN A 50 -27.61 1.42 -2.46
CA GLN A 50 -28.57 2.40 -2.93
C GLN A 50 -29.13 1.93 -4.26
N GLU A 51 -30.41 1.57 -4.27
CA GLU A 51 -31.12 1.16 -5.48
C GLU A 51 -32.11 2.27 -5.81
N ILE A 52 -31.79 3.08 -6.81
CA ILE A 52 -32.60 4.24 -7.16
C ILE A 52 -33.54 3.85 -8.29
N HIS A 53 -34.84 3.88 -8.00
CA HIS A 53 -35.85 3.59 -9.01
C HIS A 53 -36.00 4.78 -9.93
N LEU A 54 -36.02 4.53 -11.24
CA LEU A 54 -35.99 5.60 -12.22
C LEU A 54 -37.41 5.99 -12.64
N GLU A 55 -37.46 7.01 -13.49
CA GLU A 55 -38.71 7.55 -14.05
C GLU A 55 -39.19 6.72 -15.23
N ASN A 56 -40.07 7.31 -16.04
CA ASN A 56 -40.83 6.63 -17.08
C ASN A 56 -39.98 6.21 -18.29
N VAL A 57 -38.92 5.43 -18.07
CA VAL A 57 -37.86 5.26 -19.04
C VAL A 57 -37.76 3.79 -19.46
N THR A 58 -37.55 3.56 -20.75
CA THR A 58 -37.39 2.23 -21.31
C THR A 58 -35.98 2.08 -21.85
N GLU A 59 -35.41 0.88 -21.76
CA GLU A 59 -34.04 0.69 -22.23
C GLU A 59 -33.91 -0.63 -22.99
N GLU A 60 -33.12 -0.61 -24.07
CA GLU A 60 -32.92 -1.76 -24.95
C GLU A 60 -31.91 -2.71 -24.31
N PHE A 61 -32.42 -3.69 -23.56
CA PHE A 61 -31.55 -4.67 -22.93
C PHE A 61 -31.26 -5.83 -23.87
N ASN A 62 -30.02 -6.31 -23.82
CA ASN A 62 -29.59 -7.50 -24.52
C ASN A 62 -28.61 -8.25 -23.62
N MET A 63 -28.77 -9.57 -23.54
CA MET A 63 -27.91 -10.39 -22.69
C MET A 63 -27.00 -11.33 -23.47
N TRP A 64 -27.28 -11.58 -24.75
CA TRP A 64 -26.46 -12.49 -25.54
C TRP A 64 -25.24 -11.80 -26.13
N LYS A 65 -25.15 -10.48 -26.01
CA LYS A 65 -23.96 -9.72 -26.39
C LYS A 65 -23.43 -8.91 -25.20
N ASN A 66 -23.59 -9.44 -24.00
CA ASN A 66 -23.17 -8.76 -22.79
C ASN A 66 -21.65 -8.78 -22.67
N ASN A 67 -21.13 -7.84 -21.87
CA ASN A 67 -19.70 -7.71 -21.63
C ASN A 67 -19.29 -8.19 -20.24
N MET A 68 -20.19 -8.13 -19.26
CA MET A 68 -19.88 -8.61 -17.91
C MET A 68 -19.70 -10.12 -17.85
N VAL A 69 -20.25 -10.86 -18.82
CA VAL A 69 -20.07 -12.31 -18.86
C VAL A 69 -18.61 -12.67 -19.12
N GLU A 70 -17.93 -11.89 -19.97
CA GLU A 70 -16.52 -12.14 -20.23
C GLU A 70 -15.67 -11.82 -19.00
N GLN A 71 -16.02 -10.76 -18.26
CA GLN A 71 -15.30 -10.42 -17.04
C GLN A 71 -15.48 -11.50 -15.97
N MET A 72 -16.71 -11.99 -15.82
CA MET A 72 -16.99 -13.17 -14.99
C MET A 72 -16.14 -14.36 -15.41
N HIS A 73 -16.09 -14.63 -16.71
CA HIS A 73 -15.46 -15.85 -17.20
C HIS A 73 -13.94 -15.79 -16.99
N THR A 74 -13.34 -14.64 -17.25
CA THR A 74 -11.90 -14.47 -17.04
C THR A 74 -11.53 -14.50 -15.55
N ASP A 75 -12.34 -13.86 -14.70
CA ASP A 75 -12.09 -13.89 -13.26
C ASP A 75 -12.20 -15.30 -12.70
N ILE A 76 -13.16 -16.08 -13.18
CA ILE A 76 -13.33 -17.43 -12.66
C ILE A 76 -12.27 -18.40 -13.21
N ILE A 77 -11.80 -18.21 -14.45
CA ILE A 77 -10.65 -18.99 -14.92
C ILE A 77 -9.41 -18.65 -14.11
N SER A 78 -9.24 -17.38 -13.71
CA SER A 78 -8.14 -17.04 -12.80
C SER A 78 -8.30 -17.72 -11.44
N LEU A 79 -9.54 -17.80 -10.93
CA LEU A 79 -9.78 -18.45 -9.64
C LEU A 79 -9.46 -19.95 -9.67
N TRP A 80 -9.94 -20.66 -10.69
CA TRP A 80 -9.62 -22.08 -10.84
C TRP A 80 -8.16 -22.35 -11.21
N ASP A 81 -7.49 -21.44 -11.90
CA ASP A 81 -6.08 -21.66 -12.18
C ASP A 81 -5.20 -21.30 -10.98
N GLN A 82 -5.72 -20.55 -10.02
CA GLN A 82 -4.94 -20.25 -8.81
C GLN A 82 -5.31 -21.12 -7.62
N SER A 83 -6.48 -21.77 -7.63
CA SER A 83 -6.96 -22.52 -6.48
C SER A 83 -6.75 -24.02 -6.64
N LEU A 84 -7.34 -24.62 -7.66
CA LEU A 84 -7.18 -26.06 -7.90
C LEU A 84 -5.88 -26.29 -8.68
N LYS A 85 -4.94 -27.00 -8.07
CA LYS A 85 -3.71 -27.36 -8.73
C LYS A 85 -3.79 -28.81 -9.15
N PRO A 86 -3.95 -29.12 -10.43
CA PRO A 86 -3.99 -30.51 -10.87
C PRO A 86 -2.60 -31.13 -10.89
N CYS A 87 -2.58 -32.47 -10.94
CA CYS A 87 -1.33 -33.19 -10.90
C CYS A 87 -0.61 -33.13 -12.24
N VAL A 88 -1.25 -33.66 -13.29
CA VAL A 88 -0.67 -33.67 -14.64
C VAL A 88 -1.64 -32.96 -15.58
N LYS A 89 -1.12 -32.02 -16.37
CA LYS A 89 -1.91 -31.33 -17.38
C LYS A 89 -1.42 -31.70 -18.77
N LEU A 90 -2.35 -31.82 -19.70
CA LEU A 90 -2.05 -32.06 -21.11
C LEU A 90 -2.78 -31.00 -21.94
N THR A 91 -2.06 -29.92 -22.25
CA THR A 91 -2.61 -28.83 -23.06
C THR A 91 -2.02 -28.88 -24.45
N PRO A 92 -2.81 -29.15 -25.50
CA PRO A 92 -2.27 -29.11 -26.86
C PRO A 92 -1.87 -27.72 -27.30
N LEU A 93 -0.55 -27.52 -27.44
CA LEU A 93 -0.01 -26.20 -27.80
C LEU A 93 -0.18 -25.96 -29.30
N CYS A 94 0.50 -26.77 -30.12
CA CYS A 94 0.28 -26.92 -31.57
C CYS A 94 0.46 -25.59 -32.32
N VAL A 95 1.69 -25.06 -32.27
CA VAL A 95 2.04 -23.84 -32.97
C VAL A 95 2.88 -24.21 -34.19
N THR A 96 2.46 -23.71 -35.36
CA THR A 96 3.16 -23.94 -36.62
C THR A 96 4.57 -23.37 -36.63
N ARG A 160 -1.28 -25.42 -44.90
CA ARG A 160 -1.45 -26.78 -44.36
C ARG A 160 -0.21 -27.25 -43.63
N LEU A 161 0.61 -26.30 -43.19
CA LEU A 161 1.85 -26.59 -42.48
C LEU A 161 1.56 -26.42 -40.98
N ILE A 162 1.09 -27.50 -40.35
CA ILE A 162 0.76 -27.50 -38.93
C ILE A 162 1.46 -28.67 -38.26
N ASN A 163 1.79 -28.49 -36.99
CA ASN A 163 2.40 -29.54 -36.19
C ASN A 163 1.91 -29.39 -34.76
N CYS A 164 1.41 -30.48 -34.19
CA CYS A 164 0.78 -30.45 -32.87
C CYS A 164 1.68 -31.14 -31.84
N ASN A 165 2.03 -30.42 -30.79
CA ASN A 165 2.84 -30.93 -29.69
C ASN A 165 2.15 -30.64 -28.38
N THR A 166 2.28 -31.55 -27.41
CA THR A 166 1.58 -31.46 -26.14
C THR A 166 2.58 -31.26 -25.00
N SER A 167 2.24 -30.37 -24.07
CA SER A 167 3.06 -30.11 -22.90
C SER A 167 2.69 -31.07 -21.77
N ALA A 168 3.60 -31.17 -20.80
CA ALA A 168 3.49 -32.14 -19.71
C ALA A 168 3.80 -31.45 -18.37
N ILE A 169 3.16 -30.32 -18.12
CA ILE A 169 3.39 -29.56 -16.89
C ILE A 169 2.87 -30.34 -15.69
N THR A 170 3.76 -30.62 -14.74
CA THR A 170 3.44 -31.41 -13.56
C THR A 170 3.68 -30.56 -12.32
N GLN A 171 2.72 -30.58 -11.40
CA GLN A 171 2.82 -29.83 -10.15
C GLN A 171 2.31 -30.69 -9.00
N ALA A 172 2.70 -30.33 -7.79
CA ALA A 172 2.19 -30.99 -6.60
C ALA A 172 0.71 -30.68 -6.41
N CYS A 173 -0.07 -31.72 -6.12
CA CYS A 173 -1.53 -31.62 -6.06
C CYS A 173 -2.03 -32.07 -4.69
N PRO A 174 -2.07 -31.17 -3.72
CA PRO A 174 -2.64 -31.50 -2.41
C PRO A 174 -4.16 -31.34 -2.45
N LYS A 175 -4.80 -31.69 -1.34
CA LYS A 175 -6.25 -31.59 -1.19
C LYS A 175 -6.60 -30.30 -0.46
N VAL A 176 -7.54 -29.55 -1.03
CA VAL A 176 -7.97 -28.28 -0.45
C VAL A 176 -9.50 -28.26 -0.41
N SER A 177 -10.05 -27.63 0.61
CA SER A 177 -11.49 -27.44 0.71
C SER A 177 -11.97 -26.46 -0.35
N PHE A 178 -13.24 -26.60 -0.74
CA PHE A 178 -13.75 -25.81 -1.86
C PHE A 178 -15.26 -25.71 -1.73
N GLU A 179 -15.76 -24.51 -1.45
CA GLU A 179 -17.18 -24.19 -1.45
C GLU A 179 -17.34 -22.77 -1.95
N PRO A 180 -18.35 -22.51 -2.79
CA PRO A 180 -18.49 -21.17 -3.38
C PRO A 180 -19.00 -20.14 -2.38
N ILE A 181 -18.65 -18.88 -2.67
CA ILE A 181 -19.08 -17.74 -1.85
C ILE A 181 -19.77 -16.74 -2.78
N PRO A 182 -20.67 -15.91 -2.25
CA PRO A 182 -21.29 -14.87 -3.08
C PRO A 182 -20.29 -13.80 -3.50
N ILE A 183 -20.51 -13.26 -4.70
CA ILE A 183 -19.66 -12.24 -5.29
C ILE A 183 -20.56 -11.14 -5.86
N HIS A 184 -20.26 -9.89 -5.51
CA HIS A 184 -21.00 -8.75 -6.03
C HIS A 184 -20.06 -7.90 -6.89
N TYR A 185 -20.34 -7.81 -8.19
CA TYR A 185 -19.64 -6.85 -9.02
C TYR A 185 -20.18 -5.45 -8.80
N CYS A 186 -19.28 -4.47 -8.81
CA CYS A 186 -19.64 -3.07 -8.68
C CYS A 186 -18.92 -2.27 -9.75
N ALA A 187 -19.60 -1.24 -10.24
CA ALA A 187 -19.07 -0.33 -11.24
C ALA A 187 -18.14 0.70 -10.59
N PRO A 188 -17.09 1.14 -11.29
CA PRO A 188 -16.21 2.17 -10.76
C PRO A 188 -16.85 3.55 -10.87
N ALA A 189 -16.08 4.56 -10.47
CA ALA A 189 -16.55 5.94 -10.54
C ALA A 189 -16.62 6.40 -11.98
N GLY A 190 -17.76 6.97 -12.36
CA GLY A 190 -18.03 7.36 -13.74
C GLY A 190 -18.87 6.38 -14.52
N PHE A 191 -19.15 5.21 -13.96
CA PHE A 191 -20.00 4.21 -14.60
C PHE A 191 -21.09 3.78 -13.63
N ALA A 192 -22.21 3.33 -14.20
CA ALA A 192 -23.30 2.82 -13.40
C ALA A 192 -23.87 1.58 -14.07
N ILE A 193 -24.45 0.69 -13.28
CA ILE A 193 -25.09 -0.51 -13.80
C ILE A 193 -26.60 -0.40 -13.61
N LEU A 194 -27.34 -0.70 -14.67
CA LEU A 194 -28.78 -0.64 -14.72
C LEU A 194 -29.35 -2.05 -14.59
N LYS A 195 -30.42 -2.16 -13.80
CA LYS A 195 -31.05 -3.44 -13.49
C LYS A 195 -32.51 -3.38 -13.93
N CYS A 196 -32.92 -4.37 -14.73
CA CYS A 196 -34.30 -4.41 -15.18
C CYS A 196 -35.19 -5.02 -14.10
N LYS A 197 -36.48 -4.73 -14.18
CA LYS A 197 -37.42 -5.14 -13.14
C LYS A 197 -38.67 -5.83 -13.66
N ASP A 198 -38.75 -6.12 -14.96
CA ASP A 198 -39.90 -6.81 -15.51
C ASP A 198 -39.83 -8.28 -15.12
N LYS A 199 -40.93 -8.80 -14.57
CA LYS A 199 -40.95 -10.20 -14.14
C LYS A 199 -41.00 -11.15 -15.33
N LYS A 200 -41.86 -10.84 -16.31
CA LYS A 200 -41.96 -11.64 -17.52
C LYS A 200 -41.06 -11.03 -18.61
N PHE A 201 -39.76 -11.26 -18.44
CA PHE A 201 -38.74 -10.68 -19.30
C PHE A 201 -38.36 -11.69 -20.38
N ASN A 202 -38.36 -11.22 -21.64
CA ASN A 202 -37.97 -12.08 -22.75
C ASN A 202 -36.48 -12.38 -22.74
N GLY A 203 -35.68 -11.48 -22.18
CA GLY A 203 -34.24 -11.64 -22.15
C GLY A 203 -33.55 -10.59 -22.98
N THR A 204 -34.12 -10.29 -24.14
CA THR A 204 -33.69 -9.19 -24.99
C THR A 204 -34.83 -8.18 -25.11
N GLY A 205 -34.60 -7.16 -25.94
CA GLY A 205 -35.65 -6.21 -26.25
C GLY A 205 -35.79 -5.12 -25.21
N PRO A 206 -36.92 -4.42 -25.21
CA PRO A 206 -37.08 -3.29 -24.28
C PRO A 206 -37.53 -3.69 -22.89
N CYS A 207 -36.81 -3.21 -21.87
CA CYS A 207 -37.29 -3.28 -20.50
C CYS A 207 -37.93 -1.95 -20.16
N PRO A 208 -39.20 -1.92 -19.77
CA PRO A 208 -39.90 -0.65 -19.54
C PRO A 208 -39.86 -0.15 -18.10
N SER A 209 -39.12 -0.80 -17.21
CA SER A 209 -38.99 -0.34 -15.83
C SER A 209 -37.60 -0.74 -15.35
N VAL A 210 -36.66 0.20 -15.41
CA VAL A 210 -35.26 -0.04 -15.11
C VAL A 210 -34.87 0.83 -13.91
N SER A 211 -33.98 0.31 -13.07
CA SER A 211 -33.47 1.01 -11.90
C SER A 211 -31.95 1.11 -11.98
N THR A 212 -31.39 2.07 -11.26
CA THR A 212 -29.95 2.23 -11.17
C THR A 212 -29.48 1.58 -9.87
N VAL A 213 -28.57 0.62 -9.99
CA VAL A 213 -28.11 -0.08 -8.80
C VAL A 213 -26.60 0.13 -8.70
N GLN A 214 -26.09 0.13 -7.47
CA GLN A 214 -24.66 0.35 -7.25
C GLN A 214 -23.86 -0.93 -7.44
N CYS A 215 -24.31 -2.03 -6.85
CA CYS A 215 -23.66 -3.33 -6.97
C CYS A 215 -24.72 -4.38 -7.28
N THR A 216 -24.36 -5.34 -8.13
CA THR A 216 -25.30 -6.37 -8.54
C THR A 216 -25.56 -7.35 -7.40
N HIS A 217 -26.59 -8.18 -7.58
CA HIS A 217 -27.01 -9.12 -6.55
C HIS A 217 -26.01 -10.27 -6.42
N GLY A 218 -26.22 -11.08 -5.38
CA GLY A 218 -25.25 -12.11 -5.03
C GLY A 218 -25.22 -13.25 -6.03
N ILE A 219 -24.03 -13.56 -6.56
CA ILE A 219 -23.84 -14.69 -7.45
C ILE A 219 -22.81 -15.64 -6.86
N LYS A 220 -23.10 -16.93 -6.92
CA LYS A 220 -22.19 -17.98 -6.48
C LYS A 220 -21.55 -18.59 -7.73
N PRO A 221 -20.25 -18.42 -7.94
CA PRO A 221 -19.62 -18.98 -9.16
C PRO A 221 -19.41 -20.48 -9.10
N VAL A 222 -20.46 -21.21 -9.46
CA VAL A 222 -20.49 -22.66 -9.40
C VAL A 222 -20.25 -23.24 -10.80
N VAL A 223 -19.50 -24.34 -10.87
CA VAL A 223 -19.36 -25.10 -12.10
C VAL A 223 -20.48 -26.14 -12.16
N SER A 224 -21.18 -26.18 -13.29
CA SER A 224 -22.32 -27.08 -13.45
C SER A 224 -22.62 -27.23 -14.93
N THR A 225 -22.62 -28.48 -15.40
CA THR A 225 -23.25 -28.83 -16.66
C THR A 225 -24.55 -29.54 -16.36
N GLN A 226 -25.44 -29.56 -17.37
CA GLN A 226 -26.73 -30.26 -17.42
C GLN A 226 -27.78 -29.71 -16.45
N LEU A 227 -27.41 -28.76 -15.60
CA LEU A 227 -28.23 -28.24 -14.50
C LEU A 227 -27.61 -26.93 -14.05
N LEU A 228 -28.36 -26.18 -13.24
CA LEU A 228 -27.90 -24.93 -12.66
C LEU A 228 -28.05 -25.02 -11.14
N LEU A 229 -27.01 -25.50 -10.48
CA LEU A 229 -27.02 -25.66 -9.04
C LEU A 229 -26.84 -24.31 -8.34
N ASN A 230 -27.52 -24.15 -7.19
CA ASN A 230 -27.31 -23.09 -6.22
C ASN A 230 -27.52 -21.68 -6.78
N GLY A 231 -28.33 -21.55 -7.82
CA GLY A 231 -28.49 -20.28 -8.50
C GLY A 231 -29.55 -19.40 -7.86
N SER A 232 -29.98 -18.41 -8.63
CA SER A 232 -31.03 -17.48 -8.22
C SER A 232 -32.31 -17.78 -8.98
N LEU A 233 -33.44 -17.56 -8.33
CA LEU A 233 -34.73 -18.00 -8.83
C LEU A 233 -35.40 -16.90 -9.66
N ALA A 234 -36.63 -17.18 -10.08
CA ALA A 234 -37.46 -16.22 -10.78
C ALA A 234 -38.52 -15.67 -9.82
N GLU A 235 -39.30 -14.70 -10.32
CA GLU A 235 -40.25 -13.99 -9.47
C GLU A 235 -41.65 -14.62 -9.50
N GLU A 236 -42.25 -14.69 -10.69
CA GLU A 236 -43.65 -15.09 -10.82
C GLU A 236 -43.79 -16.51 -11.37
N GLU A 237 -43.19 -16.80 -12.52
CA GLU A 237 -43.37 -18.09 -13.17
C GLU A 237 -42.04 -18.57 -13.72
N VAL A 238 -42.03 -19.84 -14.16
CA VAL A 238 -40.87 -20.42 -14.82
C VAL A 238 -40.67 -19.74 -16.17
N MET A 239 -39.46 -19.27 -16.44
CA MET A 239 -39.20 -18.49 -17.63
C MET A 239 -38.26 -19.21 -18.57
N ILE A 240 -38.42 -18.95 -19.87
CA ILE A 240 -37.67 -19.58 -20.95
C ILE A 240 -36.97 -18.50 -21.74
N ARG A 241 -35.67 -18.63 -21.91
CA ARG A 241 -34.86 -17.65 -22.61
C ARG A 241 -34.00 -18.34 -23.65
N SER A 242 -33.76 -17.66 -24.77
CA SER A 242 -32.96 -18.21 -25.85
C SER A 242 -32.42 -17.07 -26.70
N GLU A 243 -31.39 -17.40 -27.49
CA GLU A 243 -30.95 -16.47 -28.51
C GLU A 243 -31.92 -16.46 -29.69
N ASN A 244 -32.38 -17.63 -30.12
CA ASN A 244 -33.32 -17.73 -31.22
C ASN A 244 -34.06 -19.07 -31.13
N ILE A 245 -35.36 -19.01 -30.87
CA ILE A 245 -36.22 -20.18 -31.10
C ILE A 245 -36.29 -20.45 -32.60
N THR A 246 -36.43 -21.73 -32.95
CA THR A 246 -36.38 -22.25 -34.34
C THR A 246 -35.05 -21.88 -35.01
N ASN A 247 -33.96 -22.18 -34.31
CA ASN A 247 -32.61 -22.05 -34.86
C ASN A 247 -31.86 -23.37 -34.77
N ASN A 248 -32.23 -24.26 -33.83
CA ASN A 248 -31.74 -25.63 -33.63
C ASN A 248 -30.27 -25.70 -33.24
N ALA A 249 -29.65 -24.59 -32.86
CA ALA A 249 -28.26 -24.61 -32.47
C ALA A 249 -27.94 -23.75 -31.25
N LYS A 250 -28.93 -23.15 -30.59
CA LYS A 250 -28.72 -22.30 -29.44
C LYS A 250 -29.30 -22.94 -28.19
N ASN A 251 -28.58 -22.81 -27.09
CA ASN A 251 -29.01 -23.41 -25.83
C ASN A 251 -30.20 -22.66 -25.25
N ILE A 252 -31.23 -23.40 -24.85
CA ILE A 252 -32.42 -22.83 -24.23
C ILE A 252 -32.22 -22.86 -22.72
N LEU A 253 -32.31 -21.70 -22.08
CA LEU A 253 -32.16 -21.58 -20.64
C LEU A 253 -33.54 -21.52 -20.00
N VAL A 254 -33.73 -22.31 -18.95
CA VAL A 254 -34.99 -22.37 -18.22
C VAL A 254 -34.72 -22.02 -16.77
N GLN A 255 -35.45 -21.04 -16.24
CA GLN A 255 -35.31 -20.62 -14.85
C GLN A 255 -36.59 -20.95 -14.09
N PHE A 256 -36.43 -21.63 -12.95
CA PHE A 256 -37.55 -22.09 -12.16
C PHE A 256 -38.03 -20.98 -11.22
N ASN A 257 -39.22 -21.20 -10.64
CA ASN A 257 -39.76 -20.32 -9.62
C ASN A 257 -39.74 -20.94 -8.23
N THR A 258 -39.52 -22.25 -8.12
CA THR A 258 -39.37 -22.95 -6.87
C THR A 258 -38.13 -23.84 -6.93
N PRO A 259 -37.35 -23.92 -5.86
CA PRO A 259 -36.11 -24.70 -5.92
C PRO A 259 -36.37 -26.18 -5.65
N VAL A 260 -35.76 -27.04 -6.45
CA VAL A 260 -35.85 -28.48 -6.24
C VAL A 260 -34.66 -28.90 -5.38
N GLN A 261 -34.92 -29.28 -4.14
CA GLN A 261 -33.84 -29.64 -3.24
C GLN A 261 -33.32 -31.03 -3.59
N ILE A 262 -32.03 -31.12 -3.89
CA ILE A 262 -31.38 -32.37 -4.24
C ILE A 262 -30.27 -32.66 -3.23
N ASN A 263 -30.29 -33.86 -2.66
CA ASN A 263 -29.26 -34.33 -1.75
C ASN A 263 -28.40 -35.29 -2.56
N CYS A 264 -27.08 -35.19 -2.42
CA CYS A 264 -26.25 -35.86 -3.43
C CYS A 264 -24.88 -36.13 -2.81
N THR A 265 -24.62 -37.38 -2.40
CA THR A 265 -23.51 -37.63 -1.49
C THR A 265 -22.91 -39.02 -1.68
N ARG A 266 -21.74 -39.20 -1.08
CA ARG A 266 -20.96 -40.44 -1.11
C ARG A 266 -21.07 -41.13 0.25
N PRO A 267 -21.68 -42.31 0.34
CA PRO A 267 -21.79 -43.00 1.62
C PRO A 267 -20.47 -43.65 2.04
N ASN A 268 -20.33 -43.86 3.35
CA ASN A 268 -19.15 -44.51 3.90
C ASN A 268 -19.11 -46.00 3.54
N ASP A 292 -15.22 -50.17 -2.66
CA ASP A 292 -15.39 -49.20 -3.73
C ASP A 292 -15.60 -47.80 -3.18
N ILE A 293 -14.55 -46.98 -3.22
CA ILE A 293 -14.65 -45.62 -2.72
C ILE A 293 -15.38 -44.71 -3.71
N ARG A 294 -15.45 -45.10 -4.98
CA ARG A 294 -16.08 -44.26 -6.01
C ARG A 294 -17.50 -44.73 -6.27
N GLN A 295 -18.34 -44.55 -5.25
CA GLN A 295 -19.78 -44.84 -5.35
C GLN A 295 -20.54 -43.79 -4.56
N ALA A 296 -21.40 -43.04 -5.24
CA ALA A 296 -22.17 -41.98 -4.60
C ALA A 296 -23.59 -42.00 -5.10
N HIS A 297 -24.55 -41.94 -4.19
CA HIS A 297 -25.97 -41.87 -4.55
C HIS A 297 -26.41 -40.42 -4.55
N CYS A 298 -27.56 -40.14 -5.18
CA CYS A 298 -27.93 -38.75 -5.32
C CYS A 298 -29.46 -38.68 -5.40
N ASN A 299 -30.10 -38.42 -4.27
CA ASN A 299 -31.54 -38.44 -4.16
C ASN A 299 -32.17 -37.12 -4.57
N VAL A 300 -33.25 -37.21 -5.34
CA VAL A 300 -34.07 -36.06 -5.72
C VAL A 300 -35.54 -36.48 -5.59
N SER A 301 -36.37 -35.57 -5.08
CA SER A 301 -37.78 -35.85 -4.88
C SER A 301 -38.51 -36.02 -6.21
N LYS A 302 -39.52 -36.89 -6.21
CA LYS A 302 -40.20 -37.28 -7.44
C LYS A 302 -41.39 -36.38 -7.78
N ALA A 303 -42.24 -36.09 -6.80
CA ALA A 303 -43.43 -35.29 -7.06
C ALA A 303 -43.08 -33.85 -7.39
N THR A 304 -42.09 -33.29 -6.70
CA THR A 304 -41.65 -31.92 -6.98
C THR A 304 -41.01 -31.82 -8.37
N TRP A 305 -40.23 -32.84 -8.75
CA TRP A 305 -39.62 -32.84 -10.08
C TRP A 305 -40.67 -33.02 -11.17
N ASN A 306 -41.70 -33.84 -10.91
CA ASN A 306 -42.79 -34.01 -11.86
C ASN A 306 -43.59 -32.72 -12.03
N GLU A 307 -43.85 -32.01 -10.91
CA GLU A 307 -44.56 -30.73 -10.99
C GLU A 307 -43.71 -29.67 -11.69
N THR A 308 -42.40 -29.67 -11.45
CA THR A 308 -41.51 -28.73 -12.13
C THR A 308 -41.44 -29.00 -13.62
N LEU A 309 -41.38 -30.27 -14.02
CA LEU A 309 -41.39 -30.61 -15.44
C LEU A 309 -42.74 -30.31 -16.09
N GLY A 310 -43.84 -30.44 -15.32
CA GLY A 310 -45.13 -30.02 -15.84
C GLY A 310 -45.22 -28.52 -16.07
N LYS A 311 -44.66 -27.73 -15.15
CA LYS A 311 -44.56 -26.29 -15.34
C LYS A 311 -43.70 -25.94 -16.55
N VAL A 312 -42.59 -26.66 -16.73
CA VAL A 312 -41.69 -26.44 -17.85
C VAL A 312 -42.37 -26.77 -19.18
N VAL A 313 -43.08 -27.90 -19.26
CA VAL A 313 -43.73 -28.27 -20.51
C VAL A 313 -44.93 -27.37 -20.81
N LYS A 314 -45.60 -26.87 -19.75
CA LYS A 314 -46.66 -25.88 -19.95
C LYS A 314 -46.09 -24.57 -20.50
N GLN A 315 -44.89 -24.20 -20.05
CA GLN A 315 -44.28 -22.98 -20.57
C GLN A 315 -43.71 -23.16 -21.97
N LEU A 316 -43.19 -24.35 -22.32
CA LEU A 316 -42.78 -24.59 -23.70
C LEU A 316 -43.97 -24.69 -24.65
N ARG A 317 -45.16 -25.04 -24.14
CA ARG A 317 -46.34 -25.10 -25.00
C ARG A 317 -46.82 -23.73 -25.48
N LYS A 318 -46.32 -22.63 -24.91
CA LYS A 318 -46.65 -21.30 -25.43
C LYS A 318 -46.00 -21.07 -26.78
N HIS A 319 -44.78 -21.54 -26.98
CA HIS A 319 -44.03 -21.27 -28.20
C HIS A 319 -44.26 -22.29 -29.30
N PHE A 320 -44.95 -23.39 -29.03
CA PHE A 320 -44.99 -24.51 -29.97
C PHE A 320 -46.42 -25.01 -30.18
N GLY A 321 -47.36 -24.09 -30.36
CA GLY A 321 -48.65 -24.41 -30.94
C GLY A 321 -49.67 -25.05 -30.02
N ASN A 322 -49.33 -25.27 -28.74
CA ASN A 322 -50.23 -25.73 -27.68
C ASN A 322 -50.83 -27.11 -27.91
N ASN A 323 -50.31 -27.89 -28.89
CA ASN A 323 -50.87 -29.21 -29.16
C ASN A 323 -49.83 -30.25 -29.51
N THR A 324 -48.54 -29.93 -29.40
CA THR A 324 -47.48 -30.84 -29.83
C THR A 324 -46.98 -31.68 -28.66
N ILE A 325 -46.58 -32.91 -28.96
CA ILE A 325 -46.03 -33.81 -27.97
C ILE A 325 -44.57 -33.46 -27.70
N ILE A 326 -44.21 -33.40 -26.43
CA ILE A 326 -42.87 -33.04 -25.99
C ILE A 326 -42.21 -34.27 -25.37
N ARG A 327 -41.00 -34.60 -25.81
CA ARG A 327 -40.28 -35.77 -25.34
C ARG A 327 -38.94 -35.35 -24.74
N PHE A 328 -38.45 -36.16 -23.81
CA PHE A 328 -37.18 -35.91 -23.13
C PHE A 328 -36.29 -37.15 -23.26
N ALA A 329 -35.08 -36.96 -23.76
CA ALA A 329 -34.08 -38.02 -23.87
C ALA A 329 -32.95 -37.76 -22.88
N ASN A 330 -32.00 -38.70 -22.81
CA ASN A 330 -30.94 -38.58 -21.82
C ASN A 330 -29.79 -37.66 -22.30
N SER A 331 -29.16 -37.99 -23.41
CA SER A 331 -28.05 -37.22 -24.00
C SER A 331 -27.81 -37.77 -25.40
N SER A 332 -26.75 -37.29 -26.05
CA SER A 332 -26.33 -37.84 -27.34
C SER A 332 -24.81 -37.68 -27.45
N GLY A 333 -24.09 -38.73 -27.06
CA GLY A 333 -22.65 -38.79 -27.26
C GLY A 333 -21.88 -37.76 -26.45
N GLY A 334 -20.79 -37.28 -27.04
CA GLY A 334 -19.99 -36.24 -26.42
C GLY A 334 -19.03 -36.76 -25.36
N ASP A 335 -18.32 -35.82 -24.76
CA ASP A 335 -17.41 -36.14 -23.66
C ASP A 335 -18.21 -36.35 -22.38
N LEU A 336 -17.52 -36.86 -21.36
CA LEU A 336 -18.21 -37.37 -20.17
C LEU A 336 -18.78 -36.26 -19.30
N GLU A 337 -18.24 -35.04 -19.36
CA GLU A 337 -18.77 -33.96 -18.54
C GLU A 337 -19.94 -33.22 -19.16
N VAL A 338 -20.32 -33.54 -20.40
CA VAL A 338 -21.53 -33.00 -20.99
C VAL A 338 -22.68 -33.99 -21.01
N THR A 339 -22.44 -35.26 -21.33
CA THR A 339 -23.47 -36.29 -21.31
C THR A 339 -23.98 -36.61 -19.91
N THR A 340 -23.26 -36.22 -18.86
CA THR A 340 -23.66 -36.42 -17.48
C THR A 340 -23.63 -35.08 -16.75
N HIS A 341 -24.35 -35.03 -15.63
CA HIS A 341 -24.31 -33.90 -14.71
C HIS A 341 -22.95 -33.91 -14.02
N SER A 342 -22.06 -33.02 -14.44
CA SER A 342 -20.70 -32.95 -13.91
C SER A 342 -20.55 -31.69 -13.08
N PHE A 343 -20.10 -31.85 -11.84
CA PHE A 343 -19.94 -30.70 -10.95
C PHE A 343 -18.86 -31.01 -9.92
N ASN A 344 -18.71 -30.11 -8.95
CA ASN A 344 -17.71 -30.23 -7.90
C ASN A 344 -18.42 -30.12 -6.56
N CYS A 345 -18.02 -30.97 -5.62
CA CYS A 345 -18.60 -31.00 -4.28
C CYS A 345 -17.50 -31.35 -3.28
N GLY A 346 -17.20 -30.41 -2.39
CA GLY A 346 -16.20 -30.62 -1.36
C GLY A 346 -14.79 -30.81 -1.86
N GLY A 347 -14.49 -30.32 -3.06
CA GLY A 347 -13.22 -30.59 -3.69
C GLY A 347 -13.17 -31.90 -4.46
N GLU A 348 -14.28 -32.62 -4.56
CA GLU A 348 -14.34 -33.89 -5.27
C GLU A 348 -15.24 -33.75 -6.48
N PHE A 349 -14.78 -34.28 -7.62
CA PHE A 349 -15.55 -34.19 -8.85
C PHE A 349 -16.65 -35.24 -8.88
N PHE A 350 -17.80 -34.85 -9.41
CA PHE A 350 -18.97 -35.73 -9.49
C PHE A 350 -19.47 -35.79 -10.92
N TYR A 351 -19.71 -37.01 -11.40
CA TYR A 351 -20.22 -37.30 -12.75
C TYR A 351 -21.47 -38.16 -12.57
N CYS A 352 -22.62 -37.52 -12.42
CA CYS A 352 -23.87 -38.20 -12.10
C CYS A 352 -24.69 -38.39 -13.38
N ASN A 353 -25.18 -39.61 -13.59
CA ASN A 353 -26.02 -39.89 -14.75
C ASN A 353 -27.39 -39.25 -14.60
N THR A 354 -27.93 -38.77 -15.72
CA THR A 354 -29.23 -38.11 -15.74
C THR A 354 -30.21 -38.81 -16.68
N SER A 355 -30.02 -40.11 -16.88
CA SER A 355 -30.99 -40.87 -17.69
C SER A 355 -32.29 -41.11 -16.94
N GLY A 356 -32.27 -41.10 -15.61
CA GLY A 356 -33.43 -41.29 -14.78
C GLY A 356 -34.23 -40.05 -14.48
N LEU A 357 -33.83 -38.89 -15.00
CA LEU A 357 -34.54 -37.64 -14.76
C LEU A 357 -35.26 -37.11 -15.99
N PHE A 358 -34.71 -37.32 -17.19
CA PHE A 358 -35.33 -36.89 -18.43
C PHE A 358 -35.78 -38.14 -19.18
N ASN A 359 -36.98 -38.62 -18.85
CA ASN A 359 -37.49 -39.84 -19.45
C ASN A 359 -38.99 -39.77 -19.71
N SER A 360 -39.64 -38.64 -19.50
CA SER A 360 -41.09 -38.53 -19.63
C SER A 360 -41.47 -38.02 -21.01
N THR A 361 -42.69 -38.38 -21.43
CA THR A 361 -43.29 -37.89 -22.66
C THR A 361 -44.65 -37.31 -22.32
N TRP A 362 -44.89 -36.07 -22.74
CA TRP A 362 -46.09 -35.34 -22.38
C TRP A 362 -46.97 -35.11 -23.59
N ILE A 363 -48.26 -35.34 -23.43
CA ILE A 363 -49.25 -35.14 -24.48
C ILE A 363 -50.32 -34.18 -23.97
N SER A 364 -51.19 -33.75 -24.88
CA SER A 364 -52.25 -32.81 -24.53
C SER A 364 -53.36 -33.50 -23.74
N ASP A 378 -40.63 -42.62 -5.03
CA ASP A 378 -40.77 -41.49 -4.13
C ASP A 378 -39.54 -40.58 -4.21
N SER A 379 -38.38 -41.19 -4.42
CA SER A 379 -37.11 -40.47 -4.52
C SER A 379 -36.24 -41.15 -5.55
N ILE A 380 -35.84 -40.41 -6.58
CA ILE A 380 -34.96 -40.93 -7.62
C ILE A 380 -33.53 -40.87 -7.12
N THR A 381 -32.83 -42.00 -7.17
CA THR A 381 -31.41 -42.07 -6.84
C THR A 381 -30.60 -42.11 -8.13
N LEU A 382 -29.53 -41.32 -8.17
CA LEU A 382 -28.68 -41.25 -9.34
C LEU A 382 -27.30 -41.82 -9.05
N PRO A 383 -26.74 -42.65 -9.94
CA PRO A 383 -25.42 -43.26 -9.70
C PRO A 383 -24.25 -42.35 -10.07
N CYS A 384 -23.88 -41.48 -9.13
CA CYS A 384 -22.72 -40.62 -9.32
C CYS A 384 -21.43 -41.43 -9.21
N ARG A 385 -20.50 -41.15 -10.12
CA ARG A 385 -19.21 -41.82 -10.13
C ARG A 385 -18.12 -40.75 -10.13
N ILE A 386 -17.23 -40.83 -9.15
CA ILE A 386 -16.16 -39.85 -9.01
C ILE A 386 -15.04 -40.22 -9.98
N LYS A 387 -14.64 -39.25 -10.81
CA LYS A 387 -13.64 -39.47 -11.84
C LYS A 387 -12.35 -38.70 -11.51
N GLN A 388 -11.28 -39.08 -12.19
CA GLN A 388 -9.97 -38.44 -12.02
C GLN A 388 -9.40 -37.88 -13.31
N ILE A 389 -9.56 -38.57 -14.43
CA ILE A 389 -9.27 -38.01 -15.74
C ILE A 389 -10.42 -37.07 -16.09
N ILE A 390 -10.13 -35.78 -16.23
CA ILE A 390 -11.16 -34.83 -16.63
C ILE A 390 -10.65 -34.03 -17.80
N ASN A 391 -11.58 -33.42 -18.53
CA ASN A 391 -11.24 -32.41 -19.51
C ASN A 391 -11.51 -31.06 -18.87
N MET A 392 -10.51 -30.17 -18.88
CA MET A 392 -10.67 -28.85 -18.30
C MET A 392 -11.68 -28.04 -19.10
N TRP A 393 -12.46 -27.24 -18.40
CA TRP A 393 -13.35 -26.30 -19.08
C TRP A 393 -12.70 -24.94 -19.28
N GLN A 394 -11.48 -24.75 -18.78
CA GLN A 394 -10.74 -23.51 -19.06
C GLN A 394 -10.34 -23.44 -20.53
N ARG A 395 -9.59 -24.44 -20.99
CA ARG A 395 -9.15 -24.54 -22.37
C ARG A 395 -9.27 -26.00 -22.78
N ILE A 396 -8.72 -26.33 -23.94
CA ILE A 396 -8.69 -27.70 -24.41
C ILE A 396 -7.48 -28.40 -23.81
N GLY A 397 -7.70 -29.55 -23.21
CA GLY A 397 -6.63 -30.32 -22.58
C GLY A 397 -7.14 -31.17 -21.44
N GLN A 398 -6.42 -32.26 -21.18
CA GLN A 398 -6.79 -33.21 -20.14
C GLN A 398 -6.10 -32.87 -18.82
N ALA A 399 -6.67 -33.39 -17.73
CA ALA A 399 -6.18 -33.13 -16.39
C ALA A 399 -6.26 -34.40 -15.54
N MET A 400 -5.24 -34.55 -14.69
CA MET A 400 -5.13 -35.61 -13.68
C MET A 400 -5.39 -35.00 -12.30
N TYR A 401 -6.19 -35.68 -11.49
CA TYR A 401 -6.37 -35.27 -10.10
C TYR A 401 -6.00 -36.41 -9.16
N ALA A 402 -6.19 -36.16 -7.86
CA ALA A 402 -5.82 -37.05 -6.78
C ALA A 402 -6.91 -38.08 -6.53
N PRO A 403 -6.60 -39.17 -5.82
CA PRO A 403 -7.65 -40.03 -5.30
C PRO A 403 -8.51 -39.28 -4.29
N PRO A 404 -9.77 -39.67 -4.15
CA PRO A 404 -10.71 -38.89 -3.31
C PRO A 404 -10.40 -39.03 -1.81
N ILE A 405 -11.02 -38.15 -1.05
CA ILE A 405 -10.77 -38.05 0.39
C ILE A 405 -11.49 -39.20 1.09
N GLN A 406 -10.75 -39.92 1.95
CA GLN A 406 -11.34 -40.96 2.77
C GLN A 406 -12.22 -40.33 3.84
N GLY A 407 -13.49 -40.71 3.86
CA GLY A 407 -14.47 -40.16 4.76
C GLY A 407 -15.82 -40.05 4.07
N VAL A 408 -16.63 -39.12 4.55
CA VAL A 408 -17.94 -38.86 3.96
C VAL A 408 -17.96 -37.44 3.40
N ILE A 409 -18.52 -37.28 2.21
CA ILE A 409 -18.64 -36.00 1.54
C ILE A 409 -20.11 -35.73 1.30
N ARG A 410 -20.61 -34.65 1.89
CA ARG A 410 -22.02 -34.30 1.84
C ARG A 410 -22.22 -32.88 1.35
N CYS A 411 -23.14 -32.72 0.40
CA CYS A 411 -23.55 -31.40 -0.05
C CYS A 411 -24.98 -31.49 -0.61
N VAL A 412 -25.86 -30.68 -0.05
CA VAL A 412 -27.20 -30.51 -0.57
C VAL A 412 -27.22 -29.25 -1.42
N SER A 413 -28.12 -29.19 -2.40
CA SER A 413 -28.18 -28.02 -3.27
C SER A 413 -29.60 -27.82 -3.77
N ASN A 414 -29.83 -26.65 -4.34
CA ASN A 414 -31.14 -26.27 -4.88
C ASN A 414 -31.01 -26.17 -6.39
N ILE A 415 -31.66 -27.10 -7.10
CA ILE A 415 -31.79 -27.01 -8.55
C ILE A 415 -32.73 -25.85 -8.85
N THR A 416 -32.21 -24.86 -9.58
CA THR A 416 -32.96 -23.65 -9.92
C THR A 416 -33.10 -23.41 -11.41
N GLY A 417 -32.31 -24.08 -12.25
CA GLY A 417 -32.34 -23.82 -13.68
C GLY A 417 -32.04 -25.06 -14.48
N LEU A 418 -32.11 -24.91 -15.80
CA LEU A 418 -31.95 -26.02 -16.72
C LEU A 418 -31.44 -25.50 -18.06
N ILE A 419 -30.66 -26.34 -18.74
CA ILE A 419 -30.18 -26.06 -20.09
C ILE A 419 -30.69 -27.16 -21.00
N LEU A 420 -31.50 -26.79 -21.99
CA LEU A 420 -32.10 -27.74 -22.92
C LEU A 420 -31.67 -27.41 -24.34
N THR A 421 -31.79 -28.40 -25.22
CA THR A 421 -31.50 -28.25 -26.63
C THR A 421 -32.55 -29.00 -27.44
N ARG A 422 -33.14 -28.31 -28.41
CA ARG A 422 -34.11 -28.95 -29.29
C ARG A 422 -33.42 -29.88 -30.27
N ASP A 423 -34.10 -30.96 -30.64
CA ASP A 423 -33.68 -31.86 -31.71
C ASP A 423 -34.73 -31.78 -32.80
N GLY A 424 -34.59 -30.80 -33.69
CA GLY A 424 -35.58 -30.56 -34.71
C GLY A 424 -35.16 -31.04 -36.09
N GLY A 425 -35.85 -32.04 -36.60
CA GLY A 425 -35.60 -32.54 -37.93
C GLY A 425 -36.79 -32.33 -38.85
N SER A 426 -37.49 -33.41 -39.19
CA SER A 426 -38.69 -33.33 -40.01
C SER A 426 -39.76 -34.27 -39.50
N THR A 430 -45.66 -32.25 -35.75
CA THR A 430 -44.98 -33.43 -35.21
C THR A 430 -44.44 -33.17 -33.81
N THR A 431 -43.95 -34.22 -33.17
CA THR A 431 -43.42 -34.11 -31.83
C THR A 431 -42.03 -33.48 -31.83
N GLU A 432 -41.66 -32.93 -30.68
CA GLU A 432 -40.35 -32.31 -30.50
C GLU A 432 -39.65 -32.93 -29.30
N THR A 433 -38.35 -33.16 -29.43
CA THR A 433 -37.55 -33.80 -28.40
C THR A 433 -36.54 -32.79 -27.85
N PHE A 434 -36.65 -32.50 -26.55
CA PHE A 434 -35.70 -31.63 -25.87
C PHE A 434 -34.74 -32.49 -25.07
N ARG A 435 -33.46 -32.41 -25.39
CA ARG A 435 -32.48 -33.15 -24.61
C ARG A 435 -31.59 -32.19 -23.84
N PRO A 436 -31.19 -32.52 -22.62
CA PRO A 436 -30.34 -31.61 -21.85
C PRO A 436 -28.94 -31.51 -22.45
N GLY A 437 -28.33 -30.35 -22.27
CA GLY A 437 -27.01 -30.09 -22.80
C GLY A 437 -26.14 -29.33 -21.83
N GLY A 438 -25.54 -28.24 -22.29
CA GLY A 438 -24.67 -27.43 -21.47
C GLY A 438 -23.22 -27.58 -21.87
N GLY A 439 -22.34 -27.24 -20.93
CA GLY A 439 -20.92 -27.35 -21.19
C GLY A 439 -20.24 -26.01 -21.38
N ASP A 440 -20.95 -25.05 -21.99
CA ASP A 440 -20.45 -23.69 -22.14
C ASP A 440 -20.84 -22.91 -20.89
N MET A 441 -19.84 -22.51 -20.10
CA MET A 441 -20.12 -21.86 -18.83
C MET A 441 -20.57 -20.42 -18.96
N ARG A 442 -20.46 -19.82 -20.15
CA ARG A 442 -21.10 -18.53 -20.38
C ARG A 442 -22.62 -18.64 -20.31
N ASP A 443 -23.16 -19.82 -20.61
CA ASP A 443 -24.58 -20.08 -20.37
C ASP A 443 -24.88 -20.28 -18.90
N ASN A 444 -23.87 -20.56 -18.07
CA ASN A 444 -24.07 -20.68 -16.63
C ASN A 444 -23.99 -19.34 -15.92
N TRP A 445 -23.66 -18.26 -16.63
CA TRP A 445 -23.64 -16.93 -16.07
C TRP A 445 -24.49 -15.93 -16.83
N ARG A 446 -24.95 -16.25 -18.05
CA ARG A 446 -25.92 -15.42 -18.75
C ARG A 446 -27.34 -15.60 -18.23
N SER A 447 -27.59 -16.63 -17.44
CA SER A 447 -28.91 -16.86 -16.87
C SER A 447 -29.12 -16.17 -15.54
N GLU A 448 -28.07 -15.58 -14.95
CA GLU A 448 -28.21 -14.78 -13.74
C GLU A 448 -27.78 -13.33 -13.91
N LEU A 449 -26.86 -13.02 -14.83
CA LEU A 449 -26.57 -11.65 -15.23
C LEU A 449 -27.41 -11.22 -16.42
N TYR A 450 -28.61 -11.79 -16.55
CA TYR A 450 -29.55 -11.52 -17.63
C TYR A 450 -30.24 -10.18 -17.51
N LYS A 451 -30.14 -9.50 -16.37
CA LYS A 451 -30.87 -8.26 -16.15
C LYS A 451 -29.96 -7.15 -15.68
N TYR A 452 -28.71 -7.11 -16.16
CA TYR A 452 -27.78 -6.07 -15.75
C TYR A 452 -27.05 -5.54 -16.97
N LYS A 453 -26.82 -4.23 -16.98
CA LYS A 453 -26.16 -3.60 -18.12
C LYS A 453 -25.30 -2.44 -17.64
N VAL A 454 -24.01 -2.49 -17.94
CA VAL A 454 -23.10 -1.42 -17.57
C VAL A 454 -23.25 -0.26 -18.56
N VAL A 455 -23.14 0.98 -18.07
CA VAL A 455 -23.38 2.14 -18.90
C VAL A 455 -22.55 3.30 -18.33
N LYS A 456 -22.19 4.25 -19.19
CA LYS A 456 -21.29 5.35 -18.83
C LYS A 456 -22.05 6.66 -18.90
N ILE A 457 -22.03 7.42 -17.80
CA ILE A 457 -22.69 8.72 -17.78
C ILE A 457 -21.83 9.74 -18.50
N GLU A 458 -22.48 10.62 -19.25
CA GLU A 458 -21.82 11.71 -19.98
C GLU A 458 -22.53 13.01 -19.62
N PRO A 459 -22.20 13.60 -18.47
CA PRO A 459 -22.95 14.77 -17.97
C PRO A 459 -22.48 16.07 -18.62
N LEU A 460 -22.68 16.19 -19.93
CA LEU A 460 -22.29 17.39 -20.65
C LEU A 460 -23.14 17.47 -21.92
N GLY A 461 -24.06 18.43 -21.97
CA GLY A 461 -24.96 18.55 -23.09
C GLY A 461 -24.97 19.96 -23.64
N VAL A 462 -25.53 20.09 -24.84
CA VAL A 462 -25.75 21.39 -25.49
C VAL A 462 -27.20 21.49 -25.93
N ALA A 463 -27.75 22.70 -25.85
CA ALA A 463 -29.16 22.90 -26.17
C ALA A 463 -29.35 24.34 -26.62
N PRO A 464 -30.27 24.60 -27.57
CA PRO A 464 -30.50 25.98 -28.00
C PRO A 464 -31.55 26.69 -27.16
N THR A 465 -31.23 27.95 -26.82
CA THR A 465 -32.11 28.82 -26.05
C THR A 465 -32.17 30.20 -26.70
N ARG A 466 -32.76 31.17 -26.00
CA ARG A 466 -32.76 32.57 -26.39
C ARG A 466 -31.88 33.39 -25.45
N CYS A 467 -30.72 32.83 -25.09
CA CYS A 467 -29.88 33.40 -24.04
C CYS A 467 -29.11 34.62 -24.54
N LYS A 468 -28.30 35.19 -23.64
CA LYS A 468 -27.53 36.39 -23.88
C LYS A 468 -26.15 36.01 -24.43
N ARG A 469 -25.20 36.95 -24.38
CA ARG A 469 -23.80 36.68 -24.69
C ARG A 469 -23.22 35.60 -23.77
N ASN B 1 -0.75 53.71 -20.57
CA ASN B 1 -1.76 53.49 -21.59
C ASN B 1 -2.05 52.00 -21.75
N LEU B 2 -0.99 51.21 -21.83
CA LEU B 2 -1.08 49.76 -21.96
C LEU B 2 -0.94 49.11 -20.58
N TRP B 3 -1.64 48.00 -20.38
CA TRP B 3 -1.83 47.42 -19.07
C TRP B 3 -1.37 45.96 -19.03
N VAL B 4 -1.17 45.48 -17.80
CA VAL B 4 -0.54 44.18 -17.55
C VAL B 4 -1.61 43.08 -17.63
N THR B 5 -1.28 41.99 -18.33
CA THR B 5 -2.16 40.84 -18.50
C THR B 5 -1.42 39.59 -18.04
N VAL B 6 -2.19 38.61 -17.57
CA VAL B 6 -1.64 37.35 -17.12
C VAL B 6 -1.79 36.30 -18.21
N TYR B 7 -1.06 35.20 -18.07
CA TYR B 7 -1.03 34.11 -19.05
C TYR B 7 -0.80 32.80 -18.31
N TYR B 8 -1.71 31.86 -18.46
CA TYR B 8 -1.53 30.51 -17.92
C TYR B 8 -1.38 29.55 -19.09
N GLY B 9 -0.21 28.94 -19.21
CA GLY B 9 0.03 27.97 -20.25
C GLY B 9 1.07 28.40 -21.26
N VAL B 10 1.97 29.29 -20.86
CA VAL B 10 3.04 29.75 -21.74
C VAL B 10 4.13 28.69 -21.81
N PRO B 11 4.78 28.50 -22.96
CA PRO B 11 5.88 27.52 -23.06
C PRO B 11 7.26 28.06 -22.66
N VAL B 12 7.47 28.20 -21.35
CA VAL B 12 8.77 28.59 -20.82
C VAL B 12 9.20 27.60 -19.75
N TRP B 13 10.51 27.52 -19.55
CA TRP B 13 11.09 26.62 -18.56
C TRP B 13 12.27 27.30 -17.89
N LYS B 14 12.64 26.79 -16.72
CA LYS B 14 13.84 27.18 -16.02
C LYS B 14 14.68 25.94 -15.73
N ASP B 15 15.86 26.14 -15.17
CA ASP B 15 16.76 25.03 -14.85
C ASP B 15 16.57 24.64 -13.38
N ALA B 16 16.35 23.36 -13.14
CA ALA B 16 16.06 22.85 -11.80
C ALA B 16 16.93 21.64 -11.52
N GLU B 17 16.87 21.17 -10.28
CA GLU B 17 17.67 20.05 -9.79
C GLU B 17 16.79 19.09 -9.01
N THR B 18 15.62 18.76 -9.56
CA THR B 18 14.67 17.90 -8.88
C THR B 18 15.09 16.44 -8.96
N THR B 19 14.35 15.60 -8.23
CA THR B 19 14.57 14.16 -8.27
C THR B 19 13.72 13.53 -9.35
N LEU B 20 14.10 12.30 -9.73
CA LEU B 20 13.42 11.56 -10.78
C LEU B 20 13.16 10.14 -10.30
N PHE B 21 12.10 9.53 -10.84
CA PHE B 21 11.88 8.11 -10.64
C PHE B 21 12.50 7.35 -11.81
N CYS B 22 12.96 6.14 -11.53
CA CYS B 22 13.73 5.38 -12.51
C CYS B 22 12.84 4.86 -13.63
N ALA B 23 11.87 4.02 -13.30
CA ALA B 23 10.98 3.32 -14.23
C ALA B 23 11.77 2.45 -15.21
N SER B 24 12.39 1.41 -14.65
CA SER B 24 13.03 0.37 -15.44
C SER B 24 12.03 -0.72 -15.80
N ASP B 25 12.49 -1.68 -16.61
CA ASP B 25 11.64 -2.77 -17.09
C ASP B 25 12.02 -4.05 -16.34
N ALA B 26 11.33 -4.29 -15.24
CA ALA B 26 11.62 -5.43 -14.38
C ALA B 26 10.71 -6.62 -14.70
N LYS B 27 10.92 -7.72 -13.99
CA LYS B 27 10.18 -8.97 -14.22
C LYS B 27 9.47 -9.51 -12.99
N ALA B 28 9.95 -9.18 -11.77
CA ALA B 28 9.33 -9.51 -10.49
C ALA B 28 9.25 -11.00 -10.20
N TYR B 29 10.06 -11.83 -10.87
CA TYR B 29 10.17 -13.23 -10.48
C TYR B 29 11.60 -13.76 -10.48
N GLU B 30 12.57 -13.01 -11.01
CA GLU B 30 13.93 -13.47 -11.21
C GLU B 30 14.83 -12.91 -10.12
N THR B 31 15.81 -13.72 -9.69
CA THR B 31 16.63 -13.40 -8.53
C THR B 31 18.05 -13.17 -9.09
N GLU B 32 18.13 -12.35 -10.13
CA GLU B 32 19.39 -11.93 -10.72
C GLU B 32 20.06 -10.80 -9.97
N LYS B 33 19.48 -10.35 -8.85
CA LYS B 33 19.89 -9.25 -7.97
C LYS B 33 19.81 -7.88 -8.65
N HIS B 34 19.24 -7.78 -9.85
CA HIS B 34 18.83 -6.52 -10.45
C HIS B 34 17.32 -6.35 -10.51
N ASN B 35 16.59 -7.44 -10.75
CA ASN B 35 15.14 -7.37 -10.69
C ASN B 35 14.64 -7.16 -9.27
N VAL B 36 15.40 -7.63 -8.28
CA VAL B 36 15.03 -7.43 -6.88
C VAL B 36 15.09 -5.96 -6.50
N TRP B 37 16.13 -5.25 -6.96
CA TRP B 37 16.23 -3.82 -6.73
C TRP B 37 15.23 -3.03 -7.58
N ALA B 38 15.01 -3.48 -8.81
CA ALA B 38 14.10 -2.77 -9.71
C ALA B 38 12.65 -2.91 -9.29
N THR B 39 12.29 -4.01 -8.63
CA THR B 39 10.95 -4.16 -8.08
C THR B 39 10.84 -3.60 -6.66
N HIS B 40 11.87 -2.92 -6.17
CA HIS B 40 11.79 -2.16 -4.94
C HIS B 40 12.10 -0.69 -5.17
N ALA B 41 12.44 -0.29 -6.38
CA ALA B 41 12.68 1.11 -6.71
C ALA B 41 11.97 1.63 -7.94
N CYS B 42 11.64 0.78 -8.92
CA CYS B 42 11.14 1.23 -10.21
C CYS B 42 9.70 0.79 -10.44
N VAL B 43 9.01 1.55 -11.28
CA VAL B 43 7.66 1.26 -11.76
C VAL B 43 7.84 0.71 -13.18
N PRO B 44 6.85 0.08 -13.82
CA PRO B 44 7.09 -0.41 -15.19
C PRO B 44 7.09 0.73 -16.21
N THR B 45 7.59 0.40 -17.40
CA THR B 45 7.80 1.37 -18.46
C THR B 45 6.55 1.49 -19.33
N ASP B 46 6.31 2.70 -19.82
CA ASP B 46 5.21 2.93 -20.77
C ASP B 46 5.65 2.56 -22.17
N PRO B 47 4.89 1.72 -22.88
CA PRO B 47 5.36 1.22 -24.19
C PRO B 47 5.20 2.18 -25.34
N ASN B 48 4.63 3.37 -25.12
CA ASN B 48 4.45 4.38 -26.17
C ASN B 48 5.18 5.65 -25.75
N PRO B 49 6.45 5.81 -26.11
CA PRO B 49 7.21 6.98 -25.65
C PRO B 49 6.77 8.26 -26.36
N GLN B 50 6.86 9.36 -25.62
CA GLN B 50 6.47 10.67 -26.11
C GLN B 50 7.72 11.43 -26.54
N GLU B 51 7.76 11.85 -27.80
CA GLU B 51 8.89 12.60 -28.34
C GLU B 51 8.34 13.76 -29.15
N ILE B 52 8.66 14.99 -28.74
CA ILE B 52 8.19 16.19 -29.41
C ILE B 52 9.40 16.95 -29.92
N HIS B 53 9.50 17.08 -31.24
CA HIS B 53 10.56 17.88 -31.84
C HIS B 53 10.20 19.36 -31.75
N LEU B 54 11.13 20.16 -31.26
CA LEU B 54 10.87 21.57 -31.04
C LEU B 54 11.27 22.43 -32.23
N GLU B 55 10.75 23.65 -32.23
CA GLU B 55 10.99 24.66 -33.25
C GLU B 55 12.31 25.38 -33.02
N ASN B 56 12.46 26.52 -33.69
CA ASN B 56 13.72 27.25 -33.81
C ASN B 56 14.10 27.87 -32.46
N VAL B 57 14.80 27.07 -31.65
CA VAL B 57 15.22 27.45 -30.30
C VAL B 57 16.53 26.73 -30.00
N THR B 58 17.36 27.34 -29.15
CA THR B 58 18.63 26.79 -28.71
C THR B 58 18.71 26.80 -27.19
N GLU B 59 19.49 25.86 -26.65
CA GLU B 59 19.72 25.79 -25.21
C GLU B 59 21.17 25.41 -24.95
N GLU B 60 21.67 25.76 -23.76
CA GLU B 60 23.06 25.53 -23.39
C GLU B 60 23.13 24.24 -22.58
N PHE B 61 23.55 23.15 -23.24
CA PHE B 61 23.72 21.87 -22.59
C PHE B 61 25.11 21.81 -21.96
N ASN B 62 25.16 21.91 -20.63
CA ASN B 62 26.37 21.58 -19.91
C ASN B 62 26.36 20.10 -19.56
N MET B 63 27.56 19.52 -19.48
CA MET B 63 27.66 18.07 -19.37
C MET B 63 28.56 17.69 -18.21
N TRP B 64 29.50 18.57 -17.84
CA TRP B 64 30.39 18.33 -16.72
C TRP B 64 29.85 18.87 -15.40
N LYS B 65 28.69 19.52 -15.42
CA LYS B 65 28.01 20.01 -14.23
C LYS B 65 26.56 19.56 -14.22
N ASN B 66 26.33 18.31 -14.63
CA ASN B 66 24.99 17.77 -14.76
C ASN B 66 24.43 17.42 -13.39
N ASN B 67 23.11 17.17 -13.37
CA ASN B 67 22.42 16.74 -12.16
C ASN B 67 21.98 15.28 -12.22
N MET B 68 21.76 14.74 -13.42
CA MET B 68 21.36 13.34 -13.56
C MET B 68 22.50 12.39 -13.20
N VAL B 69 23.74 12.85 -13.32
CA VAL B 69 24.90 12.01 -13.03
C VAL B 69 24.97 11.69 -11.53
N GLU B 70 24.84 12.71 -10.69
CA GLU B 70 24.90 12.50 -9.25
C GLU B 70 23.65 11.86 -8.68
N GLN B 71 22.56 11.77 -9.45
CA GLN B 71 21.40 10.99 -9.05
C GLN B 71 21.48 9.55 -9.54
N MET B 72 22.18 9.33 -10.66
CA MET B 72 22.59 7.99 -11.05
C MET B 72 23.52 7.36 -10.02
N HIS B 73 24.47 8.15 -9.52
CA HIS B 73 25.57 7.62 -8.72
C HIS B 73 25.08 7.04 -7.40
N THR B 74 24.15 7.73 -6.75
CA THR B 74 23.59 7.27 -5.47
C THR B 74 22.76 6.00 -5.66
N ASP B 75 22.00 5.92 -6.75
CA ASP B 75 21.20 4.72 -7.03
C ASP B 75 22.09 3.52 -7.30
N ILE B 76 23.20 3.72 -8.01
CA ILE B 76 24.07 2.58 -8.29
C ILE B 76 24.85 2.15 -7.03
N ILE B 77 25.20 3.10 -6.14
CA ILE B 77 25.78 2.72 -4.85
C ILE B 77 24.77 1.94 -4.01
N SER B 78 23.50 2.35 -4.01
CA SER B 78 22.47 1.62 -3.27
C SER B 78 22.28 0.21 -3.83
N LEU B 79 22.29 0.07 -5.16
CA LEU B 79 22.17 -1.25 -5.80
C LEU B 79 23.36 -2.14 -5.46
N TRP B 80 24.57 -1.59 -5.50
CA TRP B 80 25.75 -2.41 -5.22
C TRP B 80 25.90 -2.73 -3.74
N ASP B 81 25.45 -1.84 -2.85
CA ASP B 81 25.50 -2.13 -1.44
C ASP B 81 24.41 -3.11 -1.03
N GLN B 82 23.31 -3.18 -1.78
CA GLN B 82 22.29 -4.18 -1.49
C GLN B 82 22.64 -5.54 -2.06
N SER B 83 23.15 -5.58 -3.30
CA SER B 83 23.29 -6.85 -4.00
C SER B 83 24.54 -7.62 -3.57
N LEU B 84 25.72 -7.06 -3.84
CA LEU B 84 26.98 -7.75 -3.55
C LEU B 84 27.36 -7.49 -2.10
N LYS B 85 26.95 -8.40 -1.22
CA LYS B 85 27.33 -8.32 0.18
C LYS B 85 28.77 -8.80 0.35
N PRO B 86 29.67 -7.96 0.83
CA PRO B 86 31.06 -8.41 1.02
C PRO B 86 31.20 -9.34 2.21
N CYS B 87 32.20 -10.21 2.13
CA CYS B 87 32.45 -11.14 3.23
C CYS B 87 33.01 -10.42 4.45
N VAL B 88 34.04 -9.59 4.25
CA VAL B 88 34.58 -8.71 5.29
C VAL B 88 34.78 -7.34 4.68
N LYS B 89 34.23 -6.30 5.31
CA LYS B 89 34.30 -4.93 4.81
C LYS B 89 35.06 -4.07 5.82
N LEU B 90 36.05 -3.33 5.33
CA LEU B 90 36.87 -2.44 6.15
C LEU B 90 36.69 -1.01 5.64
N THR B 91 36.23 -0.12 6.52
CA THR B 91 36.04 1.30 6.22
C THR B 91 36.63 2.13 7.37
N PRO B 92 37.38 3.20 7.06
CA PRO B 92 37.86 4.09 8.12
C PRO B 92 36.88 5.23 8.41
N LEU B 93 36.41 5.37 9.65
CA LEU B 93 35.45 6.42 9.93
C LEU B 93 36.09 7.69 10.51
N CYS B 94 36.55 7.59 11.76
CA CYS B 94 37.21 8.63 12.57
C CYS B 94 36.76 10.09 12.39
N VAL B 95 35.50 10.36 12.72
CA VAL B 95 35.09 11.74 12.95
C VAL B 95 35.84 12.28 14.16
N THR B 96 36.46 13.44 14.01
CA THR B 96 37.29 14.02 15.06
C THR B 96 36.46 14.53 16.23
N ARG B 160 46.86 18.22 13.03
CA ARG B 160 46.85 17.77 11.65
C ARG B 160 46.84 16.25 11.56
N LEU B 161 47.18 15.59 12.67
CA LEU B 161 47.23 14.14 12.75
C LEU B 161 46.11 13.65 13.66
N ILE B 162 45.19 12.88 13.10
CA ILE B 162 44.09 12.28 13.85
C ILE B 162 44.19 10.77 13.70
N ASN B 163 44.35 10.07 14.81
CA ASN B 163 44.52 8.62 14.81
C ASN B 163 43.16 7.93 14.75
N CYS B 164 43.06 6.91 13.88
CA CYS B 164 41.84 6.11 13.84
C CYS B 164 42.13 4.70 13.36
N ASN B 165 41.30 3.77 13.82
CA ASN B 165 41.30 2.39 13.39
C ASN B 165 40.30 2.24 12.25
N THR B 166 40.00 1.00 11.87
CA THR B 166 39.05 0.69 10.80
C THR B 166 37.94 -0.19 11.33
N SER B 167 36.74 0.01 10.80
CA SER B 167 35.63 -0.89 11.09
C SER B 167 35.87 -2.23 10.43
N ALA B 168 35.23 -3.28 10.97
CA ALA B 168 35.48 -4.66 10.60
C ALA B 168 34.18 -5.41 10.37
N ILE B 169 33.33 -4.85 9.51
CA ILE B 169 31.96 -5.35 9.39
C ILE B 169 31.96 -6.69 8.66
N THR B 170 31.40 -7.71 9.29
CA THR B 170 31.29 -9.04 8.70
C THR B 170 29.82 -9.39 8.48
N GLN B 171 29.58 -10.21 7.45
CA GLN B 171 28.24 -10.62 7.08
C GLN B 171 28.32 -11.90 6.27
N ALA B 172 27.19 -12.58 6.14
CA ALA B 172 27.12 -13.76 5.29
C ALA B 172 27.18 -13.33 3.83
N CYS B 173 28.00 -14.04 3.05
CA CYS B 173 28.28 -13.67 1.65
C CYS B 173 28.03 -14.85 0.73
N PRO B 174 26.77 -15.10 0.37
CA PRO B 174 26.46 -16.16 -0.59
C PRO B 174 26.75 -15.69 -2.01
N LYS B 175 26.82 -16.67 -2.92
CA LYS B 175 27.05 -16.37 -4.33
C LYS B 175 25.74 -15.97 -4.99
N VAL B 176 25.75 -14.84 -5.70
CA VAL B 176 24.57 -14.30 -6.35
C VAL B 176 24.89 -14.05 -7.82
N SER B 177 23.94 -14.37 -8.69
CA SER B 177 24.08 -14.08 -10.10
C SER B 177 23.98 -12.57 -10.34
N PHE B 178 24.50 -12.13 -11.48
CA PHE B 178 24.60 -10.69 -11.73
C PHE B 178 24.55 -10.48 -13.23
N GLU B 179 23.65 -9.60 -13.69
CA GLU B 179 23.55 -9.26 -15.11
C GLU B 179 22.91 -7.88 -15.23
N PRO B 180 23.49 -6.97 -16.02
CA PRO B 180 22.88 -5.66 -16.20
C PRO B 180 21.63 -5.69 -17.04
N ILE B 181 20.71 -4.78 -16.72
CA ILE B 181 19.45 -4.62 -17.45
C ILE B 181 19.33 -3.16 -17.86
N PRO B 182 18.63 -2.84 -18.96
CA PRO B 182 18.47 -1.43 -19.33
C PRO B 182 17.57 -0.70 -18.36
N ILE B 183 18.03 0.47 -17.88
CA ILE B 183 17.32 1.27 -16.89
C ILE B 183 17.08 2.64 -17.50
N HIS B 184 15.81 3.00 -17.64
CA HIS B 184 15.45 4.34 -18.09
C HIS B 184 15.47 5.28 -16.89
N TYR B 185 15.34 6.59 -17.17
CA TYR B 185 15.20 7.61 -16.13
C TYR B 185 14.09 8.56 -16.55
N CYS B 186 12.97 8.53 -15.85
CA CYS B 186 11.76 9.14 -16.37
C CYS B 186 11.30 10.27 -15.46
N ALA B 187 11.12 11.45 -16.05
CA ALA B 187 10.83 12.66 -15.28
C ALA B 187 9.39 12.67 -14.79
N PRO B 188 9.14 13.23 -13.60
CA PRO B 188 7.77 13.26 -13.08
C PRO B 188 6.89 14.31 -13.73
N ALA B 189 5.64 14.40 -13.28
CA ALA B 189 4.72 15.39 -13.82
C ALA B 189 5.10 16.79 -13.35
N GLY B 190 5.05 17.75 -14.27
CA GLY B 190 5.49 19.10 -13.98
C GLY B 190 6.94 19.38 -14.29
N PHE B 191 7.59 18.51 -15.05
CA PHE B 191 8.98 18.70 -15.46
C PHE B 191 9.14 18.17 -16.88
N ALA B 192 10.30 18.44 -17.48
CA ALA B 192 10.55 17.96 -18.83
C ALA B 192 12.02 17.63 -18.99
N ILE B 193 12.30 16.80 -19.98
CA ILE B 193 13.66 16.37 -20.31
C ILE B 193 13.95 16.80 -21.75
N LEU B 194 14.97 17.64 -21.92
CA LEU B 194 15.42 18.10 -23.22
C LEU B 194 16.61 17.27 -23.67
N LYS B 195 16.62 16.92 -24.95
CA LYS B 195 17.67 16.08 -25.53
C LYS B 195 18.19 16.76 -26.78
N CYS B 196 19.51 16.83 -26.91
CA CYS B 196 20.15 17.46 -28.07
C CYS B 196 20.50 16.39 -29.09
N LYS B 197 20.09 16.61 -30.33
CA LYS B 197 20.24 15.62 -31.39
C LYS B 197 21.30 16.00 -32.41
N ASP B 198 22.19 16.93 -32.09
CA ASP B 198 23.26 17.30 -32.99
C ASP B 198 24.32 16.20 -32.98
N LYS B 199 24.64 15.67 -34.17
CA LYS B 199 25.57 14.56 -34.28
C LYS B 199 27.03 14.99 -34.11
N LYS B 200 27.32 16.28 -34.12
CA LYS B 200 28.68 16.78 -33.95
C LYS B 200 28.77 17.57 -32.66
N PHE B 201 28.19 17.05 -31.58
CA PHE B 201 28.12 17.76 -30.31
C PHE B 201 29.49 17.82 -29.64
N ASN B 202 29.90 19.03 -29.25
CA ASN B 202 31.16 19.21 -28.55
C ASN B 202 31.09 18.67 -27.12
N GLY B 203 29.90 18.66 -26.53
CA GLY B 203 29.71 18.24 -25.16
C GLY B 203 29.19 19.38 -24.31
N THR B 204 29.75 20.57 -24.50
CA THR B 204 29.30 21.79 -23.84
C THR B 204 28.81 22.78 -24.89
N GLY B 205 28.45 23.98 -24.44
CA GLY B 205 28.02 25.02 -25.34
C GLY B 205 26.59 24.85 -25.81
N PRO B 206 26.14 25.77 -26.67
CA PRO B 206 24.75 25.69 -27.15
C PRO B 206 24.55 24.57 -28.16
N CYS B 207 23.31 24.09 -28.24
CA CYS B 207 22.90 23.08 -29.20
C CYS B 207 21.75 23.62 -30.04
N PRO B 208 21.81 23.51 -31.36
CA PRO B 208 20.81 24.15 -32.22
C PRO B 208 19.60 23.29 -32.58
N SER B 209 19.45 22.09 -32.02
CA SER B 209 18.31 21.24 -32.34
C SER B 209 17.98 20.41 -31.10
N VAL B 210 16.99 20.85 -30.35
CA VAL B 210 16.58 20.17 -29.13
C VAL B 210 15.27 19.43 -29.37
N SER B 211 14.94 18.52 -28.47
CA SER B 211 13.68 17.80 -28.53
C SER B 211 13.27 17.39 -27.13
N THR B 212 11.99 17.56 -26.82
CA THR B 212 11.48 17.13 -25.52
C THR B 212 11.16 15.65 -25.59
N VAL B 213 11.82 14.85 -24.78
CA VAL B 213 11.50 13.44 -24.74
C VAL B 213 10.78 13.19 -23.43
N GLN B 214 9.90 12.18 -23.43
CA GLN B 214 9.31 11.76 -22.17
C GLN B 214 10.39 11.22 -21.25
N CYS B 215 11.18 10.25 -21.74
CA CYS B 215 12.36 9.76 -21.05
C CYS B 215 13.29 8.99 -21.98
N THR B 216 14.44 8.61 -21.42
CA THR B 216 15.67 8.36 -22.14
C THR B 216 15.69 6.99 -22.83
N HIS B 217 16.83 6.69 -23.44
CA HIS B 217 17.07 5.41 -24.08
C HIS B 217 17.50 4.38 -23.04
N GLY B 218 17.74 3.15 -23.49
CA GLY B 218 18.13 2.09 -22.59
C GLY B 218 19.55 2.24 -22.07
N ILE B 219 19.69 2.60 -20.80
CA ILE B 219 20.99 2.76 -20.17
C ILE B 219 21.30 1.51 -19.37
N LYS B 220 22.41 0.86 -19.70
CA LYS B 220 22.85 -0.32 -18.96
C LYS B 220 23.89 0.12 -17.95
N PRO B 221 23.62 0.01 -16.64
CA PRO B 221 24.59 0.48 -15.64
C PRO B 221 25.80 -0.42 -15.51
N VAL B 222 26.72 -0.32 -16.48
CA VAL B 222 27.93 -1.12 -16.44
C VAL B 222 28.89 -0.55 -15.39
N VAL B 223 29.71 -1.43 -14.83
CA VAL B 223 30.72 -1.04 -13.85
C VAL B 223 32.05 -1.55 -14.40
N SER B 224 32.88 -0.62 -14.88
CA SER B 224 34.14 -0.97 -15.53
C SER B 224 35.08 0.22 -15.49
N THR B 225 36.37 -0.09 -15.58
CA THR B 225 37.43 0.90 -15.61
C THR B 225 38.30 0.60 -16.82
N GLN B 226 38.81 1.66 -17.46
CA GLN B 226 39.76 1.69 -18.59
C GLN B 226 39.11 1.27 -19.91
N LEU B 227 37.87 0.78 -19.85
CA LEU B 227 37.09 0.42 -21.03
C LEU B 227 35.62 0.58 -20.70
N LEU B 228 34.85 1.08 -21.65
CA LEU B 228 33.40 1.18 -21.51
C LEU B 228 32.75 0.00 -22.22
N LEU B 229 31.86 -0.69 -21.52
CA LEU B 229 31.31 -1.95 -21.96
C LEU B 229 29.79 -1.84 -22.09
N ASN B 230 29.26 -2.40 -23.18
CA ASN B 230 27.83 -2.46 -23.50
C ASN B 230 27.20 -1.07 -23.53
N GLY B 231 27.94 -0.09 -24.06
CA GLY B 231 27.50 1.29 -24.07
C GLY B 231 26.71 1.65 -25.31
N SER B 232 26.46 2.94 -25.46
CA SER B 232 25.71 3.48 -26.57
C SER B 232 26.67 4.11 -27.57
N LEU B 233 26.44 3.84 -28.86
CA LEU B 233 27.35 4.26 -29.91
C LEU B 233 27.14 5.74 -30.25
N ALA B 234 28.00 6.24 -31.14
CA ALA B 234 27.89 7.58 -31.66
C ALA B 234 27.16 7.57 -33.00
N GLU B 235 27.01 8.76 -33.60
CA GLU B 235 26.20 8.91 -34.80
C GLU B 235 27.02 8.84 -36.09
N GLU B 236 27.98 9.76 -36.26
CA GLU B 236 28.70 9.88 -37.52
C GLU B 236 30.15 9.46 -37.40
N GLU B 237 30.91 10.05 -36.47
CA GLU B 237 32.32 9.77 -36.29
C GLU B 237 32.63 9.60 -34.81
N VAL B 238 33.85 9.15 -34.53
CA VAL B 238 34.29 9.02 -33.14
C VAL B 238 34.48 10.40 -32.53
N MET B 239 34.11 10.53 -31.25
CA MET B 239 34.03 11.85 -30.63
C MET B 239 34.91 11.92 -29.39
N ILE B 240 35.45 13.12 -29.16
CA ILE B 240 36.39 13.39 -28.07
C ILE B 240 35.77 14.45 -27.19
N ARG B 241 35.55 14.12 -25.91
CA ARG B 241 34.91 15.02 -24.96
C ARG B 241 35.84 15.26 -23.78
N SER B 242 35.91 16.52 -23.33
CA SER B 242 36.75 16.90 -22.21
C SER B 242 36.16 18.11 -21.52
N GLU B 243 36.46 18.25 -20.22
CA GLU B 243 36.04 19.44 -19.49
C GLU B 243 36.89 20.65 -19.89
N ASN B 244 38.19 20.44 -20.06
CA ASN B 244 39.09 21.49 -20.53
C ASN B 244 40.26 20.82 -21.21
N ILE B 245 40.34 20.94 -22.53
CA ILE B 245 41.50 20.42 -23.25
C ILE B 245 42.71 21.31 -22.96
N THR B 246 43.91 20.71 -23.08
CA THR B 246 45.20 21.29 -22.69
C THR B 246 45.20 21.71 -21.22
N ASN B 247 44.78 20.80 -20.36
CA ASN B 247 44.78 21.03 -18.91
C ASN B 247 45.54 19.97 -18.12
N ASN B 248 45.87 18.83 -18.75
CA ASN B 248 46.73 17.76 -18.23
C ASN B 248 46.17 17.03 -17.02
N ALA B 249 44.94 17.31 -16.59
CA ALA B 249 44.37 16.67 -15.41
C ALA B 249 42.95 16.15 -15.60
N LYS B 250 42.20 16.67 -16.56
CA LYS B 250 40.83 16.23 -16.79
C LYS B 250 40.81 15.00 -17.69
N ASN B 251 39.90 14.08 -17.38
CA ASN B 251 39.78 12.85 -18.17
C ASN B 251 39.19 13.15 -19.53
N ILE B 252 39.68 12.43 -20.54
CA ILE B 252 39.22 12.57 -21.92
C ILE B 252 38.38 11.34 -22.25
N LEU B 253 37.12 11.57 -22.62
CA LEU B 253 36.20 10.50 -22.98
C LEU B 253 36.17 10.35 -24.49
N VAL B 254 36.36 9.12 -24.96
CA VAL B 254 36.40 8.81 -26.39
C VAL B 254 35.23 7.89 -26.68
N GLN B 255 34.38 8.30 -27.62
CA GLN B 255 33.21 7.51 -28.02
C GLN B 255 33.41 6.98 -29.43
N PHE B 256 33.28 5.66 -29.59
CA PHE B 256 33.48 5.00 -30.86
C PHE B 256 32.25 5.16 -31.76
N ASN B 257 32.44 4.87 -33.05
CA ASN B 257 31.34 4.88 -34.00
C ASN B 257 30.85 3.49 -34.36
N THR B 258 31.67 2.46 -34.16
CA THR B 258 31.28 1.07 -34.34
C THR B 258 31.75 0.29 -33.12
N PRO B 259 30.97 -0.70 -32.67
CA PRO B 259 31.39 -1.47 -31.50
C PRO B 259 32.55 -2.40 -31.82
N VAL B 260 33.35 -2.70 -30.81
CA VAL B 260 34.43 -3.67 -30.92
C VAL B 260 34.05 -4.86 -30.06
N GLN B 261 33.80 -6.00 -30.70
CA GLN B 261 33.36 -7.18 -29.96
C GLN B 261 34.53 -7.81 -29.22
N ILE B 262 34.30 -8.17 -27.96
CA ILE B 262 35.32 -8.83 -27.14
C ILE B 262 34.68 -10.03 -26.45
N ASN B 263 35.35 -11.18 -26.57
CA ASN B 263 34.99 -12.37 -25.80
C ASN B 263 35.90 -12.41 -24.59
N CYS B 264 35.38 -12.87 -23.46
CA CYS B 264 36.20 -12.81 -22.25
C CYS B 264 35.69 -13.90 -21.32
N THR B 265 36.54 -14.89 -21.02
CA THR B 265 36.04 -16.09 -20.36
C THR B 265 37.13 -16.79 -19.56
N ARG B 266 36.67 -17.52 -18.54
CA ARG B 266 37.45 -18.50 -17.79
C ARG B 266 36.93 -19.87 -18.18
N PRO B 267 37.71 -20.70 -18.86
CA PRO B 267 37.24 -22.02 -19.28
C PRO B 267 37.48 -23.08 -18.20
N ASN B 268 36.91 -24.25 -18.44
CA ASN B 268 37.03 -25.37 -17.52
C ASN B 268 38.43 -25.96 -17.53
N ASP B 292 45.09 -24.30 -11.97
CA ASP B 292 44.45 -23.34 -11.10
C ASP B 292 43.14 -22.83 -11.69
N ILE B 293 42.39 -22.07 -10.90
CA ILE B 293 41.08 -21.59 -11.32
C ILE B 293 41.08 -20.12 -11.73
N ARG B 294 42.09 -19.34 -11.33
CA ARG B 294 42.10 -17.91 -11.61
C ARG B 294 42.97 -17.60 -12.82
N GLN B 295 42.59 -18.22 -13.94
CA GLN B 295 43.19 -17.97 -15.25
C GLN B 295 42.06 -17.81 -16.26
N ALA B 296 41.73 -16.56 -16.58
CA ALA B 296 40.74 -16.24 -17.60
C ALA B 296 41.43 -15.52 -18.75
N HIS B 297 41.18 -15.97 -19.96
CA HIS B 297 41.67 -15.28 -21.15
C HIS B 297 40.57 -14.38 -21.70
N CYS B 298 40.97 -13.47 -22.60
CA CYS B 298 40.04 -12.41 -22.99
C CYS B 298 40.49 -11.96 -24.38
N ASN B 299 39.77 -12.41 -25.40
CA ASN B 299 40.16 -12.27 -26.80
C ASN B 299 39.44 -11.09 -27.44
N VAL B 300 40.20 -10.29 -28.18
CA VAL B 300 39.69 -9.17 -28.96
C VAL B 300 40.36 -9.21 -30.33
N SER B 301 39.58 -8.89 -31.37
CA SER B 301 40.11 -8.93 -32.74
C SER B 301 41.10 -7.80 -32.96
N LYS B 302 42.13 -8.07 -33.78
CA LYS B 302 43.24 -7.15 -33.96
C LYS B 302 43.00 -6.11 -35.05
N ALA B 303 42.38 -6.50 -36.17
CA ALA B 303 42.20 -5.58 -37.29
C ALA B 303 41.15 -4.52 -36.98
N THR B 304 40.04 -4.92 -36.34
CA THR B 304 39.02 -3.97 -35.94
C THR B 304 39.54 -3.00 -34.89
N TRP B 305 40.36 -3.50 -33.94
CA TRP B 305 40.97 -2.63 -32.95
C TRP B 305 41.98 -1.69 -33.59
N ASN B 306 42.72 -2.16 -34.60
CA ASN B 306 43.68 -1.32 -35.30
C ASN B 306 43.00 -0.20 -36.07
N GLU B 307 41.90 -0.50 -36.77
CA GLU B 307 41.20 0.57 -37.49
C GLU B 307 40.44 1.49 -36.55
N THR B 308 39.97 0.98 -35.40
CA THR B 308 39.34 1.84 -34.40
C THR B 308 40.36 2.81 -33.79
N LEU B 309 41.55 2.31 -33.47
CA LEU B 309 42.61 3.19 -32.96
C LEU B 309 43.10 4.15 -34.03
N GLY B 310 43.05 3.75 -35.31
CA GLY B 310 43.39 4.67 -36.39
C GLY B 310 42.39 5.81 -36.52
N LYS B 311 41.09 5.51 -36.41
CA LYS B 311 40.07 6.55 -36.37
C LYS B 311 40.25 7.46 -35.16
N VAL B 312 40.61 6.85 -34.02
CA VAL B 312 40.82 7.62 -32.78
C VAL B 312 42.00 8.58 -32.92
N VAL B 313 43.13 8.10 -33.46
CA VAL B 313 44.30 8.96 -33.57
C VAL B 313 44.10 10.00 -34.66
N LYS B 314 43.29 9.69 -35.68
CA LYS B 314 42.95 10.68 -36.70
C LYS B 314 42.10 11.80 -36.11
N GLN B 315 41.21 11.48 -35.16
CA GLN B 315 40.45 12.55 -34.54
C GLN B 315 41.23 13.29 -33.46
N LEU B 316 42.16 12.63 -32.74
CA LEU B 316 43.03 13.38 -31.82
C LEU B 316 44.00 14.29 -32.55
N ARG B 317 44.40 13.96 -33.78
CA ARG B 317 45.33 14.84 -34.49
C ARG B 317 44.68 16.14 -34.96
N LYS B 318 43.35 16.24 -34.93
CA LYS B 318 42.69 17.50 -35.28
C LYS B 318 42.91 18.57 -34.22
N HIS B 319 43.07 18.18 -32.97
CA HIS B 319 43.31 19.12 -31.88
C HIS B 319 44.77 19.45 -31.66
N PHE B 320 45.69 18.77 -32.33
CA PHE B 320 47.11 18.85 -31.99
C PHE B 320 47.97 19.11 -33.23
N GLY B 321 47.53 20.04 -34.06
CA GLY B 321 48.39 20.64 -35.08
C GLY B 321 48.62 19.83 -36.33
N ASN B 322 48.01 18.65 -36.47
CA ASN B 322 47.96 17.81 -37.67
C ASN B 322 49.35 17.29 -38.08
N ASN B 323 50.35 17.40 -37.20
CA ASN B 323 51.69 16.90 -37.52
C ASN B 323 52.41 16.25 -36.36
N THR B 324 51.78 16.11 -35.19
CA THR B 324 52.44 15.60 -34.01
C THR B 324 52.35 14.08 -33.94
N ILE B 325 53.32 13.48 -33.25
CA ILE B 325 53.37 12.04 -33.03
C ILE B 325 52.57 11.71 -31.78
N ILE B 326 51.78 10.64 -31.86
CA ILE B 326 50.90 10.23 -30.78
C ILE B 326 51.31 8.84 -30.32
N ARG B 327 51.54 8.69 -29.02
CA ARG B 327 52.00 7.45 -28.42
C ARG B 327 50.96 6.93 -27.43
N PHE B 328 50.94 5.61 -27.24
CA PHE B 328 50.07 4.96 -26.26
C PHE B 328 50.93 4.12 -25.33
N ALA B 329 50.72 4.30 -24.02
CA ALA B 329 51.45 3.56 -22.99
C ALA B 329 50.46 2.75 -22.15
N ASN B 330 51.00 1.98 -21.21
CA ASN B 330 50.16 1.04 -20.46
C ASN B 330 49.41 1.69 -19.30
N SER B 331 50.12 2.25 -18.33
CA SER B 331 49.57 2.88 -17.13
C SER B 331 50.70 3.62 -16.43
N SER B 332 50.43 4.09 -15.21
CA SER B 332 51.50 4.64 -14.36
C SER B 332 51.12 4.35 -12.90
N GLY B 333 51.59 3.20 -12.40
CA GLY B 333 51.42 2.84 -11.00
C GLY B 333 49.97 2.67 -10.59
N GLY B 334 49.64 3.18 -9.40
CA GLY B 334 48.28 3.22 -8.94
C GLY B 334 47.80 1.93 -8.32
N ASP B 335 46.52 1.93 -7.95
CA ASP B 335 45.88 0.76 -7.39
C ASP B 335 45.61 -0.27 -8.48
N LEU B 336 45.27 -1.49 -8.04
CA LEU B 336 45.07 -2.59 -8.98
C LEU B 336 43.78 -2.45 -9.78
N GLU B 337 42.79 -1.70 -9.27
CA GLU B 337 41.52 -1.56 -9.95
C GLU B 337 41.52 -0.44 -10.99
N VAL B 338 42.61 0.31 -11.11
CA VAL B 338 42.65 1.43 -12.04
C VAL B 338 43.79 1.22 -13.04
N THR B 339 44.79 0.42 -12.67
CA THR B 339 45.91 0.16 -13.55
C THR B 339 45.60 -0.93 -14.58
N THR B 340 44.50 -1.64 -14.42
CA THR B 340 44.10 -2.71 -15.33
C THR B 340 42.62 -2.57 -15.62
N HIS B 341 42.17 -3.30 -16.64
CA HIS B 341 40.75 -3.35 -16.98
C HIS B 341 40.06 -4.18 -15.91
N SER B 342 39.50 -3.52 -14.91
CA SER B 342 38.86 -4.16 -13.78
C SER B 342 37.36 -4.08 -13.97
N PHE B 343 36.71 -5.22 -14.09
CA PHE B 343 35.27 -5.26 -14.32
C PHE B 343 34.72 -6.53 -13.69
N ASN B 344 33.45 -6.80 -13.92
CA ASN B 344 32.81 -7.99 -13.38
C ASN B 344 32.12 -8.80 -14.48
N CYS B 345 32.05 -10.11 -14.24
CA CYS B 345 31.48 -11.04 -15.20
C CYS B 345 30.94 -12.22 -14.41
N GLY B 346 29.61 -12.41 -14.47
CA GLY B 346 28.95 -13.50 -13.76
C GLY B 346 29.02 -13.42 -12.26
N GLY B 347 29.30 -12.25 -11.70
CA GLY B 347 29.57 -12.12 -10.29
C GLY B 347 31.02 -12.29 -9.90
N GLU B 348 31.93 -12.37 -10.86
CA GLU B 348 33.35 -12.54 -10.59
C GLU B 348 34.10 -11.27 -10.99
N PHE B 349 35.06 -10.86 -10.16
CA PHE B 349 35.82 -9.64 -10.38
C PHE B 349 37.01 -9.94 -11.27
N PHE B 350 36.84 -9.70 -12.57
CA PHE B 350 37.90 -9.91 -13.55
C PHE B 350 38.85 -8.71 -13.55
N TYR B 351 40.15 -9.00 -13.59
CA TYR B 351 41.19 -7.99 -13.70
C TYR B 351 42.04 -8.38 -14.91
N CYS B 352 41.79 -7.73 -16.04
CA CYS B 352 42.48 -8.04 -17.28
C CYS B 352 43.57 -7.02 -17.54
N ASN B 353 44.77 -7.50 -17.85
CA ASN B 353 45.87 -6.61 -18.21
C ASN B 353 45.63 -5.99 -19.58
N THR B 354 45.99 -4.71 -19.72
CA THR B 354 45.81 -3.98 -20.97
C THR B 354 47.13 -3.45 -21.52
N SER B 355 48.26 -4.04 -21.12
CA SER B 355 49.54 -3.64 -21.69
C SER B 355 49.73 -4.15 -23.11
N GLY B 356 48.97 -5.16 -23.52
CA GLY B 356 49.01 -5.69 -24.87
C GLY B 356 48.11 -4.99 -25.85
N LEU B 357 47.45 -3.90 -25.44
CA LEU B 357 46.58 -3.12 -26.31
C LEU B 357 47.18 -1.78 -26.69
N PHE B 358 47.64 -1.01 -25.71
CA PHE B 358 48.07 0.37 -25.93
C PHE B 358 49.59 0.38 -26.04
N ASN B 359 50.08 -0.07 -27.20
CA ASN B 359 51.51 -0.20 -27.44
C ASN B 359 51.99 0.52 -28.70
N SER B 360 51.11 0.85 -29.63
CA SER B 360 51.53 1.41 -30.90
C SER B 360 51.91 2.88 -30.76
N THR B 361 52.85 3.31 -31.61
CA THR B 361 53.25 4.70 -31.73
C THR B 361 52.93 5.18 -33.14
N TRP B 362 52.16 6.25 -33.24
CA TRP B 362 51.64 6.71 -34.52
C TRP B 362 52.34 7.99 -34.94
N ILE B 363 52.83 8.02 -36.18
CA ILE B 363 53.47 9.19 -36.77
C ILE B 363 52.61 9.66 -37.93
N SER B 364 52.96 10.83 -38.47
CA SER B 364 52.23 11.42 -39.59
C SER B 364 52.51 10.68 -40.89
N ASP B 378 46.15 -11.91 -34.94
CA ASP B 378 44.74 -11.96 -35.29
C ASP B 378 43.87 -11.66 -34.07
N SER B 379 44.18 -12.31 -32.95
CA SER B 379 43.45 -12.10 -31.71
C SER B 379 44.45 -11.95 -30.58
N ILE B 380 44.25 -10.92 -29.75
CA ILE B 380 45.13 -10.64 -28.62
C ILE B 380 44.51 -11.25 -27.36
N THR B 381 45.24 -12.15 -26.71
CA THR B 381 44.78 -12.77 -25.48
C THR B 381 45.31 -12.00 -24.28
N LEU B 382 44.49 -11.90 -23.24
CA LEU B 382 44.84 -11.12 -22.07
C LEU B 382 44.81 -12.00 -20.81
N PRO B 383 45.80 -11.84 -19.92
CA PRO B 383 45.88 -12.67 -18.69
C PRO B 383 45.08 -12.10 -17.51
N CYS B 384 43.77 -12.33 -17.53
CA CYS B 384 42.90 -11.83 -16.47
C CYS B 384 42.98 -12.71 -15.23
N ARG B 385 42.95 -12.08 -14.07
CA ARG B 385 42.92 -12.74 -12.78
C ARG B 385 41.58 -12.43 -12.11
N ILE B 386 40.94 -13.45 -11.56
CA ILE B 386 39.71 -13.27 -10.80
C ILE B 386 40.12 -12.98 -9.36
N LYS B 387 39.87 -11.75 -8.91
CA LYS B 387 40.37 -11.31 -7.62
C LYS B 387 39.23 -11.13 -6.62
N GLN B 388 39.54 -11.33 -5.34
CA GLN B 388 38.53 -11.30 -4.30
C GLN B 388 38.93 -10.46 -3.09
N ILE B 389 40.06 -9.76 -3.14
CA ILE B 389 40.43 -8.78 -2.13
C ILE B 389 40.53 -7.45 -2.88
N ILE B 390 39.43 -6.70 -2.91
CA ILE B 390 39.35 -5.54 -3.80
C ILE B 390 39.19 -4.27 -2.99
N ASN B 391 39.45 -3.15 -3.68
CA ASN B 391 39.15 -1.82 -3.17
C ASN B 391 37.78 -1.40 -3.66
N MET B 392 36.91 -1.00 -2.75
CA MET B 392 35.55 -0.63 -3.12
C MET B 392 35.54 0.72 -3.83
N TRP B 393 34.56 0.91 -4.72
CA TRP B 393 34.41 2.15 -5.44
C TRP B 393 33.29 3.03 -4.89
N GLN B 394 32.36 2.45 -4.12
CA GLN B 394 31.30 3.23 -3.50
C GLN B 394 31.86 4.19 -2.44
N ARG B 395 32.80 3.69 -1.64
CA ARG B 395 33.46 4.48 -0.61
C ARG B 395 34.91 4.04 -0.56
N ILE B 396 35.62 4.39 0.49
CA ILE B 396 37.01 3.96 0.65
C ILE B 396 37.04 2.85 1.68
N GLY B 397 37.94 1.89 1.47
CA GLY B 397 38.02 0.70 2.30
C GLY B 397 38.31 -0.53 1.47
N GLN B 398 38.41 -1.69 2.10
CA GLN B 398 38.70 -2.93 1.40
C GLN B 398 37.57 -3.92 1.61
N ALA B 399 37.46 -4.87 0.68
CA ALA B 399 36.39 -5.86 0.74
C ALA B 399 36.91 -7.22 0.33
N MET B 400 36.59 -8.23 1.14
CA MET B 400 36.85 -9.63 0.82
C MET B 400 35.60 -10.25 0.22
N TYR B 401 35.78 -11.06 -0.82
CA TYR B 401 34.68 -11.82 -1.41
C TYR B 401 35.03 -13.29 -1.42
N ALA B 402 34.10 -14.09 -1.93
CA ALA B 402 34.22 -15.54 -1.97
C ALA B 402 35.20 -15.99 -3.06
N PRO B 403 35.77 -17.18 -2.91
CA PRO B 403 36.53 -17.79 -4.03
C PRO B 403 35.61 -18.10 -5.19
N PRO B 404 36.14 -18.16 -6.43
CA PRO B 404 35.28 -18.30 -7.61
C PRO B 404 34.58 -19.65 -7.67
N ILE B 405 33.39 -19.64 -8.27
CA ILE B 405 32.57 -20.84 -8.40
C ILE B 405 33.13 -21.71 -9.52
N GLN B 406 32.96 -23.03 -9.38
CA GLN B 406 33.42 -23.95 -10.40
C GLN B 406 32.52 -23.86 -11.64
N GLY B 407 33.10 -24.21 -12.78
CA GLY B 407 32.41 -24.15 -14.05
C GLY B 407 32.95 -23.03 -14.93
N VAL B 408 32.52 -23.06 -16.19
CA VAL B 408 32.96 -22.07 -17.17
C VAL B 408 32.25 -20.76 -16.90
N ILE B 409 32.97 -19.64 -17.07
CA ILE B 409 32.39 -18.30 -16.93
C ILE B 409 32.71 -17.54 -18.21
N ARG B 410 31.68 -17.30 -19.02
CA ARG B 410 31.85 -16.69 -20.34
C ARG B 410 31.02 -15.41 -20.43
N CYS B 411 31.60 -14.36 -21.02
CA CYS B 411 30.85 -13.15 -21.31
C CYS B 411 31.43 -12.45 -22.53
N VAL B 412 30.55 -12.12 -23.46
CA VAL B 412 30.90 -11.35 -24.66
C VAL B 412 30.26 -9.98 -24.54
N SER B 413 31.03 -8.95 -24.87
CA SER B 413 30.55 -7.58 -24.72
C SER B 413 31.06 -6.73 -25.88
N ASN B 414 30.56 -5.50 -25.93
CA ASN B 414 30.88 -4.54 -26.98
C ASN B 414 31.62 -3.36 -26.37
N ILE B 415 32.92 -3.26 -26.65
CA ILE B 415 33.69 -2.09 -26.26
C ILE B 415 33.25 -0.93 -27.14
N THR B 416 32.74 0.14 -26.51
CA THR B 416 32.23 1.31 -27.20
C THR B 416 32.91 2.61 -26.80
N GLY B 417 33.64 2.65 -25.69
CA GLY B 417 34.22 3.88 -25.23
C GLY B 417 35.55 3.68 -24.52
N LEU B 418 36.33 4.76 -24.46
CA LEU B 418 37.63 4.78 -23.83
C LEU B 418 37.74 5.98 -22.91
N ILE B 419 38.57 5.84 -21.87
CA ILE B 419 38.90 6.94 -20.97
C ILE B 419 40.42 7.11 -21.05
N LEU B 420 40.86 8.13 -21.79
CA LEU B 420 42.28 8.42 -21.95
C LEU B 420 42.64 9.68 -21.17
N THR B 421 43.94 9.87 -20.97
CA THR B 421 44.45 11.02 -20.23
C THR B 421 45.79 11.41 -20.85
N ARG B 422 45.92 12.69 -21.20
CA ARG B 422 47.16 13.18 -21.75
C ARG B 422 48.23 13.28 -20.66
N ASP B 423 49.47 13.04 -21.05
CA ASP B 423 50.62 13.26 -20.19
C ASP B 423 51.39 14.44 -20.78
N GLY B 424 50.98 15.65 -20.40
CA GLY B 424 51.58 16.85 -20.95
C GLY B 424 52.91 17.16 -20.29
N GLY B 425 53.91 17.43 -21.10
CA GLY B 425 55.23 17.75 -20.60
C GLY B 425 56.01 18.67 -21.51
N SER B 426 57.29 18.38 -21.70
CA SER B 426 58.13 19.19 -22.58
C SER B 426 59.00 18.31 -23.47
N THR B 430 56.53 18.88 -29.76
CA THR B 430 56.98 17.53 -29.43
C THR B 430 55.82 16.54 -29.48
N THR B 431 56.12 15.28 -29.20
CA THR B 431 55.11 14.23 -29.24
C THR B 431 54.28 14.24 -27.96
N GLU B 432 53.12 13.59 -28.04
CA GLU B 432 52.21 13.46 -26.91
C GLU B 432 51.87 11.99 -26.69
N THR B 433 51.85 11.58 -25.43
CA THR B 433 51.55 10.20 -25.05
C THR B 433 50.28 10.17 -24.23
N PHE B 434 49.35 9.31 -24.62
CA PHE B 434 48.08 9.15 -23.92
C PHE B 434 48.10 7.87 -23.10
N ARG B 435 47.76 7.99 -21.82
CA ARG B 435 47.68 6.84 -20.94
C ARG B 435 46.25 6.70 -20.42
N PRO B 436 45.73 5.49 -20.31
CA PRO B 436 44.34 5.32 -19.86
C PRO B 436 44.21 5.51 -18.36
N GLY B 437 42.98 5.36 -17.88
CA GLY B 437 42.69 5.59 -16.48
C GLY B 437 41.22 5.46 -16.16
N GLY B 438 40.67 6.43 -15.45
CA GLY B 438 39.29 6.37 -15.02
C GLY B 438 39.18 5.94 -13.58
N GLY B 439 38.07 5.34 -13.20
CA GLY B 439 37.88 4.91 -11.83
C GLY B 439 36.82 5.72 -11.12
N ASP B 440 36.81 7.03 -11.38
CA ASP B 440 35.69 7.89 -10.94
C ASP B 440 34.48 7.50 -11.78
N MET B 441 33.54 6.79 -11.15
CA MET B 441 32.53 6.07 -11.90
C MET B 441 31.48 6.97 -12.52
N ARG B 442 31.41 8.24 -12.09
CA ARG B 442 30.54 9.23 -12.71
C ARG B 442 30.87 9.42 -14.18
N ASP B 443 32.17 9.37 -14.52
CA ASP B 443 32.62 9.44 -15.91
C ASP B 443 32.16 8.26 -16.74
N ASN B 444 31.79 7.14 -16.11
CA ASN B 444 31.16 6.06 -16.87
C ASN B 444 29.74 6.42 -17.27
N TRP B 445 29.02 7.15 -16.41
CA TRP B 445 27.66 7.56 -16.71
C TRP B 445 27.56 8.97 -17.24
N ARG B 446 28.67 9.69 -17.32
CA ARG B 446 28.70 10.99 -17.97
C ARG B 446 28.98 10.88 -19.46
N SER B 447 29.16 9.66 -19.97
CA SER B 447 29.26 9.39 -21.40
C SER B 447 27.99 8.81 -21.98
N GLU B 448 26.95 8.60 -21.16
CA GLU B 448 25.66 8.13 -21.63
C GLU B 448 24.51 9.05 -21.26
N LEU B 449 24.69 9.94 -20.29
CA LEU B 449 23.77 11.04 -20.02
C LEU B 449 24.39 12.36 -20.48
N TYR B 450 25.09 12.31 -21.61
CA TYR B 450 25.91 13.42 -22.07
C TYR B 450 25.14 14.46 -22.86
N LYS B 451 23.85 14.25 -23.12
CA LYS B 451 23.12 15.16 -24.00
C LYS B 451 21.72 15.46 -23.47
N TYR B 452 21.52 15.34 -22.16
CA TYR B 452 20.19 15.50 -21.58
C TYR B 452 20.20 16.61 -20.54
N LYS B 453 19.06 17.30 -20.42
CA LYS B 453 18.90 18.39 -19.49
C LYS B 453 17.52 18.29 -18.86
N VAL B 454 17.43 18.61 -17.56
CA VAL B 454 16.18 18.57 -16.83
C VAL B 454 15.69 20.01 -16.64
N VAL B 455 14.49 20.30 -17.13
CA VAL B 455 13.94 21.65 -17.07
C VAL B 455 12.63 21.62 -16.30
N LYS B 456 12.40 22.67 -15.52
CA LYS B 456 11.17 22.86 -14.78
C LYS B 456 10.23 23.72 -15.59
N ILE B 457 9.04 23.20 -15.88
CA ILE B 457 8.02 23.99 -16.57
C ILE B 457 7.45 25.02 -15.59
N GLU B 458 7.09 26.18 -16.13
CA GLU B 458 6.57 27.28 -15.31
C GLU B 458 5.58 28.06 -16.17
N PRO B 459 4.37 27.55 -16.34
CA PRO B 459 3.42 28.19 -17.26
C PRO B 459 2.60 29.28 -16.60
N LEU B 460 3.27 30.38 -16.26
CA LEU B 460 2.60 31.55 -15.68
C LEU B 460 3.43 32.77 -16.07
N GLY B 461 2.97 33.48 -17.10
CA GLY B 461 3.68 34.65 -17.57
C GLY B 461 2.85 35.91 -17.49
N VAL B 462 3.50 37.07 -17.63
CA VAL B 462 2.81 38.35 -17.68
C VAL B 462 3.29 39.10 -18.93
N ALA B 463 2.39 39.90 -19.50
CA ALA B 463 2.71 40.63 -20.72
C ALA B 463 1.82 41.86 -20.81
N PRO B 464 2.32 42.98 -21.33
CA PRO B 464 1.46 44.17 -21.48
C PRO B 464 0.78 44.28 -22.83
N THR B 465 -0.51 44.59 -22.84
CA THR B 465 -1.25 44.96 -24.05
C THR B 465 -2.43 45.84 -23.66
N ARG B 466 -3.33 46.08 -24.61
CA ARG B 466 -4.30 47.19 -24.53
C ARG B 466 -5.68 46.76 -24.02
N CYS B 467 -5.75 45.89 -23.02
CA CYS B 467 -7.04 45.66 -22.36
C CYS B 467 -7.47 46.85 -21.50
N LYS B 468 -8.72 46.76 -21.05
CA LYS B 468 -9.24 47.57 -19.97
C LYS B 468 -9.84 46.64 -18.92
N ARG B 469 -9.86 47.12 -17.68
CA ARG B 469 -10.42 46.42 -16.51
C ARG B 469 -9.80 45.06 -16.26
N ASN C 1 -32.23 47.58 1.40
CA ASN C 1 -31.30 48.49 0.72
C ASN C 1 -29.90 47.89 0.68
N LEU C 2 -29.51 47.20 1.75
CA LEU C 2 -28.20 46.58 1.85
C LEU C 2 -28.36 45.07 1.62
N TRP C 3 -27.40 44.48 0.93
CA TRP C 3 -27.51 43.12 0.42
C TRP C 3 -26.45 42.23 1.06
N VAL C 4 -26.40 40.98 0.60
CA VAL C 4 -25.66 39.90 1.25
C VAL C 4 -24.46 39.52 0.40
N THR C 5 -23.29 39.46 1.03
CA THR C 5 -22.07 38.97 0.39
C THR C 5 -21.50 37.81 1.19
N VAL C 6 -21.04 36.80 0.48
CA VAL C 6 -20.36 35.66 1.08
C VAL C 6 -18.88 35.97 1.18
N TYR C 7 -18.25 35.48 2.24
CA TYR C 7 -16.82 35.63 2.47
C TYR C 7 -16.21 34.26 2.69
N TYR C 8 -15.13 33.98 1.97
CA TYR C 8 -14.43 32.72 2.05
C TYR C 8 -13.13 32.90 2.83
N GLY C 9 -12.94 32.06 3.84
CA GLY C 9 -11.72 32.08 4.63
C GLY C 9 -11.76 32.89 5.90
N VAL C 10 -12.94 33.11 6.49
CA VAL C 10 -13.07 33.88 7.72
C VAL C 10 -12.55 33.03 8.90
N PRO C 11 -11.96 33.66 9.94
CA PRO C 11 -11.42 32.87 11.06
C PRO C 11 -12.43 32.54 12.17
N VAL C 12 -13.27 31.55 11.91
CA VAL C 12 -14.26 31.11 12.89
C VAL C 12 -14.11 29.62 13.11
N TRP C 13 -14.60 29.15 14.26
CA TRP C 13 -14.55 27.74 14.61
C TRP C 13 -15.77 27.39 15.45
N LYS C 14 -16.11 26.10 15.41
CA LYS C 14 -17.18 25.54 16.23
C LYS C 14 -16.65 24.36 17.01
N ASP C 15 -17.33 24.03 18.10
CA ASP C 15 -16.88 22.96 18.99
C ASP C 15 -17.20 21.60 18.36
N ALA C 16 -16.16 20.83 18.07
CA ALA C 16 -16.29 19.55 17.40
C ALA C 16 -15.89 18.41 18.33
N GLU C 17 -16.20 17.19 17.90
CA GLU C 17 -15.92 15.99 18.69
C GLU C 17 -15.40 14.88 17.78
N THR C 18 -14.47 15.23 16.88
CA THR C 18 -13.97 14.27 15.91
C THR C 18 -12.91 13.36 16.54
N THR C 19 -12.44 12.40 15.75
CA THR C 19 -11.35 11.53 16.16
C THR C 19 -10.02 12.13 15.73
N LEU C 20 -8.94 11.65 16.36
CA LEU C 20 -7.60 12.15 16.09
C LEU C 20 -6.67 10.96 15.86
N PHE C 21 -5.65 11.18 15.04
CA PHE C 21 -4.57 10.20 14.93
C PHE C 21 -3.48 10.56 15.93
N CYS C 22 -2.73 9.54 16.34
CA CYS C 22 -1.70 9.73 17.35
C CYS C 22 -0.49 10.50 16.82
N ALA C 23 0.26 9.90 15.90
CA ALA C 23 1.56 10.38 15.41
C ALA C 23 2.57 10.54 16.55
N SER C 24 2.92 9.39 17.13
CA SER C 24 3.98 9.31 18.13
C SER C 24 5.33 9.14 17.44
N ASP C 25 6.38 8.83 18.22
CA ASP C 25 7.73 8.67 17.70
C ASP C 25 8.13 7.20 17.85
N ALA C 26 7.94 6.42 16.80
CA ALA C 26 8.24 5.00 16.80
C ALA C 26 9.54 4.73 16.04
N LYS C 27 10.26 3.71 16.51
CA LYS C 27 11.54 3.33 15.91
C LYS C 27 11.41 2.21 14.89
N ALA C 28 10.29 1.47 14.91
CA ALA C 28 9.91 0.43 13.94
C ALA C 28 10.86 -0.77 13.92
N TYR C 29 11.71 -0.94 14.93
CA TYR C 29 12.46 -2.19 15.08
C TYR C 29 12.52 -2.70 16.51
N GLU C 30 12.17 -1.90 17.50
CA GLU C 30 12.34 -2.26 18.90
C GLU C 30 11.21 -3.17 19.36
N THR C 31 11.54 -4.09 20.28
CA THR C 31 10.57 -4.99 20.90
C THR C 31 10.14 -4.47 22.27
N GLU C 32 9.94 -3.16 22.38
CA GLU C 32 9.55 -2.52 23.62
C GLU C 32 8.14 -2.94 24.06
N LYS C 33 7.29 -3.29 23.08
CA LYS C 33 5.85 -3.58 23.11
C LYS C 33 5.00 -2.32 23.26
N HIS C 34 5.62 -1.16 23.47
CA HIS C 34 5.00 0.12 23.18
C HIS C 34 5.31 0.56 21.76
N ASN C 35 6.52 0.25 21.28
CA ASN C 35 6.93 0.65 19.94
C ASN C 35 6.27 -0.20 18.86
N VAL C 36 6.01 -1.48 19.14
CA VAL C 36 5.34 -2.32 18.16
C VAL C 36 3.86 -1.97 18.05
N TRP C 37 3.28 -1.36 19.11
CA TRP C 37 1.95 -0.78 18.99
C TRP C 37 2.03 0.56 18.26
N ALA C 38 3.10 1.32 18.49
CA ALA C 38 3.24 2.64 17.88
C ALA C 38 3.55 2.52 16.39
N THR C 39 4.36 1.54 16.00
CA THR C 39 4.70 1.40 14.58
C THR C 39 3.56 0.81 13.74
N HIS C 40 2.49 0.33 14.37
CA HIS C 40 1.33 -0.18 13.66
C HIS C 40 0.12 0.75 13.76
N ALA C 41 0.23 1.85 14.52
CA ALA C 41 -0.87 2.80 14.63
C ALA C 41 -0.46 4.25 14.51
N CYS C 42 0.82 4.59 14.65
CA CYS C 42 1.27 5.98 14.62
C CYS C 42 2.21 6.21 13.44
N VAL C 43 2.12 7.40 12.87
CA VAL C 43 2.99 7.87 11.79
C VAL C 43 4.08 8.68 12.49
N PRO C 44 5.23 8.98 11.87
CA PRO C 44 6.27 9.73 12.60
C PRO C 44 5.88 11.18 12.84
N THR C 45 6.50 11.76 13.85
CA THR C 45 6.14 13.09 14.32
C THR C 45 6.69 14.17 13.39
N ASP C 46 6.30 15.41 13.67
CA ASP C 46 6.74 16.55 12.90
C ASP C 46 7.89 17.24 13.61
N PRO C 47 9.08 17.32 13.02
CA PRO C 47 10.21 17.98 13.70
C PRO C 47 10.12 19.50 13.71
N ASN C 48 9.17 20.09 13.00
CA ASN C 48 8.95 21.53 12.99
C ASN C 48 7.53 21.79 13.47
N PRO C 49 7.31 21.93 14.78
CA PRO C 49 5.95 22.14 15.29
C PRO C 49 5.46 23.56 14.99
N GLN C 50 4.18 23.65 14.67
CA GLN C 50 3.55 24.92 14.35
C GLN C 50 2.83 25.46 15.58
N GLU C 51 3.15 26.70 15.96
CA GLU C 51 2.54 27.35 17.11
C GLU C 51 2.21 28.77 16.69
N ILE C 52 0.92 29.11 16.69
CA ILE C 52 0.45 30.43 16.29
C ILE C 52 -0.24 31.06 17.49
N HIS C 53 0.40 32.07 18.08
CA HIS C 53 -0.20 32.80 19.18
C HIS C 53 -1.28 33.72 18.65
N LEU C 54 -2.46 33.64 19.24
CA LEU C 54 -3.62 34.37 18.75
C LEU C 54 -3.69 35.76 19.37
N GLU C 55 -4.58 36.59 18.83
CA GLU C 55 -4.81 37.94 19.34
C GLU C 55 -5.73 37.87 20.56
N ASN C 56 -6.26 39.02 20.97
CA ASN C 56 -7.05 39.13 22.20
C ASN C 56 -8.42 38.50 21.99
N VAL C 57 -8.46 37.18 22.10
CA VAL C 57 -9.69 36.40 22.02
C VAL C 57 -9.71 35.43 23.20
N THR C 58 -10.85 35.35 23.88
CA THR C 58 -11.02 34.51 25.06
C THR C 58 -11.92 33.33 24.70
N GLU C 59 -11.53 32.13 25.14
CA GLU C 59 -12.26 30.92 24.82
C GLU C 59 -12.75 30.25 26.09
N GLU C 60 -13.99 29.76 26.05
CA GLU C 60 -14.59 29.08 27.21
C GLU C 60 -14.14 27.63 27.20
N PHE C 61 -13.10 27.33 27.97
CA PHE C 61 -12.58 25.97 28.04
C PHE C 61 -13.43 25.13 28.99
N ASN C 62 -13.17 23.82 28.96
CA ASN C 62 -13.76 22.90 29.92
C ASN C 62 -12.82 21.72 30.11
N MET C 63 -12.74 21.24 31.35
CA MET C 63 -11.84 20.16 31.72
C MET C 63 -12.57 18.83 31.85
N TRP C 64 -13.66 18.80 32.64
CA TRP C 64 -14.29 17.55 33.04
C TRP C 64 -15.29 17.04 32.01
N LYS C 65 -15.62 17.84 31.00
CA LYS C 65 -16.49 17.42 29.91
C LYS C 65 -15.74 17.41 28.58
N ASN C 66 -14.46 17.03 28.63
CA ASN C 66 -13.64 16.99 27.43
C ASN C 66 -13.99 15.77 26.58
N ASN C 67 -13.51 15.77 25.34
CA ASN C 67 -13.73 14.65 24.44
C ASN C 67 -12.42 14.26 23.77
N MET C 68 -11.34 14.31 24.55
CA MET C 68 -10.10 13.63 24.22
C MET C 68 -9.66 12.66 25.30
N VAL C 69 -10.26 12.73 26.48
CA VAL C 69 -10.03 11.73 27.52
C VAL C 69 -10.60 10.38 27.07
N GLU C 70 -11.81 10.39 26.52
CA GLU C 70 -12.44 9.17 26.01
C GLU C 70 -11.78 8.65 24.74
N GLN C 71 -10.94 9.44 24.08
CA GLN C 71 -10.16 8.96 22.95
C GLN C 71 -8.77 8.49 23.36
N MET C 72 -8.22 9.07 24.43
CA MET C 72 -7.07 8.48 25.11
C MET C 72 -7.39 7.09 25.64
N HIS C 73 -8.58 6.96 26.25
CA HIS C 73 -8.92 5.79 27.06
C HIS C 73 -9.04 4.54 26.22
N THR C 74 -9.70 4.63 25.07
CA THR C 74 -9.85 3.48 24.17
C THR C 74 -8.51 3.05 23.58
N ASP C 75 -7.64 4.03 23.26
CA ASP C 75 -6.32 3.71 22.73
C ASP C 75 -5.45 3.01 23.77
N ILE C 76 -5.54 3.44 25.03
CA ILE C 76 -4.74 2.80 26.07
C ILE C 76 -5.29 1.41 26.42
N ILE C 77 -6.62 1.23 26.35
CA ILE C 77 -7.21 -0.11 26.48
C ILE C 77 -6.75 -1.03 25.36
N SER C 78 -6.67 -0.49 24.13
CA SER C 78 -6.17 -1.28 22.99
C SER C 78 -4.70 -1.64 23.18
N LEU C 79 -3.90 -0.71 23.71
CA LEU C 79 -2.49 -0.97 23.99
C LEU C 79 -2.33 -2.07 25.05
N TRP C 80 -3.12 -2.00 26.12
CA TRP C 80 -3.01 -3.01 27.18
C TRP C 80 -3.62 -4.34 26.80
N ASP C 81 -4.53 -4.37 25.82
CA ASP C 81 -5.05 -5.65 25.36
C ASP C 81 -4.21 -6.26 24.24
N GLN C 82 -3.40 -5.46 23.55
CA GLN C 82 -2.50 -5.98 22.53
C GLN C 82 -1.05 -6.10 23.00
N SER C 83 -0.75 -5.70 24.24
CA SER C 83 0.63 -5.68 24.72
C SER C 83 0.88 -6.71 25.82
N LEU C 84 0.13 -6.65 26.92
CA LEU C 84 0.35 -7.52 28.07
C LEU C 84 -0.72 -8.59 28.08
N LYS C 85 -0.44 -9.73 27.46
CA LYS C 85 -1.38 -10.82 27.42
C LYS C 85 -1.37 -11.56 28.76
N PRO C 86 -2.49 -11.65 29.47
CA PRO C 86 -2.51 -12.36 30.75
C PRO C 86 -2.72 -13.86 30.56
N CYS C 87 -2.41 -14.59 31.64
CA CYS C 87 -2.54 -16.04 31.59
C CYS C 87 -3.99 -16.47 31.77
N VAL C 88 -4.65 -15.99 32.82
CA VAL C 88 -6.04 -16.34 33.08
C VAL C 88 -6.87 -15.06 33.16
N LYS C 89 -7.97 -15.01 32.41
CA LYS C 89 -8.93 -13.91 32.46
C LYS C 89 -10.23 -14.38 33.08
N LEU C 90 -10.89 -13.47 33.80
CA LEU C 90 -12.21 -13.74 34.37
C LEU C 90 -13.07 -12.48 34.19
N THR C 91 -13.96 -12.52 33.20
CA THR C 91 -14.85 -11.40 32.92
C THR C 91 -16.29 -11.84 33.11
N PRO C 92 -17.05 -11.19 34.00
CA PRO C 92 -18.49 -11.49 34.10
C PRO C 92 -19.24 -11.10 32.84
N LEU C 93 -20.23 -11.92 32.48
CA LEU C 93 -20.94 -11.77 31.22
C LEU C 93 -22.41 -11.42 31.44
N CYS C 94 -23.17 -12.26 32.16
CA CYS C 94 -24.48 -11.96 32.74
C CYS C 94 -25.53 -11.56 31.69
N VAL C 95 -25.88 -12.54 30.85
CA VAL C 95 -27.02 -12.38 29.95
C VAL C 95 -28.30 -12.34 30.77
N THR C 96 -29.14 -11.34 30.52
CA THR C 96 -30.44 -11.20 31.17
C THR C 96 -31.38 -12.34 30.80
N ARG C 160 -35.34 -8.07 38.70
CA ARG C 160 -34.67 -8.63 39.87
C ARG C 160 -34.39 -10.12 39.70
N LEU C 161 -34.88 -10.68 38.60
CA LEU C 161 -34.70 -12.09 38.28
C LEU C 161 -33.58 -12.21 37.25
N ILE C 162 -32.34 -12.28 37.74
CA ILE C 162 -31.18 -12.38 36.87
C ILE C 162 -30.09 -13.15 37.62
N ASN C 163 -29.24 -13.81 36.86
CA ASN C 163 -28.08 -14.52 37.39
C ASN C 163 -26.91 -14.34 36.42
N CYS C 164 -25.72 -14.11 36.96
CA CYS C 164 -24.55 -13.82 36.16
C CYS C 164 -23.53 -14.94 36.31
N ASN C 165 -22.99 -15.39 35.18
CA ASN C 165 -21.93 -16.39 35.15
C ASN C 165 -20.65 -15.77 34.61
N THR C 166 -19.52 -16.29 35.06
CA THR C 166 -18.21 -15.74 34.73
C THR C 166 -17.57 -16.59 33.64
N SER C 167 -17.21 -15.95 32.52
CA SER C 167 -16.48 -16.63 31.47
C SER C 167 -15.00 -16.75 31.85
N ALA C 168 -14.30 -17.62 31.14
CA ALA C 168 -12.89 -17.86 31.41
C ALA C 168 -12.20 -18.31 30.14
N ILE C 169 -11.21 -17.54 29.71
CA ILE C 169 -10.38 -17.89 28.56
C ILE C 169 -8.95 -18.09 29.03
N THR C 170 -8.22 -18.93 28.32
CA THR C 170 -6.82 -19.22 28.62
C THR C 170 -5.98 -18.88 27.41
N GLN C 171 -4.96 -18.04 27.63
CA GLN C 171 -4.08 -17.58 26.56
C GLN C 171 -2.64 -17.85 26.94
N ALA C 172 -1.80 -18.05 25.92
CA ALA C 172 -0.38 -18.25 26.13
C ALA C 172 0.27 -16.95 26.56
N CYS C 173 0.79 -16.93 27.78
CA CYS C 173 1.31 -15.70 28.37
C CYS C 173 2.84 -15.69 28.43
N PRO C 174 3.51 -14.85 27.63
CA PRO C 174 4.95 -14.66 27.81
C PRO C 174 5.25 -13.52 28.77
N LYS C 175 6.53 -13.22 28.97
CA LYS C 175 6.96 -12.04 29.72
C LYS C 175 7.68 -11.12 28.75
N VAL C 176 7.17 -9.90 28.60
CA VAL C 176 7.68 -8.96 27.63
C VAL C 176 8.13 -7.69 28.34
N SER C 177 8.93 -6.89 27.64
CA SER C 177 9.36 -5.60 28.15
C SER C 177 8.18 -4.62 28.16
N PHE C 178 8.29 -3.61 29.01
CA PHE C 178 7.19 -2.66 29.18
C PHE C 178 7.76 -1.35 29.72
N GLU C 179 7.68 -0.29 28.91
CA GLU C 179 8.07 1.05 29.32
C GLU C 179 7.29 2.04 28.46
N PRO C 180 6.73 3.09 29.06
CA PRO C 180 5.95 4.05 28.27
C PRO C 180 6.85 4.93 27.40
N ILE C 181 6.34 5.24 26.20
CA ILE C 181 7.02 6.13 25.26
C ILE C 181 6.19 7.39 25.13
N PRO C 182 6.78 8.54 24.80
CA PRO C 182 5.97 9.75 24.61
C PRO C 182 5.08 9.65 23.38
N ILE C 183 3.83 10.09 23.54
CA ILE C 183 2.80 9.97 22.51
C ILE C 183 2.21 11.35 22.27
N HIS C 184 2.24 11.80 21.01
CA HIS C 184 1.56 13.02 20.62
C HIS C 184 0.12 12.67 20.23
N TYR C 185 -0.74 13.70 20.20
CA TYR C 185 -2.11 13.65 19.68
C TYR C 185 -2.30 14.75 18.64
N CYS C 186 -2.37 14.38 17.36
CA CYS C 186 -2.49 15.37 16.29
C CYS C 186 -3.79 15.23 15.54
N ALA C 187 -4.50 16.38 15.41
CA ALA C 187 -5.78 16.50 14.73
C ALA C 187 -5.61 16.45 13.21
N PRO C 188 -6.59 15.91 12.47
CA PRO C 188 -6.48 15.86 11.01
C PRO C 188 -6.69 17.20 10.33
N ALA C 189 -6.70 17.19 8.99
CA ALA C 189 -6.86 18.42 8.23
C ALA C 189 -8.28 18.97 8.36
N GLY C 190 -8.38 20.29 8.50
CA GLY C 190 -9.65 20.98 8.69
C GLY C 190 -9.89 21.38 10.14
N PHE C 191 -9.45 20.57 11.09
CA PHE C 191 -9.63 20.85 12.50
C PHE C 191 -8.41 21.57 13.06
N ALA C 192 -8.53 22.00 14.32
CA ALA C 192 -7.45 22.72 14.99
C ALA C 192 -7.53 22.43 16.49
N ILE C 193 -6.40 22.65 17.16
CA ILE C 193 -6.28 22.42 18.60
C ILE C 193 -5.93 23.75 19.25
N LEU C 194 -6.74 24.15 20.22
CA LEU C 194 -6.52 25.36 21.00
C LEU C 194 -5.92 24.98 22.35
N LYS C 195 -4.91 25.74 22.77
CA LYS C 195 -4.19 25.49 24.02
C LYS C 195 -4.25 26.75 24.87
N CYS C 196 -4.62 26.59 26.14
CA CYS C 196 -4.70 27.71 27.06
C CYS C 196 -3.36 27.91 27.74
N LYS C 197 -2.72 29.05 27.48
CA LYS C 197 -1.39 29.33 27.98
C LYS C 197 -1.38 30.05 29.32
N ASP C 198 -2.53 30.14 29.99
CA ASP C 198 -2.60 30.82 31.28
C ASP C 198 -1.93 29.96 32.35
N LYS C 199 -1.05 30.58 33.13
CA LYS C 199 -0.30 29.88 34.17
C LYS C 199 -1.07 29.73 35.47
N LYS C 200 -2.25 30.35 35.57
CA LYS C 200 -3.10 30.26 36.77
C LYS C 200 -4.49 29.78 36.37
N PHE C 201 -4.54 28.71 35.58
CA PHE C 201 -5.80 28.20 35.07
C PHE C 201 -6.55 27.43 36.16
N ASN C 202 -7.83 27.79 36.35
CA ASN C 202 -8.66 27.07 37.32
C ASN C 202 -9.04 25.68 36.81
N GLY C 203 -9.08 25.51 35.49
CA GLY C 203 -9.49 24.25 34.91
C GLY C 203 -10.72 24.41 34.03
N THR C 204 -11.67 25.21 34.50
CA THR C 204 -12.90 25.50 33.76
C THR C 204 -12.98 27.00 33.48
N GLY C 205 -14.10 27.43 32.91
CA GLY C 205 -14.35 28.82 32.66
C GLY C 205 -13.61 29.35 31.45
N PRO C 206 -13.47 30.68 31.37
CA PRO C 206 -12.79 31.28 30.23
C PRO C 206 -11.29 31.37 30.40
N CYS C 207 -10.59 31.36 29.26
CA CYS C 207 -9.15 31.52 29.21
C CYS C 207 -8.85 32.62 28.20
N PRO C 208 -8.10 33.67 28.59
CA PRO C 208 -7.86 34.78 27.68
C PRO C 208 -6.67 34.57 26.74
N SER C 209 -5.67 33.81 27.19
CA SER C 209 -4.45 33.60 26.42
C SER C 209 -4.52 32.23 25.73
N VAL C 210 -5.29 32.18 24.65
CA VAL C 210 -5.44 30.98 23.85
C VAL C 210 -4.41 31.02 22.73
N SER C 211 -3.98 29.85 22.26
CA SER C 211 -3.00 29.76 21.19
C SER C 211 -3.30 28.54 20.33
N THR C 212 -3.18 28.70 19.02
CA THR C 212 -3.41 27.58 18.10
C THR C 212 -2.15 26.75 18.01
N VAL C 213 -2.26 25.46 18.30
CA VAL C 213 -1.13 24.53 18.29
C VAL C 213 -1.45 23.44 17.27
N GLN C 214 -0.46 23.10 16.43
CA GLN C 214 -0.64 22.03 15.47
C GLN C 214 -0.90 20.70 16.16
N CYS C 215 -0.02 20.31 17.08
CA CYS C 215 -0.32 19.27 18.06
C CYS C 215 0.61 19.35 19.26
N THR C 216 0.21 18.61 20.29
CA THR C 216 0.69 18.76 21.65
C THR C 216 2.11 18.22 21.83
N HIS C 217 2.56 18.29 23.08
CA HIS C 217 3.81 17.70 23.53
C HIS C 217 3.64 16.19 23.70
N GLY C 218 4.74 15.52 24.02
CA GLY C 218 4.71 14.08 24.20
C GLY C 218 4.09 13.73 25.53
N ILE C 219 2.90 13.14 25.51
CA ILE C 219 2.25 12.71 26.74
C ILE C 219 2.75 11.30 27.07
N LYS C 220 2.80 10.98 28.35
CA LYS C 220 3.29 9.67 28.78
C LYS C 220 2.12 8.85 29.29
N PRO C 221 1.77 7.73 28.64
CA PRO C 221 0.63 6.93 29.11
C PRO C 221 0.94 6.15 30.37
N VAL C 222 1.06 6.85 31.50
CA VAL C 222 1.37 6.21 32.77
C VAL C 222 0.11 5.51 33.30
N VAL C 223 0.30 4.31 33.84
CA VAL C 223 -0.78 3.53 34.41
C VAL C 223 -0.47 3.39 35.89
N SER C 224 -1.12 4.21 36.70
CA SER C 224 -0.82 4.30 38.12
C SER C 224 -1.97 4.98 38.85
N THR C 225 -2.51 4.29 39.85
CA THR C 225 -3.42 4.92 40.79
C THR C 225 -2.61 5.58 41.92
N GLN C 226 -3.31 6.40 42.71
CA GLN C 226 -2.91 6.86 44.05
C GLN C 226 -1.76 7.88 44.01
N LEU C 227 -1.14 8.08 42.84
CA LEU C 227 0.04 8.89 42.61
C LEU C 227 0.18 9.10 41.11
N LEU C 228 0.82 10.20 40.72
CA LEU C 228 1.09 10.48 39.32
C LEU C 228 2.59 10.35 39.06
N LEU C 229 2.94 9.58 38.05
CA LEU C 229 4.33 9.26 37.74
C LEU C 229 4.67 9.74 36.33
N ASN C 230 5.85 10.34 36.18
CA ASN C 230 6.41 10.80 34.91
C ASN C 230 5.49 11.81 34.21
N GLY C 231 4.83 12.66 35.00
CA GLY C 231 3.87 13.60 34.47
C GLY C 231 4.48 14.96 34.17
N SER C 232 3.64 15.83 33.61
CA SER C 232 4.02 17.19 33.32
C SER C 232 3.84 18.08 34.55
N LEU C 233 4.57 19.18 34.57
CA LEU C 233 4.62 20.06 35.73
C LEU C 233 3.92 21.37 35.46
N ALA C 234 3.48 22.02 36.53
CA ALA C 234 2.91 23.35 36.45
C ALA C 234 4.01 24.40 36.38
N GLU C 235 3.62 25.66 36.19
CA GLU C 235 4.57 26.74 35.98
C GLU C 235 4.82 27.57 37.23
N GLU C 236 3.77 28.13 37.82
CA GLU C 236 3.93 29.07 38.92
C GLU C 236 4.04 28.38 40.28
N GLU C 237 3.02 27.62 40.65
CA GLU C 237 2.99 26.96 41.95
C GLU C 237 2.13 25.71 41.86
N VAL C 238 1.85 25.11 43.01
CA VAL C 238 0.98 23.94 43.09
C VAL C 238 -0.45 24.34 42.77
N MET C 239 -1.08 23.63 41.85
CA MET C 239 -2.43 23.96 41.43
C MET C 239 -3.42 22.89 41.87
N ILE C 240 -4.62 23.33 42.22
CA ILE C 240 -5.70 22.49 42.73
C ILE C 240 -6.84 22.56 41.73
N ARG C 241 -7.20 21.42 41.15
CA ARG C 241 -8.26 21.34 40.15
C ARG C 241 -9.35 20.40 40.64
N SER C 242 -10.60 20.82 40.46
CA SER C 242 -11.76 20.02 40.84
C SER C 242 -12.95 20.47 40.03
N GLU C 243 -13.88 19.54 39.79
CA GLU C 243 -15.12 19.89 39.12
C GLU C 243 -16.03 20.69 40.03
N ASN C 244 -16.17 20.26 41.29
CA ASN C 244 -17.01 20.97 42.26
C ASN C 244 -16.47 20.64 43.65
N ILE C 245 -15.81 21.61 44.28
CA ILE C 245 -15.47 21.50 45.68
C ILE C 245 -16.75 21.67 46.50
N THR C 246 -16.75 21.12 47.73
CA THR C 246 -17.92 20.96 48.60
C THR C 246 -19.02 20.15 47.89
N ASN C 247 -18.61 19.00 47.37
CA ASN C 247 -19.50 17.99 46.83
C ASN C 247 -19.29 16.64 47.52
N ASN C 248 -18.07 16.40 48.02
CA ASN C 248 -17.63 15.20 48.74
C ASN C 248 -17.74 13.93 47.91
N ALA C 249 -17.77 14.06 46.58
CA ALA C 249 -17.78 12.91 45.69
C ALA C 249 -16.85 13.03 44.49
N LYS C 250 -16.35 14.22 44.17
CA LYS C 250 -15.45 14.42 43.04
C LYS C 250 -14.01 14.45 43.52
N ASN C 251 -13.13 13.86 42.73
CA ASN C 251 -11.72 13.82 43.07
C ASN C 251 -11.07 15.20 42.93
N ILE C 252 -10.03 15.42 43.72
CA ILE C 252 -9.25 16.66 43.67
C ILE C 252 -7.89 16.32 43.09
N LEU C 253 -7.54 16.97 41.99
CA LEU C 253 -6.25 16.78 41.34
C LEU C 253 -5.30 17.88 41.79
N VAL C 254 -4.09 17.49 42.19
CA VAL C 254 -3.09 18.42 42.69
C VAL C 254 -1.86 18.29 41.83
N GLN C 255 -1.41 19.39 41.24
CA GLN C 255 -0.24 19.39 40.38
C GLN C 255 0.88 20.19 41.04
N PHE C 256 2.06 19.59 41.14
CA PHE C 256 3.18 20.20 41.84
C PHE C 256 3.89 21.19 40.92
N ASN C 257 4.97 21.79 41.44
CA ASN C 257 5.84 22.64 40.64
C ASN C 257 7.28 22.14 40.60
N THR C 258 7.59 21.05 41.31
CA THR C 258 8.90 20.42 41.31
C THR C 258 8.69 18.92 41.33
N PRO C 259 9.57 18.14 40.68
CA PRO C 259 9.40 16.68 40.71
C PRO C 259 9.98 16.07 41.98
N VAL C 260 9.31 15.06 42.50
CA VAL C 260 9.79 14.33 43.67
C VAL C 260 10.38 13.01 43.20
N GLN C 261 11.68 12.82 43.41
CA GLN C 261 12.36 11.64 42.91
C GLN C 261 11.98 10.41 43.74
N ILE C 262 11.62 9.32 43.07
CA ILE C 262 11.31 8.07 43.75
C ILE C 262 12.05 6.93 43.05
N ASN C 263 12.79 6.13 43.81
CA ASN C 263 13.58 5.03 43.29
C ASN C 263 13.05 3.73 43.89
N CYS C 264 12.46 2.87 43.07
CA CYS C 264 11.52 1.91 43.64
C CYS C 264 11.77 0.57 42.94
N THR C 265 12.54 -0.31 43.58
CA THR C 265 13.21 -1.42 42.90
C THR C 265 13.14 -2.70 43.72
N ARG C 266 13.50 -3.80 43.06
CA ARG C 266 13.51 -5.14 43.64
C ARG C 266 14.96 -5.60 43.81
N PRO C 267 15.45 -5.78 45.03
CA PRO C 267 16.84 -6.21 45.22
C PRO C 267 17.04 -7.69 44.94
N ASN C 268 18.28 -8.05 44.65
CA ASN C 268 18.66 -9.43 44.37
C ASN C 268 18.57 -10.32 45.61
N ASP C 292 13.94 -13.52 49.43
CA ASP C 292 12.55 -13.36 49.01
C ASP C 292 12.45 -12.61 47.69
N ILE C 293 11.69 -13.16 46.76
CA ILE C 293 11.46 -12.50 45.48
C ILE C 293 10.28 -11.53 45.53
N ARG C 294 9.35 -11.72 46.46
CA ARG C 294 8.19 -10.84 46.61
C ARG C 294 8.43 -9.76 47.66
N GLN C 295 9.50 -9.00 47.44
CA GLN C 295 9.80 -7.82 48.25
C GLN C 295 10.47 -6.79 47.36
N ALA C 296 10.22 -5.52 47.64
CA ALA C 296 10.79 -4.43 46.86
C ALA C 296 10.94 -3.19 47.74
N HIS C 297 12.15 -2.63 47.75
CA HIS C 297 12.43 -1.43 48.52
C HIS C 297 12.23 -0.21 47.62
N CYS C 298 11.53 0.79 48.15
CA CYS C 298 10.96 1.84 47.30
C CYS C 298 11.10 3.17 48.02
N ASN C 299 12.21 3.86 47.76
CA ASN C 299 12.64 4.99 48.56
C ASN C 299 12.24 6.33 47.93
N VAL C 300 11.87 7.27 48.81
CA VAL C 300 11.59 8.65 48.44
C VAL C 300 12.28 9.54 49.48
N SER C 301 12.66 10.75 49.06
CA SER C 301 13.35 11.68 49.94
C SER C 301 12.37 12.32 50.92
N LYS C 302 12.78 12.45 52.18
CA LYS C 302 11.90 12.97 53.21
C LYS C 302 11.76 14.49 53.15
N ALA C 303 12.85 15.20 52.86
CA ALA C 303 12.84 16.66 52.92
C ALA C 303 12.05 17.26 51.76
N THR C 304 12.24 16.73 50.54
CA THR C 304 11.51 17.21 49.38
C THR C 304 10.02 16.89 49.50
N TRP C 305 9.69 15.72 50.04
CA TRP C 305 8.28 15.38 50.29
C TRP C 305 7.66 16.28 51.35
N ASN C 306 8.42 16.62 52.40
CA ASN C 306 7.93 17.51 53.42
C ASN C 306 7.68 18.92 52.88
N GLU C 307 8.61 19.42 52.04
CA GLU C 307 8.42 20.74 51.46
C GLU C 307 7.29 20.75 50.43
N THR C 308 7.12 19.65 49.70
CA THR C 308 6.00 19.53 48.76
C THR C 308 4.67 19.49 49.49
N LEU C 309 4.61 18.78 50.63
CA LEU C 309 3.39 18.79 51.44
C LEU C 309 3.15 20.14 52.09
N GLY C 310 4.21 20.88 52.40
CA GLY C 310 4.04 22.25 52.87
C GLY C 310 3.45 23.17 51.81
N LYS C 311 3.92 23.03 50.57
CA LYS C 311 3.33 23.77 49.45
C LYS C 311 1.87 23.37 49.24
N VAL C 312 1.57 22.08 49.38
CA VAL C 312 0.21 21.58 49.19
C VAL C 312 -0.72 22.12 50.27
N VAL C 313 -0.30 22.12 51.54
CA VAL C 313 -1.17 22.63 52.60
C VAL C 313 -1.30 24.15 52.52
N LYS C 314 -0.24 24.84 52.05
CA LYS C 314 -0.33 26.29 51.83
C LYS C 314 -1.34 26.62 50.74
N GLN C 315 -1.38 25.81 49.68
CA GLN C 315 -2.35 26.07 48.62
C GLN C 315 -3.76 25.63 49.00
N LEU C 316 -3.90 24.53 49.75
CA LEU C 316 -5.21 24.07 50.20
C LEU C 316 -5.82 24.99 51.26
N ARG C 317 -5.00 25.74 52.00
CA ARG C 317 -5.56 26.67 52.98
C ARG C 317 -6.25 27.87 52.35
N LYS C 318 -6.03 28.13 51.06
CA LYS C 318 -6.70 29.24 50.39
C LYS C 318 -8.18 28.96 50.17
N HIS C 319 -8.53 27.71 49.89
CA HIS C 319 -9.88 27.36 49.50
C HIS C 319 -10.81 27.04 50.66
N PHE C 320 -10.31 27.00 51.89
CA PHE C 320 -11.10 26.52 53.02
C PHE C 320 -11.20 27.49 54.19
N GLY C 321 -10.60 28.68 54.09
CA GLY C 321 -10.79 29.71 55.10
C GLY C 321 -9.54 30.11 55.87
N ASN C 322 -8.38 29.48 55.60
CA ASN C 322 -7.06 29.85 56.13
C ASN C 322 -6.98 29.73 57.65
N ASN C 323 -7.86 28.97 58.28
CA ASN C 323 -7.80 28.76 59.72
C ASN C 323 -8.14 27.33 60.12
N THR C 324 -8.27 26.41 59.17
CA THR C 324 -8.68 25.04 59.44
C THR C 324 -7.47 24.12 59.29
N ILE C 325 -7.15 23.39 60.37
CA ILE C 325 -6.08 22.40 60.31
C ILE C 325 -6.59 21.17 59.56
N ILE C 326 -5.78 20.65 58.64
CA ILE C 326 -6.16 19.50 57.85
C ILE C 326 -5.28 18.32 58.24
N ARG C 327 -5.76 17.12 57.92
CA ARG C 327 -5.12 15.88 58.30
C ARG C 327 -5.10 14.93 57.11
N PHE C 328 -4.00 14.20 56.96
CA PHE C 328 -3.84 13.22 55.88
C PHE C 328 -3.94 11.82 56.47
N ALA C 329 -5.06 11.15 56.19
CA ALA C 329 -5.22 9.76 56.56
C ALA C 329 -4.62 8.87 55.48
N ASN C 330 -4.64 7.55 55.70
CA ASN C 330 -4.00 6.64 54.75
C ASN C 330 -4.96 6.22 53.64
N SER C 331 -6.07 5.57 53.98
CA SER C 331 -7.06 5.07 53.03
C SER C 331 -8.31 4.69 53.83
N SER C 332 -9.31 4.14 53.14
CA SER C 332 -10.51 3.63 53.81
C SER C 332 -11.04 2.45 52.97
N GLY C 333 -10.62 1.25 53.34
CA GLY C 333 -11.08 0.00 52.75
C GLY C 333 -10.73 -0.12 51.28
N GLY C 334 -11.65 -0.74 50.53
CA GLY C 334 -11.49 -0.87 49.09
C GLY C 334 -10.63 -2.06 48.71
N ASP C 335 -10.46 -2.21 47.40
CA ASP C 335 -9.63 -3.26 46.85
C ASP C 335 -8.15 -2.92 47.03
N LEU C 336 -7.29 -3.90 46.74
CA LEU C 336 -5.85 -3.70 46.86
C LEU C 336 -5.29 -2.78 45.79
N GLU C 337 -6.03 -2.56 44.70
CA GLU C 337 -5.59 -1.68 43.62
C GLU C 337 -6.00 -0.23 43.83
N VAL C 338 -6.57 0.10 44.99
CA VAL C 338 -6.92 1.48 45.34
C VAL C 338 -6.26 1.90 46.65
N THR C 339 -6.35 1.04 47.67
CA THR C 339 -5.84 1.35 49.01
C THR C 339 -4.32 1.50 49.08
N THR C 340 -3.59 1.03 48.07
CA THR C 340 -2.16 1.24 47.96
C THR C 340 -1.87 2.00 46.67
N HIS C 341 -0.58 2.17 46.38
CA HIS C 341 -0.12 2.81 45.15
C HIS C 341 0.30 1.69 44.20
N SER C 342 -0.48 1.50 43.14
CA SER C 342 -0.31 0.38 42.23
C SER C 342 0.11 0.89 40.86
N PHE C 343 1.15 0.31 40.31
CA PHE C 343 1.66 0.71 38.99
C PHE C 343 2.39 -0.47 38.36
N ASN C 344 3.02 -0.21 37.22
CA ASN C 344 3.78 -1.23 36.50
C ASN C 344 5.22 -0.76 36.35
N CYS C 345 6.16 -1.69 36.60
CA CYS C 345 7.59 -1.39 36.52
C CYS C 345 8.28 -2.56 35.84
N GLY C 346 8.59 -2.41 34.56
CA GLY C 346 9.29 -3.43 33.81
C GLY C 346 8.51 -4.71 33.56
N GLY C 347 7.22 -4.60 33.23
CA GLY C 347 6.42 -5.78 32.98
C GLY C 347 6.01 -6.53 34.22
N GLU C 348 5.83 -5.84 35.33
CA GLU C 348 5.43 -6.47 36.58
C GLU C 348 4.62 -5.47 37.40
N PHE C 349 3.62 -5.98 38.11
CA PHE C 349 2.67 -5.14 38.83
C PHE C 349 3.19 -4.89 40.25
N PHE C 350 3.45 -3.63 40.56
CA PHE C 350 3.95 -3.23 41.88
C PHE C 350 2.80 -2.62 42.68
N TYR C 351 2.68 -3.07 43.93
CA TYR C 351 1.64 -2.62 44.87
C TYR C 351 2.36 -2.12 46.13
N CYS C 352 2.73 -0.85 46.14
CA CYS C 352 3.52 -0.27 47.22
C CYS C 352 2.60 0.47 48.19
N ASN C 353 2.80 0.23 49.48
CA ASN C 353 1.98 0.87 50.51
C ASN C 353 2.31 2.36 50.60
N THR C 354 1.30 3.15 50.98
CA THR C 354 1.45 4.58 51.19
C THR C 354 1.06 4.97 52.60
N SER C 355 1.21 4.05 53.56
CA SER C 355 0.90 4.36 54.95
C SER C 355 1.95 5.26 55.59
N GLY C 356 3.17 5.26 55.08
CA GLY C 356 4.25 6.06 55.60
C GLY C 356 4.40 7.43 55.00
N LEU C 357 3.48 7.84 54.12
CA LEU C 357 3.53 9.16 53.49
C LEU C 357 2.45 10.10 54.03
N PHE C 358 1.20 9.65 54.05
CA PHE C 358 0.07 10.48 54.48
C PHE C 358 -0.27 10.12 55.92
N ASN C 359 0.48 10.71 56.85
CA ASN C 359 0.25 10.50 58.27
C ASN C 359 0.33 11.78 59.10
N SER C 360 0.82 12.89 58.56
CA SER C 360 1.04 14.10 59.33
C SER C 360 -0.27 14.88 59.51
N THR C 361 -0.22 15.85 60.42
CA THR C 361 -1.31 16.77 60.66
C THR C 361 -0.75 18.19 60.68
N TRP C 362 -1.25 19.03 59.79
CA TRP C 362 -0.73 20.39 59.62
C TRP C 362 -1.70 21.38 60.24
N ILE C 363 -1.19 22.19 61.16
CA ILE C 363 -1.99 23.21 61.83
C ILE C 363 -1.46 24.59 61.45
N SER C 364 -2.17 25.63 61.89
CA SER C 364 -1.78 27.00 61.60
C SER C 364 -0.59 27.43 62.45
N ASP C 378 15.68 10.59 57.00
CA ASP C 378 16.32 11.04 55.77
C ASP C 378 15.59 10.51 54.54
N SER C 379 15.25 9.23 54.57
CA SER C 379 14.52 8.60 53.49
C SER C 379 13.46 7.68 54.07
N ILE C 380 12.35 7.53 53.35
CA ILE C 380 11.23 6.69 53.75
C ILE C 380 11.15 5.53 52.79
N THR C 381 11.21 4.30 53.32
CA THR C 381 11.08 3.09 52.52
C THR C 381 9.64 2.59 52.54
N LEU C 382 9.27 1.86 51.50
CA LEU C 382 7.89 1.40 51.33
C LEU C 382 7.86 -0.09 51.06
N PRO C 383 6.96 -0.83 51.74
CA PRO C 383 6.86 -2.30 51.55
C PRO C 383 5.99 -2.73 50.38
N CYS C 384 6.60 -2.76 49.19
CA CYS C 384 5.87 -3.22 48.00
C CYS C 384 5.76 -4.73 48.00
N ARG C 385 4.61 -5.22 47.54
CA ARG C 385 4.37 -6.65 47.37
C ARG C 385 3.99 -6.87 45.91
N ILE C 386 4.90 -7.48 45.15
CA ILE C 386 4.63 -7.76 43.74
C ILE C 386 3.61 -8.88 43.63
N LYS C 387 2.68 -8.76 42.68
CA LYS C 387 1.46 -9.56 42.67
C LYS C 387 1.34 -10.37 41.40
N GLN C 388 0.37 -11.28 41.40
CA GLN C 388 -0.08 -12.00 40.22
C GLN C 388 -1.59 -12.00 40.05
N ILE C 389 -2.35 -11.74 41.11
CA ILE C 389 -3.81 -11.60 41.02
C ILE C 389 -4.11 -10.11 41.01
N ILE C 390 -4.67 -9.62 39.91
CA ILE C 390 -5.00 -8.21 39.80
C ILE C 390 -6.45 -8.06 39.36
N ASN C 391 -7.00 -6.89 39.65
CA ASN C 391 -8.27 -6.45 39.07
C ASN C 391 -7.95 -5.46 37.97
N MET C 392 -8.41 -5.76 36.76
CA MET C 392 -8.11 -4.92 35.61
C MET C 392 -8.81 -3.57 35.72
N TRP C 393 -8.08 -2.50 35.40
CA TRP C 393 -8.66 -1.16 35.44
C TRP C 393 -9.57 -0.89 34.24
N GLN C 394 -9.41 -1.64 33.15
CA GLN C 394 -10.16 -1.36 31.94
C GLN C 394 -11.60 -1.85 32.02
N ARG C 395 -11.82 -3.10 32.42
CA ARG C 395 -13.16 -3.66 32.54
C ARG C 395 -13.37 -4.27 33.91
N ILE C 396 -14.49 -4.96 34.10
CA ILE C 396 -14.76 -5.70 35.33
C ILE C 396 -14.25 -7.13 35.16
N GLY C 397 -13.39 -7.56 36.06
CA GLY C 397 -12.87 -8.91 36.01
C GLY C 397 -11.58 -9.03 36.77
N GLN C 398 -11.07 -10.26 36.81
CA GLN C 398 -9.82 -10.59 37.48
C GLN C 398 -8.84 -11.18 36.49
N ALA C 399 -7.55 -11.01 36.79
CA ALA C 399 -6.49 -11.48 35.91
C ALA C 399 -5.40 -12.15 36.71
N MET C 400 -4.94 -13.29 36.19
CA MET C 400 -3.83 -14.06 36.74
C MET C 400 -2.68 -14.05 35.74
N TYR C 401 -1.48 -13.74 36.24
CA TYR C 401 -0.27 -13.55 35.44
C TYR C 401 0.79 -14.57 35.88
N ALA C 402 2.03 -14.39 35.34
CA ALA C 402 3.20 -15.24 35.51
C ALA C 402 4.04 -14.81 36.72
N PRO C 403 4.80 -15.76 37.26
CA PRO C 403 5.80 -15.41 38.26
C PRO C 403 6.82 -14.43 37.72
N PRO C 404 7.40 -13.59 38.57
CA PRO C 404 8.29 -12.53 38.08
C PRO C 404 9.64 -13.09 37.62
N ILE C 405 10.31 -12.29 36.79
CA ILE C 405 11.60 -12.66 36.24
C ILE C 405 12.66 -12.48 37.31
N GLN C 406 13.49 -13.51 37.51
CA GLN C 406 14.60 -13.42 38.45
C GLN C 406 15.67 -12.46 37.91
N GLY C 407 16.30 -11.73 38.83
CA GLY C 407 17.27 -10.72 38.46
C GLY C 407 17.04 -9.44 39.23
N VAL C 408 17.35 -8.30 38.61
CA VAL C 408 17.10 -7.00 39.21
C VAL C 408 16.08 -6.24 38.35
N ILE C 409 15.08 -5.68 39.02
CA ILE C 409 14.07 -4.85 38.37
C ILE C 409 14.13 -3.48 39.03
N ARG C 410 14.62 -2.49 38.29
CA ARG C 410 14.90 -1.17 38.83
C ARG C 410 14.19 -0.12 38.00
N CYS C 411 13.49 0.80 38.68
CA CYS C 411 12.88 1.93 38.01
C CYS C 411 12.89 3.13 38.94
N VAL C 412 13.33 4.27 38.39
CA VAL C 412 13.32 5.55 39.07
C VAL C 412 12.44 6.50 38.27
N SER C 413 11.65 7.31 38.97
CA SER C 413 10.65 8.13 38.32
C SER C 413 10.42 9.40 39.13
N ASN C 414 9.62 10.30 38.56
CA ASN C 414 9.27 11.57 39.16
C ASN C 414 7.80 11.55 39.55
N ILE C 415 7.52 11.73 40.84
CA ILE C 415 6.17 12.01 41.30
C ILE C 415 5.88 13.48 41.05
N THR C 416 4.85 13.75 40.25
CA THR C 416 4.50 15.11 39.85
C THR C 416 3.12 15.56 40.32
N GLY C 417 2.23 14.64 40.67
CA GLY C 417 0.88 15.03 41.04
C GLY C 417 0.25 14.04 41.99
N LEU C 418 -0.87 14.48 42.57
CA LEU C 418 -1.59 13.71 43.57
C LEU C 418 -3.08 13.74 43.29
N ILE C 419 -3.77 12.70 43.74
CA ILE C 419 -5.23 12.60 43.68
C ILE C 419 -5.72 12.45 45.11
N LEU C 420 -6.46 13.44 45.60
CA LEU C 420 -6.92 13.46 46.98
C LEU C 420 -8.43 13.58 47.03
N THR C 421 -9.03 12.98 48.06
CA THR C 421 -10.48 13.02 48.24
C THR C 421 -10.80 13.51 49.65
N ARG C 422 -11.63 14.54 49.74
CA ARG C 422 -12.02 15.06 51.05
C ARG C 422 -12.99 14.12 51.74
N ASP C 423 -12.95 14.12 53.07
CA ASP C 423 -13.91 13.41 53.90
C ASP C 423 -14.75 14.45 54.62
N GLY C 424 -15.81 14.91 53.94
CA GLY C 424 -16.65 15.97 54.47
C GLY C 424 -17.60 15.51 55.54
N GLY C 425 -17.40 16.00 56.76
CA GLY C 425 -18.25 15.63 57.87
C GLY C 425 -18.79 16.81 58.65
N SER C 426 -18.68 16.77 59.97
CA SER C 426 -19.17 17.85 60.82
C SER C 426 -18.03 18.48 61.61
N THR C 430 -14.18 23.52 62.78
CA THR C 430 -13.90 22.10 62.66
C THR C 430 -12.68 21.85 61.79
N THR C 431 -12.39 20.57 61.54
CA THR C 431 -11.25 20.17 60.73
C THR C 431 -11.74 19.37 59.52
N GLU C 432 -10.82 19.13 58.58
CA GLU C 432 -11.11 18.36 57.39
C GLU C 432 -10.01 17.35 57.17
N THR C 433 -10.37 16.21 56.57
CA THR C 433 -9.43 15.15 56.27
C THR C 433 -9.37 14.93 54.76
N PHE C 434 -8.16 14.69 54.26
CA PHE C 434 -7.93 14.44 52.84
C PHE C 434 -7.40 13.01 52.70
N ARG C 435 -8.31 12.07 52.54
CA ARG C 435 -7.92 10.70 52.27
C ARG C 435 -7.57 10.56 50.80
N PRO C 436 -6.34 10.17 50.45
CA PRO C 436 -5.95 10.10 49.04
C PRO C 436 -6.43 8.80 48.41
N GLY C 437 -7.34 8.92 47.45
CA GLY C 437 -7.91 7.77 46.79
C GLY C 437 -7.60 7.68 45.32
N GLY C 438 -8.60 7.94 44.48
CA GLY C 438 -8.43 7.81 43.05
C GLY C 438 -8.53 6.39 42.57
N GLY C 439 -8.31 6.20 41.28
CA GLY C 439 -8.38 4.88 40.68
C GLY C 439 -9.03 4.88 39.33
N ASP C 440 -9.97 5.80 39.11
CA ASP C 440 -10.55 6.00 37.78
C ASP C 440 -9.49 6.59 36.87
N MET C 441 -9.13 5.85 35.82
CA MET C 441 -7.94 6.17 35.05
C MET C 441 -8.12 7.38 34.15
N ARG C 442 -9.38 7.79 33.90
CA ARG C 442 -9.66 9.03 33.20
C ARG C 442 -9.11 10.24 33.96
N ASP C 443 -9.07 10.17 35.29
CA ASP C 443 -8.46 11.22 36.09
C ASP C 443 -6.95 11.23 35.96
N ASN C 444 -6.33 10.15 35.50
CA ASN C 444 -4.89 10.10 35.33
C ASN C 444 -4.44 10.67 33.99
N TRP C 445 -5.39 11.02 33.13
CA TRP C 445 -5.14 11.65 31.85
C TRP C 445 -5.85 12.99 31.67
N ARG C 446 -6.90 13.26 32.45
CA ARG C 446 -7.53 14.57 32.44
C ARG C 446 -6.69 15.63 33.14
N SER C 447 -5.75 15.23 34.00
CA SER C 447 -4.89 16.18 34.68
C SER C 447 -3.73 16.65 33.80
N GLU C 448 -3.42 15.92 32.73
CA GLU C 448 -2.36 16.29 31.81
C GLU C 448 -2.88 16.70 30.43
N LEU C 449 -4.20 16.60 30.21
CA LEU C 449 -4.86 17.05 28.99
C LEU C 449 -5.89 18.11 29.35
N TYR C 450 -5.55 18.95 30.33
CA TYR C 450 -6.49 19.84 30.99
C TYR C 450 -6.64 21.21 30.32
N LYS C 451 -5.84 21.51 29.29
CA LYS C 451 -5.82 22.85 28.74
C LYS C 451 -5.97 22.85 27.23
N TYR C 452 -6.57 21.79 26.67
CA TYR C 452 -6.63 21.59 25.24
C TYR C 452 -8.07 21.46 24.78
N LYS C 453 -8.35 21.97 23.58
CA LYS C 453 -9.69 21.94 23.01
C LYS C 453 -9.59 21.66 21.53
N VAL C 454 -10.58 20.94 21.00
CA VAL C 454 -10.64 20.58 19.59
C VAL C 454 -11.73 21.43 18.93
N VAL C 455 -11.37 22.15 17.88
CA VAL C 455 -12.31 23.01 17.17
C VAL C 455 -12.29 22.68 15.70
N LYS C 456 -13.40 22.96 15.02
CA LYS C 456 -13.55 22.75 13.59
C LYS C 456 -13.68 24.10 12.90
N ILE C 457 -12.83 24.35 11.92
CA ILE C 457 -12.90 25.60 11.16
C ILE C 457 -14.03 25.49 10.14
N GLU C 458 -14.86 26.52 10.08
CA GLU C 458 -15.96 26.62 9.12
C GLU C 458 -15.78 27.89 8.31
N PRO C 459 -14.82 27.91 7.38
CA PRO C 459 -14.46 29.18 6.71
C PRO C 459 -15.41 29.56 5.59
N LEU C 460 -16.65 29.88 5.98
CA LEU C 460 -17.67 30.31 5.01
C LEU C 460 -18.66 31.20 5.76
N GLY C 461 -18.50 32.51 5.62
CA GLY C 461 -19.38 33.43 6.31
C GLY C 461 -20.26 34.24 5.39
N VAL C 462 -21.31 34.84 5.94
CA VAL C 462 -22.16 35.76 5.19
C VAL C 462 -22.22 37.07 5.96
N ALA C 463 -22.31 38.18 5.22
CA ALA C 463 -22.29 39.50 5.85
C ALA C 463 -23.12 40.45 5.02
N PRO C 464 -23.69 41.48 5.64
CA PRO C 464 -24.37 42.52 4.84
C PRO C 464 -23.45 43.67 4.43
N THR C 465 -23.45 43.99 3.13
CA THR C 465 -22.74 45.16 2.62
C THR C 465 -23.67 46.00 1.76
N ARG C 466 -23.12 47.00 1.07
CA ARG C 466 -23.87 47.82 0.14
C ARG C 466 -23.55 47.46 -1.32
N CYS C 467 -23.02 46.28 -1.56
CA CYS C 467 -22.66 45.86 -2.91
C CYS C 467 -23.90 45.47 -3.71
N LYS C 468 -23.72 45.38 -5.02
CA LYS C 468 -24.81 45.08 -5.94
C LYS C 468 -24.42 43.92 -6.85
N ARG C 469 -25.37 43.52 -7.69
CA ARG C 469 -25.25 42.43 -8.68
C ARG C 469 -24.84 41.10 -8.04
N ALA D 1 -53.23 24.15 -7.22
CA ALA D 1 -53.27 23.10 -6.21
C ALA D 1 -52.27 23.40 -5.09
N VAL D 2 -52.38 22.66 -3.99
CA VAL D 2 -51.54 22.87 -2.83
C VAL D 2 -50.21 22.14 -3.01
N GLY D 3 -49.22 22.47 -2.17
CA GLY D 3 -47.93 21.81 -2.23
C GLY D 3 -47.04 22.27 -1.09
N ILE D 4 -45.87 21.63 -1.02
CA ILE D 4 -44.82 22.01 -0.07
C ILE D 4 -43.59 22.55 -0.79
N GLY D 5 -43.07 21.79 -1.75
CA GLY D 5 -41.87 22.23 -2.44
C GLY D 5 -41.26 21.11 -3.26
N ALA D 6 -39.94 21.18 -3.43
CA ALA D 6 -39.21 20.23 -4.25
C ALA D 6 -39.03 18.89 -3.53
N VAL D 7 -38.60 17.89 -4.30
CA VAL D 7 -38.32 16.56 -3.79
C VAL D 7 -36.96 16.12 -4.31
N PHE D 8 -36.44 15.06 -3.69
CA PHE D 8 -35.14 14.48 -4.05
C PHE D 8 -35.41 13.20 -4.83
N LEU D 9 -35.31 13.28 -6.16
CA LEU D 9 -35.63 12.13 -7.01
C LEU D 9 -34.54 11.07 -6.99
N GLY D 10 -33.28 11.47 -6.87
CA GLY D 10 -32.17 10.55 -6.83
C GLY D 10 -31.00 11.08 -7.61
N PHE D 11 -29.98 10.23 -7.75
CA PHE D 11 -28.78 10.56 -8.52
C PHE D 11 -29.12 10.77 -9.99
N LEU D 12 -29.47 9.69 -10.69
CA LEU D 12 -29.99 9.79 -12.06
C LEU D 12 -31.51 9.73 -12.06
N GLY D 13 -32.15 10.57 -11.23
CA GLY D 13 -33.58 10.44 -11.03
C GLY D 13 -34.43 11.14 -12.07
N ALA D 14 -33.88 12.17 -12.71
CA ALA D 14 -34.65 12.98 -13.65
C ALA D 14 -34.57 12.47 -15.08
N ALA D 15 -33.92 11.32 -15.31
CA ALA D 15 -33.89 10.73 -16.64
C ALA D 15 -35.27 10.20 -17.00
N GLY D 16 -35.80 10.65 -18.13
CA GLY D 16 -37.15 10.37 -18.54
C GLY D 16 -38.11 11.53 -18.31
N SER D 17 -37.80 12.41 -17.37
CA SER D 17 -38.58 13.63 -17.20
C SER D 17 -38.31 14.58 -18.35
N THR D 18 -39.17 15.60 -18.46
CA THR D 18 -39.09 16.53 -19.57
C THR D 18 -37.85 17.42 -19.45
N MET D 19 -37.53 18.11 -20.56
CA MET D 19 -36.26 18.81 -20.69
C MET D 19 -36.18 20.01 -19.75
N GLY D 20 -37.30 20.72 -19.58
CA GLY D 20 -37.30 21.84 -18.66
C GLY D 20 -37.37 21.41 -17.21
N ALA D 21 -37.96 20.24 -16.94
CA ALA D 21 -38.06 19.76 -15.56
C ALA D 21 -36.73 19.23 -15.04
N ALA D 22 -35.93 18.63 -15.90
CA ALA D 22 -34.60 18.14 -15.50
C ALA D 22 -33.54 19.23 -15.52
N SER D 23 -33.87 20.41 -16.04
CA SER D 23 -32.93 21.52 -16.05
C SER D 23 -32.84 22.25 -14.72
N MET D 24 -33.75 21.98 -13.79
CA MET D 24 -33.70 22.58 -12.46
C MET D 24 -33.02 21.69 -11.44
N THR D 25 -32.70 20.44 -11.78
CA THR D 25 -32.10 19.49 -10.85
C THR D 25 -30.73 19.03 -11.35
N LEU D 26 -29.94 19.97 -11.86
CA LEU D 26 -28.56 19.66 -12.23
C LEU D 26 -27.61 19.71 -11.04
N THR D 27 -28.10 20.14 -9.87
CA THR D 27 -27.26 20.15 -8.68
C THR D 27 -27.01 18.73 -8.16
N VAL D 28 -28.03 17.87 -8.23
CA VAL D 28 -27.92 16.53 -7.66
C VAL D 28 -27.10 15.57 -8.52
N GLN D 29 -26.76 15.95 -9.74
CA GLN D 29 -25.90 15.13 -10.59
C GLN D 29 -24.51 15.74 -10.80
N ALA D 30 -24.30 16.98 -10.40
CA ALA D 30 -22.97 17.59 -10.44
C ALA D 30 -22.23 17.44 -9.13
N ARG D 31 -22.95 17.34 -8.01
CA ARG D 31 -22.30 17.16 -6.72
C ARG D 31 -21.73 15.76 -6.57
N ASN D 32 -22.40 14.75 -7.12
CA ASN D 32 -21.93 13.38 -7.04
C ASN D 32 -21.03 13.12 -8.24
N GLN D 52 -3.74 -9.90 10.98
CA GLN D 52 -3.51 -9.56 9.58
C GLN D 52 -3.82 -8.10 9.31
N HIS D 53 -3.21 -7.20 10.09
CA HIS D 53 -3.43 -5.77 9.90
C HIS D 53 -2.76 -5.26 8.63
N LEU D 54 -1.68 -5.90 8.20
CA LEU D 54 -0.97 -5.48 6.99
C LEU D 54 -1.75 -5.81 5.73
N LEU D 55 -2.59 -6.85 5.77
CA LEU D 55 -3.42 -7.19 4.61
C LEU D 55 -4.60 -6.25 4.42
N LYS D 56 -5.06 -5.61 5.49
CA LYS D 56 -6.17 -4.65 5.37
C LYS D 56 -5.72 -3.31 4.79
N LEU D 57 -4.41 -3.06 4.69
CA LEU D 57 -3.89 -1.80 4.17
C LEU D 57 -3.04 -2.00 2.92
N THR D 58 -3.26 -3.08 2.19
CA THR D 58 -2.52 -3.32 0.95
C THR D 58 -3.41 -3.70 -0.22
N VAL D 59 -4.56 -4.35 0.01
CA VAL D 59 -5.51 -4.66 -1.04
C VAL D 59 -6.84 -3.94 -0.83
N TRP D 60 -7.25 -3.76 0.42
CA TRP D 60 -8.48 -3.03 0.72
C TRP D 60 -8.26 -1.54 0.90
N GLY D 61 -7.02 -1.11 1.14
CA GLY D 61 -6.74 0.29 1.44
C GLY D 61 -6.16 1.09 0.30
N ILE D 62 -5.81 0.42 -0.80
CA ILE D 62 -5.24 1.10 -1.95
C ILE D 62 -6.23 1.19 -3.12
N LYS D 63 -7.12 0.21 -3.27
CA LYS D 63 -8.11 0.25 -4.36
C LYS D 63 -9.13 1.36 -4.15
N GLN D 64 -9.56 1.56 -2.90
CA GLN D 64 -10.48 2.67 -2.60
C GLN D 64 -9.81 4.02 -2.81
N LEU D 65 -8.53 4.12 -2.44
CA LEU D 65 -7.77 5.35 -2.67
C LEU D 65 -7.59 5.63 -4.16
N GLN D 66 -7.35 4.58 -4.94
CA GLN D 66 -7.24 4.72 -6.39
C GLN D 66 -8.56 5.16 -7.01
N ALA D 67 -9.68 4.63 -6.50
CA ALA D 67 -10.99 5.06 -6.97
C ALA D 67 -11.27 6.52 -6.62
N ARG D 68 -10.88 6.94 -5.42
CA ARG D 68 -11.06 8.34 -5.03
C ARG D 68 -10.23 9.29 -5.88
N VAL D 69 -8.97 8.92 -6.14
CA VAL D 69 -8.09 9.73 -6.99
C VAL D 69 -8.61 9.78 -8.42
N LEU D 70 -9.14 8.64 -8.92
CA LEU D 70 -9.73 8.61 -10.26
C LEU D 70 -10.94 9.52 -10.38
N ALA D 71 -11.82 9.50 -9.37
CA ALA D 71 -13.00 10.37 -9.39
C ALA D 71 -12.62 11.84 -9.33
N VAL D 72 -11.65 12.18 -8.47
CA VAL D 72 -11.20 13.57 -8.35
C VAL D 72 -10.55 14.06 -9.64
N GLU D 73 -9.71 13.23 -10.25
CA GLU D 73 -9.00 13.62 -11.48
C GLU D 73 -9.96 13.72 -12.66
N ARG D 74 -10.96 12.83 -12.73
CA ARG D 74 -11.97 12.90 -13.78
C ARG D 74 -12.80 14.17 -13.65
N TYR D 75 -13.19 14.53 -12.42
CA TYR D 75 -13.95 15.76 -12.21
C TYR D 75 -13.12 17.00 -12.57
N LEU D 76 -11.83 17.00 -12.21
CA LEU D 76 -10.99 18.16 -12.54
C LEU D 76 -10.75 18.29 -14.03
N ARG D 77 -10.54 17.18 -14.75
CA ARG D 77 -10.34 17.33 -16.20
C ARG D 77 -11.63 17.71 -16.93
N ASP D 78 -12.78 17.25 -16.45
CA ASP D 78 -14.01 17.65 -17.10
C ASP D 78 -14.37 19.10 -16.76
N GLN D 79 -14.06 19.55 -15.55
CA GLN D 79 -14.25 20.96 -15.22
C GLN D 79 -13.26 21.85 -15.96
N GLN D 80 -12.06 21.34 -16.26
CA GLN D 80 -11.13 22.07 -17.11
C GLN D 80 -11.66 22.19 -18.53
N LEU D 81 -12.29 21.13 -19.04
CA LEU D 81 -12.92 21.19 -20.36
C LEU D 81 -14.09 22.17 -20.37
N LEU D 82 -14.80 22.30 -19.26
CA LEU D 82 -15.77 23.40 -19.12
C LEU D 82 -15.08 24.76 -19.11
N GLY D 83 -13.93 24.86 -18.43
CA GLY D 83 -13.24 26.13 -18.29
C GLY D 83 -12.60 26.65 -19.56
N ILE D 84 -12.29 25.74 -20.51
CA ILE D 84 -11.79 26.18 -21.81
C ILE D 84 -12.89 26.90 -22.59
N TRP D 85 -14.14 26.44 -22.46
CA TRP D 85 -15.27 27.04 -23.16
C TRP D 85 -15.68 28.41 -22.62
N GLY D 86 -15.09 28.88 -21.53
CA GLY D 86 -15.41 30.19 -20.99
C GLY D 86 -16.45 30.17 -19.90
N CYS D 87 -16.81 29.01 -19.39
CA CYS D 87 -17.84 28.88 -18.37
C CYS D 87 -17.30 28.76 -16.95
N SER D 88 -15.99 28.50 -16.80
CA SER D 88 -15.27 28.39 -15.53
C SER D 88 -15.88 27.36 -14.59
N GLY D 89 -16.83 27.78 -13.76
CA GLY D 89 -17.43 26.90 -12.80
C GLY D 89 -18.94 27.05 -12.64
N LYS D 90 -19.62 27.45 -13.70
CA LYS D 90 -21.07 27.57 -13.67
C LYS D 90 -21.73 26.27 -14.11
N LEU D 91 -22.95 26.05 -13.62
CA LEU D 91 -23.71 24.88 -14.03
C LEU D 91 -24.44 25.12 -15.34
N ILE D 92 -25.34 26.10 -15.36
CA ILE D 92 -26.06 26.50 -16.57
C ILE D 92 -25.28 27.68 -17.14
N CYS D 93 -24.47 27.41 -18.16
CA CYS D 93 -23.63 28.41 -18.79
C CYS D 93 -24.26 28.95 -20.06
N CYS D 94 -23.73 30.08 -20.51
CA CYS D 94 -24.19 30.72 -21.74
C CYS D 94 -22.99 31.15 -22.56
N THR D 95 -23.12 31.07 -23.88
CA THR D 95 -22.02 31.35 -24.79
C THR D 95 -22.56 32.08 -26.01
N ASN D 96 -21.67 32.36 -26.97
CA ASN D 96 -22.01 33.14 -28.16
C ASN D 96 -21.61 32.30 -29.39
N VAL D 97 -22.51 31.41 -29.78
CA VAL D 97 -22.36 30.60 -31.00
C VAL D 97 -23.75 30.52 -31.64
N PRO D 98 -23.90 30.85 -32.92
CA PRO D 98 -25.23 30.79 -33.55
C PRO D 98 -25.67 29.35 -33.78
N TRP D 99 -26.90 29.04 -33.36
CA TRP D 99 -27.44 27.72 -33.57
C TRP D 99 -27.86 27.54 -35.02
N ASN D 100 -27.45 26.42 -35.61
CA ASN D 100 -27.65 26.17 -37.03
C ASN D 100 -29.13 25.91 -37.33
N SER D 101 -29.53 26.25 -38.56
CA SER D 101 -30.83 25.84 -39.08
C SER D 101 -30.87 24.34 -39.35
N SER D 102 -29.70 23.72 -39.52
CA SER D 102 -29.54 22.27 -39.54
C SER D 102 -29.35 21.81 -38.08
N TRP D 103 -28.79 20.60 -37.91
CA TRP D 103 -28.63 19.91 -36.61
C TRP D 103 -30.00 19.63 -35.98
N SER D 104 -30.97 19.31 -36.84
CA SER D 104 -32.35 18.93 -36.49
C SER D 104 -33.04 20.02 -35.66
N ASN D 105 -33.20 21.17 -36.30
CA ASN D 105 -33.83 22.32 -35.67
C ASN D 105 -35.34 22.16 -35.64
N ARG D 106 -35.92 22.34 -34.46
CA ARG D 106 -37.37 22.42 -34.26
C ARG D 106 -37.70 23.70 -33.50
N ASN D 107 -38.99 23.92 -33.26
CA ASN D 107 -39.39 25.00 -32.38
C ASN D 107 -39.03 24.66 -30.94
N LEU D 108 -38.78 25.70 -30.13
CA LEU D 108 -38.24 25.52 -28.79
C LEU D 108 -39.22 24.88 -27.82
N SER D 109 -40.53 25.01 -28.08
CA SER D 109 -41.53 24.40 -27.20
C SER D 109 -41.49 22.88 -27.26
N GLU D 110 -41.32 22.32 -28.46
CA GLU D 110 -41.25 20.86 -28.59
C GLU D 110 -39.93 20.32 -28.05
N ILE D 111 -38.85 21.12 -28.13
CA ILE D 111 -37.57 20.69 -27.57
C ILE D 111 -37.62 20.71 -26.05
N TRP D 112 -38.18 21.77 -25.46
CA TRP D 112 -38.11 21.95 -24.02
C TRP D 112 -39.30 21.39 -23.25
N ASP D 113 -40.35 20.92 -23.94
CA ASP D 113 -41.55 20.43 -23.26
C ASP D 113 -41.96 19.02 -23.62
N ASN D 114 -41.31 18.37 -24.58
CA ASN D 114 -41.74 17.06 -25.05
C ASN D 114 -40.68 15.98 -24.98
N MET D 115 -39.40 16.32 -25.19
CA MET D 115 -38.35 15.32 -25.33
C MET D 115 -37.50 15.26 -24.08
N THR D 116 -37.04 14.05 -23.76
CA THR D 116 -36.11 13.84 -22.64
C THR D 116 -34.70 14.19 -23.08
N TRP D 117 -33.76 14.15 -22.12
CA TRP D 117 -32.37 14.44 -22.46
C TRP D 117 -31.71 13.29 -23.20
N LEU D 118 -32.19 12.05 -22.98
CA LEU D 118 -31.61 10.89 -23.64
C LEU D 118 -31.88 10.92 -25.14
N GLN D 119 -33.13 11.22 -25.52
CA GLN D 119 -33.47 11.33 -26.94
C GLN D 119 -32.78 12.53 -27.59
N TRP D 120 -32.59 13.60 -26.84
CA TRP D 120 -31.90 14.77 -27.37
C TRP D 120 -30.42 14.50 -27.59
N ASP D 121 -29.81 13.67 -26.73
CA ASP D 121 -28.43 13.28 -26.97
C ASP D 121 -28.31 12.24 -28.08
N LYS D 122 -29.31 11.36 -28.23
CA LYS D 122 -29.29 10.42 -29.35
C LYS D 122 -29.57 11.11 -30.68
N GLU D 123 -30.24 12.26 -30.68
CA GLU D 123 -30.52 12.96 -31.92
C GLU D 123 -29.31 13.71 -32.45
N ILE D 124 -28.44 14.21 -31.57
CA ILE D 124 -27.27 14.97 -31.97
C ILE D 124 -26.04 14.15 -31.59
N SER D 125 -26.17 12.81 -31.68
CA SER D 125 -25.02 11.96 -31.45
C SER D 125 -23.98 12.10 -32.56
N ASN D 126 -24.43 12.32 -33.80
CA ASN D 126 -23.52 12.45 -34.93
C ASN D 126 -22.84 13.81 -34.98
N TYR D 127 -23.48 14.85 -34.43
CA TYR D 127 -23.11 16.24 -34.69
C TYR D 127 -22.51 16.93 -33.47
N THR D 128 -22.07 16.15 -32.48
CA THR D 128 -21.58 16.74 -31.23
C THR D 128 -20.18 17.33 -31.39
N GLN D 129 -19.32 16.68 -32.19
CA GLN D 129 -17.93 17.12 -32.31
C GLN D 129 -17.80 18.44 -33.04
N ILE D 130 -18.70 18.71 -34.00
CA ILE D 130 -18.72 20.00 -34.69
C ILE D 130 -19.06 21.12 -33.72
N ILE D 131 -20.03 20.88 -32.83
CA ILE D 131 -20.42 21.86 -31.82
C ILE D 131 -19.29 22.06 -30.81
N TYR D 132 -18.60 20.99 -30.43
CA TYR D 132 -17.47 21.10 -29.51
C TYR D 132 -16.31 21.87 -30.13
N GLY D 133 -16.05 21.66 -31.43
CA GLY D 133 -15.02 22.42 -32.11
C GLY D 133 -15.40 23.87 -32.32
N LEU D 134 -16.70 24.16 -32.45
CA LEU D 134 -17.14 25.55 -32.56
C LEU D 134 -17.05 26.26 -31.22
N LEU D 135 -17.33 25.56 -30.12
CA LEU D 135 -17.17 26.15 -28.79
C LEU D 135 -15.70 26.35 -28.43
N GLU D 136 -14.90 25.30 -28.52
CA GLU D 136 -13.53 25.36 -28.02
C GLU D 136 -12.64 26.19 -28.94
N GLU D 137 -12.76 26.02 -30.24
CA GLU D 137 -11.91 26.71 -31.20
C GLU D 137 -12.71 27.74 -31.98
N SER D 138 -12.02 28.82 -32.37
CA SER D 138 -12.48 29.90 -33.23
C SER D 138 -13.63 30.72 -32.64
N GLN D 139 -14.01 30.49 -31.38
CA GLN D 139 -14.95 31.37 -30.69
C GLN D 139 -14.29 32.02 -29.48
N ASN D 140 -13.74 31.22 -28.56
CA ASN D 140 -13.14 31.77 -27.35
C ASN D 140 -11.80 32.43 -27.65
N GLN D 141 -11.02 31.82 -28.55
CA GLN D 141 -9.81 32.46 -29.03
C GLN D 141 -10.14 33.73 -29.82
N GLN D 142 -11.22 33.70 -30.60
CA GLN D 142 -11.66 34.88 -31.32
C GLN D 142 -12.17 35.97 -30.38
N GLU D 143 -12.94 35.60 -29.35
CA GLU D 143 -13.46 36.58 -28.40
C GLU D 143 -12.34 37.22 -27.58
N LYS D 144 -11.41 36.42 -27.10
CA LYS D 144 -10.26 36.94 -26.35
C LYS D 144 -9.20 37.56 -27.26
N ASN D 145 -9.28 37.36 -28.58
CA ASN D 145 -8.51 38.19 -29.50
C ASN D 145 -9.17 39.56 -29.61
N GLU D 146 -10.51 39.59 -29.68
CA GLU D 146 -11.24 40.85 -29.77
C GLU D 146 -11.12 41.67 -28.50
N GLN D 147 -10.93 41.01 -27.35
CA GLN D 147 -10.68 41.74 -26.10
C GLN D 147 -9.34 42.48 -26.13
N ASP D 148 -8.35 41.93 -26.80
CA ASP D 148 -7.06 42.61 -26.94
C ASP D 148 -7.12 43.69 -28.02
N ALA E 1 -2.39 33.35 -49.16
CA ALA E 1 -2.37 32.07 -49.85
C ALA E 1 -3.51 31.19 -49.36
N VAL E 2 -3.51 29.94 -49.80
CA VAL E 2 -4.55 28.99 -49.41
C VAL E 2 -4.20 28.39 -48.06
N GLY E 3 -5.25 28.11 -47.27
CA GLY E 3 -5.07 27.51 -45.97
C GLY E 3 -6.12 26.46 -45.71
N ILE E 4 -5.92 25.69 -44.65
CA ILE E 4 -6.78 24.55 -44.37
C ILE E 4 -7.20 24.59 -42.90
N GLY E 5 -6.44 25.33 -42.09
CA GLY E 5 -6.73 25.41 -40.67
C GLY E 5 -5.52 25.37 -39.77
N ALA E 6 -5.66 24.80 -38.59
CA ALA E 6 -4.60 24.76 -37.60
C ALA E 6 -3.91 23.41 -37.58
N VAL E 7 -2.73 23.38 -36.95
CA VAL E 7 -1.97 22.16 -36.76
C VAL E 7 -1.70 22.00 -35.27
N PHE E 8 -1.22 20.81 -34.91
CA PHE E 8 -0.97 20.44 -33.51
C PHE E 8 0.53 20.24 -33.35
N LEU E 9 1.23 21.27 -32.85
CA LEU E 9 2.67 21.19 -32.69
C LEU E 9 3.08 20.33 -31.51
N GLY E 10 2.18 20.05 -30.58
CA GLY E 10 2.45 19.16 -29.47
C GLY E 10 2.72 19.91 -28.18
N PHE E 11 3.01 19.12 -27.15
CA PHE E 11 3.36 19.67 -25.84
C PHE E 11 4.72 20.34 -25.90
N LEU E 12 4.78 21.58 -25.42
CA LEU E 12 5.97 22.45 -25.43
C LEU E 12 6.53 22.64 -26.84
N GLY E 13 5.65 22.67 -27.84
CA GLY E 13 6.09 22.69 -29.22
C GLY E 13 6.27 24.07 -29.83
N ALA E 14 5.70 25.09 -29.20
CA ALA E 14 5.74 26.45 -29.71
C ALA E 14 6.69 27.34 -28.90
N ALA E 15 7.75 26.74 -28.34
CA ALA E 15 8.73 27.53 -27.60
C ALA E 15 9.56 28.41 -28.51
N GLY E 16 9.86 27.93 -29.72
CA GLY E 16 10.61 28.74 -30.67
C GLY E 16 9.78 29.72 -31.48
N SER E 17 8.45 29.65 -31.37
CA SER E 17 7.58 30.56 -32.10
C SER E 17 7.55 31.93 -31.42
N THR E 18 7.04 32.91 -32.14
CA THR E 18 6.87 34.25 -31.59
C THR E 18 5.72 34.27 -30.59
N MET E 19 5.71 35.32 -29.75
CA MET E 19 4.67 35.42 -28.74
C MET E 19 3.33 35.83 -29.33
N GLY E 20 3.32 36.34 -30.57
CA GLY E 20 2.07 36.59 -31.24
C GLY E 20 1.35 35.34 -31.69
N ALA E 21 2.07 34.23 -31.84
CA ALA E 21 1.47 32.96 -32.25
C ALA E 21 1.44 31.91 -31.15
N ALA E 22 2.32 32.00 -30.15
CA ALA E 22 2.30 31.04 -29.06
C ALA E 22 1.16 31.31 -28.08
N SER E 23 0.62 32.52 -28.08
CA SER E 23 -0.51 32.86 -27.22
C SER E 23 -1.84 32.35 -27.76
N MET E 24 -1.87 31.83 -28.98
CA MET E 24 -3.08 31.18 -29.49
C MET E 24 -3.11 29.69 -29.17
N THR E 25 -1.96 29.04 -29.10
CA THR E 25 -1.86 27.63 -28.72
C THR E 25 -1.60 27.46 -27.21
N LEU E 26 -2.38 28.18 -26.40
CA LEU E 26 -2.23 28.11 -24.96
C LEU E 26 -2.91 26.91 -24.34
N THR E 27 -3.84 26.27 -25.06
CA THR E 27 -4.66 25.23 -24.47
C THR E 27 -3.97 23.87 -24.40
N VAL E 28 -2.85 23.68 -25.12
CA VAL E 28 -2.17 22.40 -25.12
C VAL E 28 -0.91 22.38 -24.25
N GLN E 29 -0.44 23.53 -23.79
CA GLN E 29 0.54 23.58 -22.70
C GLN E 29 -0.12 23.70 -21.33
N ALA E 30 -1.45 23.76 -21.28
CA ALA E 30 -2.19 23.80 -20.03
C ALA E 30 -2.95 22.52 -19.73
N ARG E 31 -3.36 21.78 -20.77
CA ARG E 31 -4.04 20.52 -20.56
C ARG E 31 -3.09 19.41 -20.12
N ASN E 32 -1.82 19.51 -20.46
CA ASN E 32 -0.84 18.47 -20.18
C ASN E 32 -0.26 18.55 -18.78
N LEU E 33 -0.60 19.57 -18.00
CA LEU E 33 -0.20 19.60 -16.59
C LEU E 33 -1.05 18.71 -15.71
N LEU E 34 -2.18 18.22 -16.21
CA LEU E 34 -3.01 17.29 -15.47
C LEU E 34 -3.00 15.88 -16.05
N SER E 35 -2.72 15.76 -17.35
CA SER E 35 -2.66 14.49 -18.09
C SER E 35 -3.94 13.67 -17.98
N LEU E 54 1.03 -9.89 -4.33
CA LEU E 54 0.60 -8.56 -3.92
C LEU E 54 1.79 -7.65 -3.66
N LEU E 55 2.99 -8.15 -3.97
CA LEU E 55 4.19 -7.33 -3.85
C LEU E 55 4.25 -6.28 -4.96
N LYS E 56 3.63 -6.55 -6.10
CA LYS E 56 3.56 -5.57 -7.18
C LYS E 56 2.60 -4.45 -6.85
N LEU E 57 1.61 -4.71 -6.00
CA LEU E 57 0.61 -3.69 -5.65
C LEU E 57 1.17 -2.67 -4.66
N THR E 58 1.94 -3.11 -3.67
CA THR E 58 2.40 -2.24 -2.61
C THR E 58 3.68 -1.49 -2.94
N VAL E 59 4.24 -1.70 -4.13
CA VAL E 59 5.44 -1.00 -4.58
C VAL E 59 5.16 -0.13 -5.80
N TRP E 60 4.56 -0.72 -6.84
CA TRP E 60 4.24 0.01 -8.06
C TRP E 60 2.96 0.83 -7.94
N GLY E 61 2.22 0.69 -6.84
CA GLY E 61 0.98 1.41 -6.66
C GLY E 61 1.10 2.69 -5.84
N ILE E 62 1.98 2.66 -4.84
CA ILE E 62 2.14 3.81 -3.95
C ILE E 62 2.80 4.98 -4.67
N LYS E 63 3.85 4.70 -5.46
CA LYS E 63 4.62 5.77 -6.10
C LYS E 63 3.83 6.46 -7.21
N GLN E 64 3.09 5.67 -8.00
CA GLN E 64 2.26 6.25 -9.06
C GLN E 64 1.12 7.08 -8.50
N LEU E 65 0.51 6.62 -7.40
CA LEU E 65 -0.54 7.39 -6.74
C LEU E 65 0.02 8.67 -6.12
N GLN E 66 1.24 8.60 -5.58
CA GLN E 66 1.90 9.79 -5.06
C GLN E 66 2.18 10.81 -6.16
N ALA E 67 2.62 10.34 -7.33
CA ALA E 67 2.87 11.23 -8.46
C ALA E 67 1.58 11.88 -8.96
N ARG E 68 0.49 11.08 -9.03
CA ARG E 68 -0.81 11.62 -9.45
C ARG E 68 -1.34 12.66 -8.46
N VAL E 69 -1.20 12.39 -7.16
CA VAL E 69 -1.65 13.32 -6.13
C VAL E 69 -0.83 14.60 -6.16
N LEU E 70 0.48 14.49 -6.39
CA LEU E 70 1.34 15.67 -6.47
C LEU E 70 1.00 16.53 -7.69
N ALA E 71 0.71 15.89 -8.83
CA ALA E 71 0.31 16.65 -10.02
C ALA E 71 -1.02 17.37 -9.83
N VAL E 72 -2.00 16.67 -9.21
CA VAL E 72 -3.29 17.27 -8.92
C VAL E 72 -3.15 18.45 -7.96
N GLU E 73 -2.31 18.31 -6.94
CA GLU E 73 -2.09 19.38 -5.96
C GLU E 73 -1.39 20.58 -6.60
N ARG E 74 -0.44 20.33 -7.51
CA ARG E 74 0.23 21.42 -8.20
C ARG E 74 -0.72 22.19 -9.10
N TYR E 75 -1.58 21.48 -9.84
CA TYR E 75 -2.57 22.16 -10.68
C TYR E 75 -3.57 22.95 -9.86
N LEU E 76 -4.01 22.39 -8.72
CA LEU E 76 -4.94 23.12 -7.86
C LEU E 76 -4.28 24.34 -7.21
N ARG E 77 -2.99 24.26 -6.90
CA ARG E 77 -2.28 25.43 -6.37
C ARG E 77 -2.17 26.53 -7.42
N ASP E 78 -1.89 26.16 -8.68
CA ASP E 78 -1.83 27.15 -9.75
C ASP E 78 -3.20 27.80 -10.00
N GLN E 79 -4.27 27.00 -9.97
CA GLN E 79 -5.60 27.56 -10.14
C GLN E 79 -6.02 28.41 -8.95
N GLN E 80 -5.57 28.06 -7.74
CA GLN E 80 -5.82 28.91 -6.58
C GLN E 80 -5.10 30.25 -6.69
N LEU E 81 -3.86 30.25 -7.20
CA LEU E 81 -3.13 31.49 -7.40
C LEU E 81 -3.81 32.37 -8.45
N LEU E 82 -4.31 31.76 -9.53
CA LEU E 82 -5.08 32.53 -10.51
C LEU E 82 -6.38 33.07 -9.93
N GLY E 83 -7.05 32.27 -9.09
CA GLY E 83 -8.27 32.75 -8.44
C GLY E 83 -8.03 33.89 -7.46
N ILE E 84 -6.88 33.89 -6.78
CA ILE E 84 -6.49 35.04 -5.97
C ILE E 84 -6.20 36.24 -6.87
N TRP E 85 -5.58 36.02 -8.03
CA TRP E 85 -5.26 37.11 -8.95
C TRP E 85 -6.48 37.75 -9.61
N GLY E 86 -7.66 37.14 -9.52
CA GLY E 86 -8.87 37.73 -10.07
C GLY E 86 -9.34 37.09 -11.35
N CYS E 87 -8.58 36.16 -11.90
CA CYS E 87 -8.95 35.40 -13.09
C CYS E 87 -9.27 33.98 -12.63
N SER E 88 -10.57 33.68 -12.50
CA SER E 88 -10.99 32.45 -11.85
C SER E 88 -10.71 31.23 -12.71
N GLY E 89 -11.05 31.28 -13.99
CA GLY E 89 -10.83 30.13 -14.85
C GLY E 89 -10.35 30.45 -16.25
N LYS E 90 -10.17 31.74 -16.55
CA LYS E 90 -9.74 32.15 -17.88
C LYS E 90 -8.24 31.89 -18.07
N LEU E 91 -7.87 31.48 -19.29
CA LEU E 91 -6.48 31.21 -19.59
C LEU E 91 -5.72 32.51 -19.87
N ILE E 92 -6.10 33.21 -20.94
CA ILE E 92 -5.72 34.60 -21.10
C ILE E 92 -6.68 35.47 -20.31
N CYS E 93 -6.13 36.32 -19.45
CA CYS E 93 -6.92 37.20 -18.61
C CYS E 93 -6.14 38.49 -18.43
N CYS E 94 -6.88 39.60 -18.33
CA CYS E 94 -6.24 40.90 -18.34
C CYS E 94 -6.85 41.81 -17.29
N THR E 95 -6.00 42.64 -16.69
CA THR E 95 -6.18 43.17 -15.34
C THR E 95 -6.15 44.69 -15.29
N ASN E 96 -6.08 45.23 -14.06
CA ASN E 96 -6.17 46.67 -13.79
C ASN E 96 -4.84 47.34 -13.50
N VAL E 97 -3.75 46.58 -13.35
CA VAL E 97 -2.45 47.15 -12.99
C VAL E 97 -1.84 47.84 -14.21
N PRO E 98 -1.47 49.12 -14.12
CA PRO E 98 -0.80 49.78 -15.24
C PRO E 98 0.63 49.27 -15.41
N TRP E 99 1.11 49.34 -16.66
CA TRP E 99 2.45 48.86 -17.00
C TRP E 99 3.43 50.01 -16.83
N ASN E 100 4.19 49.97 -15.74
CA ASN E 100 5.26 50.92 -15.47
C ASN E 100 6.34 50.80 -16.53
N SER E 101 6.85 51.94 -16.99
CA SER E 101 7.84 51.97 -18.05
C SER E 101 9.25 51.65 -17.56
N SER E 102 9.46 51.60 -16.24
CA SER E 102 10.76 51.17 -15.72
C SER E 102 11.00 49.70 -16.02
N TRP E 103 9.95 48.88 -15.95
CA TRP E 103 9.98 47.57 -16.58
C TRP E 103 10.13 47.78 -18.08
N SER E 104 11.04 47.05 -18.70
CA SER E 104 11.59 47.44 -20.00
C SER E 104 10.56 47.28 -21.11
N ASN E 105 10.17 48.40 -21.71
CA ASN E 105 9.21 48.43 -22.78
C ASN E 105 9.88 48.63 -24.13
N ARG E 106 9.26 48.08 -25.16
CA ARG E 106 9.69 48.29 -26.55
C ARG E 106 8.49 48.66 -27.39
N ASN E 107 8.66 48.68 -28.71
CA ASN E 107 7.53 48.87 -29.61
C ASN E 107 6.61 47.64 -29.55
N LEU E 108 5.32 47.87 -29.84
CA LEU E 108 4.34 46.80 -29.70
C LEU E 108 4.54 45.71 -30.75
N SER E 109 4.94 46.11 -31.96
CA SER E 109 5.26 45.14 -33.00
C SER E 109 6.49 44.31 -32.62
N GLU E 110 7.46 44.93 -31.96
CA GLU E 110 8.66 44.20 -31.56
C GLU E 110 8.37 43.21 -30.44
N ILE E 111 7.55 43.61 -29.47
CA ILE E 111 7.28 42.69 -28.37
C ILE E 111 6.32 41.59 -28.80
N TRP E 112 5.34 41.86 -29.67
CA TRP E 112 4.39 40.82 -30.06
C TRP E 112 4.75 40.13 -31.37
N ASP E 113 5.88 40.45 -31.99
CA ASP E 113 6.24 39.79 -33.24
C ASP E 113 7.71 39.38 -33.37
N ASN E 114 8.61 39.78 -32.46
CA ASN E 114 10.04 39.57 -32.68
C ASN E 114 10.75 38.91 -31.51
N MET E 115 10.01 38.40 -30.52
CA MET E 115 10.61 37.70 -29.40
C MET E 115 9.87 36.41 -29.12
N THR E 116 10.63 35.39 -28.70
CA THR E 116 10.07 34.17 -28.16
C THR E 116 9.63 34.40 -26.72
N TRP E 117 8.89 33.43 -26.16
CA TRP E 117 8.50 33.54 -24.76
C TRP E 117 9.71 33.32 -23.84
N LEU E 118 10.68 32.52 -24.28
CA LEU E 118 11.88 32.25 -23.49
C LEU E 118 12.71 33.51 -23.27
N GLN E 119 12.88 34.33 -24.32
CA GLN E 119 13.66 35.55 -24.18
C GLN E 119 12.96 36.55 -23.26
N TRP E 120 11.64 36.65 -23.36
CA TRP E 120 10.87 37.54 -22.49
C TRP E 120 10.94 37.09 -21.03
N ASP E 121 10.84 35.78 -20.79
CA ASP E 121 10.92 35.27 -19.41
C ASP E 121 12.34 35.38 -18.86
N LYS E 122 13.36 35.27 -19.71
CA LYS E 122 14.72 35.52 -19.27
C LYS E 122 14.95 36.99 -18.96
N GLU E 123 14.25 37.89 -19.65
CA GLU E 123 14.48 39.31 -19.46
C GLU E 123 13.74 39.84 -18.24
N ILE E 124 12.47 39.44 -18.04
CA ILE E 124 11.62 40.08 -17.04
C ILE E 124 11.88 39.49 -15.65
N SER E 125 12.69 38.42 -15.56
CA SER E 125 12.84 37.61 -14.35
C SER E 125 13.44 38.36 -13.17
N ASN E 126 14.06 39.51 -13.39
CA ASN E 126 14.51 40.34 -12.28
C ASN E 126 13.32 40.98 -11.54
N TYR E 127 12.24 41.28 -12.26
CA TYR E 127 11.16 42.13 -11.75
C TYR E 127 9.84 41.39 -11.59
N THR E 128 9.88 40.06 -11.46
CA THR E 128 8.66 39.26 -11.49
C THR E 128 7.84 39.34 -10.19
N GLN E 129 8.51 39.37 -9.05
CA GLN E 129 7.81 39.34 -7.77
C GLN E 129 7.07 40.65 -7.51
N ILE E 130 7.61 41.78 -7.97
CA ILE E 130 6.91 43.05 -7.85
C ILE E 130 5.66 43.06 -8.72
N ILE E 131 5.73 42.45 -9.91
CA ILE E 131 4.57 42.26 -10.76
C ILE E 131 3.51 41.42 -10.05
N TYR E 132 3.93 40.34 -9.39
CA TYR E 132 2.99 39.44 -8.74
C TYR E 132 2.30 40.13 -7.55
N GLY E 133 3.07 40.86 -6.75
CA GLY E 133 2.50 41.58 -5.63
C GLY E 133 1.58 42.71 -6.07
N LEU E 134 1.93 43.41 -7.16
CA LEU E 134 1.06 44.45 -7.68
C LEU E 134 -0.23 43.88 -8.25
N LEU E 135 -0.15 42.77 -8.98
CA LEU E 135 -1.34 42.12 -9.53
C LEU E 135 -2.24 41.58 -8.44
N GLU E 136 -1.68 41.20 -7.28
CA GLU E 136 -2.53 40.84 -6.16
C GLU E 136 -3.19 42.07 -5.55
N GLU E 137 -2.37 43.04 -5.12
CA GLU E 137 -2.89 44.10 -4.25
C GLU E 137 -3.67 45.14 -5.04
N SER E 138 -3.09 45.67 -6.13
CA SER E 138 -3.71 46.76 -6.86
C SER E 138 -4.94 46.34 -7.66
N GLN E 139 -5.18 45.04 -7.82
CA GLN E 139 -6.48 44.58 -8.33
C GLN E 139 -7.42 44.21 -7.21
N ASN E 140 -7.08 43.19 -6.42
CA ASN E 140 -8.07 42.53 -5.57
C ASN E 140 -8.09 43.08 -4.15
N GLN E 141 -7.30 44.10 -3.85
CA GLN E 141 -7.50 44.93 -2.68
C GLN E 141 -7.84 46.36 -3.06
N GLN E 142 -8.02 46.66 -4.35
CA GLN E 142 -8.40 47.98 -4.82
C GLN E 142 -9.70 47.99 -5.61
N GLU E 143 -9.99 46.96 -6.41
CA GLU E 143 -11.34 46.81 -6.93
C GLU E 143 -12.31 46.49 -5.80
N LYS E 144 -11.90 45.58 -4.90
CA LYS E 144 -12.58 45.44 -3.63
C LYS E 144 -12.15 46.56 -2.68
N ASN E 145 -12.92 46.72 -1.60
CA ASN E 145 -12.96 47.82 -0.62
C ASN E 145 -13.50 49.12 -1.21
N GLU E 146 -13.83 49.15 -2.52
CA GLU E 146 -14.64 50.20 -3.10
C GLU E 146 -16.00 49.70 -3.56
N GLN E 147 -16.15 48.41 -3.80
CA GLN E 147 -17.45 47.81 -4.01
C GLN E 147 -18.17 47.48 -2.71
N ASP E 148 -17.48 47.60 -1.58
CA ASP E 148 -18.07 47.42 -0.26
C ASP E 148 -18.39 48.76 0.41
N LEU E 149 -18.75 49.77 -0.38
CA LEU E 149 -19.03 51.09 0.14
C LEU E 149 -20.53 51.34 0.24
N ALA F 1 0.95 58.16 10.92
CA ALA F 1 2.29 57.82 11.38
C ALA F 1 3.09 57.12 10.29
N VAL F 2 4.35 56.84 10.57
CA VAL F 2 5.21 56.18 9.60
C VAL F 2 4.86 54.69 9.55
N GLY F 3 5.11 54.06 8.40
CA GLY F 3 4.81 52.66 8.20
C GLY F 3 5.81 52.01 7.26
N ILE F 4 5.69 50.68 7.14
CA ILE F 4 6.56 49.91 6.28
C ILE F 4 5.81 48.91 5.40
N GLY F 5 4.55 48.59 5.67
CA GLY F 5 3.81 47.61 4.92
C GLY F 5 2.96 46.78 5.85
N ALA F 6 2.48 45.66 5.34
CA ALA F 6 1.64 44.77 6.12
C ALA F 6 2.49 43.80 6.94
N VAL F 7 1.81 43.02 7.78
CA VAL F 7 2.47 41.98 8.57
C VAL F 7 1.78 40.66 8.28
N PHE F 8 2.33 39.57 8.83
CA PHE F 8 1.81 38.22 8.58
C PHE F 8 1.50 37.59 9.93
N LEU F 9 0.22 37.66 10.34
CA LEU F 9 -0.16 37.16 11.66
C LEU F 9 -0.15 35.64 11.73
N GLY F 10 -0.47 34.97 10.63
CA GLY F 10 -0.45 33.52 10.56
C GLY F 10 -1.82 32.94 10.26
N PHE F 11 -1.86 31.61 10.22
CA PHE F 11 -3.11 30.89 10.00
C PHE F 11 -4.01 31.05 11.22
N LEU F 12 -5.25 31.49 10.98
CA LEU F 12 -6.27 31.79 12.01
C LEU F 12 -5.78 32.84 13.01
N GLY F 13 -4.90 33.73 12.58
CA GLY F 13 -4.28 34.70 13.45
C GLY F 13 -5.00 36.00 13.62
N ALA F 14 -6.16 36.18 12.98
CA ALA F 14 -6.93 37.42 13.08
C ALA F 14 -8.33 37.18 13.65
N ALA F 15 -8.51 36.10 14.42
CA ALA F 15 -9.81 35.80 15.01
C ALA F 15 -10.19 36.80 16.09
N GLY F 16 -9.22 37.41 16.77
CA GLY F 16 -9.49 38.44 17.74
C GLY F 16 -9.64 39.83 17.17
N SER F 17 -9.31 40.02 15.90
CA SER F 17 -9.40 41.32 15.27
C SER F 17 -10.84 41.61 14.83
N THR F 18 -11.06 42.85 14.41
CA THR F 18 -12.39 43.27 13.96
C THR F 18 -12.69 42.70 12.58
N MET F 19 -13.97 42.77 12.21
CA MET F 19 -14.40 42.24 10.91
C MET F 19 -13.90 43.10 9.76
N GLY F 20 -13.71 44.41 9.98
CA GLY F 20 -13.23 45.28 8.95
C GLY F 20 -11.76 45.17 8.64
N ALA F 21 -11.00 44.46 9.47
CA ALA F 21 -9.58 44.23 9.23
C ALA F 21 -9.22 42.78 8.98
N ALA F 22 -10.04 41.84 9.47
CA ALA F 22 -9.79 40.42 9.22
C ALA F 22 -10.29 39.98 7.85
N SER F 23 -11.11 40.79 7.17
CA SER F 23 -11.59 40.46 5.83
C SER F 23 -10.59 40.82 4.75
N MET F 24 -9.52 41.54 5.09
CA MET F 24 -8.47 41.85 4.13
C MET F 24 -7.41 40.77 4.03
N THR F 25 -7.38 39.82 4.98
CA THR F 25 -6.42 38.73 5.01
C THR F 25 -7.11 37.38 4.89
N LEU F 26 -8.09 37.27 4.00
CA LEU F 26 -8.69 35.97 3.71
C LEU F 26 -7.78 35.10 2.86
N THR F 27 -6.80 35.72 2.19
CA THR F 27 -5.85 34.98 1.37
C THR F 27 -4.99 34.04 2.21
N VAL F 28 -4.60 34.48 3.41
CA VAL F 28 -3.76 33.66 4.30
C VAL F 28 -4.53 32.43 4.78
N GLN F 29 -5.78 32.61 5.20
CA GLN F 29 -6.58 31.50 5.70
C GLN F 29 -7.27 30.72 4.61
N ALA F 30 -7.15 31.15 3.35
CA ALA F 30 -7.57 30.33 2.22
C ALA F 30 -6.40 29.59 1.56
N ARG F 31 -5.17 30.06 1.76
CA ARG F 31 -4.01 29.37 1.19
C ARG F 31 -3.71 28.09 1.96
N ASN F 32 -3.77 28.15 3.30
CA ASN F 32 -3.39 27.01 4.14
C ASN F 32 -4.42 25.91 4.17
N LEU F 33 -5.63 26.15 3.64
CA LEU F 33 -6.64 25.09 3.60
C LEU F 33 -6.37 24.07 2.52
N LEU F 34 -5.49 24.37 1.57
CA LEU F 34 -5.13 23.44 0.51
C LEU F 34 -3.78 22.78 0.80
N LEU F 54 7.92 -3.78 2.47
CA LEU F 54 8.40 -3.09 3.66
C LEU F 54 7.23 -2.63 4.54
N LEU F 55 7.46 -2.56 5.84
CA LEU F 55 6.40 -2.20 6.78
C LEU F 55 6.07 -0.71 6.69
N LYS F 56 7.08 0.15 6.55
CA LYS F 56 6.84 1.58 6.62
C LYS F 56 6.14 2.09 5.35
N LEU F 57 6.41 1.50 4.19
CA LEU F 57 5.74 1.89 2.95
C LEU F 57 4.28 1.49 2.94
N THR F 58 3.94 0.43 3.68
CA THR F 58 2.54 0.05 3.83
C THR F 58 1.82 0.90 4.86
N VAL F 59 2.47 1.17 6.00
CA VAL F 59 1.76 1.77 7.13
C VAL F 59 1.83 3.29 7.10
N TRP F 60 3.05 3.85 7.09
CA TRP F 60 3.22 5.27 7.33
C TRP F 60 2.86 6.12 6.11
N GLY F 61 3.17 5.64 4.91
CA GLY F 61 2.94 6.43 3.71
C GLY F 61 1.49 6.57 3.33
N ILE F 62 0.70 5.51 3.54
CA ILE F 62 -0.70 5.54 3.12
C ILE F 62 -1.54 6.46 3.99
N LYS F 63 -1.12 6.74 5.22
CA LYS F 63 -1.85 7.69 6.05
C LYS F 63 -1.62 9.12 5.59
N GLN F 64 -0.37 9.44 5.21
CA GLN F 64 -0.08 10.75 4.62
C GLN F 64 -0.81 10.93 3.30
N LEU F 65 -0.86 9.87 2.48
CA LEU F 65 -1.57 9.94 1.20
C LEU F 65 -3.07 10.12 1.41
N GLN F 66 -3.64 9.42 2.39
CA GLN F 66 -5.06 9.58 2.70
C GLN F 66 -5.37 10.97 3.24
N ALA F 67 -4.47 11.53 4.06
CA ALA F 67 -4.66 12.88 4.58
C ALA F 67 -4.61 13.93 3.47
N ARG F 68 -3.67 13.79 2.54
CA ARG F 68 -3.58 14.74 1.43
C ARG F 68 -4.78 14.63 0.50
N VAL F 69 -5.24 13.40 0.23
CA VAL F 69 -6.43 13.19 -0.61
C VAL F 69 -7.67 13.76 0.07
N LEU F 70 -7.79 13.57 1.39
CA LEU F 70 -8.93 14.11 2.13
C LEU F 70 -8.94 15.63 2.14
N ALA F 71 -7.77 16.27 2.31
CA ALA F 71 -7.69 17.72 2.28
C ALA F 71 -8.05 18.28 0.90
N VAL F 72 -7.55 17.64 -0.17
CA VAL F 72 -7.84 18.08 -1.53
C VAL F 72 -9.33 17.91 -1.84
N GLU F 73 -9.93 16.79 -1.40
CA GLU F 73 -11.34 16.56 -1.66
C GLU F 73 -12.24 17.49 -0.85
N ARG F 74 -11.85 17.82 0.38
CA ARG F 74 -12.61 18.79 1.16
C ARG F 74 -12.57 20.17 0.53
N TYR F 75 -11.39 20.59 0.04
CA TYR F 75 -11.30 21.87 -0.67
C TYR F 75 -12.12 21.86 -1.95
N LEU F 76 -12.14 20.73 -2.65
CA LEU F 76 -12.91 20.63 -3.90
C LEU F 76 -14.41 20.68 -3.65
N ARG F 77 -14.88 19.98 -2.60
CA ARG F 77 -16.30 20.04 -2.24
C ARG F 77 -16.71 21.45 -1.84
N ASP F 78 -15.87 22.12 -1.06
CA ASP F 78 -16.19 23.47 -0.61
C ASP F 78 -16.15 24.49 -1.73
N GLN F 79 -15.21 24.34 -2.67
CA GLN F 79 -15.17 25.21 -3.84
C GLN F 79 -16.35 24.94 -4.78
N GLN F 80 -16.81 23.69 -4.87
CA GLN F 80 -18.02 23.41 -5.65
C GLN F 80 -19.25 24.04 -5.00
N LEU F 81 -19.31 24.02 -3.66
CA LEU F 81 -20.42 24.67 -2.97
C LEU F 81 -20.39 26.18 -3.17
N LEU F 82 -19.19 26.78 -3.23
CA LEU F 82 -19.12 28.19 -3.62
C LEU F 82 -19.49 28.41 -5.08
N GLY F 83 -19.18 27.44 -5.95
CA GLY F 83 -19.50 27.57 -7.36
C GLY F 83 -20.95 27.36 -7.70
N ILE F 84 -21.72 26.75 -6.79
CA ILE F 84 -23.16 26.59 -7.02
C ILE F 84 -23.86 27.94 -7.02
N TRP F 85 -23.50 28.83 -6.09
CA TRP F 85 -24.16 30.13 -5.93
C TRP F 85 -23.73 31.16 -6.96
N GLY F 86 -23.02 30.78 -8.02
CA GLY F 86 -22.46 31.77 -8.92
C GLY F 86 -21.24 32.48 -8.40
N CYS F 87 -20.59 31.93 -7.37
CA CYS F 87 -19.46 32.57 -6.73
C CYS F 87 -18.23 31.69 -6.83
N SER F 88 -17.97 31.15 -8.02
CA SER F 88 -16.86 30.24 -8.22
C SER F 88 -15.54 31.02 -8.29
N GLY F 89 -14.54 30.55 -7.55
CA GLY F 89 -13.20 31.10 -7.63
C GLY F 89 -12.94 32.31 -6.76
N LYS F 90 -13.85 33.28 -6.77
CA LYS F 90 -13.63 34.52 -6.06
C LYS F 90 -13.78 34.33 -4.56
N LEU F 91 -12.93 35.02 -3.79
CA LEU F 91 -13.05 34.96 -2.34
C LEU F 91 -14.24 35.80 -1.86
N ILE F 92 -14.43 36.97 -2.43
CA ILE F 92 -15.50 37.89 -2.08
C ILE F 92 -16.34 38.15 -3.32
N CYS F 93 -17.65 37.97 -3.20
CA CYS F 93 -18.57 38.25 -4.30
C CYS F 93 -19.92 38.65 -3.73
N CYS F 94 -20.76 39.23 -4.59
CA CYS F 94 -22.04 39.79 -4.17
C CYS F 94 -23.18 39.02 -4.82
N THR F 95 -24.31 38.97 -4.11
CA THR F 95 -25.50 38.26 -4.54
C THR F 95 -26.70 39.21 -4.54
N ASN F 96 -27.90 38.64 -4.75
CA ASN F 96 -29.09 39.44 -4.98
C ASN F 96 -30.17 39.30 -3.90
N VAL F 97 -29.96 38.47 -2.89
CA VAL F 97 -30.94 38.40 -1.80
C VAL F 97 -30.83 39.65 -0.94
N PRO F 98 -31.92 40.16 -0.38
CA PRO F 98 -31.83 41.30 0.53
C PRO F 98 -31.63 40.88 1.97
N TRP F 99 -31.02 41.79 2.75
CA TRP F 99 -30.79 41.54 4.16
C TRP F 99 -32.08 41.82 4.92
N ASN F 100 -32.80 40.76 5.26
CA ASN F 100 -34.02 40.87 6.05
C ASN F 100 -33.70 41.35 7.46
N SER F 101 -34.51 42.28 7.96
CA SER F 101 -34.21 42.96 9.22
C SER F 101 -34.39 42.08 10.44
N SER F 102 -35.02 40.91 10.30
CA SER F 102 -35.16 39.98 11.42
C SER F 102 -33.89 39.19 11.70
N TRP F 103 -32.87 39.29 10.85
CA TRP F 103 -31.62 38.56 11.05
C TRP F 103 -30.62 39.39 11.85
N SER F 104 -31.06 39.83 13.03
CA SER F 104 -30.28 40.55 14.04
C SER F 104 -29.68 41.84 13.46
N ASN F 105 -30.59 42.76 13.13
CA ASN F 105 -30.20 44.01 12.49
C ASN F 105 -29.33 44.91 13.39
N ARG F 106 -28.36 45.57 12.76
CA ARG F 106 -27.41 46.46 13.42
C ARG F 106 -26.97 47.50 12.42
N ASN F 107 -26.29 48.53 12.91
CA ASN F 107 -25.65 49.48 12.01
C ASN F 107 -24.45 48.82 11.34
N LEU F 108 -24.10 49.36 10.17
CA LEU F 108 -22.96 48.82 9.42
C LEU F 108 -21.64 49.15 10.11
N SER F 109 -21.57 50.31 10.78
CA SER F 109 -20.34 50.72 11.45
C SER F 109 -20.03 49.82 12.64
N GLU F 110 -21.03 49.49 13.45
CA GLU F 110 -20.79 48.62 14.59
C GLU F 110 -20.59 47.16 14.17
N ILE F 111 -21.14 46.76 13.02
CA ILE F 111 -20.88 45.41 12.51
C ILE F 111 -19.44 45.30 12.01
N TRP F 112 -18.99 46.29 11.23
CA TRP F 112 -17.69 46.22 10.59
C TRP F 112 -16.56 46.82 11.43
N ASP F 113 -16.85 47.37 12.60
CA ASP F 113 -15.83 48.02 13.42
C ASP F 113 -15.78 47.54 14.86
N ASN F 114 -16.84 46.95 15.40
CA ASN F 114 -16.90 46.62 16.83
C ASN F 114 -17.17 45.15 17.10
N MET F 115 -17.11 44.29 16.09
CA MET F 115 -17.41 42.88 16.27
C MET F 115 -16.26 42.03 15.73
N THR F 116 -16.08 40.86 16.34
CA THR F 116 -15.27 39.81 15.76
C THR F 116 -16.14 38.92 14.88
N TRP F 117 -15.50 38.05 14.11
CA TRP F 117 -16.25 37.12 13.28
C TRP F 117 -16.88 36.01 14.11
N LEU F 118 -16.22 35.66 15.24
CA LEU F 118 -16.76 34.65 16.15
C LEU F 118 -18.07 35.11 16.78
N GLN F 119 -18.14 36.37 17.20
CA GLN F 119 -19.39 36.91 17.75
C GLN F 119 -20.46 37.02 16.68
N TRP F 120 -20.07 37.29 15.43
CA TRP F 120 -21.04 37.35 14.34
C TRP F 120 -21.66 35.99 14.06
N ASP F 121 -20.83 34.95 13.98
CA ASP F 121 -21.39 33.60 13.80
C ASP F 121 -22.04 33.06 15.07
N LYS F 122 -21.77 33.65 16.24
CA LYS F 122 -22.60 33.35 17.40
C LYS F 122 -23.98 34.00 17.27
N GLU F 123 -24.04 35.18 16.66
CA GLU F 123 -25.28 35.93 16.55
C GLU F 123 -26.11 35.61 15.31
N ILE F 124 -25.60 34.81 14.36
CA ILE F 124 -26.33 34.54 13.13
C ILE F 124 -26.70 33.06 12.99
N SER F 125 -26.14 32.18 13.86
CA SER F 125 -26.20 30.73 13.70
C SER F 125 -27.60 30.13 13.76
N ASN F 126 -28.60 30.88 14.25
CA ASN F 126 -29.98 30.41 14.19
C ASN F 126 -30.59 30.54 12.80
N TYR F 127 -29.99 31.34 11.92
CA TYR F 127 -30.61 31.68 10.63
C TYR F 127 -29.76 31.29 9.43
N THR F 128 -28.60 30.65 9.63
CA THR F 128 -27.63 30.51 8.54
C THR F 128 -28.07 29.49 7.49
N GLN F 129 -28.83 28.48 7.87
CA GLN F 129 -29.33 27.51 6.89
C GLN F 129 -30.39 28.13 6.00
N ILE F 130 -31.17 29.08 6.54
CA ILE F 130 -32.12 29.82 5.71
C ILE F 130 -31.39 30.72 4.71
N ILE F 131 -30.25 31.28 5.12
CA ILE F 131 -29.42 32.07 4.20
C ILE F 131 -28.87 31.19 3.09
N TYR F 132 -28.40 29.98 3.43
CA TYR F 132 -27.87 29.08 2.42
C TYR F 132 -28.96 28.59 1.47
N GLY F 133 -30.16 28.32 2.00
CA GLY F 133 -31.26 27.91 1.15
C GLY F 133 -31.76 29.02 0.24
N LEU F 134 -31.79 30.26 0.75
CA LEU F 134 -32.17 31.40 -0.07
C LEU F 134 -31.13 31.72 -1.12
N LEU F 135 -29.85 31.44 -0.83
CA LEU F 135 -28.81 31.65 -1.83
C LEU F 135 -28.85 30.57 -2.91
N GLU F 136 -29.15 29.33 -2.52
CA GLU F 136 -29.19 28.25 -3.50
C GLU F 136 -30.44 28.32 -4.37
N GLU F 137 -31.60 28.64 -3.77
CA GLU F 137 -32.84 28.63 -4.53
C GLU F 137 -32.93 29.83 -5.46
N SER F 138 -32.49 31.00 -5.00
CA SER F 138 -32.47 32.19 -5.83
C SER F 138 -31.13 32.28 -6.56
N GLN F 139 -30.87 33.45 -7.16
CA GLN F 139 -29.63 33.80 -7.86
C GLN F 139 -29.37 32.85 -9.02
N ASN F 140 -28.56 31.81 -8.80
CA ASN F 140 -28.17 30.91 -9.86
C ASN F 140 -29.31 30.05 -10.40
N GLN F 141 -30.45 30.01 -9.73
CA GLN F 141 -31.67 29.46 -10.30
C GLN F 141 -32.73 30.54 -10.53
N GLN F 142 -32.36 31.81 -10.39
CA GLN F 142 -33.23 32.93 -10.75
C GLN F 142 -32.64 33.85 -11.80
N GLU F 143 -31.31 34.06 -11.79
CA GLU F 143 -30.66 34.67 -12.95
C GLU F 143 -30.69 33.71 -14.13
N LYS F 144 -30.34 32.44 -13.89
CA LYS F 144 -30.68 31.39 -14.83
C LYS F 144 -32.17 31.08 -14.72
N ASN F 145 -32.72 30.52 -15.82
CA ASN F 145 -34.13 30.21 -16.11
C ASN F 145 -34.93 31.49 -16.38
N GLU F 146 -34.30 32.66 -16.20
CA GLU F 146 -34.81 33.93 -16.68
C GLU F 146 -34.01 34.45 -17.87
N GLN F 147 -32.70 34.20 -17.90
CA GLN F 147 -31.90 34.49 -19.08
C GLN F 147 -32.18 33.52 -20.21
N ASP F 148 -32.71 32.34 -19.92
CA ASP F 148 -33.07 31.37 -20.95
C ASP F 148 -34.38 31.72 -21.65
N LEU F 149 -35.16 32.65 -21.11
CA LEU F 149 -36.41 33.06 -21.73
C LEU F 149 -36.44 34.56 -21.95
N GLN G 1 -45.55 -3.09 -9.31
CA GLN G 1 -44.63 -3.50 -8.26
C GLN G 1 -44.56 -2.46 -7.13
N GLU G 2 -45.00 -1.24 -7.42
CA GLU G 2 -44.99 -0.18 -6.43
C GLU G 2 -46.10 -0.42 -5.39
N VAL G 3 -45.68 -0.71 -4.15
CA VAL G 3 -46.58 -1.10 -3.08
C VAL G 3 -46.24 -0.37 -1.79
N LEU G 4 -47.20 -0.35 -0.88
CA LEU G 4 -47.05 0.19 0.46
C LEU G 4 -47.48 -0.87 1.46
N VAL G 5 -46.63 -1.14 2.45
CA VAL G 5 -46.89 -2.16 3.46
C VAL G 5 -47.12 -1.46 4.80
N GLN G 6 -48.24 -1.76 5.43
CA GLN G 6 -48.61 -1.17 6.70
C GLN G 6 -48.49 -2.21 7.82
N SER G 7 -48.84 -1.78 9.03
CA SER G 7 -48.81 -2.66 10.18
C SER G 7 -50.08 -3.51 10.25
N GLY G 8 -50.16 -4.38 11.25
CA GLY G 8 -51.29 -5.26 11.43
C GLY G 8 -52.45 -4.57 12.12
N ALA G 9 -53.36 -5.40 12.62
CA ALA G 9 -54.53 -4.90 13.33
C ALA G 9 -54.19 -4.58 14.77
N GLU G 10 -54.45 -3.34 15.19
CA GLU G 10 -54.20 -2.88 16.55
C GLU G 10 -55.50 -2.82 17.34
N VAL G 11 -55.45 -3.26 18.58
CA VAL G 11 -56.55 -3.11 19.53
C VAL G 11 -56.09 -2.17 20.63
N LYS G 12 -57.03 -1.37 21.14
CA LYS G 12 -56.67 -0.27 22.01
C LYS G 12 -57.88 0.15 22.85
N LYS G 13 -57.58 0.77 24.08
CA LYS G 13 -58.32 1.50 25.10
C LYS G 13 -58.29 3.00 24.82
N PRO G 14 -59.34 3.74 25.19
CA PRO G 14 -59.37 5.18 24.88
C PRO G 14 -58.39 5.98 25.74
N GLY G 15 -57.98 7.12 25.19
CA GLY G 15 -57.19 8.10 25.91
C GLY G 15 -55.70 8.05 25.68
N ALA G 16 -55.16 6.93 25.22
CA ALA G 16 -53.73 6.77 25.03
C ALA G 16 -53.35 7.14 23.60
N SER G 17 -52.12 6.79 23.20
CA SER G 17 -51.62 7.07 21.85
C SER G 17 -51.24 5.76 21.15
N VAL G 18 -51.37 5.76 19.83
CA VAL G 18 -51.08 4.61 18.99
C VAL G 18 -50.22 5.07 17.83
N LYS G 19 -49.40 4.16 17.31
CA LYS G 19 -48.48 4.47 16.22
C LYS G 19 -48.62 3.40 15.14
N VAL G 20 -48.83 3.84 13.90
CA VAL G 20 -48.83 2.93 12.76
C VAL G 20 -47.73 3.36 11.79
N SER G 21 -47.34 2.43 10.92
CA SER G 21 -46.21 2.63 10.02
C SER G 21 -46.61 2.29 8.60
N CYS G 22 -45.94 2.94 7.64
CA CYS G 22 -46.12 2.65 6.22
C CYS G 22 -44.75 2.63 5.57
N ARG G 23 -44.39 1.49 4.98
CA ARG G 23 -43.09 1.30 4.33
C ARG G 23 -43.30 1.15 2.83
N ALA G 24 -42.50 1.87 2.06
CA ALA G 24 -42.65 1.94 0.61
C ALA G 24 -41.73 0.97 -0.09
N PHE G 25 -42.24 0.32 -1.14
CA PHE G 25 -41.45 -0.58 -1.97
C PHE G 25 -41.78 -0.31 -3.43
N GLY G 26 -40.80 -0.53 -4.30
CA GLY G 26 -40.99 -0.40 -5.72
C GLY G 26 -40.77 1.00 -6.29
N TYR G 27 -40.44 1.97 -5.45
CA TYR G 27 -40.15 3.32 -5.91
C TYR G 27 -39.25 4.00 -4.88
N THR G 28 -38.58 5.07 -5.30
CA THR G 28 -37.71 5.81 -4.40
C THR G 28 -38.54 6.64 -3.41
N PHE G 29 -38.21 6.54 -2.13
CA PHE G 29 -39.12 6.96 -1.06
C PHE G 29 -39.21 8.48 -0.97
N THR G 30 -38.14 9.19 -1.29
CA THR G 30 -38.08 10.64 -1.13
C THR G 30 -38.54 11.39 -2.37
N GLY G 31 -39.41 10.80 -3.18
CA GLY G 31 -39.84 11.42 -4.42
C GLY G 31 -41.25 11.94 -4.42
N ASN G 32 -42.16 11.25 -3.74
CA ASN G 32 -43.58 11.56 -3.76
C ASN G 32 -44.11 11.73 -2.35
N ALA G 33 -45.02 12.70 -2.17
CA ALA G 33 -45.59 12.97 -0.87
C ALA G 33 -46.58 11.88 -0.47
N LEU G 34 -46.80 11.74 0.84
CA LEU G 34 -47.63 10.68 1.37
C LEU G 34 -48.83 11.26 2.12
N HIS G 35 -50.03 10.82 1.74
CA HIS G 35 -51.27 11.17 2.40
C HIS G 35 -51.69 10.08 3.37
N TRP G 36 -52.39 10.47 4.43
CA TRP G 36 -53.00 9.55 5.37
C TRP G 36 -54.51 9.71 5.33
N VAL G 37 -55.23 8.62 5.10
CA VAL G 37 -56.67 8.63 4.85
C VAL G 37 -57.34 7.62 5.78
N ARG G 38 -58.38 8.05 6.47
CA ARG G 38 -59.11 7.21 7.42
C ARG G 38 -60.48 6.85 6.85
N GLN G 39 -60.92 5.61 7.10
CA GLN G 39 -62.27 5.21 6.76
C GLN G 39 -62.97 4.59 7.96
N ALA G 40 -64.12 5.15 8.31
CA ALA G 40 -65.01 4.58 9.32
C ALA G 40 -65.86 3.48 8.69
N PRO G 41 -66.24 2.46 9.48
CA PRO G 41 -67.12 1.41 8.94
C PRO G 41 -68.53 1.94 8.68
N GLY G 42 -69.04 1.66 7.49
CA GLY G 42 -70.36 2.12 7.09
C GLY G 42 -70.42 3.54 6.57
N GLN G 43 -69.30 4.25 6.56
CA GLN G 43 -69.25 5.63 6.11
C GLN G 43 -68.29 5.74 4.91
N GLY G 44 -68.05 6.97 4.46
CA GLY G 44 -67.07 7.22 3.43
C GLY G 44 -65.68 7.40 3.99
N LEU G 45 -64.73 7.56 3.09
CA LEU G 45 -63.34 7.77 3.50
C LEU G 45 -63.14 9.21 3.92
N GLU G 46 -62.19 9.43 4.83
CA GLU G 46 -61.93 10.74 5.42
C GLU G 46 -60.43 10.99 5.37
N TRP G 47 -60.03 12.25 5.17
CA TRP G 47 -58.64 12.58 4.87
C TRP G 47 -58.07 13.28 6.10
N LEU G 48 -56.85 12.90 6.49
CA LEU G 48 -56.18 13.55 7.62
C LEU G 48 -55.20 14.64 7.18
N GLY G 49 -54.15 14.25 6.47
CA GLY G 49 -53.10 15.19 6.13
C GLY G 49 -52.08 14.52 5.23
N TRP G 50 -50.97 15.22 5.00
CA TRP G 50 -49.95 14.69 4.12
C TRP G 50 -48.57 15.28 4.45
N ILE G 51 -47.55 14.48 4.19
CA ILE G 51 -46.18 14.74 4.60
C ILE G 51 -45.26 14.57 3.40
N ASN G 52 -44.37 15.53 3.20
CA ASN G 52 -43.27 15.39 2.25
C ASN G 52 -42.18 14.54 2.90
N PRO G 53 -41.83 13.38 2.32
CA PRO G 53 -40.81 12.52 2.96
C PRO G 53 -39.39 13.05 2.86
N HIS G 54 -39.13 14.09 2.06
CA HIS G 54 -37.77 14.62 1.92
C HIS G 54 -37.50 15.75 2.92
N SER G 55 -38.31 16.81 2.87
CA SER G 55 -38.06 17.98 3.70
C SER G 55 -38.49 17.78 5.15
N GLY G 56 -39.34 16.80 5.43
CA GLY G 56 -39.86 16.62 6.76
C GLY G 56 -41.04 17.51 7.12
N ASP G 57 -41.56 18.27 6.16
CA ASP G 57 -42.69 19.15 6.42
C ASP G 57 -43.97 18.33 6.42
N THR G 58 -44.83 18.59 7.40
CA THR G 58 -46.11 17.93 7.54
C THR G 58 -47.23 18.97 7.46
N THR G 59 -48.38 18.56 6.91
CA THR G 59 -49.54 19.43 6.88
C THR G 59 -50.76 18.64 7.31
N THR G 60 -51.51 19.20 8.26
CA THR G 60 -52.68 18.57 8.83
C THR G 60 -53.84 19.56 8.74
N SER G 61 -55.06 19.03 8.65
CA SER G 61 -56.26 19.84 8.51
C SER G 61 -56.55 20.65 9.78
N GLN G 62 -57.59 21.47 9.70
CA GLN G 62 -57.90 22.45 10.75
C GLN G 62 -58.57 21.85 11.97
N LYS G 63 -58.84 20.54 11.99
CA LYS G 63 -59.45 19.89 13.14
C LYS G 63 -58.70 18.65 13.64
N PHE G 64 -57.42 18.48 13.29
CA PHE G 64 -56.52 17.56 13.99
C PHE G 64 -55.18 18.20 14.32
N GLN G 65 -55.18 19.39 14.92
CA GLN G 65 -53.93 19.93 15.48
C GLN G 65 -53.73 19.46 16.91
N GLY G 66 -52.53 18.98 17.21
CA GLY G 66 -52.22 18.44 18.51
C GLY G 66 -52.76 17.06 18.79
N ARG G 67 -53.34 16.40 17.80
CA ARG G 67 -53.96 15.10 18.00
C ARG G 67 -53.36 14.08 17.03
N VAL G 68 -52.95 14.55 15.86
CA VAL G 68 -52.38 13.71 14.80
C VAL G 68 -50.98 14.21 14.51
N TYR G 69 -49.99 13.31 14.61
CA TYR G 69 -48.59 13.66 14.38
C TYR G 69 -48.00 12.77 13.30
N MET G 70 -47.05 13.31 12.56
CA MET G 70 -46.55 12.68 11.35
C MET G 70 -45.03 12.78 11.34
N THR G 71 -44.34 11.64 11.26
CA THR G 71 -42.90 11.62 11.20
C THR G 71 -42.44 10.70 10.07
N ARG G 72 -41.15 10.78 9.74
CA ARG G 72 -40.57 10.00 8.66
C ARG G 72 -39.24 9.41 9.09
N ASP G 73 -38.79 8.40 8.35
CA ASP G 73 -37.47 7.82 8.54
C ASP G 73 -36.96 7.41 7.17
N LYS G 74 -35.98 8.17 6.65
CA LYS G 74 -35.45 7.95 5.32
C LYS G 74 -34.46 6.79 5.26
N SER G 75 -33.93 6.35 6.40
CA SER G 75 -32.97 5.26 6.39
C SER G 75 -33.62 3.91 6.12
N ILE G 76 -34.86 3.73 6.59
CA ILE G 76 -35.61 2.50 6.39
C ILE G 76 -36.86 2.72 5.55
N ASN G 77 -37.02 3.93 5.00
CA ASN G 77 -38.11 4.30 4.07
C ASN G 77 -39.49 4.11 4.68
N THR G 78 -39.71 4.70 5.86
CA THR G 78 -40.97 4.53 6.57
C THR G 78 -41.58 5.88 6.92
N ALA G 79 -42.90 5.90 7.01
CA ALA G 79 -43.66 7.03 7.51
C ALA G 79 -44.48 6.57 8.71
N PHE G 80 -44.35 7.28 9.83
CA PHE G 80 -45.02 6.95 11.07
C PHE G 80 -46.15 7.94 11.33
N LEU G 81 -47.34 7.39 11.59
CA LEU G 81 -48.50 8.18 11.98
C LEU G 81 -48.80 7.91 13.44
N ASP G 82 -48.80 8.96 14.25
CA ASP G 82 -49.10 8.89 15.67
C ASP G 82 -50.48 9.50 15.90
N VAL G 83 -51.42 8.70 16.39
CA VAL G 83 -52.76 9.15 16.72
C VAL G 83 -52.89 9.16 18.24
N THR G 84 -53.17 10.33 18.80
CA THR G 84 -53.31 10.48 20.24
C THR G 84 -54.77 10.77 20.59
N ARG G 85 -55.09 10.59 21.88
CA ARG G 85 -56.38 10.94 22.48
C ARG G 85 -57.54 10.21 21.79
N LEU G 86 -57.49 8.89 21.89
CA LEU G 86 -58.40 8.03 21.13
C LEU G 86 -59.79 8.03 21.74
N THR G 87 -60.80 8.19 20.89
CA THR G 87 -62.20 8.17 21.29
C THR G 87 -62.90 6.95 20.66
N SER G 88 -64.21 6.84 20.90
CA SER G 88 -64.99 5.75 20.33
C SER G 88 -65.28 5.95 18.84
N ASP G 89 -65.12 7.17 18.33
CA ASP G 89 -65.35 7.45 16.92
C ASP G 89 -64.17 7.09 16.03
N ASP G 90 -63.05 6.65 16.61
CA ASP G 90 -61.82 6.44 15.86
C ASP G 90 -61.60 4.98 15.48
N THR G 91 -62.59 4.11 15.68
CA THR G 91 -62.48 2.74 15.21
C THR G 91 -62.68 2.71 13.70
N GLY G 92 -61.69 2.20 12.98
CA GLY G 92 -61.76 2.21 11.53
C GLY G 92 -60.44 1.75 10.93
N ILE G 93 -60.30 1.99 9.63
CA ILE G 93 -59.13 1.54 8.90
C ILE G 93 -58.30 2.74 8.44
N TYR G 94 -56.99 2.53 8.43
CA TYR G 94 -55.99 3.53 8.04
C TYR G 94 -55.40 3.15 6.69
N TYR G 95 -55.22 4.16 5.84
CA TYR G 95 -54.62 4.01 4.52
C TYR G 95 -53.49 5.01 4.40
N CYS G 96 -52.32 4.54 3.97
CA CYS G 96 -51.25 5.42 3.51
C CYS G 96 -51.27 5.42 1.98
N ALA G 97 -51.15 6.62 1.40
CA ALA G 97 -51.35 6.78 -0.03
C ALA G 97 -50.20 7.56 -0.64
N ARG G 98 -49.76 7.13 -1.82
CA ARG G 98 -48.75 7.83 -2.59
C ARG G 98 -49.43 8.82 -3.52
N ASP G 99 -49.08 10.10 -3.39
CA ASP G 99 -49.51 11.09 -4.35
C ASP G 99 -48.75 10.91 -5.65
N LYS G 100 -49.44 11.14 -6.77
CA LYS G 100 -48.79 11.08 -8.07
C LYS G 100 -47.78 12.21 -8.24
N TYR G 101 -48.16 13.41 -7.78
CA TYR G 101 -47.26 14.54 -7.54
C TYR G 101 -46.59 15.01 -8.84
N TYR G 102 -47.40 15.60 -9.71
CA TYR G 102 -46.95 16.07 -11.02
C TYR G 102 -46.81 17.59 -10.97
N GLY G 103 -45.61 18.09 -11.24
CA GLY G 103 -45.33 19.51 -11.21
C GLY G 103 -45.40 20.15 -9.84
N ASN G 104 -44.96 19.42 -8.80
CA ASN G 104 -44.92 19.86 -7.41
C ASN G 104 -46.28 20.29 -6.88
N GLU G 105 -47.34 19.62 -7.32
CA GLU G 105 -48.69 19.90 -6.86
C GLU G 105 -49.44 18.59 -6.66
N ALA G 106 -50.50 18.64 -5.85
CA ALA G 106 -51.33 17.46 -5.62
C ALA G 106 -52.15 17.16 -6.87
N VAL G 107 -52.08 15.92 -7.34
CA VAL G 107 -52.75 15.52 -8.57
C VAL G 107 -53.73 14.39 -8.28
N GLY G 108 -53.27 13.36 -7.60
CA GLY G 108 -54.13 12.23 -7.28
C GLY G 108 -53.40 11.19 -6.47
N MET G 109 -54.16 10.21 -6.00
CA MET G 109 -53.68 9.15 -5.11
C MET G 109 -53.73 7.84 -5.87
N ASP G 110 -52.57 7.29 -6.24
CA ASP G 110 -52.53 6.12 -7.11
C ASP G 110 -52.20 4.83 -6.37
N VAL G 111 -51.33 4.87 -5.36
CA VAL G 111 -50.89 3.68 -4.65
C VAL G 111 -51.44 3.74 -3.24
N TRP G 112 -52.09 2.66 -2.82
CA TRP G 112 -52.70 2.56 -1.50
C TRP G 112 -52.23 1.27 -0.84
N GLY G 113 -52.12 1.31 0.48
CA GLY G 113 -51.74 0.15 1.24
C GLY G 113 -52.90 -0.81 1.45
N GLN G 114 -52.59 -1.93 2.11
CA GLN G 114 -53.63 -2.89 2.44
C GLN G 114 -54.52 -2.43 3.59
N GLY G 115 -54.07 -1.47 4.38
CA GLY G 115 -54.89 -0.89 5.42
C GLY G 115 -54.56 -1.45 6.79
N THR G 116 -54.80 -0.62 7.82
CA THR G 116 -54.55 -1.00 9.20
C THR G 116 -55.84 -0.80 10.00
N SER G 117 -56.32 -1.86 10.63
CA SER G 117 -57.56 -1.80 11.38
C SER G 117 -57.28 -1.46 12.84
N VAL G 118 -57.96 -0.45 13.36
CA VAL G 118 -57.84 -0.04 14.76
C VAL G 118 -59.22 -0.03 15.39
N THR G 119 -59.34 -0.60 16.59
CA THR G 119 -60.59 -0.68 17.32
C THR G 119 -60.37 -0.09 18.70
N VAL G 120 -61.17 0.92 19.05
CA VAL G 120 -61.08 1.55 20.37
C VAL G 120 -62.44 1.54 21.05
N ASP H 1 -65.51 24.64 5.31
CA ASP H 1 -64.84 23.72 4.40
C ASP H 1 -65.47 23.74 3.01
N ILE H 2 -65.19 22.69 2.25
CA ILE H 2 -65.74 22.50 0.91
C ILE H 2 -66.66 21.28 0.95
N GLN H 3 -67.84 21.41 0.33
CA GLN H 3 -68.83 20.34 0.29
C GLN H 3 -68.98 19.85 -1.14
N LEU H 4 -68.87 18.53 -1.33
CA LEU H 4 -69.10 17.89 -2.62
C LEU H 4 -70.37 17.07 -2.54
N THR H 5 -71.25 17.23 -3.54
CA THR H 5 -72.51 16.51 -3.58
C THR H 5 -72.53 15.59 -4.80
N GLN H 6 -72.88 14.33 -4.58
CA GLN H 6 -72.96 13.35 -5.65
C GLN H 6 -74.41 13.18 -6.10
N SER H 7 -74.58 12.76 -7.36
CA SER H 7 -75.89 12.43 -7.86
C SER H 7 -75.77 11.38 -8.96
N PRO H 8 -76.55 10.28 -8.88
CA PRO H 8 -77.47 9.91 -7.81
C PRO H 8 -76.74 9.23 -6.64
N SER H 9 -77.44 8.87 -5.57
CA SER H 9 -76.81 8.17 -4.45
C SER H 9 -76.71 6.68 -4.71
N PHE H 10 -77.86 6.02 -4.89
CA PHE H 10 -77.93 4.61 -5.22
C PHE H 10 -78.48 4.47 -6.63
N LEU H 11 -77.87 3.60 -7.43
CA LEU H 11 -78.23 3.45 -8.83
C LEU H 11 -78.30 1.97 -9.18
N SER H 12 -79.30 1.60 -9.98
CA SER H 12 -79.44 0.25 -10.49
C SER H 12 -79.30 0.28 -12.01
N ALA H 13 -78.45 -0.58 -12.54
CA ALA H 13 -78.19 -0.63 -13.98
C ALA H 13 -77.92 -2.06 -14.40
N SER H 14 -78.08 -2.30 -15.70
CA SER H 14 -77.84 -3.60 -16.30
C SER H 14 -76.51 -3.59 -17.05
N VAL H 15 -76.22 -4.71 -17.72
CA VAL H 15 -74.95 -4.87 -18.43
C VAL H 15 -75.07 -4.19 -19.80
N GLY H 16 -74.15 -3.27 -20.08
CA GLY H 16 -74.07 -2.63 -21.38
C GLY H 16 -74.67 -1.24 -21.46
N ASP H 17 -75.11 -0.66 -20.35
CA ASP H 17 -75.70 0.67 -20.37
C ASP H 17 -74.62 1.74 -20.41
N LYS H 18 -75.03 2.95 -20.79
CA LYS H 18 -74.17 4.14 -20.76
C LYS H 18 -74.72 5.09 -19.72
N VAL H 19 -74.03 5.21 -18.58
CA VAL H 19 -74.58 5.89 -17.42
C VAL H 19 -73.55 6.89 -16.90
N THR H 20 -74.05 7.91 -16.21
CA THR H 20 -73.29 9.11 -15.82
C THR H 20 -73.41 9.34 -14.33
N ILE H 21 -72.26 9.56 -13.68
CA ILE H 21 -72.19 9.93 -12.27
C ILE H 21 -71.77 11.40 -12.18
N THR H 22 -72.47 12.18 -11.35
CA THR H 22 -72.34 13.64 -11.38
C THR H 22 -71.86 14.15 -10.02
N CYS H 23 -70.88 15.07 -10.04
CA CYS H 23 -70.28 15.66 -8.85
C CYS H 23 -70.42 17.18 -8.85
N ARG H 24 -70.72 17.70 -7.65
CA ARG H 24 -70.96 19.11 -7.35
C ARG H 24 -69.92 19.60 -6.36
N ALA H 25 -69.36 20.77 -6.62
CA ALA H 25 -68.51 21.47 -5.68
C ALA H 25 -69.23 22.72 -5.16
N SER H 26 -68.74 23.24 -4.03
CA SER H 26 -69.36 24.43 -3.44
C SER H 26 -69.08 25.67 -4.28
N GLN H 27 -67.84 25.87 -4.68
CA GLN H 27 -67.46 26.94 -5.60
C GLN H 27 -66.65 26.34 -6.75
N GLY H 28 -66.22 27.21 -7.66
CA GLY H 28 -65.48 26.76 -8.83
C GLY H 28 -64.07 26.34 -8.44
N VAL H 29 -63.70 25.13 -8.85
CA VAL H 29 -62.38 24.57 -8.54
C VAL H 29 -61.60 24.25 -9.81
N ARG H 30 -61.91 24.94 -10.91
CA ARG H 30 -61.25 24.86 -12.21
C ARG H 30 -61.35 23.44 -12.77
N ASN H 31 -60.29 22.62 -12.63
CA ASN H 31 -60.33 21.25 -13.10
C ASN H 31 -59.61 20.31 -12.14
N GLU H 32 -59.33 20.75 -10.92
CA GLU H 32 -58.63 19.94 -9.93
C GLU H 32 -59.63 18.94 -9.34
N LEU H 33 -59.79 17.83 -10.05
CA LEU H 33 -60.68 16.75 -9.63
C LEU H 33 -60.01 15.41 -9.90
N ALA H 34 -60.26 14.44 -9.02
CA ALA H 34 -59.85 13.06 -9.23
C ALA H 34 -61.02 12.13 -8.92
N TRP H 35 -61.28 11.19 -9.83
CA TRP H 35 -62.31 10.18 -9.67
C TRP H 35 -61.67 8.85 -9.24
N TYR H 36 -62.32 8.18 -8.29
CA TYR H 36 -61.84 6.92 -7.72
C TYR H 36 -62.97 5.91 -7.73
N GLN H 37 -62.59 4.62 -7.64
CA GLN H 37 -63.53 3.51 -7.49
C GLN H 37 -63.03 2.59 -6.40
N GLN H 38 -63.94 2.16 -5.52
CA GLN H 38 -63.62 1.33 -4.37
C GLN H 38 -64.59 0.16 -4.30
N LYS H 39 -64.03 -1.08 -4.17
CA LYS H 39 -64.63 -2.36 -3.87
C LYS H 39 -64.75 -2.54 -2.36
N PRO H 40 -65.75 -3.30 -1.89
CA PRO H 40 -65.85 -3.57 -0.44
C PRO H 40 -64.73 -4.49 0.02
N GLY H 41 -64.05 -4.08 1.09
CA GLY H 41 -62.94 -4.84 1.63
C GLY H 41 -61.61 -4.63 0.93
N LYS H 42 -61.56 -3.75 -0.07
CA LYS H 42 -60.34 -3.51 -0.82
C LYS H 42 -60.02 -2.02 -0.83
N ALA H 43 -58.73 -1.71 -0.94
CA ALA H 43 -58.30 -0.33 -1.05
C ALA H 43 -58.66 0.21 -2.43
N PRO H 44 -59.03 1.49 -2.54
CA PRO H 44 -59.38 2.05 -3.85
C PRO H 44 -58.14 2.27 -4.71
N ASN H 45 -58.40 2.53 -5.99
CA ASN H 45 -57.37 2.88 -6.95
C ASN H 45 -57.79 4.12 -7.72
N LEU H 46 -56.82 4.81 -8.30
CA LEU H 46 -57.13 6.03 -9.04
C LEU H 46 -57.69 5.68 -10.42
N LEU H 47 -58.67 6.45 -10.85
CA LEU H 47 -59.31 6.28 -12.15
C LEU H 47 -59.13 7.49 -13.05
N ILE H 48 -59.40 8.69 -12.54
CA ILE H 48 -59.27 9.91 -13.34
C ILE H 48 -58.51 10.94 -12.52
N TYR H 49 -57.44 11.49 -13.09
CA TYR H 49 -56.77 12.65 -12.53
C TYR H 49 -56.89 13.82 -13.50
N TYR H 50 -56.85 15.03 -12.94
CA TYR H 50 -57.01 16.31 -13.64
C TYR H 50 -58.36 16.45 -14.33
N ALA H 51 -59.36 15.66 -13.91
CA ALA H 51 -60.76 15.67 -14.32
C ALA H 51 -61.01 15.30 -15.79
N SER H 52 -59.96 15.07 -16.57
CA SER H 52 -60.12 14.67 -17.96
C SER H 52 -59.12 13.61 -18.42
N THR H 53 -58.05 13.34 -17.68
CA THR H 53 -56.96 12.49 -18.15
C THR H 53 -57.16 11.08 -17.60
N LEU H 54 -57.07 10.10 -18.50
CA LEU H 54 -57.24 8.70 -18.11
C LEU H 54 -56.00 8.19 -17.40
N GLN H 55 -56.22 7.41 -16.34
CA GLN H 55 -55.13 6.75 -15.64
C GLN H 55 -54.59 5.59 -16.48
N SER H 56 -53.26 5.44 -16.50
CA SER H 56 -52.65 4.33 -17.21
C SER H 56 -52.98 3.01 -16.53
N GLY H 57 -53.50 2.05 -17.31
CA GLY H 57 -53.86 0.74 -16.82
C GLY H 57 -55.36 0.45 -16.86
N VAL H 58 -56.20 1.46 -17.07
CA VAL H 58 -57.64 1.27 -17.10
C VAL H 58 -58.07 1.01 -18.55
N PRO H 59 -59.15 0.26 -18.78
CA PRO H 59 -59.77 0.28 -20.11
C PRO H 59 -60.30 1.66 -20.46
N SER H 60 -60.33 1.95 -21.75
CA SER H 60 -60.65 3.29 -22.26
C SER H 60 -62.16 3.54 -22.37
N ARG H 61 -63.00 2.66 -21.83
CA ARG H 61 -64.45 2.88 -21.88
C ARG H 61 -64.92 3.94 -20.89
N PHE H 62 -64.09 4.31 -19.92
CA PHE H 62 -64.43 5.36 -18.97
C PHE H 62 -64.17 6.73 -19.61
N SER H 63 -64.97 7.71 -19.21
CA SER H 63 -64.72 9.08 -19.63
C SER H 63 -65.12 10.03 -18.50
N ALA H 64 -64.46 11.18 -18.43
CA ALA H 64 -64.74 12.18 -17.41
C ALA H 64 -64.65 13.56 -18.03
N THR H 65 -65.67 14.38 -17.78
CA THR H 65 -65.75 15.74 -18.29
C THR H 65 -66.20 16.69 -17.18
N GLY H 66 -65.99 17.97 -17.42
CA GLY H 66 -66.52 19.00 -16.55
C GLY H 66 -65.48 20.07 -16.23
N SER H 67 -65.98 21.18 -15.66
CA SER H 67 -65.17 22.28 -15.18
C SER H 67 -65.96 23.06 -14.16
N GLY H 68 -65.24 23.85 -13.34
CA GLY H 68 -65.87 24.68 -12.33
C GLY H 68 -66.54 23.89 -11.23
N THR H 69 -67.87 23.89 -11.22
CA THR H 69 -68.66 23.07 -10.32
C THR H 69 -69.29 21.87 -11.01
N HIS H 70 -69.21 21.82 -12.34
CA HIS H 70 -69.91 20.82 -13.15
C HIS H 70 -68.96 19.65 -13.38
N PHE H 71 -69.21 18.51 -12.73
CA PHE H 71 -68.37 17.35 -13.03
C PHE H 71 -69.21 16.12 -13.32
N THR H 72 -68.80 15.35 -14.34
CA THR H 72 -69.46 14.10 -14.69
C THR H 72 -68.43 13.07 -15.10
N LEU H 73 -68.76 11.79 -14.87
CA LEU H 73 -68.15 10.68 -15.57
C LEU H 73 -69.23 9.92 -16.32
N THR H 74 -68.84 9.34 -17.45
CA THR H 74 -69.73 8.54 -18.28
C THR H 74 -69.05 7.23 -18.62
N VAL H 75 -69.78 6.13 -18.47
CA VAL H 75 -69.31 4.83 -18.91
C VAL H 75 -70.28 4.29 -19.96
N SER H 76 -69.72 3.74 -21.04
CA SER H 76 -70.51 3.34 -22.21
C SER H 76 -71.03 1.92 -22.10
N SER H 77 -70.37 1.05 -21.35
CA SER H 77 -70.81 -0.33 -21.16
C SER H 77 -70.48 -0.78 -19.76
N LEU H 78 -71.38 -1.56 -19.16
CA LEU H 78 -71.14 -2.13 -17.84
C LEU H 78 -70.61 -3.54 -17.95
N GLN H 79 -69.64 -3.84 -17.10
CA GLN H 79 -68.98 -5.13 -16.96
C GLN H 79 -68.99 -5.53 -15.49
N PRO H 80 -68.98 -6.84 -15.18
CA PRO H 80 -69.26 -7.28 -13.79
C PRO H 80 -68.21 -6.87 -12.75
N GLU H 81 -67.06 -6.37 -13.14
CA GLU H 81 -66.09 -5.84 -12.19
C GLU H 81 -66.18 -4.32 -12.03
N ASP H 82 -67.17 -3.67 -12.64
CA ASP H 82 -67.32 -2.22 -12.55
C ASP H 82 -68.39 -1.80 -11.54
N PHE H 83 -69.09 -2.73 -10.90
CA PHE H 83 -70.13 -2.39 -9.95
C PHE H 83 -69.48 -2.17 -8.58
N ALA H 84 -69.28 -0.91 -8.20
CA ALA H 84 -68.56 -0.57 -6.99
C ALA H 84 -68.97 0.84 -6.56
N THR H 85 -68.21 1.43 -5.64
CA THR H 85 -68.51 2.75 -5.08
C THR H 85 -67.60 3.80 -5.70
N TYR H 86 -68.17 4.92 -6.14
CA TYR H 86 -67.46 5.92 -6.92
C TYR H 86 -67.27 7.19 -6.11
N PHE H 87 -66.09 7.80 -6.23
CA PHE H 87 -65.67 8.94 -5.41
C PHE H 87 -65.17 10.07 -6.30
N CYS H 88 -65.44 11.32 -5.89
CA CYS H 88 -64.86 12.51 -6.51
C CYS H 88 -64.15 13.34 -5.46
N GLN H 89 -62.93 13.79 -5.77
CA GLN H 89 -62.06 14.53 -4.85
C GLN H 89 -61.57 15.81 -5.50
N HIS H 90 -61.63 16.91 -4.76
CA HIS H 90 -61.01 18.16 -5.17
C HIS H 90 -59.71 18.38 -4.42
N MET H 91 -58.75 19.03 -5.08
CA MET H 91 -57.52 19.45 -4.43
C MET H 91 -57.11 20.86 -4.84
N SER H 92 -58.08 21.73 -5.13
CA SER H 92 -57.76 23.13 -5.44
C SER H 92 -57.33 23.89 -4.19
N SER H 93 -57.95 23.59 -3.04
CA SER H 93 -57.65 24.32 -1.81
C SER H 93 -57.92 23.42 -0.61
N TYR H 94 -57.33 23.80 0.52
CA TYR H 94 -57.59 23.11 1.78
C TYR H 94 -59.02 23.40 2.23
N PRO H 95 -59.68 22.41 2.90
CA PRO H 95 -59.30 21.01 3.10
C PRO H 95 -59.45 20.12 1.88
N LEU H 96 -58.89 18.92 1.97
CA LEU H 96 -58.94 17.92 0.90
C LEU H 96 -60.08 16.97 1.22
N THR H 97 -61.26 17.19 0.65
CA THR H 97 -62.40 16.41 1.06
C THR H 97 -62.86 15.49 -0.07
N PHE H 98 -63.63 14.47 0.30
CA PHE H 98 -63.96 13.34 -0.57
C PHE H 98 -65.44 13.41 -0.96
N GLY H 99 -65.85 12.42 -1.75
CA GLY H 99 -67.26 12.28 -2.08
C GLY H 99 -68.00 11.45 -1.05
N GLY H 100 -69.34 11.46 -1.17
CA GLY H 100 -70.16 10.73 -0.23
C GLY H 100 -70.23 9.24 -0.50
N GLY H 101 -70.00 8.82 -1.74
CA GLY H 101 -70.10 7.41 -2.09
C GLY H 101 -71.29 7.10 -2.97
N THR H 102 -71.04 6.70 -4.21
CA THR H 102 -72.09 6.35 -5.16
C THR H 102 -71.95 4.87 -5.50
N LYS H 103 -72.80 4.04 -4.92
CA LYS H 103 -72.77 2.60 -5.14
C LYS H 103 -73.74 2.24 -6.25
N VAL H 104 -73.27 1.47 -7.23
CA VAL H 104 -74.08 1.04 -8.36
C VAL H 104 -74.30 -0.46 -8.28
N GLU H 105 -75.39 -0.92 -8.88
CA GLU H 105 -75.74 -2.34 -8.86
C GLU H 105 -76.39 -2.72 -10.19
N GLN I 1 18.65 15.73 -41.31
CA GLN I 1 17.98 14.94 -40.29
C GLN I 1 16.50 14.80 -40.60
N GLU I 2 15.87 15.91 -40.97
CA GLU I 2 14.44 15.93 -41.29
C GLU I 2 14.23 15.34 -42.68
N VAL I 3 13.78 14.09 -42.75
CA VAL I 3 13.69 13.36 -44.01
C VAL I 3 12.30 12.76 -44.18
N LEU I 4 11.99 12.44 -45.43
CA LEU I 4 10.77 11.72 -45.80
C LEU I 4 11.17 10.45 -46.55
N VAL I 5 10.57 9.33 -46.18
CA VAL I 5 10.87 8.03 -46.77
C VAL I 5 9.62 7.51 -47.44
N GLN I 6 9.72 7.19 -48.73
CA GLN I 6 8.61 6.63 -49.48
C GLN I 6 8.80 5.13 -49.65
N SER I 7 7.92 4.50 -50.44
CA SER I 7 7.92 3.07 -50.65
C SER I 7 8.63 2.75 -51.97
N GLY I 8 8.61 1.47 -52.35
CA GLY I 8 9.27 1.02 -53.55
C GLY I 8 8.46 1.25 -54.81
N ALA I 9 9.08 0.92 -55.94
CA ALA I 9 8.47 1.11 -57.24
C ALA I 9 7.41 0.04 -57.50
N GLU I 10 6.49 0.36 -58.42
CA GLU I 10 5.42 -0.56 -58.79
C GLU I 10 5.19 -0.49 -60.29
N VAL I 11 4.74 -1.61 -60.85
CA VAL I 11 4.28 -1.69 -62.24
C VAL I 11 2.89 -2.30 -62.22
N LYS I 12 1.93 -1.59 -62.82
CA LYS I 12 0.53 -1.98 -62.74
C LYS I 12 -0.13 -1.93 -64.11
N LYS I 13 -1.17 -2.74 -64.27
CA LYS I 13 -1.97 -2.71 -65.48
C LYS I 13 -2.83 -1.45 -65.53
N PRO I 14 -3.22 -0.99 -66.72
CA PRO I 14 -4.12 0.16 -66.80
C PRO I 14 -5.49 -0.14 -66.23
N GLY I 15 -6.11 0.89 -65.66
CA GLY I 15 -7.41 0.78 -65.04
C GLY I 15 -7.41 0.30 -63.60
N ALA I 16 -6.25 -0.02 -63.04
CA ALA I 16 -6.15 -0.53 -61.68
C ALA I 16 -5.96 0.64 -60.71
N SER I 17 -5.63 0.32 -59.46
CA SER I 17 -5.36 1.32 -58.45
C SER I 17 -4.01 1.04 -57.79
N VAL I 18 -3.31 2.10 -57.42
CA VAL I 18 -1.98 2.01 -56.83
C VAL I 18 -1.97 2.79 -55.51
N LYS I 19 -1.26 2.24 -54.52
CA LYS I 19 -1.14 2.83 -53.19
C LYS I 19 0.32 3.13 -52.91
N VAL I 20 0.62 4.37 -52.51
CA VAL I 20 1.97 4.77 -52.16
C VAL I 20 1.94 5.46 -50.80
N SER I 21 2.98 5.25 -50.00
CA SER I 21 3.04 5.77 -48.64
C SER I 21 4.25 6.68 -48.47
N CYS I 22 4.11 7.67 -47.58
CA CYS I 22 5.19 8.57 -47.22
C CYS I 22 5.27 8.68 -45.70
N ARG I 23 6.47 8.51 -45.16
CA ARG I 23 6.71 8.52 -43.73
C ARG I 23 7.68 9.65 -43.39
N ALA I 24 7.48 10.27 -42.23
CA ALA I 24 8.22 11.45 -41.83
C ALA I 24 9.12 11.14 -40.64
N PHE I 25 10.43 11.38 -40.79
CA PHE I 25 11.40 11.20 -39.73
C PHE I 25 12.07 12.53 -39.44
N GLY I 26 12.30 12.81 -38.16
CA GLY I 26 13.07 13.97 -37.75
C GLY I 26 12.28 15.22 -37.46
N TYR I 27 10.96 15.20 -37.61
CA TYR I 27 10.13 16.35 -37.25
C TYR I 27 8.76 15.84 -36.84
N THR I 28 8.03 16.68 -36.11
CA THR I 28 6.69 16.30 -35.65
C THR I 28 5.71 16.29 -36.82
N PHE I 29 4.98 15.18 -36.96
CA PHE I 29 4.24 14.93 -38.19
C PHE I 29 2.96 15.77 -38.27
N THR I 30 2.38 16.13 -37.12
CA THR I 30 1.11 16.83 -37.07
C THR I 30 1.27 18.34 -37.08
N GLY I 31 2.34 18.86 -37.66
CA GLY I 31 2.60 20.29 -37.63
C GLY I 31 2.73 20.96 -38.97
N ASN I 32 2.86 20.18 -40.04
CA ASN I 32 3.06 20.74 -41.38
C ASN I 32 2.28 19.93 -42.40
N ALA I 33 1.67 20.63 -43.35
CA ALA I 33 0.88 19.98 -44.39
C ALA I 33 1.78 19.27 -45.39
N LEU I 34 1.23 18.25 -46.04
CA LEU I 34 1.97 17.43 -46.99
C LEU I 34 1.42 17.60 -48.39
N HIS I 35 2.32 17.86 -49.35
CA HIS I 35 1.99 18.02 -50.75
C HIS I 35 2.42 16.78 -51.55
N TRP I 36 1.74 16.56 -52.67
CA TRP I 36 2.05 15.45 -53.58
C TRP I 36 2.25 15.98 -54.98
N VAL I 37 3.40 15.70 -55.59
CA VAL I 37 3.68 16.11 -56.97
C VAL I 37 4.19 14.93 -57.78
N ARG I 38 3.90 14.94 -59.09
CA ARG I 38 4.35 13.90 -60.02
C ARG I 38 5.11 14.54 -61.17
N GLN I 39 6.14 13.85 -61.65
CA GLN I 39 6.80 14.22 -62.89
C GLN I 39 6.70 13.08 -63.90
N ALA I 40 6.23 13.39 -65.09
CA ALA I 40 6.36 12.46 -66.21
C ALA I 40 7.77 12.56 -66.78
N PRO I 41 8.36 11.45 -67.22
CA PRO I 41 9.73 11.49 -67.77
C PRO I 41 9.77 12.21 -69.10
N GLY I 42 10.51 13.31 -69.15
CA GLY I 42 10.64 14.14 -70.34
C GLY I 42 10.18 15.57 -70.16
N GLN I 43 9.38 15.86 -69.13
CA GLN I 43 8.86 17.21 -68.90
C GLN I 43 8.93 17.49 -67.40
N GLY I 44 8.28 18.57 -66.99
CA GLY I 44 8.40 19.07 -65.63
C GLY I 44 7.43 18.42 -64.65
N LEU I 45 7.48 18.93 -63.42
CA LEU I 45 6.62 18.46 -62.33
C LEU I 45 5.18 18.89 -62.56
N GLU I 46 4.25 18.09 -62.03
CA GLU I 46 2.85 18.48 -61.96
C GLU I 46 2.30 18.08 -60.60
N TRP I 47 1.31 18.84 -60.13
CA TRP I 47 0.84 18.81 -58.75
C TRP I 47 -0.48 18.04 -58.64
N LEU I 48 -0.64 17.33 -57.51
CA LEU I 48 -1.82 16.50 -57.27
C LEU I 48 -2.72 17.07 -56.17
N GLY I 49 -2.20 17.27 -54.97
CA GLY I 49 -3.03 17.69 -53.86
C GLY I 49 -2.24 17.73 -52.57
N TRP I 50 -2.87 18.29 -51.54
CA TRP I 50 -2.20 18.46 -50.27
C TRP I 50 -3.17 18.28 -49.10
N ILE I 51 -2.62 17.81 -47.98
CA ILE I 51 -3.40 17.27 -46.88
C ILE I 51 -2.82 17.77 -45.55
N ASN I 52 -3.72 18.11 -44.62
CA ASN I 52 -3.35 18.35 -43.22
C ASN I 52 -3.27 17.02 -42.47
N PRO I 53 -2.16 16.76 -41.76
CA PRO I 53 -2.07 15.51 -40.99
C PRO I 53 -2.75 15.55 -39.63
N HIS I 54 -3.30 16.69 -39.22
CA HIS I 54 -4.00 16.78 -37.93
C HIS I 54 -5.50 16.63 -38.09
N SER I 55 -6.14 17.50 -38.87
CA SER I 55 -7.59 17.47 -39.00
C SER I 55 -8.04 16.36 -39.93
N GLY I 56 -7.28 16.07 -40.98
CA GLY I 56 -7.68 15.10 -41.98
C GLY I 56 -8.37 15.69 -43.18
N ASP I 57 -8.53 17.01 -43.24
CA ASP I 57 -9.11 17.66 -44.40
C ASP I 57 -8.13 17.57 -45.58
N THR I 58 -8.68 17.43 -46.79
CA THR I 58 -7.88 17.27 -48.00
C THR I 58 -8.13 18.41 -48.96
N THR I 59 -7.22 18.58 -49.93
CA THR I 59 -7.45 19.49 -51.04
C THR I 59 -6.88 18.87 -52.30
N THR I 60 -7.75 18.68 -53.29
CA THR I 60 -7.44 17.97 -54.53
C THR I 60 -7.67 18.91 -55.71
N SER I 61 -6.82 18.81 -56.73
CA SER I 61 -6.92 19.62 -57.93
C SER I 61 -8.18 19.29 -58.72
N GLN I 62 -8.61 20.25 -59.54
CA GLN I 62 -9.82 20.09 -60.34
C GLN I 62 -9.64 19.08 -61.47
N LYS I 63 -8.40 18.84 -61.91
CA LYS I 63 -8.17 17.91 -63.01
C LYS I 63 -8.36 16.46 -62.56
N PHE I 64 -8.06 16.15 -61.30
CA PHE I 64 -8.10 14.79 -60.79
C PHE I 64 -9.10 14.67 -59.65
N GLN I 65 -10.28 15.27 -59.81
CA GLN I 65 -11.33 15.12 -58.81
C GLN I 65 -11.96 13.73 -58.90
N GLY I 66 -11.98 13.02 -57.78
CA GLY I 66 -12.46 11.65 -57.77
C GLY I 66 -11.49 10.63 -58.29
N ARG I 67 -10.26 11.03 -58.62
CA ARG I 67 -9.24 10.13 -59.15
C ARG I 67 -8.18 9.75 -58.13
N VAL I 68 -7.75 10.70 -57.30
CA VAL I 68 -6.74 10.44 -56.28
C VAL I 68 -7.36 10.70 -54.90
N TYR I 69 -6.88 9.96 -53.91
CA TYR I 69 -7.39 10.06 -52.56
C TYR I 69 -6.23 10.05 -51.56
N MET I 70 -6.35 10.88 -50.53
CA MET I 70 -5.28 11.12 -49.57
C MET I 70 -5.78 10.79 -48.18
N THR I 71 -5.12 9.84 -47.51
CA THR I 71 -5.45 9.46 -46.14
C THR I 71 -4.19 9.58 -45.28
N ARG I 72 -4.37 9.42 -43.97
CA ARG I 72 -3.29 9.63 -43.02
C ARG I 72 -3.36 8.58 -41.92
N ASP I 73 -2.25 8.43 -41.19
CA ASP I 73 -2.20 7.59 -40.01
C ASP I 73 -1.15 8.16 -39.08
N LYS I 74 -1.54 8.40 -37.82
CA LYS I 74 -0.70 9.11 -36.87
C LYS I 74 0.11 8.20 -35.96
N SER I 75 -0.28 6.93 -35.80
CA SER I 75 0.50 6.01 -34.98
C SER I 75 1.79 5.60 -35.69
N ILE I 76 1.77 5.58 -37.02
CA ILE I 76 2.96 5.27 -37.81
C ILE I 76 3.57 6.53 -38.42
N ASN I 77 2.82 7.64 -38.40
CA ASN I 77 3.17 8.93 -39.03
C ASN I 77 3.42 8.75 -40.53
N THR I 78 2.35 8.33 -41.21
CA THR I 78 2.39 8.05 -42.63
C THR I 78 1.20 8.71 -43.34
N ALA I 79 1.40 9.00 -44.62
CA ALA I 79 0.36 9.52 -45.49
C ALA I 79 0.25 8.60 -46.71
N PHE I 80 -0.98 8.21 -47.04
CA PHE I 80 -1.26 7.28 -48.12
C PHE I 80 -1.91 8.02 -49.28
N LEU I 81 -1.39 7.80 -50.48
CA LEU I 81 -1.98 8.30 -51.72
C LEU I 81 -2.46 7.11 -52.53
N ASP I 82 -3.74 7.16 -52.92
CA ASP I 82 -4.37 6.14 -53.75
C ASP I 82 -4.71 6.76 -55.10
N VAL I 83 -4.25 6.14 -56.18
CA VAL I 83 -4.54 6.59 -57.53
C VAL I 83 -5.35 5.50 -58.22
N THR I 84 -6.55 5.84 -58.69
CA THR I 84 -7.49 4.88 -59.25
C THR I 84 -7.61 5.08 -60.76
N ARG I 85 -7.89 3.97 -61.46
CA ARG I 85 -8.12 3.91 -62.91
C ARG I 85 -6.93 4.48 -63.69
N LEU I 86 -5.81 3.76 -63.56
CA LEU I 86 -4.55 4.17 -64.16
C LEU I 86 -4.61 4.13 -65.68
N THR I 87 -3.94 5.10 -66.31
CA THR I 87 -3.82 5.19 -67.76
C THR I 87 -2.34 5.10 -68.14
N SER I 88 -2.07 5.24 -69.44
CA SER I 88 -0.69 5.24 -69.92
C SER I 88 0.03 6.55 -69.61
N ASP I 89 -0.72 7.63 -69.35
CA ASP I 89 -0.12 8.92 -69.03
C ASP I 89 0.30 9.04 -67.58
N ASP I 90 -0.02 8.06 -66.74
CA ASP I 90 0.32 8.10 -65.32
C ASP I 90 1.68 7.48 -65.02
N THR I 91 2.42 7.07 -66.04
CA THR I 91 3.78 6.56 -65.83
C THR I 91 4.71 7.71 -65.46
N GLY I 92 5.30 7.65 -64.27
CA GLY I 92 6.12 8.74 -63.81
C GLY I 92 6.53 8.56 -62.37
N ILE I 93 7.07 9.64 -61.80
CA ILE I 93 7.67 9.63 -60.47
C ILE I 93 6.78 10.45 -59.53
N TYR I 94 6.39 9.83 -58.42
CA TYR I 94 5.66 10.47 -57.34
C TYR I 94 6.62 10.98 -56.28
N TYR I 95 6.22 12.09 -55.64
CA TYR I 95 7.02 12.79 -54.63
C TYR I 95 6.08 13.29 -53.55
N CYS I 96 6.38 12.95 -52.30
CA CYS I 96 5.75 13.58 -51.15
C CYS I 96 6.66 14.69 -50.64
N ALA I 97 6.05 15.76 -50.14
CA ALA I 97 6.81 16.93 -49.74
C ALA I 97 6.22 17.54 -48.48
N ARG I 98 7.10 18.08 -47.65
CA ARG I 98 6.74 18.81 -46.45
C ARG I 98 6.72 20.30 -46.79
N ASP I 99 5.55 20.92 -46.65
CA ASP I 99 5.43 22.36 -46.84
C ASP I 99 5.86 23.08 -45.57
N LYS I 100 6.53 24.22 -45.73
CA LYS I 100 7.07 24.95 -44.58
C LYS I 100 5.96 25.49 -43.69
N TYR I 101 4.89 26.02 -44.30
CA TYR I 101 3.60 26.31 -43.66
C TYR I 101 3.76 27.34 -42.55
N TYR I 102 4.13 28.55 -42.97
CA TYR I 102 4.33 29.67 -42.06
C TYR I 102 3.07 30.51 -41.99
N GLY I 103 2.61 30.79 -40.77
CA GLY I 103 1.42 31.61 -40.58
C GLY I 103 0.12 30.95 -40.97
N ASN I 104 0.13 29.61 -41.09
CA ASN I 104 -1.02 28.79 -41.55
C ASN I 104 -1.46 29.17 -42.97
N GLU I 105 -0.50 29.22 -43.89
CA GLU I 105 -0.77 29.15 -45.31
C GLU I 105 0.41 28.49 -46.00
N ALA I 106 0.25 28.22 -47.30
CA ALA I 106 1.32 27.62 -48.07
C ALA I 106 2.41 28.64 -48.37
N VAL I 107 3.66 28.25 -48.13
CA VAL I 107 4.83 29.09 -48.37
C VAL I 107 5.80 28.44 -49.36
N GLY I 108 6.17 27.20 -49.10
CA GLY I 108 7.10 26.49 -49.96
C GLY I 108 7.51 25.15 -49.40
N MET I 109 7.70 24.18 -50.29
CA MET I 109 8.05 22.83 -49.89
C MET I 109 9.57 22.63 -49.89
N ASP I 110 10.08 22.04 -48.81
CA ASP I 110 11.52 22.03 -48.58
C ASP I 110 12.11 20.64 -48.39
N VAL I 111 11.33 19.72 -47.83
CA VAL I 111 11.78 18.35 -47.58
C VAL I 111 11.02 17.42 -48.52
N TRP I 112 11.74 16.61 -49.26
CA TRP I 112 11.17 15.77 -50.31
C TRP I 112 11.51 14.31 -50.03
N GLY I 113 10.64 13.42 -50.52
CA GLY I 113 10.95 12.00 -50.51
C GLY I 113 11.88 11.62 -51.64
N GLN I 114 12.35 10.37 -51.60
CA GLN I 114 13.24 9.89 -52.64
C GLN I 114 12.52 9.58 -53.94
N GLY I 115 11.22 9.40 -53.90
CA GLY I 115 10.43 9.23 -55.11
C GLY I 115 9.98 7.79 -55.30
N THR I 116 8.84 7.65 -55.97
CA THR I 116 8.29 6.33 -56.29
C THR I 116 7.95 6.30 -57.78
N SER I 117 8.58 5.40 -58.52
CA SER I 117 8.38 5.32 -59.96
C SER I 117 7.30 4.30 -60.27
N VAL I 118 6.32 4.70 -61.09
CA VAL I 118 5.23 3.83 -61.50
C VAL I 118 5.15 3.81 -63.02
N THR I 119 4.68 2.69 -63.55
CA THR I 119 4.56 2.49 -64.99
C THR I 119 3.23 1.84 -65.35
N ASP J 1 -7.14 28.12 -65.06
CA ASP J 1 -5.97 28.12 -64.21
C ASP J 1 -5.08 29.33 -64.49
N ILE J 2 -3.88 29.32 -63.92
CA ILE J 2 -2.90 30.38 -64.13
C ILE J 2 -1.68 29.76 -64.79
N GLN J 3 -1.30 30.29 -65.95
CA GLN J 3 -0.18 29.75 -66.71
C GLN J 3 1.11 30.44 -66.31
N LEU J 4 2.19 29.65 -66.21
CA LEU J 4 3.51 30.13 -65.84
C LEU J 4 4.44 29.92 -67.03
N THR J 5 5.13 31.00 -67.44
CA THR J 5 6.06 30.96 -68.56
C THR J 5 7.43 31.38 -68.08
N GLN J 6 8.46 30.64 -68.50
CA GLN J 6 9.83 30.91 -68.13
C GLN J 6 10.62 31.27 -69.38
N SER J 7 11.37 32.36 -69.31
CA SER J 7 12.19 32.82 -70.44
C SER J 7 13.63 33.00 -69.98
N PRO J 8 14.60 32.42 -70.70
CA PRO J 8 14.46 31.49 -71.83
C PRO J 8 14.34 30.04 -71.36
N SER J 9 13.89 29.13 -72.23
CA SER J 9 13.82 27.72 -71.86
C SER J 9 15.20 27.09 -71.79
N PHE J 10 16.03 27.34 -72.80
CA PHE J 10 17.39 26.81 -72.86
C PHE J 10 18.38 27.97 -72.90
N LEU J 11 19.48 27.83 -72.17
CA LEU J 11 20.52 28.84 -72.16
C LEU J 11 21.87 28.16 -71.96
N SER J 12 22.90 28.71 -72.59
CA SER J 12 24.27 28.23 -72.44
C SER J 12 25.12 29.34 -71.84
N ALA J 13 25.89 29.02 -70.81
CA ALA J 13 26.73 30.01 -70.14
C ALA J 13 27.95 29.32 -69.56
N SER J 14 28.97 30.13 -69.26
CA SER J 14 30.23 29.64 -68.73
C SER J 14 30.32 29.89 -67.23
N VAL J 15 31.41 29.39 -66.64
CA VAL J 15 31.62 29.51 -65.20
C VAL J 15 32.04 30.93 -64.86
N GLY J 16 31.34 31.54 -63.91
CA GLY J 16 31.67 32.88 -63.46
C GLY J 16 30.86 34.01 -64.08
N ASP J 17 29.77 33.70 -64.77
CA ASP J 17 28.98 34.71 -65.45
C ASP J 17 27.86 35.23 -64.55
N LYS J 18 26.93 35.97 -65.13
CA LYS J 18 25.77 36.54 -64.46
C LYS J 18 24.56 36.14 -65.29
N VAL J 19 23.57 35.47 -64.68
CA VAL J 19 22.43 35.04 -65.49
C VAL J 19 21.13 35.49 -64.82
N THR J 20 20.12 35.78 -65.63
CA THR J 20 18.80 36.17 -65.17
C THR J 20 17.76 35.36 -65.92
N ILE J 21 16.84 34.75 -65.18
CA ILE J 21 15.76 33.93 -65.75
C ILE J 21 14.44 34.55 -65.31
N THR J 22 13.55 34.80 -66.28
CA THR J 22 12.31 35.52 -66.01
C THR J 22 11.13 34.57 -65.92
N CYS J 23 10.39 34.66 -64.81
CA CYS J 23 9.14 33.94 -64.62
C CYS J 23 7.98 34.92 -64.76
N ARG J 24 6.96 34.50 -65.49
CA ARG J 24 5.82 35.35 -65.84
C ARG J 24 4.53 34.60 -65.61
N ALA J 25 3.55 35.27 -65.03
CA ALA J 25 2.24 34.70 -64.77
C ALA J 25 1.18 35.49 -65.52
N SER J 26 0.05 34.82 -65.79
CA SER J 26 -1.02 35.44 -66.55
C SER J 26 -1.79 36.47 -65.74
N GLN J 27 -1.79 36.37 -64.41
CA GLN J 27 -2.51 37.29 -63.54
C GLN J 27 -1.62 37.72 -62.40
N GLY J 28 -2.12 38.67 -61.61
CA GLY J 28 -1.38 39.13 -60.43
C GLY J 28 -1.32 38.07 -59.35
N VAL J 29 -0.14 37.91 -58.76
CA VAL J 29 0.13 36.80 -57.85
C VAL J 29 0.79 37.36 -56.59
N ARG J 30 0.88 38.70 -56.51
CA ARG J 30 1.47 39.46 -55.40
C ARG J 30 2.95 39.06 -55.26
N ASN J 31 3.30 38.19 -54.30
CA ASN J 31 4.69 37.79 -54.11
C ASN J 31 4.81 36.32 -53.72
N GLU J 32 3.73 35.55 -53.83
CA GLU J 32 3.70 34.16 -53.39
C GLU J 32 4.32 33.28 -54.48
N LEU J 33 5.64 33.35 -54.57
CA LEU J 33 6.43 32.61 -55.54
C LEU J 33 7.42 31.73 -54.81
N ALA J 34 7.71 30.56 -55.40
CA ALA J 34 8.74 29.68 -54.88
C ALA J 34 9.66 29.27 -56.03
N TRP J 35 10.96 29.43 -55.83
CA TRP J 35 11.97 29.04 -56.81
C TRP J 35 12.69 27.79 -56.33
N TYR J 36 12.71 26.78 -57.19
CA TYR J 36 13.34 25.49 -56.94
C TYR J 36 14.35 25.19 -58.04
N GLN J 37 15.25 24.24 -57.77
CA GLN J 37 16.14 23.69 -58.78
C GLN J 37 16.14 22.18 -58.66
N GLN J 38 16.48 21.51 -59.76
CA GLN J 38 16.53 20.06 -59.77
C GLN J 38 17.56 19.57 -60.77
N LYS J 39 18.41 18.56 -60.31
CA LYS J 39 19.32 17.67 -61.01
C LYS J 39 18.59 16.41 -61.45
N PRO J 40 18.93 15.88 -62.63
CA PRO J 40 18.27 14.65 -63.10
C PRO J 40 18.67 13.46 -62.25
N GLY J 41 17.67 12.63 -61.92
CA GLY J 41 17.85 11.53 -61.00
C GLY J 41 17.78 11.92 -59.53
N LYS J 42 17.46 13.17 -59.23
CA LYS J 42 17.42 13.65 -57.85
C LYS J 42 16.15 14.46 -57.62
N ALA J 43 15.72 14.48 -56.36
CA ALA J 43 14.57 15.26 -55.97
C ALA J 43 14.93 16.75 -55.93
N PRO J 44 13.98 17.64 -56.23
CA PRO J 44 14.25 19.08 -56.15
C PRO J 44 14.38 19.56 -54.71
N ASN J 45 14.96 20.74 -54.55
CA ASN J 45 15.07 21.41 -53.27
C ASN J 45 14.66 22.88 -53.40
N LEU J 46 14.25 23.46 -52.27
CA LEU J 46 13.80 24.85 -52.28
C LEU J 46 15.00 25.78 -52.27
N LEU J 47 14.88 26.86 -53.03
CA LEU J 47 15.87 27.93 -53.05
C LEU J 47 15.31 29.25 -52.56
N ILE J 48 14.22 29.73 -53.15
CA ILE J 48 13.62 31.00 -52.76
C ILE J 48 12.18 30.77 -52.35
N TYR J 49 11.81 31.29 -51.18
CA TYR J 49 10.41 31.39 -50.77
C TYR J 49 10.06 32.86 -50.61
N TYR J 50 8.77 33.15 -50.80
CA TYR J 50 8.17 34.50 -50.72
C TYR J 50 8.78 35.47 -51.74
N ALA J 51 9.39 34.95 -52.81
CA ALA J 51 9.95 35.64 -53.97
C ALA J 51 11.15 36.53 -53.67
N SER J 52 11.56 36.69 -52.41
CA SER J 52 12.73 37.51 -52.10
C SER J 52 13.62 36.94 -51.00
N THR J 53 13.18 35.95 -50.22
CA THR J 53 13.90 35.53 -49.02
C THR J 53 14.72 34.29 -49.32
N LEU J 54 16.01 34.34 -48.96
CA LEU J 54 16.91 33.21 -49.16
C LEU J 54 16.61 32.11 -48.14
N GLN J 55 16.58 30.87 -48.63
CA GLN J 55 16.45 29.72 -47.75
C GLN J 55 17.75 29.51 -46.97
N SER J 56 17.63 29.11 -45.71
CA SER J 56 18.81 28.77 -44.92
C SER J 56 19.44 27.49 -45.47
N GLY J 57 20.64 27.61 -46.03
CA GLY J 57 21.34 26.47 -46.58
C GLY J 57 21.92 26.70 -47.96
N VAL J 58 21.21 27.45 -48.80
CA VAL J 58 21.68 27.76 -50.15
C VAL J 58 22.75 28.84 -50.02
N PRO J 59 23.77 28.89 -50.87
CA PRO J 59 24.72 30.00 -50.83
C PRO J 59 24.08 31.33 -51.21
N SER J 60 24.75 32.40 -50.77
CA SER J 60 24.24 33.76 -50.89
C SER J 60 24.46 34.38 -52.27
N ARG J 61 25.06 33.64 -53.21
CA ARG J 61 25.28 34.16 -54.55
C ARG J 61 23.99 34.27 -55.37
N PHE J 62 22.91 33.64 -54.93
CA PHE J 62 21.64 33.69 -55.64
C PHE J 62 20.82 34.88 -55.16
N SER J 63 19.91 35.35 -56.00
CA SER J 63 18.99 36.41 -55.62
C SER J 63 17.72 36.29 -56.44
N ALA J 64 16.64 36.87 -55.92
CA ALA J 64 15.36 36.82 -56.61
C ALA J 64 14.60 38.12 -56.36
N THR J 65 14.13 38.73 -57.45
CA THR J 65 13.37 39.98 -57.37
C THR J 65 12.10 39.83 -58.18
N GLY J 66 11.20 40.80 -58.04
CA GLY J 66 10.02 40.85 -58.88
C GLY J 66 8.72 41.05 -58.15
N SER J 67 7.68 41.42 -58.91
CA SER J 67 6.35 41.64 -58.38
C SER J 67 5.34 41.55 -59.51
N GLY J 68 4.07 41.49 -59.14
CA GLY J 68 2.97 41.46 -60.09
C GLY J 68 2.96 40.23 -60.96
N THR J 69 3.30 40.42 -62.23
CA THR J 69 3.43 39.31 -63.17
C THR J 69 4.85 39.14 -63.69
N HIS J 70 5.82 39.87 -63.13
CA HIS J 70 7.19 39.87 -63.64
C HIS J 70 8.14 39.52 -62.52
N PHE J 71 8.90 38.44 -62.68
CA PHE J 71 9.85 38.01 -61.65
C PHE J 71 11.15 37.57 -62.29
N THR J 72 12.25 37.78 -61.57
CA THR J 72 13.59 37.44 -62.06
C THR J 72 14.34 36.66 -60.99
N LEU J 73 14.97 35.57 -61.42
CA LEU J 73 15.94 34.82 -60.63
C LEU J 73 17.31 35.13 -61.19
N THR J 74 18.20 35.68 -60.36
CA THR J 74 19.51 36.14 -60.80
C THR J 74 20.59 35.36 -60.07
N VAL J 75 21.50 34.75 -60.84
CA VAL J 75 22.70 34.14 -60.31
C VAL J 75 23.86 35.08 -60.58
N SER J 76 24.53 35.50 -59.50
CA SER J 76 25.63 36.45 -59.58
C SER J 76 26.91 35.81 -60.09
N SER J 77 27.19 34.58 -59.69
CA SER J 77 28.37 33.85 -60.14
C SER J 77 27.98 32.41 -60.39
N LEU J 78 28.20 31.93 -61.61
CA LEU J 78 27.77 30.60 -62.00
C LEU J 78 28.86 29.60 -61.64
N GLN J 79 28.52 28.67 -60.82
CA GLN J 79 29.34 27.58 -60.31
C GLN J 79 28.96 26.28 -61.02
N PRO J 80 29.91 25.35 -61.23
CA PRO J 80 29.61 24.18 -62.07
C PRO J 80 28.64 23.19 -61.46
N GLU J 81 28.46 23.16 -60.14
CA GLU J 81 27.44 22.30 -59.55
C GLU J 81 26.06 22.96 -59.51
N ASP J 82 25.97 24.27 -59.81
CA ASP J 82 24.69 24.96 -59.85
C ASP J 82 23.99 24.82 -61.19
N PHE J 83 24.60 24.15 -62.16
CA PHE J 83 23.99 23.92 -63.47
C PHE J 83 22.86 22.91 -63.31
N ALA J 84 21.62 23.40 -63.21
CA ALA J 84 20.48 22.55 -62.92
C ALA J 84 19.30 23.03 -63.75
N THR J 85 18.11 22.52 -63.43
CA THR J 85 16.87 22.92 -64.09
C THR J 85 16.02 23.69 -63.09
N TYR J 86 15.61 24.91 -63.45
CA TYR J 86 15.06 25.87 -62.49
C TYR J 86 13.55 25.98 -62.69
N PHE J 87 12.79 25.89 -61.60
CA PHE J 87 11.34 25.96 -61.60
C PHE J 87 10.86 27.13 -60.75
N CYS J 88 9.74 27.73 -61.18
CA CYS J 88 9.03 28.74 -60.43
C CYS J 88 7.57 28.29 -60.24
N GLN J 89 7.09 28.36 -59.00
CA GLN J 89 5.76 27.87 -58.63
C GLN J 89 4.98 28.97 -57.93
N HIS J 90 3.79 29.26 -58.45
CA HIS J 90 2.87 30.20 -57.82
C HIS J 90 1.94 29.47 -56.86
N MET J 91 1.47 30.19 -55.86
CA MET J 91 0.50 29.62 -54.91
C MET J 91 -0.59 30.62 -54.54
N SER J 92 -1.09 31.37 -55.53
CA SER J 92 -2.16 32.33 -55.25
C SER J 92 -3.49 31.60 -55.02
N SER J 93 -3.80 30.63 -55.87
CA SER J 93 -5.08 29.94 -55.80
C SER J 93 -4.94 28.57 -56.46
N TYR J 94 -5.96 27.74 -56.25
CA TYR J 94 -6.00 26.42 -56.86
C TYR J 94 -6.26 26.54 -58.36
N PRO J 95 -5.71 25.62 -59.17
CA PRO J 95 -4.71 24.60 -58.83
C PRO J 95 -3.28 25.14 -58.78
N LEU J 96 -2.40 24.48 -58.03
CA LEU J 96 -0.98 24.78 -58.08
C LEU J 96 -0.39 24.27 -59.38
N THR J 97 0.59 25.00 -59.93
CA THR J 97 1.27 24.56 -61.13
C THR J 97 2.71 25.07 -61.11
N PHE J 98 3.53 24.44 -61.95
CA PHE J 98 4.95 24.73 -62.04
C PHE J 98 5.25 25.50 -63.32
N GLY J 99 6.54 25.77 -63.54
CA GLY J 99 6.99 26.41 -64.75
C GLY J 99 7.36 25.41 -65.83
N GLY J 100 7.85 25.95 -66.95
CA GLY J 100 8.27 25.10 -68.05
C GLY J 100 9.58 24.38 -67.83
N GLY J 101 10.41 24.88 -66.90
CA GLY J 101 11.70 24.28 -66.65
C GLY J 101 12.80 24.95 -67.44
N THR J 102 13.72 25.63 -66.74
CA THR J 102 14.81 26.36 -67.36
C THR J 102 16.10 25.58 -67.13
N LYS J 103 16.59 24.91 -68.17
CA LYS J 103 17.82 24.14 -68.11
C LYS J 103 18.97 24.98 -68.63
N VAL J 104 20.07 25.01 -67.88
CA VAL J 104 21.26 25.78 -68.24
C VAL J 104 22.39 24.81 -68.57
N GLU J 105 23.25 25.23 -69.49
CA GLU J 105 24.39 24.42 -69.91
C GLU J 105 25.47 25.33 -70.48
N GLN K 1 3.88 37.50 29.68
CA GLN K 1 4.24 36.26 29.00
C GLN K 1 5.14 36.54 27.80
N GLU K 2 4.79 37.57 27.03
CA GLU K 2 5.56 37.94 25.85
C GLU K 2 6.85 38.63 26.28
N VAL K 3 7.99 37.97 26.05
CA VAL K 3 9.29 38.48 26.47
C VAL K 3 10.26 38.44 25.30
N LEU K 4 11.39 39.13 25.48
CA LEU K 4 12.46 39.21 24.49
C LEU K 4 13.76 38.77 25.15
N VAL K 5 14.41 37.77 24.56
CA VAL K 5 15.60 37.14 25.13
C VAL K 5 16.78 37.43 24.21
N GLN K 6 17.87 37.91 24.77
CA GLN K 6 19.03 38.35 24.02
C GLN K 6 20.27 37.56 24.43
N SER K 7 21.43 38.00 23.94
CA SER K 7 22.72 37.43 24.33
C SER K 7 23.28 38.21 25.52
N GLY K 8 24.54 37.95 25.87
CA GLY K 8 25.17 38.60 27.01
C GLY K 8 25.83 39.93 26.65
N ALA K 9 26.46 40.51 27.66
CA ALA K 9 27.21 41.75 27.48
C ALA K 9 28.49 41.50 26.69
N GLU K 10 28.91 42.50 25.93
CA GLU K 10 30.07 42.40 25.06
C GLU K 10 31.02 43.55 25.31
N VAL K 11 32.32 43.28 25.20
CA VAL K 11 33.34 44.34 25.22
C VAL K 11 34.21 44.21 23.97
N LYS K 12 34.25 45.28 23.18
CA LYS K 12 34.91 45.32 21.88
C LYS K 12 35.82 46.54 21.81
N LYS K 13 36.81 46.45 20.93
CA LYS K 13 37.76 47.54 20.71
C LYS K 13 37.23 48.50 19.64
N PRO K 14 37.68 49.76 19.66
CA PRO K 14 37.22 50.72 18.63
C PRO K 14 37.68 50.34 17.23
N GLY K 15 36.85 50.67 16.25
CA GLY K 15 37.09 50.30 14.87
C GLY K 15 36.55 48.94 14.46
N ALA K 16 36.03 48.15 15.41
CA ALA K 16 35.53 46.82 15.14
C ALA K 16 34.01 46.88 14.91
N SER K 17 33.37 45.71 14.88
CA SER K 17 31.93 45.59 14.71
C SER K 17 31.37 44.70 15.82
N VAL K 18 30.16 45.01 16.25
CA VAL K 18 29.51 44.26 17.33
C VAL K 18 28.16 43.74 16.83
N LYS K 19 27.79 42.57 17.33
CA LYS K 19 26.59 41.85 16.91
C LYS K 19 25.71 41.58 18.12
N VAL K 20 24.41 41.89 18.01
CA VAL K 20 23.46 41.66 19.08
C VAL K 20 22.22 40.98 18.51
N SER K 21 21.69 39.99 19.22
CA SER K 21 20.54 39.22 18.80
C SER K 21 19.36 39.45 19.74
N CYS K 22 18.16 39.33 19.21
CA CYS K 22 16.92 39.47 19.99
C CYS K 22 15.92 38.41 19.52
N ARG K 23 15.48 37.55 20.44
CA ARG K 23 14.57 36.46 20.15
C ARG K 23 13.24 36.69 20.85
N ALA K 24 12.15 36.32 20.20
CA ALA K 24 10.80 36.60 20.69
C ALA K 24 10.20 35.36 21.34
N PHE K 25 9.49 35.58 22.45
CA PHE K 25 8.73 34.53 23.11
C PHE K 25 7.35 35.04 23.47
N GLY K 26 6.34 34.18 23.30
CA GLY K 26 4.99 34.50 23.68
C GLY K 26 4.13 35.13 22.60
N TYR K 27 4.69 35.44 21.44
CA TYR K 27 3.91 36.02 20.35
C TYR K 27 4.51 35.58 19.01
N THR K 28 3.71 35.74 17.96
CA THR K 28 4.18 35.46 16.61
C THR K 28 5.13 36.58 16.18
N PHE K 29 6.38 36.20 15.91
CA PHE K 29 7.45 37.17 15.65
C PHE K 29 7.22 37.96 14.37
N THR K 30 6.51 37.39 13.41
CA THR K 30 6.23 38.05 12.14
C THR K 30 4.97 38.90 12.16
N GLY K 31 4.55 39.37 13.34
CA GLY K 31 3.31 40.10 13.47
C GLY K 31 3.45 41.57 13.83
N ASN K 32 4.54 41.94 14.50
CA ASN K 32 4.73 43.30 14.96
C ASN K 32 6.12 43.79 14.57
N ALA K 33 6.21 45.09 14.26
CA ALA K 33 7.48 45.70 13.89
C ALA K 33 8.40 45.80 15.10
N LEU K 34 9.71 45.73 14.86
CA LEU K 34 10.70 45.64 15.91
C LEU K 34 11.64 46.83 15.85
N HIS K 35 11.83 47.51 16.99
CA HIS K 35 12.69 48.68 17.08
C HIS K 35 13.94 48.35 17.87
N TRP K 36 15.03 49.06 17.56
CA TRP K 36 16.28 49.00 18.30
C TRP K 36 16.61 50.37 18.86
N VAL K 37 17.09 50.42 20.10
CA VAL K 37 17.39 51.70 20.75
C VAL K 37 18.60 51.53 21.66
N ARG K 38 19.39 52.59 21.78
CA ARG K 38 20.60 52.60 22.59
C ARG K 38 20.46 53.56 23.77
N GLN K 39 21.32 53.35 24.77
CA GLN K 39 21.47 54.26 25.90
C GLN K 39 22.91 54.39 26.34
N ALA K 40 23.49 55.57 26.11
CA ALA K 40 24.66 56.00 26.84
C ALA K 40 24.26 56.30 28.28
N PRO K 41 25.17 56.11 29.24
CA PRO K 41 24.81 56.37 30.65
C PRO K 41 24.65 57.86 30.94
N GLY K 42 23.55 58.20 31.59
CA GLY K 42 23.27 59.57 31.98
C GLY K 42 22.63 60.44 30.93
N GLN K 43 22.28 59.89 29.77
CA GLN K 43 21.67 60.66 28.69
C GLN K 43 20.21 60.23 28.52
N GLY K 44 19.53 60.86 27.56
CA GLY K 44 18.18 60.44 27.20
C GLY K 44 18.18 59.40 26.08
N LEU K 45 17.01 58.81 25.84
CA LEU K 45 16.89 57.80 24.80
C LEU K 45 17.00 58.42 23.40
N GLU K 46 17.83 57.80 22.58
CA GLU K 46 17.98 58.11 21.17
C GLU K 46 18.03 56.81 20.38
N TRP K 47 17.44 56.85 19.19
CA TRP K 47 16.90 55.69 18.49
C TRP K 47 17.71 55.32 17.25
N LEU K 48 17.82 54.01 17.00
CA LEU K 48 18.60 53.48 15.89
C LEU K 48 17.77 53.24 14.62
N GLY K 49 16.80 52.34 14.70
CA GLY K 49 16.12 51.88 13.50
C GLY K 49 15.03 50.90 13.85
N TRP K 50 14.25 50.55 12.83
CA TRP K 50 13.22 49.54 13.03
C TRP K 50 13.01 48.74 11.75
N ILE K 51 12.52 47.52 11.95
CA ILE K 51 12.50 46.49 10.91
C ILE K 51 11.18 45.73 10.98
N ASN K 52 10.61 45.42 9.82
CA ASN K 52 9.55 44.44 9.71
C ASN K 52 10.15 43.04 9.76
N PRO K 53 9.70 42.17 10.66
CA PRO K 53 10.20 40.79 10.68
C PRO K 53 9.54 39.87 9.65
N HIS K 54 8.67 40.40 8.79
CA HIS K 54 8.06 39.62 7.72
C HIS K 54 8.64 39.93 6.34
N SER K 55 8.87 41.21 6.03
CA SER K 55 9.41 41.59 4.74
C SER K 55 10.92 41.76 4.76
N GLY K 56 11.52 41.98 5.92
CA GLY K 56 12.95 42.17 6.01
C GLY K 56 13.43 43.57 5.69
N ASP K 57 12.52 44.50 5.39
CA ASP K 57 12.92 45.87 5.13
C ASP K 57 13.34 46.57 6.42
N THR K 58 14.40 47.36 6.33
CA THR K 58 14.96 48.07 7.46
C THR K 58 14.80 49.57 7.25
N THR K 59 14.83 50.32 8.36
CA THR K 59 14.85 51.77 8.26
C THR K 59 15.68 52.33 9.40
N THR K 60 16.61 53.22 9.05
CA THR K 60 17.58 53.81 9.97
C THR K 60 17.55 55.32 9.81
N SER K 61 18.00 56.04 10.83
CA SER K 61 17.99 57.50 10.86
C SER K 61 18.97 58.10 9.85
N GLN K 62 19.01 59.43 9.81
CA GLN K 62 19.80 60.17 8.82
C GLN K 62 21.28 60.22 9.15
N LYS K 63 21.70 59.71 10.30
CA LYS K 63 23.08 59.76 10.72
C LYS K 63 23.67 58.40 11.08
N PHE K 64 22.96 57.30 10.78
CA PHE K 64 23.50 55.93 10.82
C PHE K 64 23.23 55.12 9.55
N GLN K 65 23.20 55.72 8.36
CA GLN K 65 23.17 54.88 7.16
C GLN K 65 24.57 54.42 6.83
N GLY K 66 24.71 53.13 6.56
CA GLY K 66 26.02 52.55 6.37
C GLY K 66 26.79 52.31 7.65
N ARG K 67 26.14 52.44 8.80
CA ARG K 67 26.76 52.23 10.10
C ARG K 67 26.23 51.01 10.81
N VAL K 68 24.92 50.80 10.83
CA VAL K 68 24.32 49.60 11.41
C VAL K 68 23.52 48.89 10.34
N TYR K 69 23.41 47.57 10.51
CA TYR K 69 22.65 46.73 9.59
C TYR K 69 21.80 45.75 10.39
N MET K 70 20.54 45.60 9.97
CA MET K 70 19.57 44.78 10.67
C MET K 70 19.12 43.64 9.75
N THR K 71 19.15 42.42 10.27
CA THR K 71 18.66 41.25 9.56
C THR K 71 17.72 40.47 10.47
N ARG K 72 17.05 39.48 9.88
CA ARG K 72 16.08 38.67 10.62
C ARG K 72 16.23 37.21 10.23
N ASP K 73 15.78 36.34 11.13
CA ASP K 73 15.80 34.89 10.91
C ASP K 73 14.49 34.36 11.48
N LYS K 74 13.59 33.91 10.58
CA LYS K 74 12.28 33.42 11.00
C LYS K 74 12.30 31.98 11.48
N SER K 75 13.38 31.24 11.23
CA SER K 75 13.47 29.86 11.71
C SER K 75 13.74 29.82 13.21
N ILE K 76 14.61 30.70 13.71
CA ILE K 76 14.91 30.80 15.13
C ILE K 76 14.18 31.99 15.76
N ASN K 77 13.51 32.80 14.93
CA ASN K 77 12.79 34.02 15.32
C ASN K 77 13.72 35.01 16.03
N THR K 78 14.88 35.24 15.42
CA THR K 78 15.92 36.09 15.98
C THR K 78 16.23 37.23 15.03
N ALA K 79 16.27 38.45 15.56
CA ALA K 79 16.68 39.62 14.81
C ALA K 79 18.11 39.98 15.19
N PHE K 80 18.94 40.23 14.17
CA PHE K 80 20.35 40.52 14.34
C PHE K 80 20.60 41.99 14.02
N LEU K 81 21.39 42.66 14.86
CA LEU K 81 21.80 44.02 14.61
C LEU K 81 23.33 44.10 14.71
N ASP K 82 23.95 44.67 13.68
CA ASP K 82 25.40 44.78 13.59
C ASP K 82 25.80 46.24 13.51
N VAL K 83 26.75 46.63 14.34
CA VAL K 83 27.24 48.02 14.40
C VAL K 83 28.70 48.01 13.98
N THR K 84 29.04 48.85 12.99
CA THR K 84 30.37 48.89 12.41
C THR K 84 31.06 50.22 12.69
N ARG K 85 32.39 50.16 12.73
CA ARG K 85 33.30 51.23 13.17
C ARG K 85 32.85 51.83 14.53
N LEU K 86 32.99 50.96 15.52
CA LEU K 86 32.68 51.31 16.90
C LEU K 86 33.60 52.42 17.41
N THR K 87 33.02 53.38 18.13
CA THR K 87 33.76 54.48 18.73
C THR K 87 33.47 54.53 20.22
N SER K 88 33.98 55.57 20.89
CA SER K 88 33.79 55.71 22.32
C SER K 88 32.38 56.19 22.69
N ASP K 89 31.66 56.81 21.76
CA ASP K 89 30.34 57.32 22.06
C ASP K 89 29.24 56.26 21.92
N ASP K 90 29.56 55.08 21.40
CA ASP K 90 28.59 54.01 21.26
C ASP K 90 28.56 53.08 22.45
N THR K 91 29.34 53.36 23.49
CA THR K 91 29.34 52.54 24.70
C THR K 91 28.05 52.78 25.47
N GLY K 92 27.31 51.71 25.73
CA GLY K 92 26.05 51.84 26.43
C GLY K 92 25.27 50.55 26.41
N ILE K 93 24.02 50.64 26.84
CA ILE K 93 23.16 49.48 27.00
C ILE K 93 22.21 49.46 25.79
N TYR K 94 21.82 48.25 25.37
CA TYR K 94 21.06 48.03 24.15
C TYR K 94 19.67 47.51 24.49
N TYR K 95 18.67 47.93 23.72
CA TYR K 95 17.31 47.44 23.91
C TYR K 95 16.67 47.14 22.57
N CYS K 96 15.99 45.99 22.48
CA CYS K 96 15.07 45.69 21.40
C CYS K 96 13.65 45.76 21.93
N ALA K 97 12.76 46.40 21.17
CA ALA K 97 11.42 46.73 21.65
C ALA K 97 10.37 46.36 20.61
N ARG K 98 9.40 45.55 21.01
CA ARG K 98 8.28 45.25 20.14
C ARG K 98 7.33 46.44 20.08
N ASP K 99 6.98 46.86 18.87
CA ASP K 99 6.00 47.91 18.70
C ASP K 99 4.61 47.28 18.77
N LYS K 100 3.65 48.04 19.29
CA LYS K 100 2.29 47.52 19.42
C LYS K 100 1.62 47.39 18.06
N TYR K 101 1.87 48.36 17.16
CA TYR K 101 1.60 48.27 15.72
C TYR K 101 0.11 48.06 15.42
N TYR K 102 -0.67 49.07 15.78
CA TYR K 102 -2.09 49.11 15.47
C TYR K 102 -2.32 49.94 14.22
N GLY K 103 -3.12 49.39 13.30
CA GLY K 103 -3.45 50.08 12.06
C GLY K 103 -2.29 50.29 11.12
N ASN K 104 -1.33 49.34 11.10
CA ASN K 104 -0.14 49.35 10.24
C ASN K 104 0.71 50.60 10.42
N GLU K 105 0.76 51.12 11.65
CA GLU K 105 1.52 52.32 11.97
C GLU K 105 2.21 52.14 13.31
N ALA K 106 3.19 52.99 13.58
CA ALA K 106 3.88 52.98 14.85
C ALA K 106 3.00 53.56 15.95
N VAL K 107 2.87 52.84 17.07
CA VAL K 107 2.01 53.26 18.17
C VAL K 107 2.82 53.42 19.44
N GLY K 108 3.48 52.35 19.87
CA GLY K 108 4.26 52.38 21.09
C GLY K 108 4.98 51.08 21.32
N MET K 109 6.02 51.14 22.16
CA MET K 109 6.90 50.02 22.44
C MET K 109 6.56 49.45 23.80
N ASP K 110 5.92 48.29 23.83
CA ASP K 110 5.44 47.71 25.09
C ASP K 110 6.34 46.62 25.66
N VAL K 111 6.91 45.75 24.83
CA VAL K 111 7.75 44.66 25.29
C VAL K 111 9.21 45.02 25.02
N TRP K 112 10.05 44.94 26.06
CA TRP K 112 11.45 45.31 25.99
C TRP K 112 12.32 44.13 26.40
N GLY K 113 13.60 44.21 26.06
CA GLY K 113 14.59 43.27 26.53
C GLY K 113 15.18 43.69 27.85
N GLN K 114 16.27 43.03 28.23
CA GLN K 114 16.99 43.39 29.45
C GLN K 114 18.30 44.11 29.19
N GLY K 115 18.61 44.43 27.92
CA GLY K 115 19.71 45.33 27.60
C GLY K 115 21.06 44.69 27.43
N THR K 116 21.70 44.90 26.28
CA THR K 116 23.02 44.34 26.00
C THR K 116 24.07 45.43 26.20
N SER K 117 25.01 45.18 27.11
CA SER K 117 26.01 46.18 27.44
C SER K 117 27.19 46.08 26.48
N VAL K 118 27.48 47.17 25.78
CA VAL K 118 28.62 47.24 24.87
C VAL K 118 29.53 48.35 25.36
N THR K 119 30.84 48.11 25.25
CA THR K 119 31.84 49.05 25.72
C THR K 119 33.06 49.05 24.80
N ASP L 1 15.58 67.95 12.59
CA ASP L 1 14.69 66.97 13.21
C ASP L 1 13.55 67.68 13.93
N ILE L 2 12.84 66.94 14.78
CA ILE L 2 11.79 67.50 15.63
C ILE L 2 12.31 67.43 17.06
N GLN L 3 12.27 68.56 17.75
CA GLN L 3 12.84 68.68 19.09
C GLN L 3 11.74 68.58 20.13
N LEU L 4 11.97 67.74 21.15
CA LEU L 4 11.04 67.55 22.25
C LEU L 4 11.68 68.08 23.53
N THR L 5 11.02 69.05 24.15
CA THR L 5 11.50 69.67 25.39
C THR L 5 10.54 69.34 26.52
N GLN L 6 11.06 68.78 27.60
CA GLN L 6 10.25 68.52 28.78
C GLN L 6 10.30 69.73 29.71
N SER L 7 9.25 69.86 30.52
CA SER L 7 9.14 71.00 31.43
C SER L 7 8.24 70.68 32.61
N PRO L 8 8.73 70.88 33.85
CA PRO L 8 10.13 71.17 34.21
C PRO L 8 10.98 69.90 34.34
N SER L 9 12.30 70.02 34.52
CA SER L 9 13.17 68.85 34.40
C SER L 9 13.20 68.00 35.67
N PHE L 10 13.70 68.56 36.77
CA PHE L 10 13.87 67.82 38.02
C PHE L 10 12.85 68.30 39.04
N LEU L 11 12.16 67.35 39.67
CA LEU L 11 11.04 67.66 40.55
C LEU L 11 11.25 67.01 41.91
N SER L 12 10.75 67.66 42.95
CA SER L 12 10.64 67.09 44.28
C SER L 12 9.19 67.19 44.73
N ALA L 13 8.64 66.07 45.21
CA ALA L 13 7.24 66.02 45.59
C ALA L 13 7.05 65.00 46.70
N SER L 14 5.95 65.14 47.43
CA SER L 14 5.60 64.24 48.51
C SER L 14 4.61 63.20 48.04
N VAL L 15 4.23 62.31 48.96
CA VAL L 15 3.33 61.20 48.64
C VAL L 15 1.90 61.72 48.62
N GLY L 16 1.19 61.51 47.52
CA GLY L 16 -0.20 61.91 47.41
C GLY L 16 -0.45 63.23 46.72
N ASP L 17 0.54 63.80 46.03
CA ASP L 17 0.39 65.10 45.42
C ASP L 17 -0.25 64.99 44.04
N LYS L 18 -0.66 66.15 43.52
CA LYS L 18 -1.09 66.30 42.13
C LYS L 18 0.10 66.82 41.35
N VAL L 19 0.50 66.10 40.30
CA VAL L 19 1.62 66.57 39.48
C VAL L 19 1.22 66.52 38.01
N THR L 20 1.60 67.56 37.27
CA THR L 20 1.39 67.65 35.84
C THR L 20 2.73 67.99 35.18
N ILE L 21 3.16 67.16 34.23
CA ILE L 21 4.44 67.35 33.56
C ILE L 21 4.15 67.57 32.07
N THR L 22 4.97 68.38 31.41
CA THR L 22 4.66 68.87 30.07
C THR L 22 5.76 68.51 29.08
N CYS L 23 5.35 68.12 27.86
CA CYS L 23 6.24 67.88 26.74
C CYS L 23 5.82 68.81 25.61
N ARG L 24 6.80 69.50 25.03
CA ARG L 24 6.60 70.46 23.96
C ARG L 24 7.35 70.01 22.71
N ALA L 25 6.69 70.12 21.56
CA ALA L 25 7.25 69.71 20.28
C ALA L 25 7.52 70.93 19.41
N SER L 26 8.53 70.80 18.55
CA SER L 26 8.88 71.90 17.64
C SER L 26 7.88 72.04 16.50
N GLN L 27 7.19 70.95 16.15
CA GLN L 27 6.22 70.96 15.06
C GLN L 27 4.94 70.26 15.51
N GLY L 28 3.85 70.57 14.82
CA GLY L 28 2.57 69.97 15.15
C GLY L 28 2.55 68.50 14.74
N VAL L 29 2.24 67.63 15.71
CA VAL L 29 2.30 66.19 15.52
C VAL L 29 0.97 65.52 15.85
N ARG L 30 -0.12 66.31 15.82
CA ARG L 30 -1.50 65.91 16.13
C ARG L 30 -1.56 65.33 17.54
N ASN L 31 -1.58 64.00 17.65
CA ASN L 31 -1.56 63.33 18.95
C ASN L 31 -0.56 62.19 18.99
N GLU L 32 0.27 62.03 17.95
CA GLU L 32 1.13 60.86 17.80
C GLU L 32 2.39 61.06 18.64
N LEU L 33 2.21 60.91 19.95
CA LEU L 33 3.29 60.93 20.92
C LEU L 33 2.85 60.10 22.12
N ALA L 34 3.81 59.40 22.72
CA ALA L 34 3.54 58.43 23.77
C ALA L 34 4.46 58.65 24.96
N TRP L 35 3.98 58.21 26.12
CA TRP L 35 4.56 58.52 27.42
C TRP L 35 5.08 57.24 28.06
N TYR L 36 6.35 57.28 28.49
CA TYR L 36 7.10 56.13 29.00
C TYR L 36 7.67 56.45 30.37
N GLN L 37 8.00 55.40 31.12
CA GLN L 37 8.69 55.52 32.40
C GLN L 37 9.78 54.47 32.51
N GLN L 38 10.98 54.91 32.87
CA GLN L 38 12.12 54.04 33.10
C GLN L 38 12.57 54.15 34.55
N LYS L 39 12.60 53.02 35.26
CA LYS L 39 13.20 52.90 36.57
C LYS L 39 14.72 52.80 36.46
N PRO L 40 15.47 53.23 37.47
CA PRO L 40 16.94 53.13 37.40
C PRO L 40 17.41 51.67 37.42
N GLY L 41 18.14 51.30 36.38
CA GLY L 41 18.64 49.95 36.22
C GLY L 41 17.74 49.00 35.47
N LYS L 42 16.55 49.43 35.06
CA LYS L 42 15.58 48.58 34.38
C LYS L 42 15.18 49.18 33.04
N ALA L 43 14.50 48.36 32.25
CA ALA L 43 14.01 48.79 30.95
C ALA L 43 12.85 49.77 31.10
N PRO L 44 12.67 50.67 30.13
CA PRO L 44 11.49 51.55 30.17
C PRO L 44 10.19 50.79 29.99
N ASN L 45 9.14 51.33 30.60
CA ASN L 45 7.82 50.71 30.62
C ASN L 45 6.87 51.67 29.93
N LEU L 46 5.94 51.13 29.14
CA LEU L 46 4.97 51.97 28.45
C LEU L 46 3.77 52.25 29.34
N LEU L 47 3.34 53.50 29.33
CA LEU L 47 2.19 53.95 30.11
C LEU L 47 1.08 54.52 29.25
N ILE L 48 1.38 55.51 28.40
CA ILE L 48 0.33 56.14 27.61
C ILE L 48 0.69 55.99 26.14
N TYR L 49 -0.23 55.45 25.35
CA TYR L 49 -0.13 55.49 23.90
C TYR L 49 -1.28 56.31 23.34
N TYR L 50 -1.05 56.92 22.17
CA TYR L 50 -1.95 57.85 21.47
C TYR L 50 -2.28 59.09 22.30
N ALA L 51 -1.44 59.41 23.28
CA ALA L 51 -1.46 60.60 24.13
C ALA L 51 -2.70 60.76 25.01
N SER L 52 -3.66 59.83 24.93
CA SER L 52 -4.85 59.91 25.77
C SER L 52 -5.35 58.58 26.31
N THR L 53 -4.74 57.46 25.96
CA THR L 53 -5.28 56.14 26.27
C THR L 53 -4.40 55.41 27.27
N LEU L 54 -5.05 54.70 28.19
CA LEU L 54 -4.34 53.92 29.20
C LEU L 54 -3.88 52.58 28.63
N GLN L 55 -2.62 52.25 28.87
CA GLN L 55 -2.15 50.90 28.58
C GLN L 55 -2.74 49.93 29.58
N SER L 56 -3.07 48.72 29.11
CA SER L 56 -3.63 47.68 29.98
C SER L 56 -2.58 47.24 31.00
N GLY L 57 -3.00 47.24 32.28
CA GLY L 57 -2.11 46.97 33.39
C GLY L 57 -1.65 48.21 34.13
N VAL L 58 -1.73 49.37 33.49
CA VAL L 58 -1.39 50.63 34.17
C VAL L 58 -2.56 51.01 35.09
N PRO L 59 -2.29 51.42 36.32
CA PRO L 59 -3.38 51.86 37.22
C PRO L 59 -4.07 53.12 36.72
N SER L 60 -5.34 53.25 37.10
CA SER L 60 -6.22 54.28 36.56
C SER L 60 -5.95 55.67 37.12
N ARG L 61 -5.07 55.80 38.11
CA ARG L 61 -4.82 57.11 38.71
C ARG L 61 -3.96 58.02 37.84
N PHE L 62 -3.37 57.50 36.77
CA PHE L 62 -2.62 58.33 35.83
C PHE L 62 -3.53 58.79 34.70
N SER L 63 -3.16 59.91 34.07
CA SER L 63 -3.92 60.41 32.92
C SER L 63 -2.97 61.22 32.05
N ALA L 64 -3.39 61.45 30.79
CA ALA L 64 -2.58 62.23 29.87
C ALA L 64 -3.49 62.99 28.92
N THR L 65 -3.21 64.29 28.76
CA THR L 65 -3.94 65.17 27.86
C THR L 65 -2.97 65.85 26.91
N GLY L 66 -3.52 66.64 25.99
CA GLY L 66 -2.68 67.44 25.12
C GLY L 66 -3.03 67.39 23.65
N SER L 67 -2.65 68.45 22.94
CA SER L 67 -2.92 68.54 21.51
C SER L 67 -1.88 69.46 20.87
N GLY L 68 -1.77 69.35 19.54
CA GLY L 68 -0.85 70.15 18.77
C GLY L 68 0.60 69.91 19.11
N THR L 69 1.23 70.87 19.79
CA THR L 69 2.59 70.72 20.29
C THR L 69 2.66 70.69 21.81
N HIS L 70 1.54 70.78 22.50
CA HIS L 70 1.51 70.90 23.96
C HIS L 70 0.83 69.66 24.55
N PHE L 71 1.62 68.75 25.12
CA PHE L 71 1.10 67.53 25.74
C PHE L 71 1.51 67.49 27.20
N THR L 72 0.66 66.90 28.04
CA THR L 72 0.92 66.77 29.47
C THR L 72 0.49 65.40 29.94
N LEU L 73 1.09 64.94 31.04
CA LEU L 73 0.44 63.91 31.83
C LEU L 73 0.24 64.42 33.25
N THR L 74 -0.71 63.79 33.94
CA THR L 74 -1.12 64.16 35.29
C THR L 74 -1.21 62.90 36.15
N VAL L 75 -0.59 62.96 37.33
CA VAL L 75 -0.70 61.93 38.35
C VAL L 75 -1.45 62.51 39.53
N SER L 76 -2.54 61.84 39.92
CA SER L 76 -3.42 62.32 40.98
C SER L 76 -2.86 62.05 42.37
N SER L 77 -2.14 60.94 42.55
CA SER L 77 -1.63 60.59 43.86
C SER L 77 -0.29 59.91 43.70
N LEU L 78 0.76 60.51 44.28
CA LEU L 78 2.09 59.91 44.21
C LEU L 78 2.20 58.72 45.15
N GLN L 79 2.84 57.67 44.66
CA GLN L 79 3.11 56.45 45.41
C GLN L 79 4.61 56.21 45.44
N PRO L 80 5.12 55.45 46.43
CA PRO L 80 6.56 55.13 46.45
C PRO L 80 7.04 54.32 45.26
N GLU L 81 6.15 53.59 44.56
CA GLU L 81 6.55 52.85 43.37
C GLU L 81 6.48 53.67 42.10
N ASP L 82 6.08 54.94 42.19
CA ASP L 82 5.91 55.80 41.01
C ASP L 82 7.04 56.81 40.84
N PHE L 83 8.18 56.59 41.49
CA PHE L 83 9.30 57.53 41.45
C PHE L 83 10.34 57.01 40.47
N ALA L 84 10.28 57.48 39.23
CA ALA L 84 11.21 57.07 38.18
C ALA L 84 11.28 58.18 37.13
N THR L 85 11.83 57.86 35.96
CA THR L 85 12.07 58.85 34.92
C THR L 85 10.97 58.79 33.86
N TYR L 86 10.45 59.96 33.47
CA TYR L 86 9.34 60.06 32.54
C TYR L 86 9.81 60.63 31.20
N PHE L 87 9.45 59.96 30.12
CA PHE L 87 9.89 60.26 28.76
C PHE L 87 8.70 60.43 27.82
N CYS L 88 8.87 61.31 26.83
CA CYS L 88 7.88 61.56 25.79
C CYS L 88 8.51 61.36 24.42
N GLN L 89 7.83 60.65 23.51
CA GLN L 89 8.45 60.49 22.19
C GLN L 89 7.37 60.47 21.11
N HIS L 90 7.69 61.08 19.97
CA HIS L 90 6.77 61.21 18.84
C HIS L 90 7.15 60.24 17.73
N MET L 91 6.19 60.01 16.83
CA MET L 91 6.39 59.11 15.70
C MET L 91 5.62 59.59 14.47
N SER L 92 5.31 60.88 14.40
CA SER L 92 4.65 61.42 13.21
C SER L 92 5.61 61.45 12.03
N SER L 93 6.88 61.78 12.28
CA SER L 93 7.85 61.89 11.22
C SER L 93 9.24 61.56 11.77
N TYR L 94 10.14 61.27 10.84
CA TYR L 94 11.48 60.85 11.19
C TYR L 94 12.32 62.04 11.66
N PRO L 95 13.30 61.81 12.55
CA PRO L 95 13.61 60.59 13.32
C PRO L 95 12.69 60.38 14.50
N LEU L 96 12.75 59.21 15.13
CA LEU L 96 12.14 59.04 16.44
C LEU L 96 13.10 59.52 17.51
N THR L 97 12.67 60.50 18.29
CA THR L 97 13.49 61.04 19.37
C THR L 97 12.65 61.14 20.63
N PHE L 98 13.34 61.20 21.76
CA PHE L 98 12.71 61.13 23.08
C PHE L 98 12.94 62.44 23.82
N GLY L 99 12.32 62.57 24.98
CA GLY L 99 12.59 63.70 25.84
C GLY L 99 13.95 63.59 26.51
N GLY L 100 14.40 64.73 27.04
CA GLY L 100 15.70 64.78 27.70
C GLY L 100 15.72 64.16 29.09
N GLY L 101 14.56 63.88 29.67
CA GLY L 101 14.50 63.25 30.98
C GLY L 101 13.76 64.04 32.02
N THR L 102 12.98 63.35 32.84
CA THR L 102 12.22 63.98 33.92
C THR L 102 12.28 63.04 35.13
N LYS L 103 13.20 63.32 36.05
CA LYS L 103 13.34 62.54 37.27
C LYS L 103 12.56 63.23 38.39
N VAL L 104 11.72 62.45 39.07
CA VAL L 104 10.91 62.96 40.16
C VAL L 104 11.38 62.31 41.47
N GLU L 105 11.22 63.05 42.56
CA GLU L 105 11.69 62.60 43.86
C GLU L 105 10.85 63.21 44.98
N LYS M 1 -41.38 7.93 48.33
CA LYS M 1 -40.03 7.36 48.33
C LYS M 1 -40.05 5.89 48.74
N LYS M 2 -38.96 5.19 48.46
CA LYS M 2 -38.86 3.77 48.75
C LYS M 2 -38.53 3.57 50.23
N VAL M 3 -39.29 2.70 50.89
CA VAL M 3 -39.08 2.33 52.28
C VAL M 3 -38.95 0.82 52.36
N VAL M 4 -37.90 0.33 53.02
CA VAL M 4 -37.62 -1.10 53.11
C VAL M 4 -37.65 -1.53 54.57
N LEU M 5 -38.15 -2.74 54.82
CA LEU M 5 -38.13 -3.32 56.14
C LEU M 5 -36.79 -4.04 56.37
N GLY M 6 -36.45 -4.21 57.64
CA GLY M 6 -35.21 -4.87 58.00
C GLY M 6 -35.30 -5.57 59.33
N LYS M 7 -34.48 -6.59 59.50
CA LYS M 7 -34.40 -7.35 60.73
C LYS M 7 -32.98 -7.30 61.28
N LYS M 8 -32.86 -7.51 62.59
CA LYS M 8 -31.55 -7.44 63.24
C LYS M 8 -30.71 -8.66 62.88
N GLY M 9 -29.44 -8.40 62.58
CA GLY M 9 -28.51 -9.47 62.25
C GLY M 9 -28.80 -10.19 60.95
N ASP M 10 -29.18 -9.45 59.90
CA ASP M 10 -29.51 -10.04 58.62
C ASP M 10 -28.98 -9.13 57.53
N THR M 11 -28.76 -9.69 56.35
CA THR M 11 -28.19 -8.98 55.21
C THR M 11 -29.30 -8.41 54.33
N VAL M 12 -29.24 -7.12 54.05
CA VAL M 12 -30.26 -6.45 53.25
C VAL M 12 -29.58 -5.77 52.07
N GLU M 13 -30.32 -5.65 50.96
CA GLU M 13 -29.79 -5.01 49.78
C GLU M 13 -30.71 -3.90 49.31
N LEU M 14 -30.09 -2.85 48.79
CA LEU M 14 -30.81 -1.70 48.24
C LEU M 14 -30.38 -1.49 46.80
N THR M 15 -31.32 -1.20 45.93
CA THR M 15 -31.04 -1.02 44.52
C THR M 15 -31.01 0.46 44.14
N CYS M 16 -30.26 0.76 43.09
CA CYS M 16 -30.12 2.13 42.58
C CYS M 16 -29.92 2.02 41.07
N THR M 17 -31.02 2.17 40.33
CA THR M 17 -31.02 1.94 38.90
C THR M 17 -30.69 3.22 38.15
N ALA M 18 -29.71 3.14 37.24
CA ALA M 18 -29.37 4.25 36.38
C ALA M 18 -30.13 4.14 35.06
N SER M 19 -29.87 5.06 34.14
CA SER M 19 -30.57 5.07 32.87
C SER M 19 -29.95 4.07 31.89
N GLN M 20 -28.68 4.28 31.54
CA GLN M 20 -28.01 3.42 30.58
C GLN M 20 -27.29 2.28 31.30
N LYS M 21 -26.76 1.33 30.51
CA LYS M 21 -26.35 0.03 31.01
C LYS M 21 -24.85 -0.13 31.20
N LYS M 22 -24.06 0.93 31.01
CA LYS M 22 -22.61 0.83 31.18
C LYS M 22 -22.25 1.08 32.64
N SER M 23 -20.97 1.29 32.93
CA SER M 23 -20.51 1.59 34.27
C SER M 23 -20.39 3.10 34.45
N ILE M 24 -21.04 3.62 35.49
CA ILE M 24 -21.08 5.06 35.76
C ILE M 24 -20.63 5.27 37.20
N GLN M 25 -19.78 6.28 37.42
CA GLN M 25 -19.36 6.70 38.75
C GLN M 25 -20.56 7.07 39.62
N PHE M 26 -20.74 6.32 40.71
CA PHE M 26 -21.84 6.53 41.64
C PHE M 26 -21.28 6.59 43.05
N HIS M 27 -22.14 6.94 44.00
CA HIS M 27 -21.74 6.95 45.40
C HIS M 27 -22.95 6.69 46.29
N TRP M 28 -22.69 6.09 47.46
CA TRP M 28 -23.70 5.89 48.50
C TRP M 28 -23.32 6.69 49.72
N LYS M 29 -24.24 7.55 50.18
CA LYS M 29 -24.02 8.36 51.36
C LYS M 29 -25.20 8.21 52.31
N ASN M 30 -24.97 8.52 53.59
CA ASN M 30 -26.03 8.52 54.58
C ASN M 30 -26.61 9.93 54.70
N SER M 31 -27.40 10.16 55.75
CA SER M 31 -28.02 11.47 55.96
C SER M 31 -27.04 12.51 56.49
N ASN M 32 -25.88 12.09 56.99
CA ASN M 32 -24.88 12.99 57.53
C ASN M 32 -23.86 13.35 56.42
N GLN M 33 -24.16 12.93 55.18
CA GLN M 33 -23.31 13.14 53.99
C GLN M 33 -21.91 12.57 54.17
N ILE M 34 -21.82 11.39 54.79
CA ILE M 34 -20.58 10.64 54.92
C ILE M 34 -20.57 9.55 53.86
N LYS M 35 -19.46 9.43 53.13
CA LYS M 35 -19.34 8.42 52.09
C LYS M 35 -19.36 7.02 52.68
N ILE M 36 -20.08 6.11 52.04
CA ILE M 36 -20.11 4.70 52.41
C ILE M 36 -19.31 3.85 51.42
N LEU M 37 -19.68 3.89 50.14
CA LEU M 37 -18.90 3.23 49.11
C LEU M 37 -19.16 3.91 47.77
N GLY M 38 -18.32 3.57 46.80
CA GLY M 38 -18.41 4.08 45.44
C GLY M 38 -17.37 3.39 44.59
N ASN M 39 -17.39 3.72 43.30
CA ASN M 39 -16.46 3.12 42.35
C ASN M 39 -15.59 4.21 41.73
N GLN M 40 -14.28 3.95 41.70
CA GLN M 40 -13.33 4.79 40.97
C GLN M 40 -12.99 4.09 39.67
N GLY M 41 -13.93 4.16 38.73
CA GLY M 41 -13.73 3.52 37.43
C GLY M 41 -14.19 2.08 37.42
N SER M 42 -13.25 1.15 37.56
CA SER M 42 -13.54 -0.28 37.55
C SER M 42 -13.14 -0.96 38.85
N PHE M 43 -12.97 -0.20 39.92
CA PHE M 43 -12.64 -0.75 41.23
C PHE M 43 -13.75 -0.41 42.23
N LEU M 44 -13.50 -0.77 43.49
CA LEU M 44 -14.41 -0.44 44.58
C LEU M 44 -13.61 0.26 45.67
N THR M 45 -14.20 1.32 46.22
CA THR M 45 -13.60 2.05 47.33
C THR M 45 -14.67 2.27 48.40
N LYS M 46 -14.21 2.48 49.63
CA LYS M 46 -15.09 2.62 50.78
C LYS M 46 -14.81 3.95 51.49
N GLY M 47 -15.74 4.32 52.37
CA GLY M 47 -15.67 5.60 53.04
C GLY M 47 -15.23 5.50 54.49
N PRO M 48 -15.20 6.64 55.18
CA PRO M 48 -14.77 6.66 56.58
C PRO M 48 -15.89 6.40 57.57
N SER M 49 -17.03 5.90 57.09
CA SER M 49 -18.21 5.70 57.92
C SER M 49 -18.02 4.48 58.82
N LYS M 50 -19.00 4.25 59.70
CA LYS M 50 -18.98 3.12 60.61
C LYS M 50 -19.34 1.80 59.94
N LEU M 51 -19.83 1.84 58.70
CA LEU M 51 -20.21 0.64 57.95
C LEU M 51 -19.13 0.24 56.96
N ASN M 52 -17.86 0.37 57.32
CA ASN M 52 -16.77 0.13 56.37
C ASN M 52 -16.63 -1.34 56.03
N ASP M 53 -16.65 -2.22 57.03
CA ASP M 53 -16.50 -3.65 56.80
C ASP M 53 -17.83 -4.41 56.80
N ARG M 54 -18.96 -3.70 56.82
CA ARG M 54 -20.27 -4.32 56.72
C ARG M 54 -21.02 -3.93 55.46
N ALA M 55 -20.37 -3.23 54.52
CA ALA M 55 -21.02 -2.79 53.30
C ALA M 55 -20.16 -3.20 52.10
N ASP M 56 -20.63 -4.19 51.36
CA ASP M 56 -20.03 -4.62 50.11
C ASP M 56 -21.01 -4.35 48.97
N SER M 57 -20.65 -4.79 47.77
CA SER M 57 -21.52 -4.67 46.61
C SER M 57 -21.21 -5.79 45.63
N ARG M 58 -22.18 -6.09 44.77
CA ARG M 58 -22.00 -7.10 43.74
C ARG M 58 -21.32 -6.46 42.54
N ARG M 59 -20.18 -7.01 42.14
CA ARG M 59 -19.36 -6.37 41.11
C ARG M 59 -19.94 -6.58 39.71
N SER M 60 -20.62 -7.71 39.48
CA SER M 60 -21.06 -8.05 38.13
C SER M 60 -22.27 -7.24 37.67
N LEU M 61 -23.02 -6.64 38.60
CA LEU M 61 -24.18 -5.84 38.22
C LEU M 61 -23.82 -4.43 37.78
N TRP M 62 -22.56 -4.02 37.91
CA TRP M 62 -22.15 -2.69 37.47
C TRP M 62 -22.18 -2.53 35.96
N ASP M 63 -22.12 -3.64 35.22
CA ASP M 63 -22.26 -3.62 33.77
C ASP M 63 -23.72 -3.76 33.31
N GLN M 64 -24.67 -3.59 34.22
CA GLN M 64 -26.09 -3.64 33.88
C GLN M 64 -26.85 -2.41 34.38
N GLY M 65 -26.17 -1.42 34.96
CA GLY M 65 -26.79 -0.22 35.45
C GLY M 65 -27.13 -0.24 36.93
N ASN M 66 -27.45 -1.40 37.47
CA ASN M 66 -27.80 -1.50 38.89
C ASN M 66 -26.56 -1.37 39.75
N PHE M 67 -26.67 -0.57 40.82
CA PHE M 67 -25.57 -0.35 41.75
C PHE M 67 -26.07 -0.64 43.16
N PRO M 68 -26.19 -1.91 43.53
CA PRO M 68 -26.80 -2.26 44.81
C PRO M 68 -25.81 -2.11 45.97
N LEU M 69 -26.40 -1.93 47.15
CA LEU M 69 -25.67 -1.87 48.41
C LEU M 69 -26.12 -3.04 49.28
N ILE M 70 -25.15 -3.80 49.80
CA ILE M 70 -25.42 -4.98 50.62
C ILE M 70 -24.88 -4.70 52.02
N ILE M 71 -25.75 -4.80 53.02
CA ILE M 71 -25.40 -4.55 54.41
C ILE M 71 -25.53 -5.86 55.17
N LYS M 72 -24.45 -6.27 55.83
CA LYS M 72 -24.40 -7.46 56.64
C LYS M 72 -24.26 -7.10 58.11
N ASN M 73 -24.84 -7.95 58.97
CA ASN M 73 -24.88 -7.79 60.43
C ASN M 73 -25.50 -6.45 60.81
N LEU M 74 -26.77 -6.30 60.47
CA LEU M 74 -27.48 -5.04 60.65
C LEU M 74 -27.77 -4.81 62.14
N LYS M 75 -27.69 -3.55 62.56
CA LYS M 75 -27.85 -3.21 63.97
C LYS M 75 -28.90 -2.12 64.19
N ILE M 76 -29.00 -1.64 65.43
CA ILE M 76 -30.01 -0.64 65.77
C ILE M 76 -29.65 0.75 65.24
N GLU M 77 -28.35 1.04 65.05
CA GLU M 77 -27.94 2.37 64.61
C GLU M 77 -28.03 2.55 63.10
N ASP M 78 -28.26 1.49 62.33
CA ASP M 78 -28.17 1.56 60.88
C ASP M 78 -29.46 2.00 60.20
N SER M 79 -30.41 2.54 60.96
CA SER M 79 -31.70 2.96 60.40
C SER M 79 -31.62 4.45 60.07
N ASP M 80 -31.19 4.76 58.85
CA ASP M 80 -31.15 6.12 58.35
C ASP M 80 -31.88 6.21 57.01
N THR M 81 -31.81 7.35 56.35
CA THR M 81 -32.19 7.47 54.95
C THR M 81 -30.92 7.54 54.11
N TYR M 82 -30.86 6.71 53.08
CA TYR M 82 -29.63 6.52 52.30
C TYR M 82 -29.79 7.16 50.93
N ILE M 83 -28.80 7.94 50.53
CA ILE M 83 -28.82 8.70 49.29
C ILE M 83 -27.85 8.06 48.31
N CYS M 84 -28.36 7.71 47.12
CA CYS M 84 -27.55 7.19 46.04
C CYS M 84 -27.39 8.28 44.98
N GLU M 85 -26.15 8.67 44.71
CA GLU M 85 -25.86 9.66 43.68
C GLU M 85 -25.34 8.96 42.44
N VAL M 86 -26.07 9.12 41.32
CA VAL M 86 -25.62 8.67 40.01
C VAL M 86 -26.34 9.48 38.92
N GLU M 87 -25.56 9.94 37.93
CA GLU M 87 -26.03 10.68 36.74
C GLU M 87 -26.89 11.89 37.12
N ASP M 88 -26.28 12.76 37.94
CA ASP M 88 -26.82 13.89 38.72
C ASP M 88 -28.22 13.62 39.26
N GLN M 89 -28.43 12.39 39.76
CA GLN M 89 -29.69 11.93 40.31
C GLN M 89 -29.44 11.42 41.72
N LYS M 90 -30.26 11.87 42.66
CA LYS M 90 -30.15 11.51 44.06
C LYS M 90 -31.38 10.73 44.46
N GLU M 91 -31.21 9.42 44.68
CA GLU M 91 -32.30 8.52 45.04
C GLU M 91 -32.31 8.30 46.54
N GLU M 92 -33.49 8.39 47.15
CA GLU M 92 -33.66 8.25 48.59
C GLU M 92 -34.25 6.89 48.90
N VAL M 93 -33.60 6.13 49.79
CA VAL M 93 -34.12 4.85 50.26
C VAL M 93 -34.12 4.89 51.78
N GLN M 94 -35.30 4.74 52.38
CA GLN M 94 -35.43 4.69 53.83
C GLN M 94 -35.27 3.25 54.31
N LEU M 95 -34.39 3.05 55.28
CA LEU M 95 -34.13 1.74 55.86
C LEU M 95 -34.45 1.81 57.35
N LEU M 96 -35.11 0.76 57.85
CA LEU M 96 -35.45 0.66 59.25
C LEU M 96 -35.16 -0.75 59.75
N VAL M 97 -34.91 -0.85 61.05
CA VAL M 97 -34.65 -2.15 61.67
C VAL M 97 -35.94 -2.74 62.23
N LYS N 1 -20.39 -24.76 -55.02
CA LYS N 1 -20.12 -25.33 -53.70
C LYS N 1 -18.90 -26.25 -53.73
N LYS N 2 -18.32 -26.49 -52.56
CA LYS N 2 -17.17 -27.38 -52.47
C LYS N 2 -17.60 -28.83 -52.61
N VAL N 3 -16.90 -29.57 -53.46
CA VAL N 3 -17.17 -30.98 -53.73
C VAL N 3 -16.01 -31.81 -53.22
N VAL N 4 -16.31 -32.97 -52.63
CA VAL N 4 -15.29 -33.88 -52.16
C VAL N 4 -15.74 -35.31 -52.48
N LEU N 5 -14.79 -36.13 -52.93
CA LEU N 5 -15.03 -37.53 -53.27
C LEU N 5 -14.51 -38.43 -52.16
N GLY N 6 -15.03 -39.65 -52.13
CA GLY N 6 -14.62 -40.61 -51.12
C GLY N 6 -14.82 -42.03 -51.61
N LYS N 7 -14.26 -42.97 -50.86
CA LYS N 7 -14.37 -44.39 -51.15
C LYS N 7 -15.10 -45.09 -50.02
N LYS N 8 -15.67 -46.26 -50.33
CA LYS N 8 -16.39 -47.04 -49.33
C LYS N 8 -15.41 -47.64 -48.33
N GLY N 9 -15.78 -47.58 -47.05
CA GLY N 9 -14.92 -48.05 -45.99
C GLY N 9 -13.66 -47.22 -45.81
N ASP N 10 -13.77 -45.90 -45.86
CA ASP N 10 -12.63 -45.01 -45.77
C ASP N 10 -12.93 -43.92 -44.74
N THR N 11 -11.90 -43.15 -44.40
CA THR N 11 -12.00 -42.04 -43.46
C THR N 11 -11.79 -40.75 -44.22
N VAL N 12 -12.75 -39.82 -44.13
CA VAL N 12 -12.72 -38.57 -44.85
C VAL N 12 -12.80 -37.42 -43.86
N GLU N 13 -11.90 -36.44 -44.03
CA GLU N 13 -11.83 -35.25 -43.20
C GLU N 13 -12.39 -34.07 -43.99
N LEU N 14 -13.51 -33.53 -43.54
CA LEU N 14 -14.07 -32.31 -44.10
C LEU N 14 -13.56 -31.10 -43.33
N THR N 15 -13.25 -30.04 -44.06
CA THR N 15 -12.61 -28.86 -43.49
C THR N 15 -13.58 -27.69 -43.45
N CYS N 16 -13.67 -27.05 -42.29
CA CYS N 16 -14.41 -25.81 -42.12
C CYS N 16 -13.45 -24.77 -41.54
N THR N 17 -13.41 -23.60 -42.15
CA THR N 17 -12.48 -22.54 -41.77
C THR N 17 -13.24 -21.33 -41.25
N ALA N 18 -12.66 -20.67 -40.25
CA ALA N 18 -13.22 -19.46 -39.69
C ALA N 18 -12.21 -18.33 -39.83
N SER N 19 -12.73 -17.09 -39.90
CA SER N 19 -11.88 -15.93 -40.09
C SER N 19 -11.13 -15.53 -38.83
N GLN N 20 -11.51 -16.07 -37.67
CA GLN N 20 -10.88 -15.73 -36.40
C GLN N 20 -10.08 -16.92 -35.89
N LYS N 21 -8.92 -16.63 -35.30
CA LYS N 21 -8.01 -17.66 -34.78
C LYS N 21 -8.30 -17.92 -33.30
N LYS N 22 -9.53 -18.34 -33.03
CA LYS N 22 -9.98 -18.54 -31.66
C LYS N 22 -11.11 -19.57 -31.68
N SER N 23 -11.16 -20.38 -30.63
CA SER N 23 -12.20 -21.40 -30.47
C SER N 23 -13.55 -20.73 -30.25
N ILE N 24 -14.42 -20.83 -31.24
CA ILE N 24 -15.74 -20.22 -31.20
C ILE N 24 -16.80 -21.30 -31.45
N GLN N 25 -18.06 -20.88 -31.39
CA GLN N 25 -19.17 -21.83 -31.52
C GLN N 25 -19.34 -22.25 -32.98
N PHE N 26 -19.37 -23.56 -33.21
CA PHE N 26 -19.62 -24.10 -34.54
C PHE N 26 -20.54 -25.30 -34.43
N HIS N 27 -21.21 -25.60 -35.53
CA HIS N 27 -22.08 -26.77 -35.59
C HIS N 27 -22.06 -27.35 -37.00
N TRP N 28 -22.35 -28.64 -37.09
CA TRP N 28 -22.42 -29.37 -38.35
C TRP N 28 -23.80 -29.97 -38.50
N LYS N 29 -24.45 -29.72 -39.64
CA LYS N 29 -25.79 -30.21 -39.90
C LYS N 29 -25.82 -30.91 -41.26
N ASN N 30 -26.80 -31.79 -41.42
CA ASN N 30 -27.03 -32.46 -42.69
C ASN N 30 -27.98 -31.63 -43.55
N SER N 31 -28.50 -32.23 -44.63
CA SER N 31 -29.48 -31.55 -45.46
C SER N 31 -30.84 -31.43 -44.78
N ASN N 32 -31.11 -32.26 -43.78
CA ASN N 32 -32.35 -32.19 -42.99
C ASN N 32 -32.19 -31.35 -41.73
N GLN N 33 -31.03 -30.70 -41.56
CA GLN N 33 -30.69 -29.84 -40.41
C GLN N 33 -30.80 -30.59 -39.09
N ILE N 34 -29.99 -31.64 -38.98
CA ILE N 34 -29.84 -32.42 -37.75
C ILE N 34 -28.36 -32.41 -37.39
N LYS N 35 -28.06 -32.20 -36.11
CA LYS N 35 -26.68 -32.01 -35.66
C LYS N 35 -25.85 -33.27 -35.86
N ILE N 36 -24.57 -33.07 -36.16
CA ILE N 36 -23.60 -34.16 -36.27
C ILE N 36 -22.61 -34.10 -35.10
N LEU N 37 -21.83 -33.02 -35.01
CA LEU N 37 -20.97 -32.76 -33.86
C LEU N 37 -20.75 -31.26 -33.78
N GLY N 38 -20.63 -30.77 -32.55
CA GLY N 38 -20.36 -29.36 -32.31
C GLY N 38 -19.53 -29.19 -31.05
N ASN N 39 -19.23 -27.95 -30.73
CA ASN N 39 -18.53 -27.63 -29.50
C ASN N 39 -19.44 -26.92 -28.51
N GLN N 40 -19.09 -27.03 -27.23
CA GLN N 40 -19.73 -26.30 -26.14
C GLN N 40 -18.66 -25.67 -25.26
N GLY N 41 -17.72 -24.99 -25.91
CA GLY N 41 -16.57 -24.44 -25.21
C GLY N 41 -15.34 -25.28 -25.42
N SER N 42 -14.98 -26.08 -24.41
CA SER N 42 -13.86 -27.01 -24.53
C SER N 42 -14.31 -28.44 -24.80
N PHE N 43 -15.60 -28.74 -24.66
CA PHE N 43 -16.11 -30.09 -24.78
C PHE N 43 -16.75 -30.30 -26.15
N LEU N 44 -16.47 -31.45 -26.75
CA LEU N 44 -17.19 -31.83 -27.95
C LEU N 44 -18.52 -32.48 -27.58
N THR N 45 -19.55 -32.23 -28.40
CA THR N 45 -20.84 -32.86 -28.24
C THR N 45 -21.29 -33.40 -29.59
N LYS N 46 -22.15 -34.41 -29.56
CA LYS N 46 -22.59 -35.10 -30.76
C LYS N 46 -24.09 -34.94 -30.93
N GLY N 47 -24.54 -35.10 -32.18
CA GLY N 47 -25.93 -34.92 -32.52
C GLY N 47 -26.74 -36.20 -32.40
N PRO N 48 -28.06 -36.10 -32.61
CA PRO N 48 -28.92 -37.29 -32.52
C PRO N 48 -29.03 -38.06 -33.83
N SER N 49 -28.13 -37.79 -34.78
CA SER N 49 -28.21 -38.38 -36.11
C SER N 49 -27.76 -39.83 -36.10
N LYS N 50 -27.74 -40.43 -37.29
CA LYS N 50 -27.32 -41.82 -37.47
C LYS N 50 -25.81 -41.98 -37.49
N LEU N 51 -25.05 -40.88 -37.50
CA LEU N 51 -23.60 -40.89 -37.51
C LEU N 51 -23.01 -40.69 -36.12
N ASN N 52 -23.70 -41.15 -35.08
CA ASN N 52 -23.28 -40.83 -33.72
C ASN N 52 -22.04 -41.62 -33.29
N ASP N 53 -21.88 -42.83 -33.81
CA ASP N 53 -20.73 -43.67 -33.46
C ASP N 53 -19.56 -43.58 -34.43
N ARG N 54 -19.67 -42.76 -35.49
CA ARG N 54 -18.61 -42.64 -36.48
C ARG N 54 -18.14 -41.21 -36.69
N ALA N 55 -18.51 -40.29 -35.82
CA ALA N 55 -18.16 -38.87 -35.97
C ALA N 55 -17.12 -38.50 -34.92
N ASP N 56 -16.09 -37.77 -35.35
CA ASP N 56 -15.03 -37.33 -34.47
C ASP N 56 -14.42 -36.07 -35.06
N SER N 57 -13.73 -35.30 -34.22
CA SER N 57 -13.05 -34.10 -34.65
C SER N 57 -11.73 -33.96 -33.91
N ARG N 58 -10.79 -33.26 -34.54
CA ARG N 58 -9.49 -33.01 -33.92
C ARG N 58 -9.63 -31.88 -32.91
N ARG N 59 -9.43 -32.19 -31.63
CA ARG N 59 -9.60 -31.20 -30.58
C ARG N 59 -8.45 -30.20 -30.52
N SER N 60 -7.28 -30.56 -31.04
CA SER N 60 -6.12 -29.69 -30.95
C SER N 60 -6.13 -28.58 -32.00
N LEU N 61 -6.95 -28.71 -33.03
CA LEU N 61 -6.99 -27.72 -34.11
C LEU N 61 -8.09 -26.67 -33.93
N TRP N 62 -8.85 -26.73 -32.84
CA TRP N 62 -9.90 -25.74 -32.61
C TRP N 62 -9.32 -24.36 -32.28
N ASP N 63 -8.11 -24.33 -31.74
CA ASP N 63 -7.45 -23.05 -31.49
C ASP N 63 -6.99 -22.38 -32.78
N GLN N 64 -6.75 -23.17 -33.83
CA GLN N 64 -6.23 -22.67 -35.10
C GLN N 64 -7.33 -22.23 -36.05
N GLY N 65 -8.59 -22.36 -35.67
CA GLY N 65 -9.71 -21.94 -36.48
C GLY N 65 -10.31 -23.03 -37.36
N ASN N 66 -9.62 -24.16 -37.50
CA ASN N 66 -10.11 -25.26 -38.32
C ASN N 66 -10.92 -26.22 -37.45
N PHE N 67 -12.16 -26.51 -37.89
CA PHE N 67 -13.06 -27.41 -37.19
C PHE N 67 -13.43 -28.53 -38.14
N PRO N 68 -12.58 -29.54 -38.29
CA PRO N 68 -12.83 -30.61 -39.27
C PRO N 68 -13.84 -31.62 -38.74
N LEU N 69 -14.35 -32.44 -39.66
CA LEU N 69 -15.24 -33.53 -39.34
C LEU N 69 -14.66 -34.80 -39.93
N ILE N 70 -14.47 -35.82 -39.09
CA ILE N 70 -13.84 -37.07 -39.48
C ILE N 70 -14.91 -38.14 -39.58
N ILE N 71 -14.99 -38.80 -40.74
CA ILE N 71 -15.89 -39.92 -40.94
C ILE N 71 -15.05 -41.19 -41.10
N LYS N 72 -15.28 -42.15 -40.21
CA LYS N 72 -14.75 -43.51 -40.32
C LYS N 72 -15.89 -44.45 -40.66
N ASN N 73 -15.55 -45.53 -41.37
CA ASN N 73 -16.48 -46.59 -41.82
C ASN N 73 -17.62 -45.99 -42.67
N LEU N 74 -17.20 -45.34 -43.75
CA LEU N 74 -18.10 -44.56 -44.60
C LEU N 74 -18.90 -45.50 -45.49
N LYS N 75 -20.20 -45.24 -45.60
CA LYS N 75 -21.13 -46.04 -46.39
C LYS N 75 -21.81 -45.17 -47.44
N ILE N 76 -22.63 -45.81 -48.29
CA ILE N 76 -23.26 -45.11 -49.41
C ILE N 76 -24.36 -44.15 -48.92
N GLU N 77 -24.91 -44.38 -47.72
CA GLU N 77 -25.97 -43.53 -47.19
C GLU N 77 -25.46 -42.21 -46.65
N ASP N 78 -24.14 -42.02 -46.57
CA ASP N 78 -23.54 -40.81 -46.02
C ASP N 78 -23.27 -39.75 -47.08
N SER N 79 -23.61 -40.01 -48.33
CA SER N 79 -23.32 -39.09 -49.45
C SER N 79 -24.43 -38.04 -49.53
N ASP N 80 -24.24 -36.97 -48.76
CA ASP N 80 -25.16 -35.84 -48.70
C ASP N 80 -24.37 -34.53 -48.76
N THR N 81 -25.05 -33.43 -48.41
CA THR N 81 -24.43 -32.12 -48.27
C THR N 81 -24.42 -31.74 -46.79
N TYR N 82 -23.22 -31.49 -46.26
CA TYR N 82 -23.04 -31.05 -44.88
C TYR N 82 -22.83 -29.55 -44.81
N ILE N 83 -23.49 -28.91 -43.84
CA ILE N 83 -23.45 -27.47 -43.65
C ILE N 83 -22.74 -27.19 -42.33
N CYS N 84 -21.66 -26.42 -42.40
CA CYS N 84 -20.94 -25.96 -41.22
C CYS N 84 -21.37 -24.53 -40.91
N GLU N 85 -21.94 -24.35 -39.71
CA GLU N 85 -22.39 -23.05 -39.24
C GLU N 85 -21.38 -22.55 -38.21
N VAL N 86 -20.70 -21.46 -38.53
CA VAL N 86 -19.73 -20.85 -37.62
C VAL N 86 -19.61 -19.36 -37.91
N GLU N 87 -19.75 -18.54 -36.85
CA GLU N 87 -19.60 -17.08 -36.85
C GLU N 87 -20.57 -16.46 -37.87
N ASP N 88 -21.81 -16.94 -37.83
CA ASP N 88 -22.92 -16.59 -38.74
C ASP N 88 -22.60 -16.87 -40.21
N GLN N 89 -21.69 -17.80 -40.49
CA GLN N 89 -21.39 -18.23 -41.84
C GLN N 89 -21.81 -19.68 -42.02
N LYS N 90 -22.42 -19.97 -43.16
CA LYS N 90 -22.98 -21.28 -43.48
C LYS N 90 -22.26 -21.83 -44.71
N GLU N 91 -21.21 -22.60 -44.48
CA GLU N 91 -20.47 -23.22 -45.58
C GLU N 91 -21.07 -24.59 -45.91
N GLU N 92 -21.04 -24.95 -47.20
CA GLU N 92 -21.62 -26.20 -47.66
C GLU N 92 -20.53 -27.04 -48.32
N VAL N 93 -20.49 -28.32 -47.97
CA VAL N 93 -19.56 -29.29 -48.53
C VAL N 93 -20.36 -30.51 -48.99
N GLN N 94 -20.21 -30.92 -50.25
CA GLN N 94 -20.97 -32.02 -50.80
C GLN N 94 -20.05 -33.24 -50.89
N LEU N 95 -20.44 -34.31 -50.20
CA LEU N 95 -19.70 -35.57 -50.17
C LEU N 95 -20.28 -36.52 -51.20
N LEU N 96 -19.40 -37.16 -51.98
CA LEU N 96 -19.82 -38.17 -52.94
C LEU N 96 -18.97 -39.41 -52.78
N VAL N 97 -19.60 -40.57 -52.86
CA VAL N 97 -18.90 -41.85 -52.73
C VAL N 97 -19.47 -42.87 -53.71
N LYS O 1 53.78 31.41 0.26
CA LYS O 1 54.49 30.18 -0.08
C LYS O 1 54.97 29.47 1.17
N LYS O 2 54.56 28.21 1.33
CA LYS O 2 54.98 27.39 2.46
C LYS O 2 56.22 26.60 2.05
N VAL O 3 57.31 26.81 2.78
CA VAL O 3 58.61 26.21 2.49
C VAL O 3 58.94 25.19 3.56
N VAL O 4 59.24 23.97 3.14
CA VAL O 4 59.60 22.88 4.04
C VAL O 4 61.05 22.49 3.79
N LEU O 5 61.67 21.94 4.83
CA LEU O 5 63.06 21.49 4.80
C LEU O 5 63.12 20.00 5.08
N GLY O 6 63.92 19.28 4.29
CA GLY O 6 64.05 17.85 4.45
C GLY O 6 65.51 17.43 4.44
N LYS O 7 65.73 16.24 4.99
CA LYS O 7 67.06 15.64 5.07
C LYS O 7 67.14 14.46 4.11
N LYS O 8 68.35 14.20 3.62
CA LYS O 8 68.55 13.17 2.61
C LYS O 8 68.37 11.78 3.19
N GLY O 9 67.74 10.90 2.41
CA GLY O 9 67.48 9.55 2.86
C GLY O 9 66.34 9.39 3.83
N ASP O 10 65.40 10.35 3.86
CA ASP O 10 64.31 10.31 4.82
C ASP O 10 62.95 10.43 4.13
N THR O 11 61.89 10.59 4.92
CA THR O 11 60.54 10.74 4.42
C THR O 11 60.03 12.13 4.74
N VAL O 12 59.33 12.75 3.78
CA VAL O 12 58.79 14.09 3.97
C VAL O 12 57.29 14.05 3.63
N GLU O 13 56.53 14.85 4.38
CA GLU O 13 55.08 14.94 4.24
C GLU O 13 54.70 16.35 3.82
N LEU O 14 53.88 16.45 2.78
CA LEU O 14 53.35 17.73 2.32
C LEU O 14 51.84 17.77 2.55
N THR O 15 51.38 18.90 3.08
CA THR O 15 49.98 19.09 3.46
C THR O 15 49.32 20.07 2.51
N CYS O 16 48.11 19.73 2.06
CA CYS O 16 47.32 20.58 1.18
C CYS O 16 45.86 20.41 1.59
N THR O 17 45.33 21.35 2.36
CA THR O 17 43.99 21.17 2.89
C THR O 17 42.92 21.51 1.85
N ALA O 18 41.70 21.04 2.13
CA ALA O 18 40.52 21.35 1.34
C ALA O 18 39.61 22.27 2.14
N SER O 19 38.43 22.56 1.58
CA SER O 19 37.51 23.52 2.18
C SER O 19 36.19 22.91 2.65
N GLN O 20 35.99 21.61 2.49
CA GLN O 20 34.70 21.01 2.82
C GLN O 20 34.90 19.55 3.19
N LYS O 21 33.84 18.94 3.71
CA LYS O 21 33.87 17.57 4.21
C LYS O 21 33.31 16.62 3.15
N LYS O 22 34.11 16.40 2.11
CA LYS O 22 33.76 15.49 1.02
C LYS O 22 35.02 14.78 0.55
N SER O 23 34.88 14.06 -0.57
CA SER O 23 36.01 13.44 -1.28
C SER O 23 36.06 14.07 -2.65
N ILE O 24 37.09 14.89 -2.90
CA ILE O 24 37.20 15.72 -4.08
C ILE O 24 38.43 15.25 -4.86
N GLN O 25 38.31 15.23 -6.19
CA GLN O 25 39.44 14.85 -7.05
C GLN O 25 40.56 15.88 -6.94
N PHE O 26 41.75 15.42 -6.57
CA PHE O 26 42.90 16.30 -6.43
C PHE O 26 43.86 16.02 -7.58
N HIS O 27 44.89 16.86 -7.71
CA HIS O 27 46.05 16.49 -8.50
C HIS O 27 47.27 17.21 -7.97
N TRP O 28 48.44 16.64 -8.28
CA TRP O 28 49.73 17.21 -7.89
C TRP O 28 50.61 17.32 -9.13
N LYS O 29 51.20 18.50 -9.33
CA LYS O 29 52.12 18.70 -10.43
C LYS O 29 53.42 19.31 -9.92
N ASN O 30 54.49 19.10 -10.69
CA ASN O 30 55.79 19.68 -10.38
C ASN O 30 55.92 21.02 -11.10
N SER O 31 57.14 21.56 -11.15
CA SER O 31 57.39 22.80 -11.87
C SER O 31 57.25 22.62 -13.38
N ASN O 32 57.50 21.42 -13.89
CA ASN O 32 57.40 21.13 -15.31
C ASN O 32 55.98 20.73 -15.74
N GLN O 33 55.02 20.81 -14.82
CA GLN O 33 53.61 20.45 -15.03
C GLN O 33 53.47 19.00 -15.49
N ILE O 34 53.95 18.09 -14.65
CA ILE O 34 53.85 16.65 -14.86
C ILE O 34 53.17 16.06 -13.64
N LYS O 35 52.16 15.21 -13.87
CA LYS O 35 51.44 14.58 -12.77
C LYS O 35 52.33 13.60 -12.03
N ILE O 36 52.31 13.68 -10.70
CA ILE O 36 53.00 12.69 -9.87
C ILE O 36 51.97 11.68 -9.38
N LEU O 37 50.91 12.17 -8.75
CA LEU O 37 49.84 11.31 -8.27
C LEU O 37 48.53 12.09 -8.25
N GLY O 38 47.43 11.34 -8.23
CA GLY O 38 46.09 11.88 -8.27
C GLY O 38 45.13 10.82 -7.77
N ASN O 39 43.85 11.19 -7.69
CA ASN O 39 42.82 10.24 -7.31
C ASN O 39 41.66 10.35 -8.29
N GLN O 40 40.95 9.24 -8.46
CA GLN O 40 39.74 9.19 -9.25
C GLN O 40 38.72 8.35 -8.50
N GLY O 41 37.61 8.98 -8.10
CA GLY O 41 36.61 8.30 -7.31
C GLY O 41 37.13 7.95 -5.93
N SER O 42 37.41 6.67 -5.72
CA SER O 42 38.03 6.20 -4.50
C SER O 42 39.31 5.42 -4.80
N PHE O 43 39.94 5.69 -5.93
CA PHE O 43 41.17 5.01 -6.33
C PHE O 43 42.32 6.01 -6.45
N LEU O 44 43.52 5.53 -6.15
CA LEU O 44 44.75 6.31 -6.28
C LEU O 44 45.44 5.93 -7.58
N THR O 45 45.91 6.94 -8.32
CA THR O 45 46.56 6.73 -9.61
C THR O 45 47.80 7.61 -9.68
N LYS O 46 48.96 7.00 -9.85
CA LYS O 46 50.20 7.76 -9.89
C LYS O 46 50.46 8.25 -11.32
N GLY O 47 51.53 9.03 -11.48
CA GLY O 47 51.83 9.65 -12.75
C GLY O 47 53.10 9.14 -13.40
N PRO O 48 53.39 9.63 -14.60
CA PRO O 48 54.59 9.17 -15.34
C PRO O 48 55.89 9.84 -14.93
N SER O 49 55.94 10.52 -13.80
CA SER O 49 57.16 11.22 -13.39
C SER O 49 58.18 10.24 -12.83
N LYS O 50 59.36 10.77 -12.47
CA LYS O 50 60.43 9.95 -11.91
C LYS O 50 60.16 9.51 -10.47
N LEU O 51 59.16 10.10 -9.81
CA LEU O 51 58.83 9.78 -8.43
C LEU O 51 57.72 8.73 -8.33
N ASN O 52 57.66 7.79 -9.28
CA ASN O 52 56.55 6.84 -9.33
C ASN O 52 56.59 5.84 -8.18
N ASP O 53 57.76 5.30 -7.87
CA ASP O 53 57.88 4.28 -6.84
C ASP O 53 58.09 4.85 -5.44
N ARG O 54 58.29 6.16 -5.32
CA ARG O 54 58.61 6.77 -4.03
C ARG O 54 57.57 7.80 -3.61
N ALA O 55 56.34 7.70 -4.11
CA ALA O 55 55.26 8.61 -3.75
C ALA O 55 54.07 7.83 -3.26
N ASP O 56 53.39 8.37 -2.25
CA ASP O 56 52.25 7.71 -1.63
C ASP O 56 51.37 8.78 -0.99
N SER O 57 50.12 8.41 -0.71
CA SER O 57 49.16 9.31 -0.09
C SER O 57 48.42 8.59 1.02
N ARG O 58 48.08 9.34 2.07
CA ARG O 58 47.33 8.79 3.18
C ARG O 58 45.89 8.51 2.75
N ARG O 59 45.49 7.25 2.81
CA ARG O 59 44.19 6.84 2.28
C ARG O 59 43.04 7.34 3.14
N SER O 60 43.15 7.17 4.46
CA SER O 60 42.03 7.43 5.36
C SER O 60 41.75 8.92 5.56
N LEU O 61 42.63 9.81 5.11
CA LEU O 61 42.44 11.24 5.25
C LEU O 61 41.68 11.86 4.09
N TRP O 62 41.34 11.09 3.05
CA TRP O 62 40.62 11.64 1.92
C TRP O 62 39.19 11.99 2.26
N ASP O 63 38.58 11.25 3.19
CA ASP O 63 37.26 11.62 3.69
C ASP O 63 37.33 12.85 4.59
N GLN O 64 38.48 13.06 5.24
CA GLN O 64 38.62 14.19 6.17
C GLN O 64 38.70 15.52 5.44
N GLY O 65 39.54 15.62 4.41
CA GLY O 65 39.78 16.90 3.79
C GLY O 65 41.26 17.26 3.73
N ASN O 66 42.07 16.60 4.56
CA ASN O 66 43.51 16.76 4.45
C ASN O 66 44.07 15.78 3.43
N PHE O 67 44.87 16.31 2.49
CA PHE O 67 45.11 15.69 1.19
C PHE O 67 46.61 15.60 0.96
N PRO O 68 47.33 14.76 1.72
CA PRO O 68 48.78 14.90 1.82
C PRO O 68 49.53 14.13 0.73
N LEU O 69 50.86 14.32 0.75
CA LEU O 69 51.76 13.60 -0.14
C LEU O 69 52.98 13.12 0.66
N ILE O 70 53.42 11.89 0.40
CA ILE O 70 54.48 11.23 1.15
C ILE O 70 55.62 10.92 0.19
N ILE O 71 56.85 11.32 0.56
CA ILE O 71 58.04 10.91 -0.17
C ILE O 71 58.94 10.10 0.75
N LYS O 72 59.29 8.89 0.33
CA LYS O 72 60.25 8.05 1.01
C LYS O 72 61.57 8.06 0.26
N ASN O 73 62.64 7.67 0.99
CA ASN O 73 64.07 7.54 0.64
C ASN O 73 64.55 8.53 -0.42
N LEU O 74 64.25 9.80 -0.21
CA LEU O 74 64.39 10.87 -1.19
C LEU O 74 65.86 11.17 -1.50
N LYS O 75 66.06 11.83 -2.63
CA LYS O 75 67.37 12.29 -3.10
C LYS O 75 67.34 13.82 -3.26
N ILE O 76 68.43 14.35 -3.82
CA ILE O 76 68.56 15.80 -3.96
C ILE O 76 67.68 16.34 -5.10
N GLU O 77 67.25 15.50 -6.04
CA GLU O 77 66.51 15.95 -7.20
C GLU O 77 65.03 16.22 -6.90
N ASP O 78 64.56 15.94 -5.69
CA ASP O 78 63.18 16.23 -5.33
C ASP O 78 62.96 17.67 -4.87
N SER O 79 64.02 18.47 -4.80
CA SER O 79 63.92 19.86 -4.35
C SER O 79 63.33 20.71 -5.48
N ASP O 80 62.01 20.83 -5.47
CA ASP O 80 61.30 21.62 -6.48
C ASP O 80 59.97 22.05 -5.90
N THR O 81 59.31 22.98 -6.60
CA THR O 81 57.99 23.40 -6.17
C THR O 81 56.95 22.34 -6.52
N TYR O 82 55.81 22.42 -5.84
CA TYR O 82 54.73 21.47 -6.04
C TYR O 82 53.40 22.20 -6.01
N ILE O 83 52.57 21.91 -7.01
CA ILE O 83 51.25 22.50 -7.18
C ILE O 83 50.22 21.46 -6.77
N CYS O 84 49.43 21.78 -5.76
CA CYS O 84 48.29 20.96 -5.36
C CYS O 84 47.03 21.63 -5.87
N GLU O 85 46.34 20.97 -6.80
CA GLU O 85 45.11 21.48 -7.38
C GLU O 85 43.92 20.75 -6.78
N VAL O 86 43.02 21.52 -6.19
CA VAL O 86 41.73 21.01 -5.73
C VAL O 86 40.69 22.13 -5.81
N GLU O 87 39.56 21.84 -6.46
CA GLU O 87 38.43 22.75 -6.66
C GLU O 87 38.85 24.07 -7.32
N ASP O 88 39.70 23.95 -8.36
CA ASP O 88 40.32 25.07 -9.08
C ASP O 88 41.15 25.97 -8.16
N GLN O 89 41.73 25.38 -7.12
CA GLN O 89 42.62 26.08 -6.20
C GLN O 89 43.99 25.45 -6.30
N LYS O 90 45.00 26.31 -6.46
CA LYS O 90 46.39 25.88 -6.66
C LYS O 90 47.21 26.32 -5.45
N GLU O 91 47.60 25.34 -4.64
CA GLU O 91 48.46 25.59 -3.48
C GLU O 91 49.91 25.31 -3.85
N GLU O 92 50.79 26.25 -3.52
CA GLU O 92 52.21 26.18 -3.88
C GLU O 92 53.01 25.78 -2.65
N VAL O 93 53.72 24.66 -2.73
CA VAL O 93 54.57 24.20 -1.65
C VAL O 93 56.00 24.09 -2.17
N GLN O 94 56.95 24.74 -1.50
CA GLN O 94 58.35 24.69 -1.88
C GLN O 94 59.09 23.76 -0.92
N LEU O 95 60.02 22.98 -1.46
CA LEU O 95 60.76 21.98 -0.69
C LEU O 95 62.24 22.17 -0.92
N LEU O 96 63.01 22.27 0.17
CA LEU O 96 64.46 22.38 0.11
C LEU O 96 65.08 21.18 0.82
N VAL O 97 66.07 20.57 0.18
CA VAL O 97 66.87 19.53 0.82
C VAL O 97 68.35 19.81 0.60
N ASP P 1 1.05 -34.11 24.40
CA ASP P 1 1.72 -33.82 23.15
C ASP P 1 3.24 -33.77 23.33
N ILE P 2 3.69 -33.32 24.50
CA ILE P 2 5.11 -33.30 24.83
C ILE P 2 5.52 -34.74 25.15
N VAL P 3 6.25 -35.37 24.24
CA VAL P 3 6.63 -36.77 24.36
C VAL P 3 7.82 -36.87 25.28
N MET P 4 7.65 -37.58 26.40
CA MET P 4 8.70 -37.80 27.38
C MET P 4 9.07 -39.27 27.39
N THR P 5 10.34 -39.57 27.07
CA THR P 5 10.80 -40.96 26.96
C THR P 5 12.04 -41.13 27.83
N GLN P 6 11.98 -42.08 28.76
CA GLN P 6 13.12 -42.41 29.61
C GLN P 6 14.05 -43.35 28.84
N SER P 7 15.27 -42.88 28.58
CA SER P 7 16.25 -43.71 27.89
C SER P 7 16.66 -44.98 28.67
N PRO P 8 16.87 -44.96 30.00
CA PRO P 8 16.88 -46.24 30.72
C PRO P 8 15.50 -46.86 30.72
N ALA P 9 15.46 -48.19 30.57
CA ALA P 9 14.20 -48.93 30.52
C ALA P 9 13.94 -49.69 31.80
N THR P 10 14.87 -50.54 32.22
CA THR P 10 14.75 -51.28 33.48
C THR P 10 16.16 -51.50 34.02
N LEU P 11 16.42 -50.97 35.20
CA LEU P 11 17.76 -50.95 35.77
C LEU P 11 17.83 -51.88 36.97
N SER P 12 18.90 -52.66 37.07
CA SER P 12 19.14 -53.58 38.18
C SER P 12 20.55 -53.32 38.70
N VAL P 13 20.65 -52.66 39.85
CA VAL P 13 21.92 -52.24 40.43
C VAL P 13 21.97 -52.73 41.87
N SER P 14 23.07 -53.39 42.24
CA SER P 14 23.27 -53.86 43.60
C SER P 14 23.40 -52.66 44.56
N PRO P 15 22.89 -52.79 45.79
CA PRO P 15 22.94 -51.65 46.74
C PRO P 15 24.36 -51.35 47.19
N GLY P 16 24.80 -50.12 46.93
CA GLY P 16 26.11 -49.68 47.37
C GLY P 16 26.86 -48.78 46.41
N GLU P 17 26.39 -48.66 45.17
CA GLU P 17 27.10 -47.86 44.18
C GLU P 17 26.21 -46.83 43.51
N ARG P 18 26.75 -46.11 42.52
CA ARG P 18 26.04 -45.04 41.83
C ARG P 18 25.02 -45.61 40.85
N ALA P 19 24.00 -44.80 40.56
CA ALA P 19 23.08 -45.11 39.48
C ALA P 19 22.53 -43.81 38.90
N THR P 20 22.29 -43.82 37.59
CA THR P 20 21.90 -42.64 36.84
C THR P 20 20.63 -42.93 36.05
N LEU P 21 19.63 -42.06 36.20
CA LEU P 21 18.37 -42.14 35.47
C LEU P 21 18.24 -40.88 34.62
N SER P 22 17.54 -41.01 33.50
CA SER P 22 17.33 -39.86 32.62
C SER P 22 16.06 -40.07 31.81
N CYS P 23 15.55 -38.97 31.26
CA CYS P 23 14.42 -39.01 30.35
C CYS P 23 14.61 -37.97 29.25
N ARG P 24 14.67 -38.43 28.02
CA ARG P 24 14.88 -37.55 26.88
C ARG P 24 13.64 -36.72 26.58
N ALA P 25 13.86 -35.50 26.11
CA ALA P 25 12.80 -34.55 25.84
C ALA P 25 12.71 -34.28 24.34
N SER P 26 11.46 -34.13 23.85
CA SER P 26 11.26 -33.78 22.45
C SER P 26 11.69 -32.35 22.17
N GLU P 27 11.40 -31.43 23.08
CA GLU P 27 11.84 -30.05 22.95
C GLU P 27 12.32 -29.56 24.32
N SER P 28 12.89 -28.36 24.34
CA SER P 28 13.40 -27.79 25.58
C SER P 28 12.24 -27.32 26.44
N VAL P 29 12.16 -27.85 27.65
CA VAL P 29 11.09 -27.51 28.60
C VAL P 29 11.64 -26.77 29.82
N SER P 30 12.83 -26.19 29.69
CA SER P 30 13.49 -25.28 30.66
C SER P 30 13.77 -26.06 31.94
N SER P 31 13.65 -25.42 33.11
CA SER P 31 13.99 -26.03 34.38
C SER P 31 12.78 -26.64 35.08
N ASP P 32 11.72 -26.94 34.35
CA ASP P 32 10.50 -27.51 34.91
C ASP P 32 10.61 -29.04 34.86
N LEU P 33 10.84 -29.64 36.02
CA LEU P 33 11.08 -31.07 36.13
C LEU P 33 10.76 -31.53 37.54
N ALA P 34 10.11 -32.69 37.65
CA ALA P 34 9.94 -33.33 38.94
C ALA P 34 10.21 -34.81 38.80
N TRP P 35 10.63 -35.43 39.90
CA TRP P 35 10.95 -36.86 39.94
C TRP P 35 10.11 -37.52 41.02
N TYR P 36 9.35 -38.53 40.64
CA TYR P 36 8.47 -39.25 41.56
C TYR P 36 8.90 -40.68 41.70
N GLN P 37 8.96 -41.14 42.94
CA GLN P 37 9.31 -42.50 43.31
C GLN P 37 8.03 -43.19 43.77
N GLN P 38 7.70 -44.33 43.14
CA GLN P 38 6.47 -45.05 43.41
C GLN P 38 6.81 -46.48 43.81
N LYS P 39 6.62 -46.80 45.09
CA LYS P 39 6.67 -48.16 45.57
C LYS P 39 5.33 -48.84 45.34
N PRO P 40 5.32 -50.16 45.08
CA PRO P 40 4.06 -50.85 44.77
C PRO P 40 3.17 -50.97 45.99
N GLY P 41 1.92 -50.50 45.85
CA GLY P 41 0.95 -50.53 46.92
C GLY P 41 0.81 -49.25 47.71
N GLN P 42 1.62 -48.23 47.41
CA GLN P 42 1.57 -46.96 48.12
C GLN P 42 1.56 -45.81 47.13
N ALA P 43 1.17 -44.63 47.62
CA ALA P 43 1.12 -43.44 46.80
C ALA P 43 2.53 -42.93 46.49
N PRO P 44 2.73 -42.33 45.32
CA PRO P 44 4.03 -41.73 45.00
C PRO P 44 4.31 -40.50 45.86
N ARG P 45 5.59 -40.23 46.06
CA ARG P 45 6.07 -39.11 46.86
C ARG P 45 7.10 -38.33 46.06
N LEU P 46 7.12 -37.01 46.27
CA LEU P 46 8.02 -36.15 45.53
C LEU P 46 9.42 -36.19 46.14
N LEU P 47 10.43 -36.20 45.27
CA LEU P 47 11.82 -36.13 45.69
C LEU P 47 12.49 -34.86 45.20
N ILE P 48 12.48 -34.61 43.89
CA ILE P 48 13.12 -33.44 43.28
C ILE P 48 12.06 -32.70 42.49
N TYR P 49 11.94 -31.40 42.72
CA TYR P 49 11.08 -30.52 41.93
C TYR P 49 11.91 -29.38 41.38
N GLY P 50 11.64 -29.01 40.13
CA GLY P 50 12.37 -27.93 39.49
C GLY P 50 13.83 -28.26 39.21
N ALA P 51 14.04 -29.32 38.42
CA ALA P 51 15.34 -29.77 37.91
C ALA P 51 16.33 -30.15 39.00
N SER P 52 16.81 -29.20 39.79
CA SER P 52 17.92 -29.45 40.70
C SER P 52 17.67 -28.83 42.07
N THR P 53 16.42 -28.84 42.54
CA THR P 53 16.09 -28.44 43.90
C THR P 53 15.35 -29.57 44.60
N ARG P 54 15.74 -29.84 45.84
CA ARG P 54 15.14 -30.92 46.61
C ARG P 54 14.01 -30.39 47.49
N ALA P 55 13.16 -31.31 47.93
CA ALA P 55 12.05 -30.99 48.82
C ALA P 55 12.52 -31.10 50.27
N THR P 56 11.58 -31.08 51.19
CA THR P 56 11.86 -31.30 52.60
C THR P 56 11.51 -32.74 52.99
N GLY P 57 12.20 -33.26 54.00
CA GLY P 57 12.01 -34.63 54.41
C GLY P 57 12.55 -35.66 53.46
N VAL P 58 13.49 -35.29 52.59
CA VAL P 58 14.07 -36.20 51.62
C VAL P 58 15.55 -36.38 51.94
N PRO P 59 16.16 -37.52 51.63
CA PRO P 59 17.60 -37.68 51.88
C PRO P 59 18.44 -36.89 50.88
N ALA P 60 19.70 -36.68 51.25
CA ALA P 60 20.62 -35.91 50.44
C ALA P 60 21.30 -36.74 49.35
N ARG P 61 21.05 -38.05 49.30
CA ARG P 61 21.69 -38.90 48.31
C ARG P 61 21.12 -38.70 46.90
N PHE P 62 19.89 -38.22 46.78
CA PHE P 62 19.35 -37.88 45.48
C PHE P 62 19.95 -36.57 44.97
N SER P 63 20.23 -36.51 43.67
CA SER P 63 20.76 -35.29 43.08
C SER P 63 20.24 -35.14 41.66
N GLY P 64 19.44 -34.11 41.42
CA GLY P 64 18.96 -33.81 40.09
C GLY P 64 19.88 -32.83 39.39
N SER P 65 19.95 -32.94 38.07
CA SER P 65 20.83 -32.08 37.29
C SER P 65 20.32 -32.01 35.85
N GLY P 66 20.85 -31.06 35.11
CA GLY P 66 20.49 -30.88 33.72
C GLY P 66 19.54 -29.72 33.50
N SER P 67 19.34 -29.39 32.23
CA SER P 67 18.50 -28.27 31.84
C SER P 67 18.07 -28.45 30.40
N GLY P 68 17.17 -27.57 29.96
CA GLY P 68 16.69 -27.55 28.59
C GLY P 68 15.93 -28.79 28.21
N ALA P 69 16.56 -29.62 27.38
CA ALA P 69 16.01 -30.92 27.01
C ALA P 69 16.81 -32.09 27.58
N GLU P 70 17.96 -31.84 28.21
CA GLU P 70 18.81 -32.90 28.73
C GLU P 70 18.73 -32.89 30.25
N PHE P 71 18.09 -33.91 30.81
CA PHE P 71 17.80 -34.03 32.23
C PHE P 71 18.43 -35.30 32.78
N THR P 72 18.76 -35.28 34.07
CA THR P 72 19.30 -36.46 34.73
C THR P 72 19.02 -36.42 36.23
N LEU P 73 18.90 -37.62 36.80
CA LEU P 73 18.82 -37.83 38.24
C LEU P 73 19.91 -38.84 38.60
N THR P 74 20.58 -38.60 39.73
CA THR P 74 21.67 -39.48 40.16
C THR P 74 21.42 -39.86 41.61
N ILE P 75 21.45 -41.16 41.88
CA ILE P 75 21.43 -41.69 43.25
C ILE P 75 22.83 -42.23 43.55
N SER P 76 23.34 -41.85 44.73
CA SER P 76 24.74 -42.06 45.05
C SER P 76 25.01 -43.44 45.63
N SER P 77 24.24 -43.82 46.65
CA SER P 77 24.38 -45.14 47.28
C SER P 77 22.98 -45.72 47.42
N LEU P 78 22.74 -46.83 46.74
CA LEU P 78 21.43 -47.48 46.79
C LEU P 78 21.21 -48.13 48.15
N GLN P 79 19.98 -48.04 48.65
CA GLN P 79 19.58 -48.62 49.91
C GLN P 79 18.50 -49.68 49.66
N SER P 80 17.94 -50.20 50.75
CA SER P 80 16.92 -51.24 50.65
C SER P 80 15.55 -50.70 50.31
N GLU P 81 15.35 -49.39 50.35
CA GLU P 81 14.05 -48.78 50.11
C GLU P 81 13.92 -48.20 48.72
N ASP P 82 14.89 -48.44 47.83
CA ASP P 82 14.93 -47.80 46.53
C ASP P 82 14.38 -48.68 45.41
N PHE P 83 13.78 -49.82 45.74
CA PHE P 83 13.11 -50.67 44.74
C PHE P 83 11.76 -50.02 44.43
N ALA P 84 11.73 -49.25 43.34
CA ALA P 84 10.54 -48.46 43.02
C ALA P 84 10.57 -48.08 41.54
N VAL P 85 9.50 -47.46 41.08
CA VAL P 85 9.37 -46.96 39.72
C VAL P 85 9.51 -45.45 39.73
N TYR P 86 10.34 -44.92 38.84
CA TYR P 86 10.64 -43.49 38.81
C TYR P 86 10.03 -42.83 37.58
N TYR P 87 9.48 -41.63 37.79
CA TYR P 87 8.84 -40.85 36.74
C TYR P 87 9.40 -39.42 36.76
N CYS P 88 9.41 -38.78 35.59
CA CYS P 88 9.89 -37.40 35.47
C CYS P 88 8.82 -36.52 34.81
N GLN P 89 8.86 -35.23 35.16
CA GLN P 89 7.75 -34.30 34.96
C GLN P 89 8.22 -32.99 34.35
N GLN P 90 7.47 -32.52 33.34
CA GLN P 90 7.57 -31.16 32.83
C GLN P 90 6.24 -30.45 33.05
N TYR P 91 6.31 -29.16 33.35
CA TYR P 91 5.13 -28.32 33.54
C TYR P 91 5.34 -26.93 32.94
N ASN P 92 5.85 -26.87 31.72
CA ASN P 92 6.41 -25.61 31.20
C ASN P 92 5.41 -24.72 30.46
N ASN P 93 4.52 -25.27 29.63
CA ASN P 93 3.76 -24.44 28.69
C ASN P 93 2.32 -24.26 29.12
N TRP P 94 1.78 -23.03 28.86
CA TRP P 94 0.43 -22.51 28.98
C TRP P 94 -0.24 -22.56 27.62
N PRO P 95 -1.44 -23.17 27.44
CA PRO P 95 -2.36 -23.80 28.39
C PRO P 95 -1.81 -25.15 28.88
N PRO P 96 -2.34 -25.76 29.96
CA PRO P 96 -1.78 -27.04 30.43
C PRO P 96 -2.04 -28.17 29.47
N ARG P 97 -1.01 -28.54 28.71
CA ARG P 97 -1.03 -29.64 27.76
C ARG P 97 0.17 -30.50 28.11
N TYR P 98 -0.01 -31.35 29.13
CA TYR P 98 1.08 -31.98 29.84
C TYR P 98 0.97 -33.49 29.70
N THR P 99 2.13 -34.15 29.66
CA THR P 99 2.19 -35.59 29.53
C THR P 99 3.30 -36.12 30.43
N PHE P 100 3.05 -37.25 31.08
CA PHE P 100 4.03 -37.87 31.95
C PHE P 100 5.09 -38.61 31.14
N GLY P 101 6.02 -39.25 31.85
CA GLY P 101 6.89 -40.24 31.27
C GLY P 101 6.45 -41.64 31.67
N GLN P 102 6.96 -42.64 30.96
CA GLN P 102 6.56 -44.02 31.23
C GLN P 102 7.29 -44.63 32.42
N GLY P 103 8.32 -43.98 32.93
CA GLY P 103 8.98 -44.41 34.15
C GLY P 103 10.02 -45.50 33.91
N THR P 104 10.71 -45.84 35.00
CA THR P 104 11.74 -46.88 34.97
C THR P 104 11.74 -47.60 36.31
N ARG P 105 11.69 -48.93 36.27
CA ARG P 105 11.66 -49.74 37.47
C ARG P 105 13.09 -50.07 37.91
N LEU P 106 13.39 -49.81 39.18
CA LEU P 106 14.72 -50.08 39.73
C LEU P 106 14.57 -50.95 40.97
N GLU Q 1 2.06 -28.56 54.39
CA GLU Q 1 1.88 -29.56 55.44
C GLU Q 1 0.40 -29.78 55.73
N VAL Q 2 -0.26 -30.53 54.84
CA VAL Q 2 -1.69 -30.82 54.94
C VAL Q 2 -1.90 -32.31 54.80
N GLN Q 3 -3.08 -32.77 55.23
CA GLN Q 3 -3.48 -34.15 55.05
C GLN Q 3 -4.71 -34.24 54.14
N LEU Q 4 -4.81 -35.37 53.45
CA LEU Q 4 -5.70 -35.56 52.30
C LEU Q 4 -6.34 -36.93 52.39
N VAL Q 5 -7.67 -36.98 52.49
CA VAL Q 5 -8.41 -38.23 52.62
C VAL Q 5 -9.51 -38.26 51.58
N GLU Q 6 -9.55 -39.32 50.77
CA GLU Q 6 -10.55 -39.46 49.72
C GLU Q 6 -11.42 -40.69 49.98
N SER Q 7 -12.37 -40.92 49.08
CA SER Q 7 -13.35 -41.99 49.22
C SER Q 7 -12.74 -43.35 48.89
N GLY Q 8 -13.53 -44.39 49.12
CA GLY Q 8 -13.05 -45.75 48.99
C GLY Q 8 -13.18 -46.30 47.58
N ALA Q 9 -13.06 -47.62 47.48
CA ALA Q 9 -13.13 -48.31 46.19
C ALA Q 9 -14.57 -48.30 45.67
N GLU Q 10 -14.70 -48.08 44.37
CA GLU Q 10 -16.03 -47.85 43.80
C GLU Q 10 -16.17 -48.70 42.53
N VAL Q 11 -17.38 -49.21 42.29
CA VAL Q 11 -17.68 -50.06 41.13
C VAL Q 11 -18.81 -49.42 40.34
N LYS Q 12 -18.69 -49.41 39.00
CA LYS Q 12 -19.76 -48.92 38.12
C LYS Q 12 -19.99 -49.88 36.97
N LYS Q 13 -20.88 -49.45 36.06
CA LYS Q 13 -21.27 -49.97 34.76
C LYS Q 13 -20.75 -49.04 33.67
N PRO Q 14 -20.42 -49.56 32.49
CA PRO Q 14 -19.92 -48.69 31.41
C PRO Q 14 -20.97 -47.73 30.88
N GLY Q 15 -20.51 -46.56 30.45
CA GLY Q 15 -21.36 -45.53 29.91
C GLY Q 15 -22.02 -44.62 30.92
N SER Q 16 -21.81 -44.87 32.21
CA SER Q 16 -22.46 -44.11 33.27
C SER Q 16 -21.55 -42.97 33.76
N SER Q 17 -21.88 -42.39 34.91
CA SER Q 17 -21.11 -41.32 35.52
C SER Q 17 -20.62 -41.74 36.89
N VAL Q 18 -19.35 -41.44 37.18
CA VAL Q 18 -18.70 -41.78 38.45
C VAL Q 18 -18.27 -40.48 39.13
N LYS Q 19 -18.52 -40.40 40.45
CA LYS Q 19 -18.27 -39.21 41.25
C LYS Q 19 -17.30 -39.58 42.36
N VAL Q 20 -16.18 -38.87 42.44
CA VAL Q 20 -15.11 -39.19 43.39
C VAL Q 20 -14.83 -37.94 44.23
N SER Q 21 -14.91 -38.08 45.55
CA SER Q 21 -14.64 -36.97 46.47
C SER Q 21 -13.25 -37.10 47.08
N CYS Q 22 -12.70 -35.95 47.48
CA CYS Q 22 -11.38 -35.92 48.11
C CYS Q 22 -11.31 -34.69 48.99
N LYS Q 23 -11.13 -34.89 50.30
CA LYS Q 23 -11.15 -33.81 51.28
C LYS Q 23 -9.74 -33.49 51.75
N ALA Q 24 -9.51 -32.20 52.01
CA ALA Q 24 -8.23 -31.69 52.49
C ALA Q 24 -8.43 -31.00 53.83
N SER Q 25 -7.43 -31.12 54.70
CA SER Q 25 -7.44 -30.38 55.96
C SER Q 25 -6.02 -30.10 56.40
N GLY Q 26 -5.89 -29.09 57.26
CA GLY Q 26 -4.59 -28.70 57.78
C GLY Q 26 -4.26 -27.23 57.59
N ASP Q 27 -4.85 -26.61 56.57
CA ASP Q 27 -4.55 -25.22 56.23
C ASP Q 27 -5.79 -24.68 55.50
N THR Q 28 -5.78 -23.41 55.15
CA THR Q 28 -6.87 -22.78 54.44
C THR Q 28 -6.97 -23.35 53.03
N PHE Q 29 -8.20 -23.73 52.62
CA PHE Q 29 -8.41 -24.53 51.43
C PHE Q 29 -8.10 -23.76 50.15
N ILE Q 30 -8.42 -22.47 50.10
CA ILE Q 30 -8.27 -21.70 48.87
C ILE Q 30 -6.84 -21.34 48.53
N ARG Q 31 -5.89 -21.59 49.44
CA ARG Q 31 -4.48 -21.34 49.18
C ARG Q 31 -3.81 -22.50 48.45
N TYR Q 32 -4.52 -23.58 48.18
CA TYR Q 32 -3.95 -24.77 47.56
C TYR Q 32 -4.62 -25.04 46.22
N SER Q 33 -3.82 -25.33 45.21
CA SER Q 33 -4.30 -25.68 43.88
C SER Q 33 -4.29 -27.20 43.74
N PHE Q 34 -5.37 -27.75 43.18
CA PHE Q 34 -5.55 -29.19 43.22
C PHE Q 34 -5.41 -29.79 41.82
N THR Q 35 -5.17 -31.10 41.78
CA THR Q 35 -4.99 -31.80 40.52
C THR Q 35 -5.30 -33.28 40.73
N TRP Q 36 -5.48 -33.97 39.61
CA TRP Q 36 -5.84 -35.39 39.58
C TRP Q 36 -4.89 -36.15 38.68
N VAL Q 37 -4.59 -37.39 39.06
CA VAL Q 37 -3.71 -38.23 38.25
C VAL Q 37 -4.21 -39.67 38.30
N ARG Q 38 -4.13 -40.35 37.16
CA ARG Q 38 -4.69 -41.68 36.95
C ARG Q 38 -3.57 -42.71 36.88
N GLN Q 39 -3.90 -43.95 37.27
CA GLN Q 39 -2.96 -45.06 37.18
C GLN Q 39 -3.70 -46.31 36.76
N ALA Q 40 -3.56 -46.70 35.49
CA ALA Q 40 -4.07 -47.98 35.05
C ALA Q 40 -3.18 -49.09 35.60
N PRO Q 41 -3.76 -50.24 35.98
CA PRO Q 41 -2.97 -51.30 36.64
C PRO Q 41 -2.00 -51.97 35.69
N GLY Q 42 -0.71 -51.83 35.99
CA GLY Q 42 0.36 -52.36 35.17
C GLY Q 42 1.00 -51.36 34.24
N GLN Q 43 0.33 -50.25 33.98
CA GLN Q 43 0.84 -49.20 33.11
C GLN Q 43 1.34 -48.04 33.95
N GLY Q 44 1.72 -46.94 33.29
CA GLY Q 44 2.25 -45.77 33.94
C GLY Q 44 1.20 -44.70 34.20
N LEU Q 45 1.60 -43.71 34.99
CA LEU Q 45 0.73 -42.60 35.33
C LEU Q 45 0.57 -41.65 34.13
N GLU Q 46 -0.57 -40.96 34.08
CA GLU Q 46 -0.78 -39.89 33.12
C GLU Q 46 -1.68 -38.83 33.76
N TRP Q 47 -1.55 -37.60 33.29
CA TRP Q 47 -2.18 -36.47 33.97
C TRP Q 47 -3.59 -36.22 33.45
N MET Q 48 -4.52 -36.08 34.39
CA MET Q 48 -5.96 -35.92 34.15
C MET Q 48 -6.37 -34.45 34.07
N GLY Q 49 -6.06 -33.67 35.10
CA GLY Q 49 -6.45 -32.26 35.09
C GLY Q 49 -6.01 -31.53 36.34
N ARG Q 50 -6.12 -30.20 36.26
CA ARG Q 50 -5.75 -29.25 37.30
C ARG Q 50 -6.91 -28.28 37.53
N ILE Q 51 -7.06 -27.84 38.78
CA ILE Q 51 -8.04 -26.84 39.16
C ILE Q 51 -7.39 -25.80 40.07
N ILE Q 52 -7.60 -24.53 39.74
CA ILE Q 52 -7.27 -23.40 40.62
C ILE Q 52 -8.53 -23.03 41.38
N THR Q 53 -8.41 -22.94 42.71
CA THR Q 53 -9.55 -23.00 43.61
C THR Q 53 -10.33 -21.69 43.65
N ILE Q 54 -9.71 -20.60 44.11
CA ILE Q 54 -10.43 -19.34 44.28
C ILE Q 54 -10.76 -18.71 42.94
N LEU Q 55 -10.00 -19.02 41.89
CA LEU Q 55 -10.37 -18.60 40.55
C LEU Q 55 -11.40 -19.55 39.95
N ASP Q 56 -11.42 -20.80 40.42
CA ASP Q 56 -12.25 -21.90 39.93
C ASP Q 56 -12.01 -22.05 38.42
N VAL Q 57 -10.78 -22.38 38.09
CA VAL Q 57 -10.37 -22.56 36.69
C VAL Q 57 -9.88 -24.00 36.54
N ALA Q 58 -10.53 -24.75 35.65
CA ALA Q 58 -10.24 -26.16 35.46
C ALA Q 58 -9.67 -26.39 34.06
N HIS Q 59 -8.51 -27.03 34.00
CA HIS Q 59 -7.86 -27.38 32.74
C HIS Q 59 -7.68 -28.89 32.72
N TYR Q 60 -8.06 -29.52 31.61
CA TYR Q 60 -8.26 -30.96 31.59
C TYR Q 60 -7.23 -31.64 30.69
N ALA Q 61 -7.39 -32.95 30.53
CA ALA Q 61 -6.49 -33.74 29.72
C ALA Q 61 -6.66 -33.45 28.24
N PRO Q 62 -5.58 -33.54 27.45
CA PRO Q 62 -5.72 -33.32 25.99
C PRO Q 62 -6.51 -34.40 25.28
N HIS Q 63 -6.59 -35.61 25.83
CA HIS Q 63 -7.20 -36.74 25.13
C HIS Q 63 -8.65 -36.98 25.53
N LEU Q 64 -9.24 -36.13 26.35
CA LEU Q 64 -10.60 -36.34 26.80
C LEU Q 64 -11.27 -34.99 27.00
N GLN Q 65 -12.12 -34.60 26.05
CA GLN Q 65 -12.72 -33.27 26.02
C GLN Q 65 -14.17 -33.34 26.50
N GLY Q 66 -14.52 -32.42 27.42
CA GLY Q 66 -15.90 -32.19 27.78
C GLY Q 66 -16.59 -33.31 28.54
N ARG Q 67 -15.85 -34.15 29.24
CA ARG Q 67 -16.47 -35.26 29.94
C ARG Q 67 -16.11 -35.31 31.42
N VAL Q 68 -14.90 -34.97 31.79
CA VAL Q 68 -14.52 -34.83 33.18
C VAL Q 68 -14.84 -33.42 33.66
N THR Q 69 -15.29 -33.33 34.91
CA THR Q 69 -15.62 -32.05 35.53
C THR Q 69 -15.09 -32.06 36.95
N ILE Q 70 -14.23 -31.10 37.27
CA ILE Q 70 -13.62 -31.00 38.60
C ILE Q 70 -14.18 -29.76 39.28
N THR Q 71 -14.73 -29.94 40.47
CA THR Q 71 -15.44 -28.88 41.18
C THR Q 71 -14.92 -28.80 42.61
N ALA Q 72 -14.51 -27.60 43.03
CA ALA Q 72 -14.00 -27.39 44.38
C ALA Q 72 -15.07 -26.70 45.23
N ASP Q 73 -15.30 -27.24 46.42
CA ASP Q 73 -16.20 -26.63 47.39
C ASP Q 73 -15.35 -26.02 48.49
N LYS Q 74 -15.40 -24.68 48.60
CA LYS Q 74 -14.60 -23.96 49.57
C LYS Q 74 -15.26 -23.88 50.94
N SER Q 75 -16.57 -24.11 51.03
CA SER Q 75 -17.24 -24.07 52.32
C SER Q 75 -16.89 -25.27 53.17
N THR Q 76 -16.89 -26.46 52.57
CA THR Q 76 -16.56 -27.70 53.26
C THR Q 76 -15.16 -28.19 52.97
N SER Q 77 -14.37 -27.42 52.19
CA SER Q 77 -12.95 -27.67 51.92
C SER Q 77 -12.70 -29.04 51.27
N THR Q 78 -13.21 -29.19 50.04
CA THR Q 78 -13.09 -30.46 49.36
C THR Q 78 -13.04 -30.25 47.86
N VAL Q 79 -12.62 -31.31 47.15
CA VAL Q 79 -12.57 -31.32 45.70
C VAL Q 79 -13.32 -32.56 45.21
N TYR Q 80 -14.01 -32.41 44.08
CA TYR Q 80 -14.81 -33.48 43.49
C TYR Q 80 -14.41 -33.66 42.03
N LEU Q 81 -14.32 -34.91 41.60
CA LEU Q 81 -14.18 -35.27 40.19
C LEU Q 81 -15.45 -35.97 39.74
N GLU Q 82 -15.87 -35.70 38.50
CA GLU Q 82 -16.94 -36.45 37.87
C GLU Q 82 -16.44 -36.87 36.50
N LEU Q 83 -16.60 -38.15 36.18
CA LEU Q 83 -16.26 -38.70 34.86
C LEU Q 83 -17.50 -39.36 34.27
N ARG Q 84 -17.89 -38.93 33.08
CA ARG Q 84 -19.06 -39.43 32.40
C ARG Q 84 -18.65 -40.31 31.22
N ASN Q 85 -19.61 -41.11 30.74
CA ASN Q 85 -19.50 -41.97 29.56
C ASN Q 85 -18.35 -42.97 29.73
N LEU Q 86 -18.51 -43.85 30.71
CA LEU Q 86 -17.43 -44.73 31.12
C LEU Q 86 -17.14 -45.79 30.06
N ARG Q 87 -15.86 -45.95 29.72
CA ARG Q 87 -15.39 -47.04 28.89
C ARG Q 87 -14.64 -48.04 29.75
N SER Q 88 -14.26 -49.16 29.12
CA SER Q 88 -13.56 -50.23 29.85
C SER Q 88 -12.13 -49.87 30.23
N ASP Q 89 -11.56 -48.81 29.65
CA ASP Q 89 -10.21 -48.39 29.98
C ASP Q 89 -10.12 -47.60 31.27
N ASP Q 90 -11.26 -47.27 31.90
CA ASP Q 90 -11.28 -46.43 33.09
C ASP Q 90 -11.10 -47.21 34.38
N THR Q 91 -10.89 -48.51 34.32
CA THR Q 91 -10.53 -49.30 35.50
C THR Q 91 -9.12 -48.89 35.92
N ALA Q 92 -9.02 -48.07 36.97
CA ALA Q 92 -7.74 -47.46 37.31
C ALA Q 92 -7.73 -47.11 38.79
N VAL Q 93 -6.70 -46.36 39.19
CA VAL Q 93 -6.56 -45.79 40.52
C VAL Q 93 -6.45 -44.28 40.38
N TYR Q 94 -7.26 -43.54 41.13
CA TYR Q 94 -7.26 -42.09 41.10
C TYR Q 94 -6.50 -41.54 42.31
N PHE Q 95 -5.69 -40.52 42.07
CA PHE Q 95 -4.99 -39.82 43.14
C PHE Q 95 -5.30 -38.34 43.01
N CYS Q 96 -5.85 -37.75 44.08
CA CYS Q 96 -5.96 -36.30 44.19
C CYS Q 96 -4.69 -35.74 44.83
N ALA Q 97 -4.37 -34.50 44.50
CA ALA Q 97 -3.14 -33.90 45.00
C ALA Q 97 -3.30 -32.39 45.12
N GLY Q 98 -3.00 -31.87 46.32
CA GLY Q 98 -3.06 -30.44 46.58
C GLY Q 98 -1.65 -29.88 46.75
N VAL Q 99 -1.40 -28.75 46.09
CA VAL Q 99 -0.09 -28.10 46.10
C VAL Q 99 -0.26 -26.71 46.68
N TYR Q 100 0.65 -26.33 47.58
CA TYR Q 100 0.65 -25.01 48.19
C TYR Q 100 1.10 -24.00 47.14
N GLU Q 101 0.13 -23.34 46.50
CA GLU Q 101 0.42 -22.39 45.44
C GLU Q 101 0.99 -21.08 45.98
N GLY Q 102 0.71 -20.75 47.23
CA GLY Q 102 1.17 -19.53 47.85
C GLY Q 102 0.09 -18.93 48.72
N GLU Q 103 0.33 -17.70 49.15
CA GLU Q 103 -0.60 -16.98 50.02
C GLU Q 103 -1.55 -16.20 49.12
N ALA Q 104 -2.78 -16.71 49.00
CA ALA Q 104 -3.71 -16.27 47.97
C ALA Q 104 -4.77 -15.29 48.48
N ASP Q 105 -4.88 -15.09 49.79
CA ASP Q 105 -5.80 -14.07 50.30
C ASP Q 105 -5.34 -12.67 49.91
N GLU Q 106 -4.03 -12.42 49.98
CA GLU Q 106 -3.51 -11.14 49.51
C GLU Q 106 -3.47 -11.09 47.99
N GLY Q 107 -3.12 -12.19 47.34
CA GLY Q 107 -3.11 -12.26 45.88
C GLY Q 107 -1.80 -12.73 45.26
N GLU Q 108 -1.00 -13.47 46.01
CA GLU Q 108 0.31 -13.92 45.55
C GLU Q 108 0.25 -15.39 45.12
N TYR Q 109 0.70 -15.66 43.90
CA TYR Q 109 0.85 -17.02 43.40
C TYR Q 109 2.30 -17.32 43.04
N ASP Q 110 2.64 -18.61 43.11
CA ASP Q 110 3.86 -19.14 42.51
C ASP Q 110 3.58 -20.01 41.29
N ASN Q 111 2.35 -20.51 41.15
CA ASN Q 111 1.90 -21.40 40.07
C ASN Q 111 2.79 -22.64 39.98
N ASN Q 112 2.77 -23.42 41.05
CA ASN Q 112 3.60 -24.62 41.14
C ASN Q 112 3.02 -25.73 40.29
N GLY Q 113 3.86 -26.32 39.43
CA GLY Q 113 3.44 -27.39 38.55
C GLY Q 113 3.73 -28.79 39.03
N PHE Q 114 4.40 -28.95 40.16
CA PHE Q 114 4.69 -30.26 40.72
C PHE Q 114 3.50 -30.74 41.55
N LEU Q 115 3.66 -31.88 42.23
CA LEU Q 115 2.62 -32.47 43.06
C LEU Q 115 3.29 -32.93 44.35
N LYS Q 116 3.11 -32.18 45.44
CA LYS Q 116 3.83 -32.47 46.68
C LYS Q 116 3.01 -33.31 47.66
N HIS Q 117 1.78 -32.91 47.95
CA HIS Q 117 0.92 -33.66 48.87
C HIS Q 117 0.03 -34.58 48.05
N TRP Q 118 -0.09 -35.83 48.48
CA TRP Q 118 -0.80 -36.85 47.73
C TRP Q 118 -1.83 -37.55 48.61
N GLY Q 119 -2.94 -37.96 47.98
CA GLY Q 119 -3.87 -38.86 48.62
C GLY Q 119 -3.43 -40.30 48.49
N GLN Q 120 -4.13 -41.19 49.19
CA GLN Q 120 -3.76 -42.60 49.23
C GLN Q 120 -4.27 -43.40 48.04
N GLY Q 121 -5.02 -42.78 47.12
CA GLY Q 121 -5.46 -43.47 45.92
C GLY Q 121 -6.73 -44.27 46.13
N THR Q 122 -7.66 -44.17 45.19
CA THR Q 122 -8.89 -44.95 45.23
C THR Q 122 -9.01 -45.78 43.96
N LEU Q 123 -9.47 -47.02 44.11
CA LEU Q 123 -9.51 -47.98 43.02
C LEU Q 123 -10.92 -47.95 42.43
N VAL Q 124 -11.01 -47.75 41.11
CA VAL Q 124 -12.29 -47.78 40.40
C VAL Q 124 -12.22 -48.88 39.35
N THR Q 125 -13.28 -49.68 39.28
CA THR Q 125 -13.44 -50.70 38.28
C THR Q 125 -14.80 -50.54 37.61
N VAL Q 126 -14.85 -50.80 36.31
CA VAL Q 126 -16.04 -50.52 35.53
C VAL Q 126 -16.20 -51.53 34.40
N ASP R 1 15.09 -35.89 -3.59
CA ASP R 1 16.04 -35.57 -2.54
C ASP R 1 15.89 -36.54 -1.37
N ILE R 2 15.12 -37.60 -1.59
CA ILE R 2 14.85 -38.58 -0.55
C ILE R 2 16.05 -39.51 -0.38
N VAL R 3 16.42 -39.75 0.87
CA VAL R 3 17.46 -40.71 1.22
C VAL R 3 16.77 -41.87 1.93
N MET R 4 17.33 -43.06 1.80
CA MET R 4 16.65 -44.25 2.30
C MET R 4 17.67 -45.23 2.87
N THR R 5 17.71 -45.32 4.20
CA THR R 5 18.50 -46.31 4.91
C THR R 5 17.67 -46.93 6.02
N GLN R 6 17.76 -48.25 6.17
CA GLN R 6 17.15 -48.96 7.28
C GLN R 6 18.22 -49.60 8.13
N SER R 7 18.02 -49.58 9.46
CA SER R 7 19.06 -49.95 10.42
C SER R 7 19.31 -51.46 10.57
N PRO R 8 18.29 -52.38 10.62
CA PRO R 8 18.64 -53.80 10.63
C PRO R 8 19.12 -54.30 9.26
N ALA R 9 20.40 -54.08 8.97
CA ALA R 9 20.95 -54.41 7.66
C ALA R 9 21.06 -55.91 7.45
N THR R 10 21.58 -56.63 8.43
CA THR R 10 21.78 -58.08 8.33
C THR R 10 21.14 -58.76 9.53
N LEU R 11 20.33 -59.78 9.27
CA LEU R 11 19.61 -60.51 10.29
C LEU R 11 19.73 -62.00 10.02
N SER R 12 19.77 -62.80 11.09
CA SER R 12 19.89 -64.25 10.98
C SER R 12 19.22 -64.87 12.21
N VAL R 13 18.02 -65.42 12.01
CA VAL R 13 17.27 -66.07 13.08
C VAL R 13 17.07 -67.54 12.74
N SER R 14 16.77 -68.32 13.78
CA SER R 14 16.44 -69.72 13.60
C SER R 14 15.07 -69.86 12.95
N PRO R 15 14.84 -70.96 12.21
CA PRO R 15 13.49 -71.23 11.70
C PRO R 15 12.49 -71.45 12.82
N GLY R 16 11.26 -71.00 12.58
CA GLY R 16 10.24 -71.05 13.60
C GLY R 16 10.25 -69.91 14.59
N GLU R 17 10.98 -68.84 14.28
CA GLU R 17 11.12 -67.69 15.18
C GLU R 17 10.49 -66.46 14.53
N ARG R 18 9.69 -65.74 15.30
CA ARG R 18 9.12 -64.48 14.84
C ARG R 18 10.21 -63.44 14.67
N ALA R 19 10.23 -62.77 13.51
CA ALA R 19 11.28 -61.81 13.20
C ALA R 19 10.67 -60.48 12.80
N THR R 20 11.39 -59.40 13.09
CA THR R 20 10.95 -58.04 12.81
C THR R 20 11.97 -57.36 11.92
N LEU R 21 11.52 -56.85 10.77
CA LEU R 21 12.33 -56.08 9.85
C LEU R 21 11.84 -54.64 9.86
N SER R 22 12.73 -53.70 10.11
CA SER R 22 12.36 -52.31 10.32
C SER R 22 12.64 -51.47 9.08
N CYS R 23 11.86 -50.40 8.93
CA CYS R 23 11.93 -49.51 7.78
C CYS R 23 11.97 -48.08 8.33
N ARG R 24 13.04 -47.37 8.02
CA ARG R 24 13.35 -46.06 8.59
C ARG R 24 13.40 -45.03 7.48
N ALA R 25 12.81 -43.86 7.72
CA ALA R 25 12.85 -42.75 6.78
C ALA R 25 13.38 -41.50 7.46
N SER R 26 13.71 -40.49 6.66
CA SER R 26 14.17 -39.21 7.19
C SER R 26 13.02 -38.28 7.56
N GLU R 27 11.82 -38.53 7.04
CA GLU R 27 10.64 -37.76 7.41
C GLU R 27 9.43 -38.67 7.29
N SER R 28 8.25 -38.10 7.56
CA SER R 28 7.01 -38.88 7.51
C SER R 28 6.62 -39.16 6.06
N VAL R 29 6.56 -40.44 5.71
CA VAL R 29 6.07 -40.86 4.40
C VAL R 29 4.65 -41.39 4.48
N SER R 30 3.89 -40.98 5.51
CA SER R 30 2.51 -41.34 5.79
C SER R 30 2.31 -42.86 5.91
N SER R 31 1.58 -43.44 4.97
CA SER R 31 1.31 -44.88 4.99
C SER R 31 1.50 -45.50 3.61
N ASP R 32 2.23 -44.84 2.72
CA ASP R 32 2.43 -45.33 1.36
C ASP R 32 3.75 -46.10 1.28
N LEU R 33 3.72 -47.33 1.82
CA LEU R 33 4.90 -48.17 1.88
C LEU R 33 4.56 -49.56 1.35
N ALA R 34 5.50 -50.16 0.62
CA ALA R 34 5.38 -51.51 0.09
C ALA R 34 6.53 -52.38 0.57
N TRP R 35 6.20 -53.60 0.98
CA TRP R 35 7.13 -54.60 1.47
C TRP R 35 7.23 -55.73 0.45
N TYR R 36 8.45 -55.95 -0.06
CA TYR R 36 8.75 -56.92 -1.12
C TYR R 36 9.76 -57.93 -0.62
N GLN R 37 9.73 -59.14 -1.20
CA GLN R 37 10.77 -60.14 -0.98
C GLN R 37 11.29 -60.60 -2.33
N GLN R 38 12.57 -60.98 -2.36
CA GLN R 38 13.21 -61.42 -3.59
C GLN R 38 14.11 -62.61 -3.30
N LYS R 39 13.80 -63.74 -3.92
CA LYS R 39 14.68 -64.91 -3.99
C LYS R 39 15.81 -64.63 -4.99
N PRO R 40 17.01 -65.15 -4.76
CA PRO R 40 18.10 -64.89 -5.71
C PRO R 40 17.97 -65.71 -6.99
N GLY R 41 18.22 -65.04 -8.12
CA GLY R 41 17.98 -65.63 -9.42
C GLY R 41 16.56 -65.50 -9.91
N GLN R 42 15.70 -64.74 -9.23
CA GLN R 42 14.30 -64.62 -9.59
C GLN R 42 13.85 -63.17 -9.43
N ALA R 43 12.72 -62.87 -10.07
CA ALA R 43 12.13 -61.54 -9.97
C ALA R 43 11.52 -61.32 -8.59
N PRO R 44 11.47 -60.07 -8.12
CA PRO R 44 10.82 -59.80 -6.83
C PRO R 44 9.32 -60.02 -6.89
N ARG R 45 8.75 -60.36 -5.74
CA ARG R 45 7.31 -60.59 -5.59
C ARG R 45 6.78 -59.68 -4.49
N LEU R 46 5.61 -59.08 -4.74
CA LEU R 46 4.99 -58.19 -3.77
C LEU R 46 4.40 -58.98 -2.61
N LEU R 47 4.56 -58.46 -1.40
CA LEU R 47 3.92 -59.00 -0.21
C LEU R 47 2.93 -58.03 0.41
N ILE R 48 3.33 -56.79 0.70
CA ILE R 48 2.47 -55.83 1.38
C ILE R 48 2.46 -54.54 0.58
N TYR R 49 1.27 -54.02 0.30
CA TYR R 49 1.13 -52.69 -0.29
C TYR R 49 0.27 -51.81 0.60
N GLY R 50 0.68 -50.56 0.78
CA GLY R 50 -0.02 -49.65 1.65
C GLY R 50 0.33 -49.75 3.12
N ALA R 51 1.30 -50.60 3.47
CA ALA R 51 1.94 -50.78 4.79
C ALA R 51 1.03 -51.38 5.85
N SER R 52 -0.26 -51.59 5.57
CA SER R 52 -1.14 -52.25 6.52
C SER R 52 -2.14 -53.20 5.85
N THR R 53 -2.07 -53.36 4.53
CA THR R 53 -3.01 -54.20 3.80
C THR R 53 -2.28 -55.39 3.20
N ARG R 54 -2.87 -56.57 3.33
CA ARG R 54 -2.30 -57.76 2.74
C ARG R 54 -2.67 -57.85 1.27
N ALA R 55 -1.84 -58.59 0.53
CA ALA R 55 -2.02 -58.75 -0.90
C ALA R 55 -2.83 -60.03 -1.18
N THR R 56 -2.84 -60.45 -2.44
CA THR R 56 -3.49 -61.68 -2.86
C THR R 56 -2.46 -62.79 -2.99
N GLY R 57 -2.79 -63.97 -2.47
CA GLY R 57 -1.88 -65.09 -2.49
C GLY R 57 -0.64 -64.91 -1.62
N VAL R 58 -0.81 -64.40 -0.40
CA VAL R 58 0.31 -64.21 0.52
C VAL R 58 -0.02 -64.93 1.83
N PRO R 59 0.99 -65.39 2.57
CA PRO R 59 0.71 -65.99 3.88
C PRO R 59 0.20 -64.96 4.89
N ALA R 60 -0.65 -65.43 5.80
CA ALA R 60 -1.26 -64.56 6.80
C ALA R 60 -0.31 -64.20 7.93
N ARG R 61 0.85 -64.84 8.03
CA ARG R 61 1.79 -64.55 9.11
C ARG R 61 2.52 -63.23 8.91
N PHE R 62 2.56 -62.70 7.70
CA PHE R 62 3.18 -61.40 7.47
C PHE R 62 2.26 -60.29 7.96
N SER R 63 2.80 -59.38 8.77
CA SER R 63 2.01 -58.27 9.30
C SER R 63 2.86 -57.01 9.30
N GLY R 64 2.44 -56.01 8.52
CA GLY R 64 3.12 -54.73 8.48
C GLY R 64 2.36 -53.67 9.25
N SER R 65 3.12 -52.79 9.92
CA SER R 65 2.51 -51.75 10.74
C SER R 65 3.48 -50.58 10.85
N GLY R 66 2.97 -49.46 11.33
CA GLY R 66 3.77 -48.28 11.58
C GLY R 66 3.19 -47.05 10.90
N SER R 67 3.88 -45.94 11.11
CA SER R 67 3.49 -44.65 10.53
C SER R 67 4.71 -43.74 10.51
N GLY R 68 4.59 -42.66 9.74
CA GLY R 68 5.62 -41.63 9.69
C GLY R 68 6.93 -42.11 9.10
N ALA R 69 7.97 -42.16 9.93
CA ALA R 69 9.27 -42.69 9.56
C ALA R 69 9.59 -43.92 10.38
N GLU R 70 8.56 -44.64 10.79
CA GLU R 70 8.69 -45.78 11.72
C GLU R 70 7.83 -46.92 11.17
N PHE R 71 8.46 -47.95 10.61
CA PHE R 71 7.66 -49.07 10.12
C PHE R 71 8.30 -50.39 10.53
N THR R 72 7.45 -51.38 10.85
CA THR R 72 7.90 -52.72 11.21
C THR R 72 7.08 -53.75 10.44
N LEU R 73 7.77 -54.72 9.84
CA LEU R 73 7.15 -55.92 9.29
C LEU R 73 7.52 -57.09 10.18
N THR R 74 6.53 -57.76 10.73
CA THR R 74 6.75 -58.93 11.59
C THR R 74 6.27 -60.19 10.88
N ILE R 75 7.03 -61.26 11.10
CA ILE R 75 6.72 -62.59 10.55
C ILE R 75 6.69 -63.57 11.72
N SER R 76 5.64 -64.39 11.77
CA SER R 76 5.36 -65.21 12.95
C SER R 76 6.12 -66.53 12.92
N SER R 77 5.88 -67.35 11.90
CA SER R 77 6.50 -68.67 11.78
C SER R 77 7.40 -68.67 10.57
N LEU R 78 8.72 -68.71 10.81
CA LEU R 78 9.68 -68.71 9.72
C LEU R 78 9.72 -70.08 9.05
N GLN R 79 9.63 -70.09 7.72
CA GLN R 79 9.67 -71.30 6.93
C GLN R 79 10.98 -71.37 6.14
N SER R 80 11.18 -72.48 5.43
CA SER R 80 12.41 -72.69 4.69
C SER R 80 12.48 -71.85 3.42
N GLU R 81 11.34 -71.55 2.80
CA GLU R 81 11.31 -70.83 1.54
C GLU R 81 11.37 -69.32 1.70
N ASP R 82 11.44 -68.82 2.93
CA ASP R 82 11.50 -67.38 3.18
C ASP R 82 12.92 -66.83 3.23
N PHE R 83 13.92 -67.67 2.93
CA PHE R 83 15.32 -67.23 2.88
C PHE R 83 15.50 -66.38 1.63
N ALA R 84 15.40 -65.06 1.79
CA ALA R 84 15.35 -64.14 0.67
C ALA R 84 15.88 -62.78 1.13
N VAL R 85 15.80 -61.78 0.26
CA VAL R 85 16.19 -60.42 0.60
C VAL R 85 14.96 -59.52 0.52
N TYR R 86 14.76 -58.69 1.55
CA TYR R 86 13.53 -57.94 1.73
C TYR R 86 13.78 -56.45 1.49
N TYR R 87 12.77 -55.77 0.91
CA TYR R 87 12.89 -54.36 0.56
C TYR R 87 11.61 -53.64 0.95
N CYS R 88 11.75 -52.36 1.34
CA CYS R 88 10.60 -51.49 1.53
C CYS R 88 10.73 -50.25 0.65
N GLN R 89 9.65 -49.94 -0.07
CA GLN R 89 9.60 -48.86 -1.05
C GLN R 89 8.51 -47.87 -0.67
N GLN R 90 8.83 -46.58 -0.64
CA GLN R 90 7.86 -45.55 -0.36
C GLN R 90 7.46 -44.82 -1.64
N TYR R 91 6.19 -44.41 -1.71
CA TYR R 91 5.64 -43.75 -2.88
C TYR R 91 4.75 -42.57 -2.49
N ASN R 92 5.18 -41.83 -1.47
CA ASN R 92 4.34 -40.77 -0.90
C ASN R 92 4.31 -39.50 -1.73
N ASN R 93 5.37 -39.17 -2.45
CA ASN R 93 5.52 -37.84 -3.03
C ASN R 93 5.03 -37.76 -4.47
N TRP R 94 4.42 -36.61 -4.80
CA TRP R 94 4.10 -36.23 -6.15
C TRP R 94 4.70 -34.85 -6.43
N PRO R 95 5.46 -34.67 -7.53
CA PRO R 95 5.79 -35.60 -8.63
C PRO R 95 6.81 -36.67 -8.21
N PRO R 96 6.75 -37.89 -8.80
CA PRO R 96 7.36 -39.05 -8.14
C PRO R 96 8.88 -39.11 -8.15
N ARG R 97 9.46 -38.96 -6.96
CA ARG R 97 10.85 -39.32 -6.66
C ARG R 97 10.81 -40.53 -5.72
N TYR R 98 10.96 -41.72 -6.30
CA TYR R 98 10.82 -42.98 -5.59
C TYR R 98 12.18 -43.63 -5.38
N THR R 99 12.31 -44.38 -4.28
CA THR R 99 13.52 -45.16 -4.05
C THR R 99 13.19 -46.38 -3.19
N PHE R 100 14.06 -47.37 -3.26
CA PHE R 100 13.92 -48.62 -2.54
C PHE R 100 14.74 -48.60 -1.26
N GLY R 101 14.50 -49.58 -0.39
CA GLY R 101 15.42 -49.86 0.70
C GLY R 101 16.69 -50.51 0.19
N GLN R 102 17.70 -50.55 1.07
CA GLN R 102 18.99 -51.08 0.64
C GLN R 102 18.98 -52.60 0.53
N GLY R 103 18.08 -53.25 1.27
CA GLY R 103 17.89 -54.68 1.14
C GLY R 103 18.49 -55.50 2.26
N THR R 104 17.65 -55.98 3.16
CA THR R 104 18.08 -56.76 4.31
C THR R 104 17.95 -58.25 4.02
N ARG R 105 18.91 -59.03 4.50
CA ARG R 105 18.96 -60.46 4.26
C ARG R 105 18.44 -61.18 5.50
N LEU R 106 17.56 -62.14 5.29
CA LEU R 106 17.03 -62.96 6.38
C LEU R 106 18.03 -64.05 6.71
N GLU S 1 -5.25 -60.29 -14.29
CA GLU S 1 -3.83 -60.58 -14.23
C GLU S 1 -3.21 -60.68 -15.63
N VAL S 2 -1.92 -60.37 -15.73
CA VAL S 2 -1.20 -60.37 -16.99
C VAL S 2 0.14 -61.08 -16.81
N GLN S 3 0.85 -61.22 -17.93
CA GLN S 3 2.20 -61.75 -17.95
C GLN S 3 3.07 -60.86 -18.84
N LEU S 4 4.33 -60.71 -18.42
CA LEU S 4 5.26 -59.79 -19.04
C LEU S 4 6.46 -60.56 -19.58
N VAL S 5 6.82 -60.30 -20.83
CA VAL S 5 7.95 -60.95 -21.49
C VAL S 5 8.94 -59.87 -21.91
N GLU S 6 10.19 -60.02 -21.48
CA GLU S 6 11.25 -59.09 -21.84
C GLU S 6 12.05 -59.62 -23.02
N SER S 7 12.94 -58.77 -23.53
CA SER S 7 13.83 -59.16 -24.62
C SER S 7 15.02 -59.94 -24.08
N GLY S 8 15.89 -60.39 -24.98
CA GLY S 8 17.05 -61.16 -24.59
C GLY S 8 18.15 -60.31 -24.00
N ALA S 9 19.19 -60.98 -23.54
CA ALA S 9 20.35 -60.30 -22.97
C ALA S 9 21.14 -59.60 -24.07
N GLU S 10 21.70 -58.44 -23.74
CA GLU S 10 22.41 -57.62 -24.69
C GLU S 10 23.74 -57.15 -24.10
N VAL S 11 24.78 -57.14 -24.95
CA VAL S 11 26.11 -56.66 -24.57
C VAL S 11 26.39 -55.42 -25.39
N LYS S 12 26.66 -54.31 -24.70
CA LYS S 12 26.85 -53.02 -25.34
C LYS S 12 28.18 -52.40 -24.94
N LYS S 13 28.87 -51.82 -25.92
CA LYS S 13 30.03 -50.99 -25.64
C LYS S 13 29.58 -49.67 -25.02
N PRO S 14 30.44 -49.04 -24.21
CA PRO S 14 30.09 -47.72 -23.65
C PRO S 14 29.96 -46.65 -24.72
N GLY S 15 29.06 -45.70 -24.47
CA GLY S 15 28.78 -44.63 -25.40
C GLY S 15 27.74 -44.94 -26.45
N SER S 16 27.19 -46.15 -26.45
CA SER S 16 26.21 -46.57 -27.45
C SER S 16 24.80 -46.26 -26.94
N SER S 17 23.78 -46.82 -27.58
CA SER S 17 22.40 -46.73 -27.13
C SER S 17 21.81 -48.13 -27.06
N VAL S 18 21.28 -48.50 -25.90
CA VAL S 18 20.67 -49.80 -25.66
C VAL S 18 19.16 -49.64 -25.61
N LYS S 19 18.47 -50.58 -26.27
CA LYS S 19 17.02 -50.54 -26.44
C LYS S 19 16.45 -51.82 -25.84
N VAL S 20 15.56 -51.67 -24.86
CA VAL S 20 14.97 -52.80 -24.14
C VAL S 20 13.46 -52.78 -24.37
N SER S 21 12.89 -53.94 -24.69
CA SER S 21 11.47 -54.07 -24.96
C SER S 21 10.81 -54.97 -23.93
N CYS S 22 9.57 -54.63 -23.55
CA CYS S 22 8.78 -55.45 -22.63
C CYS S 22 7.35 -55.52 -23.13
N LYS S 23 6.87 -56.72 -23.41
CA LYS S 23 5.53 -56.94 -23.95
C LYS S 23 4.64 -57.54 -22.87
N ALA S 24 3.46 -56.95 -22.69
CA ALA S 24 2.50 -57.39 -21.69
C ALA S 24 1.29 -58.01 -22.38
N SER S 25 0.75 -59.07 -21.78
CA SER S 25 -0.40 -59.74 -22.37
C SER S 25 -1.28 -60.33 -21.29
N GLY S 26 -2.59 -60.25 -21.48
CA GLY S 26 -3.54 -60.83 -20.55
C GLY S 26 -4.74 -59.94 -20.25
N ASP S 27 -4.60 -58.65 -20.53
CA ASP S 27 -5.65 -57.68 -20.28
C ASP S 27 -5.44 -56.51 -21.24
N THR S 28 -6.29 -55.50 -21.11
CA THR S 28 -6.13 -54.29 -21.90
C THR S 28 -4.90 -53.51 -21.43
N PHE S 29 -4.15 -52.98 -22.40
CA PHE S 29 -2.81 -52.47 -22.14
C PHE S 29 -2.84 -51.13 -21.41
N ILE S 30 -3.77 -50.24 -21.78
CA ILE S 30 -3.75 -48.89 -21.25
C ILE S 30 -4.31 -48.79 -19.83
N ARG S 31 -4.86 -49.88 -19.28
CA ARG S 31 -5.35 -49.89 -17.92
C ARG S 31 -4.25 -50.18 -16.89
N TYR S 32 -2.98 -49.97 -17.25
CA TYR S 32 -1.84 -50.22 -16.39
C TYR S 32 -0.94 -49.01 -16.40
N SER S 33 -0.14 -48.86 -15.34
CA SER S 33 0.98 -47.93 -15.35
C SER S 33 2.25 -48.71 -15.08
N PHE S 34 3.30 -48.41 -15.84
CA PHE S 34 4.49 -49.26 -15.86
C PHE S 34 5.68 -48.54 -15.23
N THR S 35 6.70 -49.33 -14.93
CA THR S 35 7.87 -48.85 -14.20
C THR S 35 9.08 -49.71 -14.56
N TRP S 36 10.17 -49.06 -14.95
CA TRP S 36 11.45 -49.71 -15.20
C TRP S 36 12.35 -49.54 -13.99
N VAL S 37 12.90 -50.66 -13.51
CA VAL S 37 13.66 -50.72 -12.26
C VAL S 37 14.93 -51.54 -12.49
N ARG S 38 16.03 -51.11 -11.87
CA ARG S 38 17.35 -51.71 -12.08
C ARG S 38 17.79 -52.48 -10.84
N GLN S 39 18.50 -53.59 -11.05
CA GLN S 39 19.12 -54.34 -9.96
C GLN S 39 20.55 -54.67 -10.37
N ALA S 40 21.52 -54.05 -9.70
CA ALA S 40 22.91 -54.41 -9.89
C ALA S 40 23.17 -55.79 -9.28
N PRO S 41 24.14 -56.54 -9.80
CA PRO S 41 24.45 -57.87 -9.23
C PRO S 41 25.04 -57.75 -7.83
N GLY S 42 24.32 -58.30 -6.86
CA GLY S 42 24.72 -58.25 -5.47
C GLY S 42 24.26 -57.03 -4.70
N GLN S 43 23.68 -56.04 -5.36
CA GLN S 43 23.23 -54.81 -4.73
C GLN S 43 21.70 -54.79 -4.67
N GLY S 44 21.17 -53.67 -4.18
CA GLY S 44 19.74 -53.51 -4.00
C GLY S 44 19.03 -53.02 -5.26
N LEU S 45 17.72 -52.81 -5.11
CA LEU S 45 16.89 -52.35 -6.21
C LEU S 45 16.98 -50.84 -6.35
N GLU S 46 16.99 -50.36 -7.60
CA GLU S 46 17.11 -48.94 -7.91
C GLU S 46 15.97 -48.54 -8.84
N TRP S 47 15.14 -47.60 -8.40
CA TRP S 47 14.06 -47.10 -9.23
C TRP S 47 14.64 -46.22 -10.34
N MET S 48 14.18 -46.43 -11.57
CA MET S 48 14.59 -45.58 -12.69
C MET S 48 13.45 -44.77 -13.28
N GLY S 49 12.37 -45.41 -13.72
CA GLY S 49 11.35 -44.62 -14.40
C GLY S 49 9.96 -45.17 -14.25
N ARG S 50 8.97 -44.27 -14.37
CA ARG S 50 7.57 -44.66 -14.33
C ARG S 50 6.82 -43.98 -15.46
N ILE S 51 6.07 -44.75 -16.24
CA ILE S 51 5.28 -44.24 -17.35
C ILE S 51 3.79 -44.48 -17.06
N ILE S 52 3.00 -43.44 -17.33
CA ILE S 52 1.54 -43.51 -17.30
C ILE S 52 1.06 -43.56 -18.75
N THR S 53 0.21 -44.55 -19.04
CA THR S 53 -0.03 -44.98 -20.41
C THR S 53 -1.10 -44.14 -21.10
N ILE S 54 -2.21 -43.88 -20.43
CA ILE S 54 -3.31 -43.13 -21.04
C ILE S 54 -2.98 -41.67 -21.27
N LEU S 55 -2.01 -41.12 -20.53
CA LEU S 55 -1.52 -39.78 -20.81
C LEU S 55 -0.24 -39.80 -21.62
N ASP S 56 0.46 -40.94 -21.64
CA ASP S 56 1.82 -41.10 -22.18
C ASP S 56 2.72 -40.04 -21.53
N VAL S 57 2.90 -40.19 -20.22
CA VAL S 57 3.70 -39.25 -19.42
C VAL S 57 4.67 -40.06 -18.58
N ALA S 58 5.96 -39.75 -18.71
CA ALA S 58 7.00 -40.51 -18.03
C ALA S 58 7.77 -39.60 -17.07
N HIS S 59 7.89 -40.03 -15.82
CA HIS S 59 8.71 -39.38 -14.82
C HIS S 59 9.92 -40.25 -14.52
N TYR S 60 11.04 -39.61 -14.17
CA TYR S 60 12.29 -40.32 -14.02
C TYR S 60 12.99 -39.87 -12.75
N ALA S 61 13.96 -40.67 -12.31
CA ALA S 61 14.78 -40.34 -11.15
C ALA S 61 15.85 -39.32 -11.52
N PRO S 62 16.24 -38.45 -10.58
CA PRO S 62 17.31 -37.48 -10.86
C PRO S 62 18.71 -38.06 -10.83
N HIS S 63 18.87 -39.36 -10.59
CA HIS S 63 20.20 -39.97 -10.64
C HIS S 63 20.75 -39.98 -12.07
N LEU S 64 19.89 -40.19 -13.05
CA LEU S 64 20.28 -40.41 -14.44
C LEU S 64 19.35 -39.65 -15.38
N GLN S 65 18.88 -38.47 -14.94
CA GLN S 65 17.92 -37.69 -15.69
C GLN S 65 18.53 -37.14 -16.98
N GLY S 66 17.84 -37.33 -18.09
CA GLY S 66 18.35 -36.96 -19.39
C GLY S 66 19.05 -38.06 -20.15
N ARG S 67 18.96 -39.32 -19.69
CA ARG S 67 19.67 -40.42 -20.32
C ARG S 67 18.77 -41.53 -20.83
N VAL S 68 17.53 -41.62 -20.35
CA VAL S 68 16.59 -42.63 -20.82
C VAL S 68 15.33 -41.97 -21.36
N THR S 69 14.69 -42.66 -22.30
CA THR S 69 13.34 -42.38 -22.73
C THR S 69 12.53 -43.66 -22.63
N ILE S 70 11.41 -43.59 -21.91
CA ILE S 70 10.46 -44.70 -21.81
C ILE S 70 9.25 -44.34 -22.65
N THR S 71 9.00 -45.13 -23.69
CA THR S 71 7.86 -44.95 -24.57
C THR S 71 6.90 -46.12 -24.42
N ALA S 72 5.68 -45.92 -24.93
CA ALA S 72 4.65 -46.95 -24.90
C ALA S 72 4.01 -47.06 -26.27
N ASP S 73 3.66 -48.29 -26.66
CA ASP S 73 2.98 -48.57 -27.91
C ASP S 73 1.70 -49.32 -27.56
N LYS S 74 0.56 -48.64 -27.68
CA LYS S 74 -0.74 -49.26 -27.44
C LYS S 74 -1.16 -50.17 -28.57
N SER S 75 -0.63 -49.97 -29.77
CA SER S 75 -0.94 -50.86 -30.89
C SER S 75 -0.29 -52.23 -30.70
N THR S 76 0.99 -52.25 -30.32
CA THR S 76 1.68 -53.49 -30.03
C THR S 76 1.66 -53.85 -28.55
N SER S 77 1.12 -52.96 -27.70
CA SER S 77 1.01 -53.14 -26.24
C SER S 77 2.35 -53.43 -25.58
N THR S 78 3.37 -52.64 -25.95
CA THR S 78 4.73 -52.85 -25.47
C THR S 78 5.27 -51.56 -24.86
N VAL S 79 6.11 -51.71 -23.83
CA VAL S 79 6.80 -50.58 -23.22
C VAL S 79 8.29 -50.69 -23.55
N TYR S 80 8.86 -49.56 -23.97
CA TYR S 80 10.21 -49.50 -24.53
C TYR S 80 11.07 -48.59 -23.67
N LEU S 81 12.30 -49.04 -23.40
CA LEU S 81 13.33 -48.24 -22.75
C LEU S 81 14.45 -47.96 -23.74
N GLU S 82 14.94 -46.72 -23.75
CA GLU S 82 16.12 -46.36 -24.51
C GLU S 82 17.09 -45.65 -23.57
N LEU S 83 18.27 -46.26 -23.37
CA LEU S 83 19.39 -45.66 -22.66
C LEU S 83 20.50 -45.30 -23.61
N ARG S 84 20.77 -44.01 -23.73
CA ARG S 84 21.95 -43.51 -24.41
C ARG S 84 22.92 -42.97 -23.37
N ASN S 85 24.20 -42.91 -23.76
CA ASN S 85 25.33 -42.49 -22.92
C ASN S 85 25.39 -43.36 -21.66
N LEU S 86 25.42 -44.67 -21.88
CA LEU S 86 25.51 -45.61 -20.77
C LEU S 86 26.96 -45.81 -20.36
N ARG S 87 27.19 -45.97 -19.06
CA ARG S 87 28.53 -46.17 -18.52
C ARG S 87 28.46 -47.40 -17.62
N SER S 88 29.60 -47.80 -17.04
CA SER S 88 29.80 -49.13 -16.47
C SER S 88 29.01 -49.41 -15.20
N ASP S 89 28.31 -48.42 -14.64
CA ASP S 89 27.46 -48.69 -13.49
C ASP S 89 26.25 -49.54 -13.86
N ASP S 90 25.77 -49.43 -15.10
CA ASP S 90 24.53 -50.06 -15.51
C ASP S 90 24.71 -51.49 -15.99
N THR S 91 25.85 -52.12 -15.69
CA THR S 91 26.00 -53.56 -15.88
C THR S 91 25.14 -54.25 -14.83
N ALA S 92 23.93 -54.64 -15.20
CA ALA S 92 22.92 -54.98 -14.21
C ALA S 92 21.84 -55.84 -14.86
N VAL S 93 20.72 -55.99 -14.16
CA VAL S 93 19.53 -56.63 -14.68
C VAL S 93 18.38 -55.64 -14.60
N TYR S 94 17.71 -55.40 -15.71
CA TYR S 94 16.55 -54.52 -15.76
C TYR S 94 15.27 -55.33 -15.64
N PHE S 95 14.28 -54.77 -14.94
CA PHE S 95 12.95 -55.33 -14.84
C PHE S 95 11.94 -54.29 -15.30
N CYS S 96 11.07 -54.69 -16.21
CA CYS S 96 9.83 -53.98 -16.47
C CYS S 96 8.76 -54.50 -15.50
N ALA S 97 7.88 -53.61 -15.08
CA ALA S 97 6.82 -54.01 -14.16
C ALA S 97 5.62 -53.12 -14.38
N GLY S 98 4.45 -53.62 -13.98
CA GLY S 98 3.22 -52.87 -14.18
C GLY S 98 2.31 -52.99 -12.97
N VAL S 99 1.39 -52.04 -12.86
CA VAL S 99 0.44 -52.02 -11.76
C VAL S 99 -0.91 -51.55 -12.26
N TYR S 100 -1.97 -52.21 -11.78
CA TYR S 100 -3.35 -51.88 -12.07
C TYR S 100 -3.81 -50.65 -11.28
N GLU S 101 -4.75 -49.90 -11.86
CA GLU S 101 -5.30 -48.72 -11.22
C GLU S 101 -6.80 -48.56 -11.43
N GLY S 102 -7.48 -49.53 -12.03
CA GLY S 102 -8.91 -49.45 -12.24
C GLY S 102 -9.29 -49.10 -13.66
N GLU S 103 -10.47 -48.48 -13.79
CA GLU S 103 -11.08 -48.20 -15.08
C GLU S 103 -10.49 -46.89 -15.62
N ALA S 104 -9.34 -47.01 -16.27
CA ALA S 104 -8.67 -45.84 -16.84
C ALA S 104 -9.34 -45.33 -18.11
N ASP S 105 -10.24 -46.11 -18.72
CA ASP S 105 -10.97 -45.64 -19.89
C ASP S 105 -11.95 -44.54 -19.53
N GLU S 106 -12.77 -44.77 -18.49
CA GLU S 106 -13.81 -43.82 -18.10
C GLU S 106 -13.26 -42.63 -17.34
N GLY S 107 -12.14 -42.80 -16.63
CA GLY S 107 -11.55 -41.69 -15.91
C GLY S 107 -11.04 -42.03 -14.52
N GLU S 108 -11.31 -43.26 -14.05
CA GLU S 108 -10.85 -43.68 -12.75
C GLU S 108 -9.34 -43.90 -12.75
N TYR S 109 -8.67 -43.42 -11.69
CA TYR S 109 -7.24 -43.61 -11.57
C TYR S 109 -6.92 -43.56 -10.08
N ASP S 110 -5.81 -44.18 -9.66
CA ASP S 110 -5.58 -44.38 -8.23
C ASP S 110 -4.23 -43.94 -7.68
N ASN S 111 -3.25 -43.56 -8.52
CA ASN S 111 -1.87 -43.25 -8.11
C ASN S 111 -1.23 -44.39 -7.30
N ASN S 112 -1.28 -45.58 -7.87
CA ASN S 112 -0.69 -46.74 -7.22
C ASN S 112 0.82 -46.76 -7.44
N GLY S 113 1.58 -46.76 -6.34
CA GLY S 113 3.02 -46.73 -6.42
C GLY S 113 3.67 -48.07 -6.14
N PHE S 114 2.88 -49.05 -5.70
CA PHE S 114 3.39 -50.39 -5.50
C PHE S 114 3.54 -51.11 -6.85
N LEU S 115 4.34 -52.16 -6.86
CA LEU S 115 4.67 -52.86 -8.10
C LEU S 115 4.26 -54.32 -7.95
N LYS S 116 3.14 -54.70 -8.56
CA LYS S 116 2.56 -56.02 -8.36
C LYS S 116 3.07 -57.04 -9.38
N HIS S 117 2.85 -56.80 -10.67
CA HIS S 117 3.25 -57.72 -11.71
C HIS S 117 4.65 -57.41 -12.19
N TRP S 118 5.46 -58.46 -12.37
CA TRP S 118 6.87 -58.32 -12.71
C TRP S 118 7.20 -59.20 -13.91
N GLY S 119 8.30 -58.87 -14.58
CA GLY S 119 8.82 -59.64 -15.69
C GLY S 119 9.77 -60.73 -15.23
N GLN S 120 10.72 -61.08 -16.11
CA GLN S 120 11.72 -62.09 -15.78
C GLN S 120 13.13 -61.55 -15.71
N GLY S 121 13.39 -60.37 -16.27
CA GLY S 121 14.70 -59.76 -16.15
C GLY S 121 15.55 -59.82 -17.42
N THR S 122 16.14 -58.69 -17.79
CA THR S 122 17.06 -58.63 -18.93
C THR S 122 18.44 -58.26 -18.40
N LEU S 123 19.42 -59.11 -18.66
CA LEU S 123 20.80 -58.88 -18.21
C LEU S 123 21.52 -58.04 -19.24
N VAL S 124 22.28 -57.06 -18.78
CA VAL S 124 23.05 -56.18 -19.66
C VAL S 124 24.43 -55.95 -19.06
N THR S 125 25.45 -55.99 -19.91
CA THR S 125 26.84 -55.76 -19.53
C THR S 125 27.39 -54.59 -20.33
N VAL S 126 28.09 -53.68 -19.66
CA VAL S 126 28.65 -52.52 -20.31
C VAL S 126 30.14 -52.72 -20.56
N ASP T 1 26.69 -22.91 17.21
CA ASP T 1 25.36 -23.45 16.99
C ASP T 1 25.42 -24.85 16.39
N ILE T 2 26.41 -25.08 15.54
CA ILE T 2 26.58 -26.39 14.90
C ILE T 2 27.16 -27.37 15.92
N VAL T 3 26.69 -28.62 15.85
CA VAL T 3 27.11 -29.68 16.76
C VAL T 3 27.69 -30.81 15.92
N MET T 4 28.96 -31.14 16.18
CA MET T 4 29.65 -32.21 15.47
C MET T 4 29.71 -33.43 16.40
N THR T 5 29.05 -34.52 16.03
CA THR T 5 29.03 -35.72 16.87
C THR T 5 29.39 -36.94 16.04
N GLN T 6 30.24 -37.80 16.60
CA GLN T 6 30.56 -39.07 15.98
C GLN T 6 29.94 -40.19 16.79
N SER T 7 29.26 -41.12 16.10
CA SER T 7 28.57 -42.22 16.76
C SER T 7 29.47 -43.41 17.10
N PRO T 8 30.42 -43.90 16.24
CA PRO T 8 31.34 -44.94 16.74
C PRO T 8 32.40 -44.37 17.68
N ALA T 9 32.04 -44.22 18.96
CA ALA T 9 32.88 -43.51 19.92
C ALA T 9 34.18 -44.26 20.23
N THR T 10 34.08 -45.55 20.56
CA THR T 10 35.25 -46.33 20.94
C THR T 10 35.31 -47.59 20.09
N LEU T 11 36.49 -47.87 19.52
CA LEU T 11 36.68 -48.88 18.50
C LEU T 11 37.94 -49.68 18.79
N SER T 12 37.84 -51.02 18.69
CA SER T 12 38.97 -51.93 18.86
C SER T 12 39.10 -52.81 17.62
N VAL T 13 40.16 -52.59 16.84
CA VAL T 13 40.43 -53.32 15.61
C VAL T 13 41.86 -53.82 15.57
N SER T 14 42.03 -55.14 15.32
CA SER T 14 43.29 -55.82 15.17
C SER T 14 44.05 -55.29 13.95
N PRO T 15 45.39 -55.30 13.99
CA PRO T 15 46.17 -54.79 12.85
C PRO T 15 46.00 -55.62 11.59
N GLY T 16 45.41 -55.02 10.55
CA GLY T 16 45.14 -55.73 9.32
C GLY T 16 43.66 -55.86 8.99
N GLU T 17 42.88 -54.84 9.31
CA GLU T 17 41.43 -54.87 9.10
C GLU T 17 40.93 -53.47 8.76
N ARG T 18 39.94 -53.41 7.86
CA ARG T 18 39.38 -52.15 7.41
C ARG T 18 38.54 -51.50 8.52
N ALA T 19 38.75 -50.21 8.74
CA ALA T 19 38.01 -49.46 9.74
C ALA T 19 37.39 -48.22 9.12
N THR T 20 36.13 -47.96 9.46
CA THR T 20 35.39 -46.79 8.99
C THR T 20 34.99 -45.95 10.19
N LEU T 21 35.23 -44.64 10.09
CA LEU T 21 34.87 -43.69 11.13
C LEU T 21 33.78 -42.77 10.59
N SER T 22 32.71 -42.60 11.37
CA SER T 22 31.49 -41.94 10.93
C SER T 22 31.26 -40.67 11.75
N CYS T 23 30.98 -39.57 11.06
CA CYS T 23 30.71 -38.29 11.71
C CYS T 23 29.41 -37.71 11.16
N ARG T 24 28.60 -37.16 12.07
CA ARG T 24 27.28 -36.59 11.82
C ARG T 24 27.23 -35.17 12.37
N ALA T 25 26.33 -34.38 11.79
CA ALA T 25 26.14 -32.98 12.18
C ALA T 25 24.66 -32.68 12.34
N SER T 26 24.37 -31.63 13.11
CA SER T 26 22.99 -31.18 13.28
C SER T 26 22.45 -30.56 12.00
N GLU T 27 23.28 -29.80 11.30
CA GLU T 27 22.91 -29.18 10.03
C GLU T 27 23.92 -29.58 8.97
N SER T 28 23.52 -29.44 7.71
CA SER T 28 24.36 -29.88 6.60
C SER T 28 25.58 -28.98 6.45
N VAL T 29 26.75 -29.59 6.34
CA VAL T 29 28.01 -28.84 6.18
C VAL T 29 28.58 -29.03 4.78
N SER T 30 27.72 -29.42 3.82
CA SER T 30 28.03 -29.58 2.40
C SER T 30 29.16 -30.58 2.16
N SER T 31 30.31 -30.08 1.70
CA SER T 31 31.49 -30.91 1.49
C SER T 31 32.71 -30.36 2.21
N ASP T 32 32.51 -29.42 3.14
CA ASP T 32 33.62 -28.76 3.82
C ASP T 32 33.88 -29.42 5.17
N LEU T 33 34.43 -30.63 5.13
CA LEU T 33 34.86 -31.34 6.33
C LEU T 33 36.25 -31.91 6.10
N ALA T 34 37.03 -31.94 7.18
CA ALA T 34 38.39 -32.46 7.15
C ALA T 34 38.63 -33.31 8.39
N TRP T 35 39.77 -34.00 8.39
CA TRP T 35 40.11 -35.04 9.36
C TRP T 35 41.50 -34.79 9.92
N TYR T 36 41.66 -35.02 11.23
CA TYR T 36 42.93 -34.85 11.93
C TYR T 36 43.36 -36.15 12.59
N GLN T 37 44.67 -36.40 12.54
CA GLN T 37 45.32 -37.58 13.08
C GLN T 37 46.22 -37.14 14.22
N GLN T 38 46.10 -37.80 15.39
CA GLN T 38 46.81 -37.33 16.58
C GLN T 38 47.42 -38.49 17.37
N LYS T 39 48.75 -38.60 17.33
CA LYS T 39 49.47 -39.40 18.31
C LYS T 39 49.37 -38.74 19.69
N PRO T 40 49.41 -39.53 20.77
CA PRO T 40 49.42 -38.92 22.10
C PRO T 40 50.74 -38.22 22.40
N GLY T 41 50.68 -36.90 22.56
CA GLY T 41 51.81 -36.11 22.97
C GLY T 41 52.54 -35.34 21.88
N GLN T 42 52.03 -35.31 20.66
CA GLN T 42 52.66 -34.60 19.55
C GLN T 42 51.63 -33.74 18.83
N ALA T 43 52.11 -33.04 17.80
CA ALA T 43 51.26 -32.16 17.02
C ALA T 43 50.32 -32.98 16.12
N PRO T 44 49.13 -32.44 15.80
CA PRO T 44 48.26 -33.13 14.84
C PRO T 44 48.84 -33.06 13.43
N ARG T 45 48.42 -34.03 12.61
CA ARG T 45 48.82 -34.11 11.23
C ARG T 45 47.59 -34.30 10.34
N LEU T 46 47.72 -33.85 9.10
CA LEU T 46 46.66 -33.96 8.10
C LEU T 46 46.67 -35.31 7.42
N LEU T 47 45.47 -35.79 7.10
CA LEU T 47 45.28 -36.94 6.22
C LEU T 47 44.58 -36.53 4.92
N ILE T 48 43.37 -35.99 5.03
CA ILE T 48 42.60 -35.49 3.90
C ILE T 48 41.89 -34.21 4.34
N TYR T 49 41.58 -33.36 3.35
CA TYR T 49 40.77 -32.17 3.56
C TYR T 49 39.79 -32.04 2.41
N GLY T 50 38.68 -31.36 2.65
CA GLY T 50 37.66 -31.18 1.63
C GLY T 50 36.99 -32.46 1.20
N ALA T 51 36.47 -33.20 2.20
CA ALA T 51 35.74 -34.46 2.07
C ALA T 51 36.58 -35.57 1.43
N SER T 52 36.94 -35.44 0.15
CA SER T 52 37.60 -36.52 -0.58
C SER T 52 38.75 -36.01 -1.44
N THR T 53 39.57 -35.11 -0.89
CA THR T 53 40.82 -34.71 -1.53
C THR T 53 41.98 -34.95 -0.56
N ARG T 54 43.07 -35.50 -1.07
CA ARG T 54 44.20 -35.91 -0.26
C ARG T 54 45.13 -34.74 0.01
N ALA T 55 45.80 -34.79 1.16
CA ALA T 55 46.80 -33.81 1.57
C ALA T 55 48.16 -34.22 1.00
N THR T 56 49.22 -33.53 1.43
CA THR T 56 50.57 -33.81 0.96
C THR T 56 51.34 -34.61 2.00
N GLY T 57 52.20 -35.51 1.51
CA GLY T 57 52.96 -36.38 2.38
C GLY T 57 52.13 -37.41 3.12
N VAL T 58 51.13 -37.98 2.46
CA VAL T 58 50.21 -38.92 3.08
C VAL T 58 50.19 -40.18 2.23
N PRO T 59 50.29 -41.37 2.83
CA PRO T 59 50.18 -42.61 2.04
C PRO T 59 48.78 -42.79 1.48
N ALA T 60 48.70 -43.52 0.37
CA ALA T 60 47.49 -43.58 -0.45
C ALA T 60 46.40 -44.48 0.13
N ARG T 61 46.61 -45.06 1.31
CA ARG T 61 45.67 -46.06 1.81
C ARG T 61 44.46 -45.43 2.48
N PHE T 62 44.60 -44.19 2.95
CA PHE T 62 43.46 -43.47 3.51
C PHE T 62 42.49 -43.03 2.41
N SER T 63 41.20 -43.04 2.71
CA SER T 63 40.21 -42.52 1.78
C SER T 63 39.06 -41.91 2.55
N GLY T 64 38.30 -41.04 1.90
CA GLY T 64 37.18 -40.38 2.58
C GLY T 64 36.01 -40.17 1.64
N SER T 65 34.82 -40.08 2.24
CA SER T 65 33.60 -39.89 1.46
C SER T 65 32.56 -39.20 2.34
N GLY T 66 31.50 -38.74 1.70
CA GLY T 66 30.36 -38.18 2.40
C GLY T 66 29.91 -36.87 1.81
N SER T 67 28.72 -36.45 2.26
CA SER T 67 28.12 -35.18 1.84
C SER T 67 27.10 -34.79 2.89
N GLY T 68 26.69 -33.52 2.83
CA GLY T 68 25.66 -33.00 3.72
C GLY T 68 26.10 -32.98 5.17
N ALA T 69 25.53 -33.89 5.96
CA ALA T 69 25.97 -34.11 7.33
C ALA T 69 26.61 -35.47 7.53
N GLU T 70 26.53 -36.38 6.56
CA GLU T 70 27.09 -37.71 6.71
C GLU T 70 28.51 -37.75 6.14
N PHE T 71 29.48 -38.13 6.97
CA PHE T 71 30.86 -38.20 6.49
C PHE T 71 31.55 -39.42 7.06
N THR T 72 32.43 -40.02 6.27
CA THR T 72 33.14 -41.22 6.67
C THR T 72 34.60 -41.18 6.23
N LEU T 73 35.47 -41.69 7.10
CA LEU T 73 36.88 -41.90 6.85
C LEU T 73 37.14 -43.40 6.82
N THR T 74 37.68 -43.90 5.71
CA THR T 74 37.90 -45.32 5.52
C THR T 74 39.39 -45.62 5.44
N ILE T 75 39.84 -46.61 6.21
CA ILE T 75 41.18 -47.16 6.09
C ILE T 75 41.03 -48.64 5.78
N SER T 76 41.76 -49.09 4.75
CA SER T 76 41.50 -50.43 4.21
C SER T 76 42.14 -51.53 5.06
N SER T 77 43.23 -51.22 5.75
CA SER T 77 43.89 -52.17 6.64
C SER T 77 44.78 -51.39 7.59
N LEU T 78 44.72 -51.75 8.89
CA LEU T 78 45.48 -51.03 9.90
C LEU T 78 46.96 -51.40 9.83
N GLN T 79 47.81 -50.41 10.09
CA GLN T 79 49.25 -50.61 10.27
C GLN T 79 49.61 -50.53 11.75
N SER T 80 50.91 -50.60 12.02
CA SER T 80 51.38 -50.52 13.41
C SER T 80 51.33 -49.10 13.94
N GLU T 81 51.64 -48.11 13.12
CA GLU T 81 51.76 -46.73 13.56
C GLU T 81 50.48 -45.93 13.43
N ASP T 82 49.38 -46.54 12.99
CA ASP T 82 48.15 -45.80 12.75
C ASP T 82 47.29 -45.63 13.99
N PHE T 83 47.70 -46.18 15.14
CA PHE T 83 46.93 -45.98 16.36
C PHE T 83 47.11 -44.55 16.84
N ALA T 84 45.98 -43.90 17.11
CA ALA T 84 45.93 -42.45 17.29
C ALA T 84 44.57 -42.10 17.88
N VAL T 85 44.25 -40.82 17.89
CA VAL T 85 42.88 -40.34 18.01
C VAL T 85 42.59 -39.46 16.80
N TYR T 86 41.40 -39.63 16.21
CA TYR T 86 41.04 -39.00 14.95
C TYR T 86 39.93 -38.00 15.22
N TYR T 87 40.03 -36.82 14.61
CA TYR T 87 39.05 -35.76 14.77
C TYR T 87 38.44 -35.40 13.42
N CYS T 88 37.17 -35.02 13.43
CA CYS T 88 36.48 -34.53 12.25
C CYS T 88 35.95 -33.12 12.50
N GLN T 89 36.24 -32.20 11.58
CA GLN T 89 35.87 -30.79 11.74
C GLN T 89 35.30 -30.23 10.45
N GLN T 90 34.50 -29.17 10.59
CA GLN T 90 33.79 -28.56 9.47
C GLN T 90 34.26 -27.12 9.27
N TYR T 91 34.16 -26.65 8.02
CA TYR T 91 34.44 -25.26 7.69
C TYR T 91 33.46 -24.72 6.63
N ASN T 92 32.16 -24.98 6.83
CA ASN T 92 31.17 -24.57 5.85
C ASN T 92 30.95 -23.06 5.86
N ASN T 93 30.37 -22.54 6.93
CA ASN T 93 29.72 -21.25 6.95
C ASN T 93 30.73 -20.12 7.07
N TRP T 94 30.31 -18.91 6.69
CA TRP T 94 31.14 -17.75 6.97
C TRP T 94 30.35 -16.73 7.82
N PRO T 95 29.63 -17.17 8.84
CA PRO T 95 29.96 -16.75 10.19
C PRO T 95 30.91 -17.77 10.79
N PRO T 96 32.05 -17.33 11.34
CA PRO T 96 33.09 -18.31 11.72
C PRO T 96 32.67 -19.13 12.92
N ARG T 97 32.22 -20.35 12.63
CA ARG T 97 31.63 -21.26 13.60
C ARG T 97 32.38 -22.60 13.53
N TYR T 98 33.70 -22.49 13.59
CA TYR T 98 34.58 -23.65 13.55
C TYR T 98 34.44 -24.43 14.85
N THR T 99 34.20 -25.73 14.74
CA THR T 99 34.14 -26.58 15.93
C THR T 99 34.70 -27.95 15.56
N PHE T 100 35.06 -28.70 16.59
CA PHE T 100 35.73 -29.99 16.42
C PHE T 100 34.80 -31.11 16.84
N GLY T 101 35.32 -32.33 16.78
CA GLY T 101 34.66 -33.47 17.39
C GLY T 101 35.15 -33.69 18.81
N GLN T 102 34.64 -34.76 19.41
CA GLN T 102 35.07 -35.18 20.75
C GLN T 102 36.04 -36.36 20.72
N GLY T 103 36.51 -36.76 19.54
CA GLY T 103 37.59 -37.72 19.45
C GLY T 103 37.16 -39.17 19.29
N THR T 104 37.93 -39.93 18.50
CA THR T 104 37.71 -41.36 18.31
C THR T 104 39.01 -42.05 18.70
N ARG T 105 39.04 -42.65 19.89
CA ARG T 105 40.24 -43.34 20.35
C ARG T 105 40.40 -44.67 19.61
N LEU T 106 41.62 -44.94 19.14
CA LEU T 106 41.89 -46.13 18.35
C LEU T 106 42.76 -47.09 19.14
N GLU U 1 56.32 -23.22 2.79
CA GLU U 1 56.43 -23.93 4.06
C GLU U 1 57.02 -23.03 5.14
N VAL U 2 56.51 -23.16 6.36
CA VAL U 2 56.92 -22.30 7.47
C VAL U 2 57.02 -23.14 8.73
N GLN U 3 57.97 -22.78 9.60
CA GLN U 3 58.14 -23.42 10.89
C GLN U 3 57.61 -22.51 11.98
N LEU U 4 56.95 -23.11 12.97
CA LEU U 4 56.29 -22.38 14.05
C LEU U 4 56.94 -22.73 15.38
N VAL U 5 57.31 -21.72 16.15
CA VAL U 5 57.92 -21.89 17.47
C VAL U 5 57.07 -21.15 18.47
N GLU U 6 56.60 -21.86 19.50
CA GLU U 6 55.79 -21.26 20.54
C GLU U 6 56.66 -20.92 21.76
N SER U 7 56.03 -20.47 22.83
CA SER U 7 56.72 -20.08 24.05
C SER U 7 56.78 -21.25 25.03
N GLY U 8 57.47 -21.03 26.15
CA GLY U 8 57.60 -22.07 27.16
C GLY U 8 56.36 -22.22 28.02
N ALA U 9 56.38 -23.25 28.86
CA ALA U 9 55.27 -23.55 29.73
C ALA U 9 55.15 -22.50 30.84
N GLU U 10 53.91 -22.23 31.24
CA GLU U 10 53.61 -21.17 32.19
C GLU U 10 52.65 -21.68 33.26
N VAL U 11 52.93 -21.35 34.52
CA VAL U 11 52.04 -21.60 35.64
C VAL U 11 51.35 -20.30 36.00
N LYS U 12 50.07 -20.40 36.38
CA LYS U 12 49.26 -19.21 36.61
C LYS U 12 48.21 -19.49 37.67
N LYS U 13 47.56 -18.41 38.13
CA LYS U 13 46.45 -18.34 39.06
C LYS U 13 45.18 -17.95 38.30
N PRO U 14 44.04 -18.55 38.62
CA PRO U 14 42.79 -18.20 37.93
C PRO U 14 42.37 -16.75 38.20
N GLY U 15 41.72 -16.16 37.20
CA GLY U 15 41.35 -14.77 37.24
C GLY U 15 42.38 -13.80 36.69
N SER U 16 43.55 -14.29 36.31
CA SER U 16 44.65 -13.45 35.85
C SER U 16 44.57 -13.29 34.32
N SER U 17 45.65 -12.84 33.69
CA SER U 17 45.77 -12.75 32.24
C SER U 17 46.98 -13.55 31.80
N VAL U 18 46.83 -14.37 30.77
CA VAL U 18 47.89 -15.23 30.29
C VAL U 18 48.23 -14.88 28.84
N LYS U 19 49.52 -14.87 28.53
CA LYS U 19 50.06 -14.53 27.23
C LYS U 19 50.78 -15.74 26.65
N VAL U 20 50.52 -16.06 25.38
CA VAL U 20 51.38 -16.97 24.64
C VAL U 20 51.72 -16.34 23.29
N SER U 21 52.88 -16.73 22.76
CA SER U 21 53.42 -16.19 21.52
C SER U 21 53.59 -17.30 20.50
N CYS U 22 53.78 -16.88 19.24
CA CYS U 22 53.90 -17.82 18.12
C CYS U 22 54.73 -17.16 17.03
N LYS U 23 55.98 -17.58 16.88
CA LYS U 23 56.86 -17.02 15.87
C LYS U 23 56.91 -17.94 14.66
N ALA U 24 56.68 -17.38 13.48
CA ALA U 24 56.69 -18.13 12.23
C ALA U 24 57.92 -17.72 11.42
N SER U 25 58.66 -18.71 10.92
CA SER U 25 59.87 -18.45 10.17
C SER U 25 60.02 -19.49 9.06
N GLY U 26 60.25 -19.03 7.84
CA GLY U 26 60.41 -19.91 6.71
C GLY U 26 59.76 -19.43 5.43
N ASP U 27 58.77 -18.54 5.57
CA ASP U 27 58.07 -17.98 4.43
C ASP U 27 57.57 -16.59 4.82
N THR U 28 56.82 -15.97 3.92
CA THR U 28 56.24 -14.65 4.19
C THR U 28 55.10 -14.78 5.20
N PHE U 29 55.11 -13.91 6.20
CA PHE U 29 54.07 -13.91 7.23
C PHE U 29 52.73 -13.47 6.69
N ILE U 30 52.71 -12.70 5.59
CA ILE U 30 51.49 -12.06 5.14
C ILE U 30 50.58 -13.03 4.40
N ARG U 31 51.12 -14.13 3.86
CA ARG U 31 50.35 -15.07 3.06
C ARG U 31 49.82 -16.24 3.88
N TYR U 32 49.68 -16.08 5.19
CA TYR U 32 49.27 -17.17 6.06
C TYR U 32 48.17 -16.68 7.00
N SER U 33 47.05 -17.38 7.02
CA SER U 33 46.01 -17.10 8.01
C SER U 33 46.27 -17.95 9.24
N PHE U 34 46.18 -17.32 10.41
CA PHE U 34 46.63 -17.98 11.64
C PHE U 34 45.45 -18.25 12.56
N THR U 35 45.68 -19.12 13.54
CA THR U 35 44.63 -19.61 14.41
C THR U 35 45.17 -20.23 15.68
N TRP U 36 44.30 -20.27 16.69
CA TRP U 36 44.58 -20.87 17.99
C TRP U 36 43.52 -21.92 18.30
N VAL U 37 43.97 -23.06 18.84
CA VAL U 37 43.13 -24.21 19.17
C VAL U 37 43.54 -24.72 20.56
N ARG U 38 42.58 -24.91 21.45
CA ARG U 38 42.83 -25.40 22.80
C ARG U 38 42.59 -26.90 22.88
N GLN U 39 43.49 -27.62 23.57
CA GLN U 39 43.34 -29.05 23.81
C GLN U 39 43.35 -29.30 25.31
N ALA U 40 42.22 -29.74 25.85
CA ALA U 40 42.15 -30.19 27.23
C ALA U 40 42.90 -31.52 27.37
N PRO U 41 43.51 -31.77 28.54
CA PRO U 41 44.24 -33.03 28.72
C PRO U 41 43.34 -34.25 28.81
N GLY U 42 43.38 -35.10 27.78
CA GLY U 42 42.55 -36.28 27.73
C GLY U 42 41.20 -36.11 27.08
N GLN U 43 40.91 -34.94 26.51
CA GLN U 43 39.63 -34.70 25.86
C GLN U 43 39.83 -34.24 24.42
N GLY U 44 38.74 -33.82 23.77
CA GLY U 44 38.80 -33.42 22.39
C GLY U 44 39.37 -32.03 22.20
N LEU U 45 39.62 -31.69 20.94
CA LEU U 45 40.14 -30.39 20.58
C LEU U 45 39.06 -29.33 20.68
N GLU U 46 39.44 -28.13 21.08
CA GLU U 46 38.53 -27.00 21.20
C GLU U 46 39.06 -25.84 20.37
N TRP U 47 38.17 -25.19 19.63
CA TRP U 47 38.54 -24.06 18.78
C TRP U 47 38.60 -22.79 19.63
N MET U 48 39.70 -22.04 19.51
CA MET U 48 39.72 -20.69 20.07
C MET U 48 39.39 -19.63 19.03
N GLY U 49 40.17 -19.52 17.97
CA GLY U 49 39.88 -18.43 17.06
C GLY U 49 40.83 -18.37 15.87
N ARG U 50 40.50 -17.46 14.95
CA ARG U 50 41.20 -17.35 13.67
C ARG U 50 41.39 -15.89 13.30
N ILE U 51 42.59 -15.55 12.82
CA ILE U 51 42.91 -14.21 12.35
C ILE U 51 43.30 -14.27 10.86
N ILE U 52 42.72 -13.34 10.10
CA ILE U 52 43.13 -13.06 8.73
C ILE U 52 44.23 -11.99 8.79
N THR U 53 45.36 -12.29 8.16
CA THR U 53 46.58 -11.48 8.34
C THR U 53 46.60 -10.26 7.43
N ILE U 54 46.19 -10.42 6.16
CA ILE U 54 46.20 -9.31 5.21
C ILE U 54 45.18 -8.23 5.58
N LEU U 55 44.03 -8.61 6.12
CA LEU U 55 43.06 -7.62 6.57
C LEU U 55 43.12 -7.37 8.07
N ASP U 56 43.85 -8.21 8.82
CA ASP U 56 44.00 -8.15 10.27
C ASP U 56 42.63 -8.19 10.95
N VAL U 57 41.92 -9.28 10.71
CA VAL U 57 40.55 -9.45 11.17
C VAL U 57 40.50 -10.68 12.08
N ALA U 58 40.03 -10.49 13.31
CA ALA U 58 39.96 -11.56 14.29
C ALA U 58 38.53 -12.10 14.40
N HIS U 59 38.43 -13.41 14.62
CA HIS U 59 37.16 -14.08 14.78
C HIS U 59 37.28 -15.10 15.92
N TYR U 60 36.26 -15.14 16.78
CA TYR U 60 36.27 -15.89 18.02
C TYR U 60 35.01 -16.73 18.14
N ALA U 61 34.83 -17.34 19.32
CA ALA U 61 33.67 -18.14 19.68
C ALA U 61 33.01 -17.61 20.95
N PRO U 62 31.68 -17.70 21.06
CA PRO U 62 30.99 -17.19 22.27
C PRO U 62 31.21 -18.02 23.51
N HIS U 63 31.85 -19.19 23.42
CA HIS U 63 32.26 -19.91 24.62
C HIS U 63 33.37 -19.19 25.37
N LEU U 64 34.13 -18.31 24.69
CA LEU U 64 35.17 -17.53 25.33
C LEU U 64 35.25 -16.11 24.78
N GLN U 65 34.17 -15.61 24.18
CA GLN U 65 34.17 -14.27 23.58
C GLN U 65 34.28 -13.19 24.64
N GLY U 66 35.09 -12.18 24.35
CA GLY U 66 35.39 -11.11 25.28
C GLY U 66 36.61 -11.37 26.14
N ARG U 67 36.80 -12.62 26.54
CA ARG U 67 37.93 -13.01 27.37
C ARG U 67 39.20 -13.30 26.57
N VAL U 68 39.11 -13.35 25.25
CA VAL U 68 40.21 -13.82 24.42
C VAL U 68 40.52 -12.73 23.38
N THR U 69 41.79 -12.67 22.97
CA THR U 69 42.23 -11.67 22.00
C THR U 69 43.44 -12.22 21.24
N ILE U 70 43.35 -12.22 19.91
CA ILE U 70 44.45 -12.62 19.05
C ILE U 70 44.92 -11.41 18.26
N THR U 71 46.23 -11.19 18.23
CA THR U 71 46.82 -10.08 17.51
C THR U 71 47.95 -10.61 16.64
N ALA U 72 48.17 -9.97 15.48
CA ALA U 72 49.27 -10.32 14.59
C ALA U 72 50.19 -9.13 14.40
N ASP U 73 51.48 -9.39 14.25
CA ASP U 73 52.46 -8.35 13.99
C ASP U 73 53.34 -8.80 12.83
N LYS U 74 53.25 -8.07 11.72
CA LYS U 74 54.02 -8.40 10.53
C LYS U 74 55.44 -7.87 10.57
N SER U 75 55.74 -6.94 11.47
CA SER U 75 57.11 -6.45 11.59
C SER U 75 58.01 -7.49 12.23
N THR U 76 57.53 -8.14 13.29
CA THR U 76 58.25 -9.25 13.91
C THR U 76 57.83 -10.61 13.37
N SER U 77 56.80 -10.64 12.51
CA SER U 77 56.22 -11.87 11.93
C SER U 77 55.77 -12.86 13.01
N THR U 78 55.02 -12.36 13.98
CA THR U 78 54.61 -13.14 15.14
C THR U 78 53.11 -12.99 15.41
N VAL U 79 52.58 -13.94 16.16
CA VAL U 79 51.19 -13.99 16.59
C VAL U 79 51.16 -13.98 18.12
N TYR U 80 50.27 -13.17 18.69
CA TYR U 80 50.12 -13.04 20.13
C TYR U 80 48.72 -13.45 20.53
N LEU U 81 48.61 -14.21 21.63
CA LEU U 81 47.32 -14.60 22.17
C LEU U 81 47.25 -14.21 23.64
N GLU U 82 46.23 -13.43 23.98
CA GLU U 82 45.91 -13.01 25.33
C GLU U 82 44.61 -13.68 25.77
N LEU U 83 44.60 -14.23 26.98
CA LEU U 83 43.38 -14.81 27.54
C LEU U 83 43.20 -14.27 28.95
N ARG U 84 42.06 -13.63 29.20
CA ARG U 84 41.72 -13.08 30.51
C ARG U 84 40.64 -13.91 31.17
N ASN U 85 40.53 -13.75 32.49
CA ASN U 85 39.55 -14.42 33.37
C ASN U 85 39.68 -15.95 33.23
N LEU U 86 40.83 -16.44 33.70
CA LEU U 86 41.12 -17.87 33.65
C LEU U 86 40.22 -18.66 34.59
N ARG U 87 40.01 -19.92 34.24
CA ARG U 87 39.15 -20.82 34.99
C ARG U 87 39.95 -22.12 35.19
N SER U 88 39.50 -22.96 36.12
CA SER U 88 40.27 -24.14 36.51
C SER U 88 40.37 -25.17 35.39
N ASP U 89 39.43 -25.19 34.44
CA ASP U 89 39.51 -26.13 33.34
C ASP U 89 40.36 -25.62 32.18
N ASP U 90 40.92 -24.41 32.30
CA ASP U 90 41.80 -23.86 31.27
C ASP U 90 43.24 -24.36 31.37
N THR U 91 43.54 -25.21 32.35
CA THR U 91 44.78 -25.96 32.39
C THR U 91 44.81 -26.90 31.20
N ALA U 92 45.60 -26.57 30.18
CA ALA U 92 45.43 -27.20 28.86
C ALA U 92 46.68 -26.93 28.03
N VAL U 93 46.70 -27.48 26.81
CA VAL U 93 47.78 -27.23 25.87
C VAL U 93 47.23 -26.41 24.71
N TYR U 94 47.93 -25.32 24.37
CA TYR U 94 47.47 -24.43 23.32
C TYR U 94 48.27 -24.70 22.05
N PHE U 95 47.57 -24.68 20.92
CA PHE U 95 48.12 -24.98 19.60
C PHE U 95 48.01 -23.75 18.73
N CYS U 96 49.13 -23.30 18.19
CA CYS U 96 49.20 -22.26 17.17
C CYS U 96 49.31 -22.92 15.81
N ALA U 97 48.46 -22.51 14.87
CA ALA U 97 48.51 -23.06 13.53
C ALA U 97 48.35 -21.96 12.50
N GLY U 98 48.86 -22.23 11.30
CA GLY U 98 48.71 -21.31 10.19
C GLY U 98 48.56 -22.09 8.91
N VAL U 99 47.88 -21.49 7.94
CA VAL U 99 47.59 -22.17 6.69
C VAL U 99 47.69 -21.18 5.52
N TYR U 100 48.01 -21.72 4.35
CA TYR U 100 48.32 -20.96 3.15
C TYR U 100 47.06 -20.65 2.35
N GLU U 101 47.02 -19.43 1.77
CA GLU U 101 45.87 -18.99 0.97
C GLU U 101 46.29 -18.33 -0.34
N GLY U 102 47.55 -18.45 -0.74
CA GLY U 102 47.97 -17.83 -1.97
C GLY U 102 48.70 -16.51 -1.78
N GLU U 103 48.54 -15.60 -2.74
CA GLU U 103 49.24 -14.32 -2.75
C GLU U 103 48.29 -13.25 -2.23
N ALA U 104 48.28 -13.08 -0.90
CA ALA U 104 47.41 -12.07 -0.29
C ALA U 104 47.88 -10.65 -0.55
N ASP U 105 49.15 -10.47 -0.91
CA ASP U 105 49.67 -9.15 -1.25
C ASP U 105 49.17 -8.64 -2.61
N GLU U 106 48.81 -9.54 -3.52
CA GLU U 106 48.31 -9.15 -4.84
C GLU U 106 46.79 -9.26 -4.94
N GLY U 107 46.10 -9.47 -3.83
CA GLY U 107 44.65 -9.56 -3.84
C GLY U 107 44.14 -10.92 -4.31
N GLU U 108 44.61 -11.97 -3.65
CA GLU U 108 44.24 -13.34 -3.98
C GLU U 108 44.16 -14.12 -2.68
N TYR U 109 43.04 -14.80 -2.46
CA TYR U 109 42.80 -15.43 -1.16
C TYR U 109 41.91 -16.64 -1.35
N ASP U 110 42.44 -17.82 -1.03
CA ASP U 110 41.74 -19.08 -1.28
C ASP U 110 40.66 -19.40 -0.25
N ASN U 111 40.69 -18.75 0.91
CA ASN U 111 39.76 -18.95 2.03
C ASN U 111 39.72 -20.41 2.48
N ASN U 112 40.87 -20.88 2.96
CA ASN U 112 41.00 -22.26 3.40
C ASN U 112 40.43 -22.43 4.81
N GLY U 113 40.10 -23.67 5.15
CA GLY U 113 39.51 -23.97 6.44
C GLY U 113 40.36 -24.87 7.30
N PHE U 114 41.18 -25.72 6.67
CA PHE U 114 42.03 -26.62 7.41
C PHE U 114 43.26 -25.88 7.94
N LEU U 115 44.06 -26.60 8.75
CA LEU U 115 45.14 -26.01 9.54
C LEU U 115 46.37 -26.87 9.25
N LYS U 116 47.12 -26.53 8.19
CA LYS U 116 48.12 -27.47 7.69
C LYS U 116 49.38 -27.47 8.57
N HIS U 117 50.00 -26.32 8.75
CA HIS U 117 51.14 -26.21 9.64
C HIS U 117 50.67 -26.22 11.09
N TRP U 118 51.46 -26.81 11.97
CA TRP U 118 51.13 -26.88 13.39
C TRP U 118 52.36 -26.57 14.22
N GLY U 119 52.12 -25.95 15.38
CA GLY U 119 53.17 -25.70 16.34
C GLY U 119 53.37 -26.86 17.30
N GLN U 120 54.36 -26.69 18.19
CA GLN U 120 54.71 -27.74 19.13
C GLN U 120 53.84 -27.72 20.39
N GLY U 121 53.00 -26.70 20.57
CA GLY U 121 52.03 -26.69 21.66
C GLY U 121 52.61 -26.27 23.00
N THR U 122 51.92 -25.36 23.68
CA THR U 122 52.39 -24.82 24.95
C THR U 122 51.45 -25.24 26.07
N LEU U 123 51.99 -25.93 27.08
CA LEU U 123 51.23 -26.30 28.26
C LEU U 123 51.06 -25.10 29.19
N VAL U 124 49.86 -24.94 29.72
CA VAL U 124 49.58 -23.95 30.75
C VAL U 124 48.83 -24.63 31.89
N THR U 125 49.28 -24.36 33.11
CA THR U 125 48.67 -24.88 34.33
C THR U 125 48.09 -23.73 35.12
N VAL U 126 46.81 -23.83 35.46
CA VAL U 126 46.13 -22.74 36.15
C VAL U 126 45.02 -23.30 37.04
#